data_7RFH
#
_entry.id   7RFH
#
_cell.length_a   1.00
_cell.length_b   1.00
_cell.length_c   1.00
_cell.angle_alpha   90.00
_cell.angle_beta   90.00
_cell.angle_gamma   90.00
#
_symmetry.space_group_name_H-M   'P 1'
#
loop_
_entity.id
_entity.type
_entity.pdbx_description
1 polymer "Isoform 5 of Inosine-5'-monophosphate dehydrogenase 1"
2 non-polymer "ADENOSINE-5'-TRIPHOSPHATE"
#
_entity_poly.entity_id   1
_entity_poly.type   'polypeptide(L)'
_entity_poly.pdbx_seq_one_letter_code
;MEGPLTPPPLQGGGAAAVPEPGARQHPGHETAAQRYSARLLQAGYEPESMADYLISGGTGYVPEDGLTAQQLFASADGLT
YNDFLILPGFIDFIADEVDLTSALTRKITLKTPLISSPMDTVTEADMAIAMALMGGIGFIHHNCTPEFQANEVRKVKKFE
QGFITDPVVLSPSHTVGDVLEAKMRHGFSGIPITETGTMGSKLVGIVTSRDIDFLAEKDHTTLLSEVMTPRIELVVAPAG
VTLKEANEILQRSKKGKLPIVNDCDELVAIIARTDLKKNRDYPLASKDSQKQLLCGAAVGTREDDKYRLDLLTQAGVDVI
VLDSSQGNSVYQIAMVHYIKQKYPHLQVIGGNVVTAAQAKNLIDAGVDGLRVGMGCGSICITQEVMACGRPQGTAVYKVA
EYARRFGVPIIADGGIQTVGHVVKALALGASTVMMGSLLAATTEAPGEYFFSDGVRLKKYRGMGSLDAMEKSSSSQKRYF
SEGDKVKIAQGVSGSIQDKGSIQKFVPYLIAGIQHGCQDIGARSLSVLRSMMYSGELKFEKRTMSAQIEGGVHGLHSYTF
LPFTKSGCTEDSGGGRGGGGDAPQCPLLGTASLHN
;
_entity_poly.pdbx_strand_id   A,B,C,D,E,F,G,H
#
# COMPACT_ATOMS: atom_id res chain seq x y z
N HIS A 29 -49.98 -15.71 38.44
CA HIS A 29 -49.58 -15.14 37.13
C HIS A 29 -50.58 -14.05 36.71
N GLU A 30 -50.17 -12.78 36.73
CA GLU A 30 -51.05 -11.64 36.38
C GLU A 30 -50.74 -11.05 35.01
N THR A 31 -51.78 -10.88 34.18
CA THR A 31 -51.75 -10.23 32.86
C THR A 31 -51.38 -8.74 33.00
N ALA A 32 -50.75 -8.11 32.01
CA ALA A 32 -50.41 -6.67 32.06
C ALA A 32 -51.62 -5.77 32.36
N ALA A 33 -52.81 -6.08 31.82
CA ALA A 33 -54.05 -5.40 32.16
C ALA A 33 -54.48 -5.60 33.63
N GLN A 34 -54.31 -6.80 34.19
CA GLN A 34 -54.51 -7.05 35.62
C GLN A 34 -53.49 -6.25 36.45
N ARG A 35 -52.21 -6.24 36.06
CA ARG A 35 -51.15 -5.51 36.78
C ARG A 35 -51.41 -4.01 36.78
N TYR A 36 -51.68 -3.41 35.62
CA TYR A 36 -51.95 -1.98 35.54
C TYR A 36 -53.21 -1.60 36.32
N SER A 37 -54.34 -2.28 36.11
CA SER A 37 -55.58 -1.96 36.83
C SER A 37 -55.46 -2.16 38.35
N ALA A 38 -54.79 -3.21 38.81
CA ALA A 38 -54.53 -3.40 40.24
C ALA A 38 -53.62 -2.29 40.80
N ARG A 39 -52.47 -2.02 40.16
CA ARG A 39 -51.50 -1.05 40.65
C ARG A 39 -51.99 0.39 40.54
N LEU A 40 -52.84 0.70 39.57
CA LEU A 40 -53.60 1.94 39.50
C LEU A 40 -54.57 2.08 40.69
N LEU A 41 -55.26 1.00 41.09
CA LEU A 41 -56.09 1.02 42.30
C LEU A 41 -55.27 1.05 43.61
N GLN A 42 -54.01 0.59 43.61
CA GLN A 42 -53.08 0.85 44.72
C GLN A 42 -52.70 2.34 44.82
N ALA A 43 -52.49 3.02 43.69
CA ALA A 43 -52.30 4.47 43.65
C ALA A 43 -53.59 5.27 43.97
N GLY A 44 -54.75 4.74 43.59
CA GLY A 44 -56.08 5.33 43.79
C GLY A 44 -56.48 6.35 42.72
N TYR A 45 -57.78 6.58 42.55
CA TYR A 45 -58.34 7.51 41.57
C TYR A 45 -57.87 8.95 41.83
N MET A 50 -66.37 -0.08 40.50
CA MET A 50 -67.25 0.22 39.37
C MET A 50 -67.46 -0.99 38.44
N ALA A 51 -68.40 -0.88 37.50
CA ALA A 51 -68.84 -1.96 36.63
C ALA A 51 -67.90 -2.06 35.44
N ASP A 52 -66.58 -2.00 35.68
CA ASP A 52 -65.52 -2.19 34.71
C ASP A 52 -64.90 -3.58 34.90
N TYR A 53 -64.44 -3.86 36.13
CA TYR A 53 -64.05 -5.21 36.53
C TYR A 53 -65.20 -6.23 36.43
N LEU A 54 -66.47 -5.79 36.54
CA LEU A 54 -67.61 -6.68 36.50
C LEU A 54 -68.13 -6.95 35.09
N ILE A 55 -67.66 -6.18 34.10
CA ILE A 55 -68.06 -6.39 32.71
C ILE A 55 -66.93 -6.90 31.84
N SER A 56 -65.67 -6.95 32.27
CA SER A 56 -64.60 -7.65 31.51
C SER A 56 -63.50 -8.28 32.36
N GLY A 57 -63.74 -8.51 33.66
CA GLY A 57 -62.73 -9.05 34.58
C GLY A 57 -61.53 -8.13 34.78
N GLY A 58 -60.41 -8.68 35.24
CA GLY A 58 -59.13 -7.95 35.32
C GLY A 58 -58.54 -7.58 33.95
N THR A 59 -59.01 -8.22 32.88
CA THR A 59 -58.71 -7.85 31.48
C THR A 59 -59.47 -6.59 31.06
N GLY A 60 -59.00 -5.43 31.51
CA GLY A 60 -59.54 -4.10 31.20
C GLY A 60 -59.17 -3.52 29.82
N TYR A 61 -59.06 -4.37 28.79
CA TYR A 61 -58.63 -4.06 27.42
C TYR A 61 -57.17 -3.60 27.24
N VAL A 62 -56.50 -4.16 26.25
CA VAL A 62 -55.27 -3.62 25.65
C VAL A 62 -55.33 -3.80 24.13
N PRO A 63 -54.84 -2.86 23.31
CA PRO A 63 -54.80 -3.00 21.87
C PRO A 63 -54.00 -4.22 21.42
N GLU A 64 -54.54 -4.98 20.47
CA GLU A 64 -53.78 -6.01 19.77
C GLU A 64 -52.80 -5.34 18.81
N ASP A 65 -51.51 -5.63 18.95
CA ASP A 65 -50.46 -5.03 18.13
C ASP A 65 -49.28 -6.00 18.01
N GLY A 66 -48.82 -6.29 16.79
CA GLY A 66 -47.83 -7.35 16.53
C GLY A 66 -48.43 -8.76 16.54
N LEU A 67 -47.57 -9.76 16.36
CA LEU A 67 -47.93 -11.17 16.18
C LEU A 67 -47.73 -11.96 17.46
N THR A 68 -48.60 -12.90 17.82
CA THR A 68 -48.23 -13.93 18.81
C THR A 68 -47.20 -14.89 18.21
N ALA A 69 -46.40 -15.60 19.02
CA ALA A 69 -45.37 -16.51 18.53
C ALA A 69 -45.94 -17.61 17.62
N GLN A 70 -47.11 -18.14 17.95
CA GLN A 70 -47.79 -19.15 17.13
C GLN A 70 -48.11 -18.64 15.73
N GLN A 71 -48.35 -17.34 15.54
CA GLN A 71 -48.51 -16.72 14.23
C GLN A 71 -47.16 -16.44 13.57
N LEU A 72 -46.16 -15.97 14.31
CA LEU A 72 -44.85 -15.62 13.75
C LEU A 72 -44.23 -16.78 12.99
N PHE A 73 -44.29 -17.99 13.53
CA PHE A 73 -43.76 -19.20 12.88
C PHE A 73 -44.76 -19.91 11.94
N ALA A 74 -45.94 -19.34 11.68
CA ALA A 74 -46.94 -19.95 10.79
C ALA A 74 -46.62 -19.82 9.29
N SER A 75 -45.86 -18.81 8.87
CA SER A 75 -45.54 -18.59 7.44
C SER A 75 -44.52 -19.58 6.87
N ALA A 76 -43.89 -20.39 7.73
CA ALA A 76 -42.93 -21.43 7.37
C ALA A 76 -41.68 -20.93 6.63
N ASP A 77 -41.20 -19.74 7.00
CA ASP A 77 -39.85 -19.27 6.70
C ASP A 77 -38.86 -19.67 7.80
N GLY A 78 -37.56 -19.64 7.52
CA GLY A 78 -36.54 -19.98 8.47
C GLY A 78 -36.12 -18.79 9.32
N LEU A 79 -37.01 -18.29 10.16
CA LEU A 79 -36.68 -17.16 11.01
C LEU A 79 -35.53 -17.55 11.92
N THR A 80 -34.40 -16.85 11.79
CA THR A 80 -33.30 -17.00 12.72
C THR A 80 -33.42 -15.94 13.82
N TYR A 81 -32.34 -15.69 14.55
CA TYR A 81 -32.44 -14.77 15.68
C TYR A 81 -32.44 -13.33 15.26
N ASN A 82 -31.70 -12.97 14.21
CA ASN A 82 -31.66 -11.57 13.77
C ASN A 82 -33.02 -11.08 13.24
N ASP A 83 -33.94 -12.00 12.93
CA ASP A 83 -35.10 -11.74 12.09
C ASP A 83 -36.36 -11.27 12.82
N PHE A 84 -36.49 -11.44 14.14
CA PHE A 84 -37.66 -10.94 14.87
C PHE A 84 -37.27 -10.11 16.08
N LEU A 85 -38.21 -9.32 16.57
CA LEU A 85 -38.10 -8.52 17.79
C LEU A 85 -39.27 -8.79 18.73
N ILE A 86 -39.10 -8.45 19.99
CA ILE A 86 -40.10 -8.61 21.04
C ILE A 86 -40.61 -7.24 21.41
N LEU A 87 -41.88 -6.97 21.12
CA LEU A 87 -42.44 -5.66 21.38
C LEU A 87 -42.47 -5.39 22.88
N PRO A 88 -42.01 -4.24 23.38
CA PRO A 88 -41.91 -3.95 24.81
C PRO A 88 -43.26 -3.96 25.52
N GLY A 89 -43.26 -4.27 26.81
CA GLY A 89 -44.46 -4.42 27.64
C GLY A 89 -44.68 -3.28 28.63
N PHE A 90 -45.28 -3.59 29.76
CA PHE A 90 -45.45 -2.71 30.91
C PHE A 90 -44.48 -3.09 32.03
N ILE A 91 -43.70 -2.14 32.55
CA ILE A 91 -42.68 -2.41 33.57
C ILE A 91 -43.17 -2.00 34.95
N ASP A 92 -43.16 -2.90 35.92
CA ASP A 92 -43.54 -2.58 37.30
C ASP A 92 -42.62 -3.23 38.36
N PHE A 93 -41.36 -3.44 38.01
CA PHE A 93 -40.31 -4.00 38.86
C PHE A 93 -38.93 -3.51 38.40
N ILE A 94 -37.94 -3.56 39.28
CA ILE A 94 -36.55 -3.17 38.97
C ILE A 94 -35.81 -4.30 38.27
N ALA A 95 -34.73 -3.97 37.54
CA ALA A 95 -33.96 -4.92 36.75
C ALA A 95 -33.15 -5.91 37.59
N ASP A 96 -33.32 -5.87 38.90
CA ASP A 96 -32.63 -6.81 39.78
C ASP A 96 -33.61 -7.69 40.54
N GLU A 97 -34.85 -7.77 40.09
CA GLU A 97 -35.80 -8.74 40.64
C GLU A 97 -36.28 -9.71 39.57
N VAL A 98 -35.53 -9.82 38.48
CA VAL A 98 -35.86 -10.73 37.40
C VAL A 98 -35.30 -12.11 37.71
N ASP A 99 -36.06 -12.89 38.46
CA ASP A 99 -35.62 -14.23 38.82
C ASP A 99 -35.22 -15.00 37.57
N LEU A 100 -34.01 -15.55 37.58
CA LEU A 100 -33.50 -16.26 36.43
C LEU A 100 -33.59 -17.76 36.55
N THR A 101 -34.14 -18.28 37.63
CA THR A 101 -34.16 -19.73 37.83
C THR A 101 -34.64 -20.43 36.58
N SER A 102 -33.83 -21.36 36.08
CA SER A 102 -34.21 -22.18 34.94
C SER A 102 -34.02 -23.65 35.27
N ALA A 103 -34.58 -24.50 34.42
CA ALA A 103 -34.54 -25.94 34.62
C ALA A 103 -33.69 -26.57 33.55
N LEU A 104 -32.67 -27.33 33.97
CA LEU A 104 -31.74 -27.98 33.05
C LEU A 104 -32.36 -29.27 32.53
N THR A 105 -32.85 -30.11 33.43
CA THR A 105 -33.44 -31.38 33.07
C THR A 105 -34.63 -31.60 33.97
N ARG A 106 -35.26 -32.76 33.88
CA ARG A 106 -36.48 -32.94 34.65
C ARG A 106 -36.26 -32.78 36.14
N LYS A 107 -35.03 -32.94 36.63
CA LYS A 107 -34.79 -32.95 38.07
C LYS A 107 -33.68 -32.01 38.52
N ILE A 108 -32.71 -31.69 37.66
CA ILE A 108 -31.68 -30.67 37.94
C ILE A 108 -32.21 -29.27 37.61
N THR A 109 -32.11 -28.34 38.55
CA THR A 109 -32.52 -26.92 38.42
C THR A 109 -31.33 -26.00 38.69
N LEU A 110 -31.23 -24.87 37.97
CA LEU A 110 -30.08 -23.97 37.99
C LEU A 110 -30.49 -22.53 38.29
N LYS A 111 -29.66 -21.78 39.01
CA LYS A 111 -29.93 -20.37 39.31
C LYS A 111 -29.68 -19.42 38.13
N THR A 112 -29.07 -19.89 37.05
CA THR A 112 -28.66 -19.07 35.90
C THR A 112 -28.98 -19.84 34.60
N PRO A 113 -29.57 -19.23 33.54
CA PRO A 113 -29.98 -19.96 32.35
C PRO A 113 -28.83 -20.18 31.39
N LEU A 114 -27.60 -20.12 31.87
CA LEU A 114 -26.44 -20.30 31.00
C LEU A 114 -25.86 -21.70 31.17
N ILE A 115 -25.00 -22.13 30.25
CA ILE A 115 -24.22 -23.37 30.30
C ILE A 115 -22.94 -23.17 29.49
N SER A 116 -21.82 -23.81 29.83
CA SER A 116 -20.66 -23.90 28.93
C SER A 116 -20.72 -25.16 28.07
N SER A 117 -20.55 -25.00 26.76
CA SER A 117 -20.60 -26.08 25.78
C SER A 117 -19.50 -27.14 25.97
N PRO A 118 -19.78 -28.44 25.72
CA PRO A 118 -18.79 -29.50 25.83
C PRO A 118 -17.84 -29.50 24.63
N MET A 119 -16.96 -28.50 24.55
CA MET A 119 -15.91 -28.39 23.54
C MET A 119 -14.54 -28.31 24.21
N ASP A 120 -13.52 -28.89 23.60
CA ASP A 120 -12.12 -28.76 24.05
C ASP A 120 -11.64 -27.30 24.05
N THR A 121 -12.14 -26.49 23.13
CA THR A 121 -11.90 -25.03 23.09
C THR A 121 -12.62 -24.27 24.20
N VAL A 122 -13.51 -24.89 24.97
CA VAL A 122 -14.35 -24.19 25.96
C VAL A 122 -14.25 -24.81 27.35
N THR A 123 -14.78 -26.01 27.57
CA THR A 123 -14.98 -26.52 28.93
C THR A 123 -13.94 -27.56 29.31
N GLU A 124 -13.31 -27.38 30.47
CA GLU A 124 -12.50 -28.37 31.16
C GLU A 124 -12.76 -28.17 32.68
N ALA A 125 -12.11 -28.87 33.60
CA ALA A 125 -12.54 -28.84 35.00
C ALA A 125 -12.53 -27.43 35.63
N ASP A 126 -11.63 -26.55 35.20
CA ASP A 126 -11.60 -25.18 35.69
C ASP A 126 -12.84 -24.39 35.26
N MET A 127 -13.20 -24.37 33.97
CA MET A 127 -14.44 -23.69 33.57
C MET A 127 -15.69 -24.40 34.10
N ALA A 128 -15.68 -25.72 34.27
CA ALA A 128 -16.82 -26.41 34.88
C ALA A 128 -17.05 -25.96 36.33
N ILE A 129 -16.00 -25.75 37.11
CA ILE A 129 -16.10 -25.15 38.45
C ILE A 129 -16.60 -23.72 38.33
N ALA A 130 -16.03 -22.90 37.44
CA ALA A 130 -16.40 -21.50 37.31
C ALA A 130 -17.89 -21.32 36.98
N MET A 131 -18.42 -22.10 36.04
CA MET A 131 -19.84 -22.05 35.70
C MET A 131 -20.72 -22.42 36.87
N ALA A 132 -20.40 -23.50 37.59
CA ALA A 132 -21.22 -23.91 38.71
C ALA A 132 -21.22 -22.85 39.82
N LEU A 133 -20.08 -22.20 40.09
CA LEU A 133 -20.03 -21.09 41.03
C LEU A 133 -20.84 -19.86 40.57
N MET A 134 -21.12 -19.71 39.27
CA MET A 134 -22.02 -18.69 38.75
C MET A 134 -23.48 -19.16 38.57
N GLY A 135 -23.88 -20.26 39.18
CA GLY A 135 -25.25 -20.75 39.15
C GLY A 135 -25.64 -21.50 37.89
N GLY A 136 -24.72 -21.72 36.95
CA GLY A 136 -24.95 -22.53 35.75
C GLY A 136 -24.49 -23.97 35.94
N ILE A 137 -24.17 -24.65 34.85
CA ILE A 137 -23.44 -25.91 34.85
C ILE A 137 -22.43 -25.89 33.70
N GLY A 138 -21.41 -26.75 33.73
CA GLY A 138 -20.52 -26.98 32.60
C GLY A 138 -20.47 -28.46 32.27
N PHE A 139 -20.25 -28.78 31.00
CA PHE A 139 -20.11 -30.16 30.53
C PHE A 139 -18.68 -30.41 30.04
N ILE A 140 -17.98 -31.35 30.67
CA ILE A 140 -16.61 -31.72 30.31
C ILE A 140 -16.62 -32.37 28.93
N HIS A 141 -15.81 -31.86 28.00
CA HIS A 141 -15.68 -32.40 26.64
C HIS A 141 -15.14 -33.83 26.65
N HIS A 142 -15.28 -34.56 25.55
CA HIS A 142 -14.88 -35.96 25.47
C HIS A 142 -13.81 -36.24 24.39
N ASN A 143 -13.08 -35.22 23.93
CA ASN A 143 -11.96 -35.40 23.02
C ASN A 143 -10.68 -35.82 23.78
N CYS A 144 -10.75 -36.94 24.48
CA CYS A 144 -9.72 -37.44 25.40
C CYS A 144 -9.91 -38.93 25.72
N THR A 145 -8.90 -39.55 26.33
CA THR A 145 -8.99 -40.89 26.94
C THR A 145 -10.07 -40.92 28.04
N PRO A 146 -10.86 -42.00 28.22
CA PRO A 146 -11.93 -42.05 29.21
C PRO A 146 -11.48 -41.75 30.65
N GLU A 147 -10.29 -42.21 31.03
CA GLU A 147 -9.71 -41.95 32.35
C GLU A 147 -9.51 -40.46 32.61
N PHE A 148 -9.04 -39.70 31.61
CA PHE A 148 -8.82 -38.27 31.75
C PHE A 148 -10.11 -37.52 32.06
N GLN A 149 -11.20 -37.89 31.40
CA GLN A 149 -12.51 -37.27 31.62
C GLN A 149 -13.05 -37.57 33.03
N ALA A 150 -12.90 -38.80 33.52
CA ALA A 150 -13.30 -39.14 34.88
C ALA A 150 -12.47 -38.38 35.93
N ASN A 151 -11.18 -38.20 35.68
CA ASN A 151 -10.31 -37.39 36.54
C ASN A 151 -10.78 -35.93 36.57
N GLU A 152 -11.07 -35.33 35.41
CA GLU A 152 -11.60 -33.96 35.34
C GLU A 152 -12.96 -33.82 36.01
N VAL A 153 -13.86 -34.82 35.97
CA VAL A 153 -15.10 -34.78 36.76
C VAL A 153 -14.81 -34.82 38.26
N ARG A 154 -13.95 -35.75 38.71
CA ARG A 154 -13.56 -35.89 40.13
C ARG A 154 -13.02 -34.57 40.66
N LYS A 155 -12.18 -33.91 39.86
CA LYS A 155 -11.61 -32.59 40.15
C LYS A 155 -12.68 -31.51 40.37
N VAL A 156 -13.85 -31.61 39.74
CA VAL A 156 -14.97 -30.68 39.96
C VAL A 156 -15.82 -31.07 41.16
N LYS A 157 -16.18 -32.35 41.33
CA LYS A 157 -17.05 -32.78 42.43
C LYS A 157 -16.46 -32.52 43.82
N LYS A 158 -15.15 -32.34 43.96
CA LYS A 158 -14.43 -32.18 45.24
C LYS A 158 -13.88 -30.76 45.50
N PHE A 159 -14.59 -29.71 45.05
CA PHE A 159 -14.02 -28.36 44.97
C PHE A 159 -13.79 -27.63 46.32
N GLU A 160 -14.76 -27.62 47.23
CA GLU A 160 -14.62 -27.05 48.59
C GLU A 160 -14.35 -25.53 48.74
N GLN A 161 -14.22 -24.70 47.70
CA GLN A 161 -14.38 -23.22 47.79
C GLN A 161 -13.36 -22.46 48.68
N GLY A 162 -12.22 -23.08 49.00
CA GLY A 162 -11.12 -22.43 49.72
C GLY A 162 -9.99 -23.37 50.10
N PHE A 163 -10.29 -24.64 50.37
CA PHE A 163 -9.27 -25.68 50.45
C PHE A 163 -8.59 -25.88 49.08
N ILE A 164 -7.35 -26.34 49.04
CA ILE A 164 -6.68 -26.66 47.77
C ILE A 164 -7.21 -27.99 47.21
N THR A 165 -7.75 -28.00 46.00
CA THR A 165 -8.07 -29.23 45.27
C THR A 165 -6.80 -29.99 44.87
N ASP A 166 -6.73 -31.28 45.19
CA ASP A 166 -5.63 -32.17 44.81
C ASP A 166 -4.25 -31.62 45.23
N PRO A 167 -3.98 -31.44 46.54
CA PRO A 167 -2.69 -30.91 46.99
C PRO A 167 -1.54 -31.86 46.67
N VAL A 168 -0.40 -31.30 46.28
CA VAL A 168 0.86 -32.02 46.11
C VAL A 168 1.52 -32.17 47.47
N VAL A 169 1.88 -33.40 47.84
CA VAL A 169 2.47 -33.77 49.15
C VAL A 169 3.70 -34.64 48.90
N LEU A 170 4.81 -34.38 49.60
CA LEU A 170 6.10 -35.01 49.31
C LEU A 170 6.59 -35.91 50.45
N SER A 171 7.43 -36.88 50.08
CA SER A 171 8.02 -37.84 51.00
C SER A 171 9.43 -37.41 51.43
N PRO A 172 9.79 -37.49 52.73
CA PRO A 172 11.15 -37.23 53.23
C PRO A 172 12.27 -38.02 52.53
N SER A 173 11.92 -39.14 51.90
CA SER A 173 12.83 -39.96 51.07
C SER A 173 13.33 -39.24 49.81
N HIS A 174 12.72 -38.12 49.41
CA HIS A 174 12.99 -37.43 48.15
C HIS A 174 13.80 -36.14 48.40
N THR A 175 14.92 -35.97 47.70
CA THR A 175 15.84 -34.85 47.91
C THR A 175 15.20 -33.51 47.56
N VAL A 176 15.39 -32.48 48.38
CA VAL A 176 14.67 -31.19 48.22
C VAL A 176 14.96 -30.44 46.92
N GLY A 177 16.06 -30.73 46.22
CA GLY A 177 16.27 -30.25 44.84
C GLY A 177 15.16 -30.67 43.87
N ASP A 178 14.52 -31.81 44.10
CA ASP A 178 13.38 -32.34 43.34
C ASP A 178 12.00 -31.98 43.96
N VAL A 179 12.03 -30.99 44.85
CA VAL A 179 10.90 -30.20 45.34
C VAL A 179 11.06 -28.73 44.91
N LEU A 180 12.29 -28.21 44.97
CA LEU A 180 12.66 -26.89 44.47
C LEU A 180 12.33 -26.73 42.98
N GLU A 181 12.45 -27.78 42.17
CA GLU A 181 12.12 -27.62 40.76
C GLU A 181 10.62 -27.59 40.52
N ALA A 182 9.84 -28.22 41.38
CA ALA A 182 8.39 -28.20 41.23
C ALA A 182 7.89 -26.77 41.11
N LYS A 183 8.50 -25.82 41.81
CA LYS A 183 8.25 -24.38 41.60
C LYS A 183 8.45 -24.03 40.13
N MET A 184 9.33 -24.74 39.43
CA MET A 184 9.49 -24.60 38.00
C MET A 184 8.51 -25.45 37.20
N ARG A 185 7.86 -26.42 37.84
CA ARG A 185 6.90 -27.31 37.19
C ARG A 185 5.45 -26.88 37.40
N HIS A 186 5.03 -26.73 38.66
CA HIS A 186 3.68 -26.29 38.97
C HIS A 186 3.59 -24.82 39.37
N GLY A 187 4.70 -24.20 39.74
CA GLY A 187 4.70 -22.78 40.07
C GLY A 187 4.57 -22.49 41.55
N PHE A 188 3.71 -23.18 42.29
CA PHE A 188 3.61 -23.03 43.76
C PHE A 188 4.85 -23.64 44.45
N SER A 189 5.11 -23.40 45.74
CA SER A 189 6.34 -23.90 46.38
C SER A 189 6.29 -24.22 47.89
N GLY A 190 5.17 -24.04 48.59
CA GLY A 190 5.00 -24.55 49.95
C GLY A 190 4.38 -25.94 49.98
N ILE A 191 5.19 -26.99 50.06
CA ILE A 191 4.77 -28.38 49.95
C ILE A 191 4.70 -29.04 51.33
N PRO A 192 3.56 -29.59 51.76
CA PRO A 192 3.47 -30.41 52.97
C PRO A 192 4.17 -31.75 52.78
N ILE A 193 4.64 -32.36 53.89
CA ILE A 193 5.41 -33.60 53.84
C ILE A 193 4.86 -34.71 54.75
N THR A 194 4.93 -35.96 54.27
CA THR A 194 4.37 -37.15 54.95
C THR A 194 5.03 -38.43 54.40
N GLU A 195 4.73 -39.60 54.94
CA GLU A 195 5.38 -40.87 54.53
C GLU A 195 5.30 -41.18 53.03
N THR A 196 4.17 -40.92 52.36
CA THR A 196 4.01 -41.03 50.90
C THR A 196 2.81 -40.24 50.35
N GLY A 197 1.71 -40.11 51.10
CA GLY A 197 0.48 -39.45 50.60
C GLY A 197 -0.54 -39.06 51.66
N THR A 198 -1.58 -38.33 51.27
CA THR A 198 -2.57 -37.70 52.17
C THR A 198 -3.30 -38.73 53.05
N LEU A 203 2.92 -38.40 59.21
CA LEU A 203 2.91 -36.96 58.95
C LEU A 203 4.16 -36.26 59.51
N VAL A 204 4.70 -35.30 58.76
CA VAL A 204 5.72 -34.34 59.20
C VAL A 204 5.28 -32.92 58.80
N GLY A 205 6.14 -31.91 58.88
CA GLY A 205 5.75 -30.51 58.70
C GLY A 205 5.55 -30.07 57.24
N ILE A 206 6.20 -28.98 56.86
CA ILE A 206 6.11 -28.35 55.55
C ILE A 206 7.53 -28.00 55.09
N VAL A 207 7.78 -28.02 53.79
CA VAL A 207 8.91 -27.31 53.19
C VAL A 207 8.37 -26.20 52.31
N THR A 208 8.82 -24.97 52.52
CA THR A 208 8.40 -23.81 51.72
C THR A 208 9.59 -23.00 51.23
N SER A 209 9.38 -21.99 50.40
CA SER A 209 10.48 -21.31 49.72
C SER A 209 11.55 -20.80 50.70
N ARG A 210 11.13 -20.28 51.86
CA ARG A 210 12.06 -19.78 52.89
C ARG A 210 12.89 -20.87 53.58
N ASP A 211 12.56 -22.14 53.41
CA ASP A 211 13.38 -23.28 53.84
C ASP A 211 14.44 -23.68 52.80
N ILE A 212 14.36 -23.13 51.59
CA ILE A 212 15.13 -23.57 50.41
C ILE A 212 15.98 -22.43 49.82
N ASP A 213 15.56 -21.18 49.95
CA ASP A 213 16.17 -20.03 49.25
C ASP A 213 17.63 -19.72 49.65
N PHE A 214 18.11 -20.22 50.78
CA PHE A 214 19.55 -20.32 51.09
C PHE A 214 19.96 -21.79 51.23
N LEU A 215 20.95 -22.23 50.44
CA LEU A 215 21.40 -23.62 50.35
C LEU A 215 22.89 -23.75 49.99
N LEU A 223 19.02 -30.34 47.18
CA LEU A 223 20.28 -31.08 47.25
C LEU A 223 20.59 -31.60 48.67
N LEU A 224 20.06 -30.93 49.70
CA LEU A 224 20.41 -31.13 51.11
C LEU A 224 19.63 -32.28 51.77
N SER A 225 19.49 -33.40 51.07
CA SER A 225 18.59 -34.51 51.45
C SER A 225 17.17 -33.95 51.73
N GLU A 226 16.61 -34.12 52.92
CA GLU A 226 15.54 -33.27 53.47
C GLU A 226 15.74 -33.12 54.99
N VAL A 227 15.76 -31.88 55.51
CA VAL A 227 16.17 -31.57 56.89
C VAL A 227 15.39 -30.42 57.54
N MET A 228 14.12 -30.18 57.15
CA MET A 228 13.35 -29.00 57.58
C MET A 228 11.92 -29.31 58.04
N THR A 229 11.54 -28.70 59.16
CA THR A 229 10.19 -28.70 59.77
C THR A 229 9.65 -30.11 60.08
N PRO A 230 9.89 -30.65 61.29
CA PRO A 230 9.18 -31.84 61.77
C PRO A 230 7.69 -31.55 62.03
N ARG A 231 6.94 -32.50 62.60
CA ARG A 231 5.55 -32.30 63.04
C ARG A 231 5.51 -31.36 64.26
N ILE A 232 5.67 -30.06 64.00
CA ILE A 232 5.81 -28.98 64.97
C ILE A 232 5.13 -27.68 64.50
N GLU A 233 4.22 -27.75 63.53
CA GLU A 233 3.40 -26.62 63.06
C GLU A 233 2.68 -25.87 64.20
N LEU A 234 2.35 -24.60 63.97
CA LEU A 234 1.55 -23.78 64.89
C LEU A 234 0.07 -24.21 64.88
N VAL A 235 -0.84 -23.33 65.32
CA VAL A 235 -2.28 -23.61 65.28
C VAL A 235 -2.74 -23.90 63.85
N VAL A 236 -3.35 -25.07 63.68
CA VAL A 236 -3.82 -25.67 62.41
C VAL A 236 -5.14 -26.40 62.66
N ALA A 237 -5.88 -26.72 61.61
CA ALA A 237 -7.20 -27.33 61.72
C ALA A 237 -7.11 -28.80 62.20
N PRO A 238 -7.62 -29.17 63.39
CA PRO A 238 -7.43 -30.52 63.97
C PRO A 238 -8.38 -31.60 63.43
N ALA A 239 -9.42 -31.19 62.72
CA ALA A 239 -10.51 -32.00 62.18
C ALA A 239 -11.16 -31.26 61.00
N GLY A 240 -12.35 -31.65 60.57
CA GLY A 240 -13.16 -30.81 59.67
C GLY A 240 -13.37 -29.41 60.26
N VAL A 241 -13.20 -28.37 59.43
CA VAL A 241 -13.25 -26.94 59.83
C VAL A 241 -14.02 -26.09 58.82
N THR A 242 -14.44 -24.89 59.23
CA THR A 242 -15.10 -23.90 58.35
C THR A 242 -14.10 -22.91 57.75
N LEU A 243 -14.46 -22.24 56.65
CA LEU A 243 -13.62 -21.19 56.05
C LEU A 243 -13.52 -19.93 56.92
N LYS A 244 -14.54 -19.56 57.72
CA LYS A 244 -14.44 -18.42 58.66
C LYS A 244 -13.47 -18.68 59.83
N GLU A 245 -13.45 -19.90 60.31
CA GLU A 245 -12.55 -20.43 61.33
C GLU A 245 -11.13 -20.46 60.81
N ALA A 246 -10.90 -20.98 59.60
CA ALA A 246 -9.59 -20.90 58.97
C ALA A 246 -9.17 -19.44 58.75
N ASN A 247 -10.05 -18.54 58.32
CA ASN A 247 -9.73 -17.12 58.19
C ASN A 247 -9.25 -16.51 59.53
N GLU A 248 -9.91 -16.84 60.64
CA GLU A 248 -9.49 -16.37 61.98
C GLU A 248 -8.20 -17.05 62.48
N ILE A 249 -8.02 -18.35 62.23
CA ILE A 249 -6.77 -19.06 62.55
C ILE A 249 -5.59 -18.52 61.73
N LEU A 250 -5.72 -18.34 60.41
CA LEU A 250 -4.66 -17.77 59.59
C LEU A 250 -4.30 -16.37 60.09
N GLN A 251 -5.26 -15.57 60.57
CA GLN A 251 -4.99 -14.24 61.11
C GLN A 251 -4.09 -14.31 62.37
N ARG A 252 -4.36 -15.22 63.31
CA ARG A 252 -3.47 -15.44 64.46
C ARG A 252 -2.12 -16.07 64.09
N SER A 253 -2.14 -17.11 63.26
CA SER A 253 -0.97 -17.94 62.95
C SER A 253 0.09 -17.22 62.12
N LYS A 254 -0.30 -16.27 61.26
CA LYS A 254 0.54 -15.47 60.32
C LYS A 254 1.35 -16.28 59.28
N LYS A 255 1.47 -17.60 59.41
CA LYS A 255 2.03 -18.50 58.38
C LYS A 255 1.14 -18.57 57.14
N GLY A 256 1.68 -19.08 56.02
CA GLY A 256 1.02 -19.08 54.73
C GLY A 256 0.20 -20.34 54.47
N LYS A 257 0.72 -21.52 54.78
CA LYS A 257 -0.06 -22.77 54.68
C LYS A 257 -0.71 -23.12 56.01
N LEU A 258 -1.90 -23.68 55.94
CA LEU A 258 -2.58 -24.29 57.06
C LEU A 258 -2.99 -25.71 56.69
N PRO A 259 -2.30 -26.74 57.20
CA PRO A 259 -2.81 -28.09 57.16
C PRO A 259 -4.20 -28.20 57.80
N ILE A 260 -5.01 -29.09 57.25
CA ILE A 260 -6.14 -29.70 57.93
C ILE A 260 -5.74 -31.16 58.18
N VAL A 261 -5.67 -31.55 59.44
CA VAL A 261 -5.47 -32.94 59.86
C VAL A 261 -6.77 -33.55 60.35
N ASN A 262 -6.77 -34.86 60.56
CA ASN A 262 -7.90 -35.58 61.17
C ASN A 262 -7.60 -36.00 62.63
N ASP A 263 -8.58 -36.64 63.25
CA ASP A 263 -8.49 -37.28 64.56
C ASP A 263 -7.42 -38.35 64.57
N CYS A 264 -7.23 -39.06 63.46
CA CYS A 264 -6.10 -39.96 63.32
C CYS A 264 -4.78 -39.22 63.19
N ASP A 265 -4.73 -37.89 63.24
CA ASP A 265 -3.52 -37.04 63.24
C ASP A 265 -2.62 -37.23 62.01
N GLU A 266 -3.26 -37.22 60.84
CA GLU A 266 -2.63 -37.13 59.51
C GLU A 266 -3.35 -36.06 58.66
N LEU A 267 -2.65 -35.48 57.70
CA LEU A 267 -3.20 -34.54 56.72
C LEU A 267 -4.41 -35.13 55.96
N VAL A 268 -5.47 -34.35 55.79
CA VAL A 268 -6.65 -34.67 54.97
C VAL A 268 -6.93 -33.61 53.89
N ALA A 269 -6.58 -32.35 54.15
CA ALA A 269 -6.69 -31.22 53.21
C ALA A 269 -5.70 -30.12 53.60
N ILE A 270 -5.51 -29.10 52.78
CA ILE A 270 -4.62 -27.96 53.08
C ILE A 270 -5.22 -26.65 52.56
N ILE A 271 -4.90 -25.54 53.22
CA ILE A 271 -5.29 -24.18 52.82
C ILE A 271 -4.03 -23.36 52.53
N ALA A 272 -4.11 -22.42 51.60
CA ALA A 272 -3.10 -21.40 51.39
C ALA A 272 -3.69 -20.00 51.59
N ARG A 273 -2.99 -19.16 52.35
CA ARG A 273 -3.44 -17.83 52.77
C ARG A 273 -3.88 -16.97 51.59
N THR A 274 -3.13 -17.02 50.51
CA THR A 274 -3.34 -16.27 49.26
C THR A 274 -4.75 -16.46 48.67
N ASP A 275 -5.38 -17.62 48.86
CA ASP A 275 -6.75 -17.85 48.40
C ASP A 275 -7.80 -17.29 49.38
N LEU A 276 -7.59 -17.42 50.69
CA LEU A 276 -8.50 -16.85 51.70
C LEU A 276 -8.52 -15.31 51.64
N LYS A 277 -7.46 -14.67 51.14
CA LYS A 277 -7.46 -13.22 50.85
C LYS A 277 -8.50 -12.81 49.79
N LYS A 278 -8.99 -13.73 48.95
CA LYS A 278 -9.79 -13.40 47.76
C LYS A 278 -11.08 -14.20 47.56
N ASN A 279 -11.25 -15.37 48.17
CA ASN A 279 -12.39 -16.25 47.85
C ASN A 279 -13.75 -15.54 48.13
N ARG A 280 -14.54 -15.37 47.07
CA ARG A 280 -15.75 -14.52 47.07
C ARG A 280 -16.98 -15.25 47.61
N ASP A 281 -18.04 -14.50 47.90
CA ASP A 281 -19.38 -15.07 48.09
C ASP A 281 -19.94 -15.58 46.75
N TYR A 282 -20.61 -16.73 46.78
CA TYR A 282 -21.26 -17.35 45.63
C TYR A 282 -22.67 -17.85 46.03
N PRO A 283 -23.67 -16.96 46.14
CA PRO A 283 -25.03 -17.34 46.54
C PRO A 283 -25.74 -18.18 45.48
N LEU A 284 -25.41 -17.98 44.20
CA LEU A 284 -25.88 -18.78 43.07
C LEU A 284 -25.09 -20.10 43.01
N ALA A 285 -25.33 -21.00 43.96
CA ALA A 285 -24.34 -22.02 44.31
C ALA A 285 -24.20 -23.17 43.31
N SER A 286 -25.29 -23.63 42.68
CA SER A 286 -25.32 -24.81 41.80
C SER A 286 -24.74 -26.09 42.44
N LYS A 287 -25.04 -26.29 43.73
CA LYS A 287 -24.63 -27.48 44.49
C LYS A 287 -25.69 -28.57 44.42
N ASP A 288 -25.27 -29.83 44.48
CA ASP A 288 -26.15 -31.00 44.59
C ASP A 288 -26.68 -31.22 46.02
N SER A 289 -27.44 -32.30 46.23
CA SER A 289 -27.99 -32.66 47.55
C SER A 289 -26.92 -33.02 48.61
N GLN A 290 -25.69 -33.29 48.21
CA GLN A 290 -24.54 -33.50 49.10
C GLN A 290 -23.71 -32.22 49.28
N LYS A 291 -24.24 -31.07 48.85
CA LYS A 291 -23.65 -29.73 48.99
C LYS A 291 -22.27 -29.59 48.31
N GLN A 292 -22.09 -30.22 47.16
CA GLN A 292 -20.89 -30.07 46.32
C GLN A 292 -21.28 -29.83 44.85
N LEU A 293 -20.40 -29.22 44.05
CA LEU A 293 -20.78 -28.63 42.76
C LEU A 293 -21.42 -29.64 41.80
N LEU A 294 -22.46 -29.23 41.09
CA LEU A 294 -23.00 -29.93 39.94
C LEU A 294 -22.02 -29.84 38.76
N CYS A 295 -21.81 -30.94 38.02
CA CYS A 295 -21.17 -30.92 36.71
C CYS A 295 -21.65 -32.04 35.82
N GLY A 296 -21.54 -31.83 34.50
CA GLY A 296 -21.93 -32.81 33.50
C GLY A 296 -20.77 -33.31 32.67
N ALA A 297 -20.99 -34.37 31.89
CA ALA A 297 -20.01 -34.86 30.93
C ALA A 297 -20.66 -35.19 29.60
N ALA A 298 -19.99 -34.85 28.49
CA ALA A 298 -20.38 -35.39 27.20
C ALA A 298 -19.92 -36.83 27.07
N VAL A 299 -20.70 -37.68 26.42
CA VAL A 299 -20.25 -39.02 26.03
C VAL A 299 -20.57 -39.24 24.56
N GLY A 300 -19.73 -39.99 23.86
CA GLY A 300 -20.09 -40.49 22.53
C GLY A 300 -21.22 -41.50 22.59
N THR A 301 -21.75 -41.90 21.43
CA THR A 301 -22.81 -42.91 21.31
C THR A 301 -22.32 -44.26 20.76
N ARG A 302 -21.00 -44.45 20.62
CA ARG A 302 -20.41 -45.68 20.08
C ARG A 302 -20.64 -46.88 21.00
N GLU A 303 -20.41 -48.08 20.48
CA GLU A 303 -20.43 -49.29 21.31
C GLU A 303 -19.34 -49.25 22.39
N ASP A 304 -18.23 -48.53 22.14
CA ASP A 304 -17.09 -48.46 23.03
C ASP A 304 -17.30 -47.53 24.15
N ASP A 305 -18.49 -46.97 24.35
CA ASP A 305 -18.74 -45.88 25.30
C ASP A 305 -19.49 -46.30 26.57
N LYS A 306 -19.98 -47.56 26.69
CA LYS A 306 -20.47 -48.03 27.98
C LYS A 306 -19.36 -47.97 29.01
N TYR A 307 -18.10 -48.20 28.61
CA TYR A 307 -16.95 -48.07 29.48
C TYR A 307 -16.67 -46.62 29.92
N ARG A 308 -16.67 -45.68 28.99
CA ARG A 308 -16.54 -44.25 29.35
C ARG A 308 -17.64 -43.82 30.32
N LEU A 309 -18.87 -44.28 30.08
CA LEU A 309 -20.00 -43.94 30.92
C LEU A 309 -19.88 -44.58 32.30
N ASP A 310 -19.32 -45.79 32.43
CA ASP A 310 -19.00 -46.30 33.75
C ASP A 310 -18.04 -45.36 34.47
N LEU A 311 -16.86 -45.06 33.91
CA LEU A 311 -15.86 -44.29 34.66
C LEU A 311 -16.39 -42.94 35.17
N LEU A 312 -17.16 -42.25 34.34
CA LEU A 312 -17.81 -40.99 34.69
C LEU A 312 -18.87 -41.15 35.77
N THR A 313 -19.69 -42.20 35.72
CA THR A 313 -20.66 -42.45 36.79
C THR A 313 -19.98 -42.90 38.09
N GLN A 314 -18.78 -43.50 38.06
CA GLN A 314 -18.04 -43.83 39.28
C GLN A 314 -17.41 -42.58 39.91
N ALA A 315 -16.99 -41.61 39.10
CA ALA A 315 -16.63 -40.27 39.55
C ALA A 315 -17.82 -39.45 40.08
N GLY A 316 -19.06 -39.94 39.91
CA GLY A 316 -20.27 -39.35 40.48
C GLY A 316 -20.85 -38.18 39.67
N VAL A 317 -20.66 -38.16 38.34
CA VAL A 317 -21.15 -37.09 37.48
C VAL A 317 -22.68 -36.95 37.56
N ASP A 318 -23.21 -35.73 37.48
CA ASP A 318 -24.63 -35.47 37.73
C ASP A 318 -25.52 -35.65 36.49
N VAL A 319 -25.00 -35.36 35.30
CA VAL A 319 -25.78 -35.34 34.06
C VAL A 319 -24.91 -35.63 32.85
N ILE A 320 -25.46 -36.34 31.88
CA ILE A 320 -24.80 -36.76 30.66
C ILE A 320 -25.42 -36.07 29.48
N VAL A 321 -24.64 -35.55 28.55
CA VAL A 321 -25.13 -35.12 27.24
C VAL A 321 -24.62 -36.04 26.16
N LEU A 322 -25.53 -36.65 25.41
CA LEU A 322 -25.16 -37.57 24.34
C LEU A 322 -24.72 -36.76 23.14
N ASP A 323 -23.42 -36.54 22.98
CA ASP A 323 -22.93 -35.75 21.86
C ASP A 323 -23.15 -36.52 20.57
N SER A 324 -23.88 -35.94 19.62
CA SER A 324 -24.25 -36.55 18.34
C SER A 324 -24.77 -35.47 17.40
N SER A 325 -24.30 -35.45 16.16
CA SER A 325 -24.68 -34.44 15.16
C SER A 325 -26.17 -34.49 14.81
N GLN A 326 -26.78 -35.67 14.94
CA GLN A 326 -28.20 -35.92 14.77
C GLN A 326 -28.65 -37.00 15.76
N GLY A 327 -29.41 -36.61 16.78
CA GLY A 327 -29.68 -37.47 17.93
C GLY A 327 -30.63 -38.62 17.63
N ASN A 328 -31.53 -38.47 16.68
CA ASN A 328 -32.55 -39.48 16.39
C ASN A 328 -32.01 -40.63 15.53
N SER A 329 -31.19 -41.49 16.11
CA SER A 329 -30.62 -42.66 15.46
C SER A 329 -30.84 -43.91 16.31
N VAL A 330 -30.97 -45.07 15.68
CA VAL A 330 -31.28 -46.31 16.40
C VAL A 330 -30.28 -46.60 17.50
N TYR A 331 -28.99 -46.39 17.25
CA TYR A 331 -27.96 -46.67 18.25
C TYR A 331 -27.79 -45.56 19.30
N GLN A 332 -28.22 -44.33 19.06
CA GLN A 332 -28.35 -43.33 20.12
C GLN A 332 -29.61 -43.55 20.98
N ILE A 333 -30.68 -44.14 20.46
CA ILE A 333 -31.82 -44.57 21.29
C ILE A 333 -31.48 -45.83 22.08
N ALA A 334 -30.72 -46.76 21.50
CA ALA A 334 -30.17 -47.89 22.25
C ALA A 334 -29.27 -47.42 23.40
N MET A 335 -28.39 -46.45 23.17
CA MET A 335 -27.60 -45.81 24.23
C MET A 335 -28.50 -45.23 25.33
N VAL A 336 -29.57 -44.48 25.01
CA VAL A 336 -30.50 -43.99 26.03
C VAL A 336 -31.12 -45.13 26.81
N HIS A 337 -31.72 -46.12 26.16
CA HIS A 337 -32.35 -47.26 26.87
C HIS A 337 -31.36 -47.97 27.78
N TYR A 338 -30.12 -48.11 27.33
CA TYR A 338 -29.04 -48.68 28.10
C TYR A 338 -28.72 -47.89 29.37
N ILE A 339 -28.55 -46.56 29.31
CA ILE A 339 -28.29 -45.76 30.52
C ILE A 339 -29.44 -45.91 31.51
N LYS A 340 -30.69 -45.70 31.07
CA LYS A 340 -31.85 -45.75 31.94
C LYS A 340 -32.07 -47.13 32.52
N GLN A 341 -31.47 -48.16 31.94
CA GLN A 341 -31.61 -49.51 32.46
C GLN A 341 -30.54 -49.85 33.49
N LYS A 342 -29.41 -49.16 33.45
CA LYS A 342 -28.26 -49.50 34.25
C LYS A 342 -27.96 -48.51 35.36
N TYR A 343 -28.17 -47.21 35.12
CA TYR A 343 -27.93 -46.17 36.11
C TYR A 343 -29.19 -45.31 36.21
N PRO A 344 -30.19 -45.76 36.96
CA PRO A 344 -31.48 -45.06 36.97
C PRO A 344 -31.46 -43.70 37.65
N HIS A 345 -30.32 -43.26 38.16
CA HIS A 345 -30.22 -41.97 38.82
C HIS A 345 -29.70 -40.87 37.90
N LEU A 346 -28.94 -41.25 36.87
CA LEU A 346 -28.22 -40.34 36.00
C LEU A 346 -29.17 -39.60 35.06
N GLN A 347 -29.13 -38.27 35.05
CA GLN A 347 -29.89 -37.47 34.08
C GLN A 347 -29.23 -37.52 32.69
N VAL A 348 -30.01 -37.64 31.62
CA VAL A 348 -29.52 -37.77 30.24
C VAL A 348 -30.15 -36.73 29.32
N ILE A 349 -29.34 -36.01 28.57
CA ILE A 349 -29.76 -34.97 27.62
C ILE A 349 -29.53 -35.53 26.21
N GLY A 350 -30.58 -35.62 25.39
CA GLY A 350 -30.49 -36.19 24.05
C GLY A 350 -29.66 -35.36 23.10
N GLY A 351 -29.04 -35.99 22.10
CA GLY A 351 -28.19 -35.32 21.12
C GLY A 351 -28.94 -34.34 20.23
N ASN A 352 -28.23 -33.62 19.37
CA ASN A 352 -28.83 -32.52 18.62
C ASN A 352 -30.07 -32.94 17.82
N VAL A 353 -31.16 -32.18 17.97
CA VAL A 353 -32.38 -32.33 17.17
C VAL A 353 -32.91 -30.97 16.76
N VAL A 354 -33.71 -30.90 15.70
CA VAL A 354 -34.32 -29.66 15.22
C VAL A 354 -35.77 -29.83 14.78
N THR A 355 -36.40 -30.96 15.03
CA THR A 355 -37.81 -31.20 14.65
C THR A 355 -38.60 -31.83 15.78
N ALA A 356 -39.91 -31.65 15.75
CA ALA A 356 -40.80 -32.34 16.68
C ALA A 356 -40.79 -33.87 16.47
N ALA A 357 -40.52 -34.39 15.27
CA ALA A 357 -40.44 -35.83 15.03
C ALA A 357 -39.20 -36.48 15.69
N GLN A 358 -38.02 -35.86 15.60
CA GLN A 358 -36.85 -36.25 16.36
C GLN A 358 -37.10 -36.17 17.88
N ALA A 359 -37.54 -35.01 18.37
CA ALA A 359 -37.86 -34.78 19.76
C ALA A 359 -38.79 -35.85 20.26
N LYS A 360 -39.81 -36.30 19.50
CA LYS A 360 -40.69 -37.40 19.93
C LYS A 360 -39.94 -38.69 20.20
N ASN A 361 -39.12 -39.12 19.24
CA ASN A 361 -38.42 -40.40 19.33
C ASN A 361 -37.43 -40.44 20.48
N LEU A 362 -36.73 -39.33 20.75
CA LEU A 362 -35.86 -39.27 21.91
C LEU A 362 -36.64 -39.14 23.20
N ILE A 363 -37.69 -38.31 23.27
CA ILE A 363 -38.47 -38.24 24.50
C ILE A 363 -39.04 -39.60 24.84
N ASP A 364 -39.79 -40.24 23.95
CA ASP A 364 -40.43 -41.51 24.28
C ASP A 364 -39.43 -42.66 24.46
N ALA A 365 -38.17 -42.49 24.06
CA ALA A 365 -37.06 -43.31 24.55
C ALA A 365 -36.72 -43.04 26.02
N GLY A 366 -37.03 -41.87 26.60
CA GLY A 366 -36.86 -41.65 28.03
C GLY A 366 -35.93 -40.53 28.42
N VAL A 367 -35.30 -39.81 27.46
CA VAL A 367 -34.37 -38.72 27.76
C VAL A 367 -35.01 -37.63 28.59
N ASP A 368 -34.18 -36.83 29.27
CA ASP A 368 -34.65 -35.81 30.19
C ASP A 368 -34.30 -34.40 29.76
N GLY A 369 -33.88 -34.22 28.52
CA GLY A 369 -33.50 -32.91 28.05
C GLY A 369 -33.31 -33.00 26.56
N LEU A 370 -32.82 -31.92 25.98
CA LEU A 370 -32.60 -31.93 24.54
C LEU A 370 -31.74 -30.77 24.13
N ARG A 371 -30.63 -31.00 23.43
CA ARG A 371 -29.90 -29.93 22.76
C ARG A 371 -30.65 -29.59 21.48
N VAL A 372 -31.28 -28.44 21.43
CA VAL A 372 -32.06 -28.05 20.25
C VAL A 372 -31.16 -27.18 19.40
N GLY A 373 -30.41 -27.80 18.50
CA GLY A 373 -29.57 -27.01 17.63
C GLY A 373 -28.80 -27.84 16.63
N MET A 374 -28.79 -27.47 15.36
CA MET A 374 -28.05 -28.18 14.33
C MET A 374 -27.87 -27.26 13.13
N GLY A 375 -26.70 -27.29 12.51
CA GLY A 375 -26.51 -26.60 11.25
C GLY A 375 -26.08 -25.15 11.35
N CYS A 376 -25.05 -24.87 12.14
CA CYS A 376 -24.54 -23.51 12.28
C CYS A 376 -23.01 -23.49 12.31
N VAL A 385 -23.20 -26.38 3.17
CA VAL A 385 -22.07 -27.28 3.33
C VAL A 385 -22.53 -28.67 3.77
N MET A 386 -23.74 -28.75 4.33
CA MET A 386 -24.24 -29.96 4.94
C MET A 386 -25.44 -30.56 4.22
N ALA A 387 -26.42 -29.74 3.84
CA ALA A 387 -27.67 -30.10 3.18
C ALA A 387 -28.78 -30.51 4.15
N CYS A 388 -28.56 -30.42 5.46
CA CYS A 388 -29.62 -30.63 6.43
C CYS A 388 -29.46 -29.59 7.53
N GLY A 389 -30.43 -29.54 8.42
CA GLY A 389 -30.40 -28.57 9.48
C GLY A 389 -31.70 -27.81 9.53
N ARG A 390 -31.72 -26.70 10.23
CA ARG A 390 -32.89 -25.86 10.35
C ARG A 390 -32.45 -24.48 10.79
N PRO A 391 -33.15 -23.41 10.42
CA PRO A 391 -32.83 -22.10 10.98
C PRO A 391 -33.07 -22.09 12.47
N GLN A 392 -32.10 -21.58 13.22
CA GLN A 392 -32.09 -21.78 14.66
C GLN A 392 -33.39 -21.35 15.32
N GLY A 393 -33.89 -20.13 15.06
CA GLY A 393 -35.03 -19.58 15.79
C GLY A 393 -36.27 -20.46 15.66
N THR A 394 -36.51 -20.97 14.47
CA THR A 394 -37.62 -21.89 14.22
C THR A 394 -37.41 -23.22 14.90
N ALA A 395 -36.18 -23.74 14.96
CA ALA A 395 -35.88 -24.99 15.64
C ALA A 395 -36.17 -24.88 17.12
N VAL A 396 -35.67 -23.82 17.75
CA VAL A 396 -35.90 -23.66 19.17
C VAL A 396 -37.37 -23.56 19.46
N TYR A 397 -38.13 -22.72 18.74
CA TYR A 397 -39.56 -22.59 19.00
C TYR A 397 -40.29 -23.92 18.79
N LYS A 398 -40.08 -24.60 17.67
CA LYS A 398 -40.78 -25.85 17.38
C LYS A 398 -40.45 -26.97 18.35
N VAL A 399 -39.19 -27.17 18.73
CA VAL A 399 -38.85 -28.24 19.65
C VAL A 399 -39.30 -27.91 21.05
N ALA A 400 -39.16 -26.65 21.46
CA ALA A 400 -39.59 -26.30 22.80
C ALA A 400 -41.08 -26.47 22.93
N GLU A 401 -41.82 -26.03 21.92
CA GLU A 401 -43.27 -26.12 21.99
C GLU A 401 -43.74 -27.55 21.99
N TYR A 402 -42.98 -28.47 21.38
CA TYR A 402 -43.33 -29.88 21.36
C TYR A 402 -42.96 -30.54 22.68
N ALA A 403 -41.69 -30.48 23.08
CA ALA A 403 -41.23 -31.04 24.33
C ALA A 403 -42.08 -30.59 25.50
N ARG A 404 -42.39 -29.29 25.57
CA ARG A 404 -43.18 -28.78 26.68
C ARG A 404 -44.39 -29.62 26.98
N ARG A 405 -45.00 -30.31 26.02
CA ARG A 405 -46.16 -31.16 26.26
C ARG A 405 -45.90 -32.22 27.32
N PHE A 406 -44.65 -32.66 27.53
CA PHE A 406 -44.34 -33.64 28.55
C PHE A 406 -43.55 -33.08 29.71
N GLY A 407 -42.95 -31.92 29.56
CA GLY A 407 -42.18 -31.31 30.61
C GLY A 407 -40.69 -31.44 30.45
N VAL A 408 -40.21 -31.65 29.24
CA VAL A 408 -38.80 -31.98 29.05
C VAL A 408 -38.04 -30.76 28.55
N PRO A 409 -37.56 -29.89 29.42
CA PRO A 409 -36.94 -28.65 28.95
C PRO A 409 -35.83 -28.92 27.97
N ILE A 410 -35.55 -27.93 27.13
CA ILE A 410 -34.57 -28.05 26.07
C ILE A 410 -33.45 -27.06 26.30
N ILE A 411 -32.47 -27.06 25.41
CA ILE A 411 -31.21 -26.34 25.62
C ILE A 411 -30.80 -25.77 24.28
N ALA A 412 -30.86 -24.44 24.15
CA ALA A 412 -30.76 -23.79 22.85
C ALA A 412 -29.29 -23.57 22.47
N ASP A 413 -28.69 -24.61 21.93
CA ASP A 413 -27.30 -24.57 21.51
C ASP A 413 -27.15 -24.22 20.04
N GLY A 414 -26.37 -23.19 19.75
CA GLY A 414 -25.97 -22.93 18.38
C GLY A 414 -26.21 -21.53 17.87
N GLY A 415 -25.15 -20.85 17.44
CA GLY A 415 -25.29 -19.55 16.83
C GLY A 415 -25.89 -18.49 17.73
N ILE A 416 -25.49 -18.44 18.99
CA ILE A 416 -25.82 -17.34 19.90
C ILE A 416 -24.55 -16.53 20.14
N GLN A 417 -24.60 -15.23 19.83
CA GLN A 417 -23.41 -14.37 19.81
C GLN A 417 -23.66 -12.92 20.27
N THR A 418 -24.80 -12.66 20.92
CA THR A 418 -25.11 -11.42 21.65
C THR A 418 -25.99 -11.74 22.85
N VAL A 419 -26.19 -10.80 23.77
CA VAL A 419 -27.15 -10.99 24.85
C VAL A 419 -28.58 -10.80 24.35
N GLY A 420 -28.76 -10.10 23.23
CA GLY A 420 -30.07 -10.07 22.62
C GLY A 420 -30.50 -11.45 22.16
N HIS A 421 -29.64 -12.18 21.47
CA HIS A 421 -29.93 -13.53 21.01
C HIS A 421 -30.21 -14.43 22.19
N VAL A 422 -29.57 -14.19 23.32
CA VAL A 422 -29.86 -14.98 24.50
C VAL A 422 -31.26 -14.68 25.01
N VAL A 423 -31.60 -13.40 25.14
CA VAL A 423 -32.94 -13.07 25.61
C VAL A 423 -33.98 -13.64 24.69
N LYS A 424 -33.71 -13.63 23.38
CA LYS A 424 -34.66 -14.20 22.44
C LYS A 424 -34.80 -15.69 22.65
N ALA A 425 -33.71 -16.43 22.46
CA ALA A 425 -33.75 -17.86 22.67
C ALA A 425 -34.50 -18.21 23.94
N LEU A 426 -34.44 -17.34 24.94
CA LEU A 426 -35.19 -17.65 26.15
C LEU A 426 -36.66 -17.27 26.04
N ALA A 427 -36.98 -16.28 25.21
CA ALA A 427 -38.38 -15.95 24.99
C ALA A 427 -39.08 -16.96 24.10
N LEU A 428 -38.36 -17.60 23.17
CA LEU A 428 -38.94 -18.56 22.26
C LEU A 428 -39.31 -19.88 22.93
N GLY A 429 -38.63 -20.27 24.01
CA GLY A 429 -38.96 -21.50 24.67
C GLY A 429 -37.77 -22.23 25.24
N ALA A 430 -36.57 -21.87 24.84
CA ALA A 430 -35.40 -22.51 25.41
C ALA A 430 -35.37 -22.31 26.91
N SER A 431 -35.03 -23.36 27.63
CA SER A 431 -34.89 -23.26 29.07
C SER A 431 -33.51 -22.79 29.48
N THR A 432 -32.48 -23.14 28.71
CA THR A 432 -31.13 -22.71 28.99
C THR A 432 -30.39 -22.53 27.69
N VAL A 433 -29.42 -21.63 27.68
CA VAL A 433 -28.64 -21.34 26.48
C VAL A 433 -27.23 -21.82 26.70
N MET A 434 -26.67 -22.57 25.77
CA MET A 434 -25.33 -23.14 25.87
C MET A 434 -24.35 -22.23 25.12
N MET A 435 -23.58 -21.45 25.87
CA MET A 435 -22.53 -20.58 25.38
C MET A 435 -21.44 -21.40 24.66
N GLY A 436 -21.20 -21.07 23.40
CA GLY A 436 -20.23 -21.72 22.54
C GLY A 436 -18.85 -21.10 22.65
N SER A 437 -18.16 -20.96 21.51
CA SER A 437 -16.85 -20.29 21.39
C SER A 437 -16.84 -18.84 21.88
N LEU A 438 -18.00 -18.25 22.16
CA LEU A 438 -18.15 -17.00 22.91
C LEU A 438 -17.30 -16.98 24.20
N LEU A 439 -17.12 -18.12 24.86
CA LEU A 439 -16.27 -18.26 26.05
C LEU A 439 -14.83 -18.66 25.75
N ALA A 440 -14.51 -19.15 24.55
CA ALA A 440 -13.13 -19.46 24.18
C ALA A 440 -12.29 -18.17 24.17
N ALA A 441 -10.99 -18.31 24.43
CA ALA A 441 -10.06 -17.18 24.66
C ALA A 441 -10.39 -16.25 25.86
N THR A 442 -11.37 -16.58 26.71
CA THR A 442 -11.34 -16.12 28.11
C THR A 442 -10.22 -16.84 28.85
N THR A 443 -9.70 -16.29 29.95
CA THR A 443 -8.49 -16.84 30.60
C THR A 443 -8.70 -18.25 31.19
N GLU A 444 -9.93 -18.63 31.56
CA GLU A 444 -10.26 -20.01 31.96
C GLU A 444 -10.45 -20.98 30.79
N ALA A 445 -10.52 -20.52 29.53
CA ALA A 445 -10.60 -21.44 28.39
C ALA A 445 -9.26 -22.20 28.18
N PRO A 446 -9.27 -23.51 27.85
CA PRO A 446 -8.04 -24.29 27.64
C PRO A 446 -7.11 -23.69 26.59
N GLY A 500 -10.99 -11.54 28.93
CA GLY A 500 -11.74 -11.54 30.19
C GLY A 500 -11.70 -12.86 30.95
N SER A 501 -12.39 -12.92 32.09
CA SER A 501 -12.50 -14.09 32.95
C SER A 501 -13.96 -14.45 33.21
N ILE A 502 -14.31 -15.73 33.15
CA ILE A 502 -15.68 -16.24 33.29
C ILE A 502 -16.32 -15.76 34.58
N GLN A 503 -15.59 -15.72 35.71
CA GLN A 503 -16.15 -15.29 37.00
C GLN A 503 -16.59 -13.82 36.98
N LYS A 504 -15.86 -12.96 36.24
CA LYS A 504 -16.14 -11.52 36.09
C LYS A 504 -17.09 -11.24 34.92
N PHE A 505 -17.14 -12.13 33.94
CA PHE A 505 -17.89 -11.98 32.69
C PHE A 505 -19.34 -12.47 32.76
N VAL A 506 -19.62 -13.60 33.42
CA VAL A 506 -21.00 -14.07 33.58
C VAL A 506 -21.94 -13.03 34.21
N PRO A 507 -21.53 -12.19 35.20
CA PRO A 507 -22.42 -11.15 35.73
C PRO A 507 -22.84 -10.15 34.69
N TYR A 508 -22.01 -9.90 33.68
CA TYR A 508 -22.43 -9.01 32.61
C TYR A 508 -23.63 -9.58 31.88
N LEU A 509 -23.53 -10.84 31.45
CA LEU A 509 -24.64 -11.49 30.77
C LEU A 509 -25.87 -11.52 31.67
N ILE A 510 -25.71 -11.88 32.94
CA ILE A 510 -26.84 -11.88 33.87
C ILE A 510 -27.50 -10.50 33.88
N ALA A 511 -26.78 -9.42 34.11
CA ALA A 511 -27.39 -8.09 34.12
C ALA A 511 -28.05 -7.78 32.79
N GLY A 512 -27.47 -8.24 31.67
CA GLY A 512 -28.08 -7.98 30.37
C GLY A 512 -29.40 -8.70 30.19
N ILE A 513 -29.44 -9.98 30.53
CA ILE A 513 -30.69 -10.73 30.50
C ILE A 513 -31.71 -10.07 31.42
N GLN A 514 -31.28 -9.61 32.59
CA GLN A 514 -32.25 -9.02 33.50
C GLN A 514 -32.82 -7.73 32.95
N HIS A 515 -31.97 -6.90 32.35
CA HIS A 515 -32.47 -5.69 31.73
C HIS A 515 -33.43 -6.01 30.61
N GLY A 516 -33.13 -7.03 29.83
CA GLY A 516 -34.04 -7.42 28.75
C GLY A 516 -35.39 -7.83 29.28
N CYS A 517 -35.40 -8.87 30.11
CA CYS A 517 -36.65 -9.38 30.64
C CYS A 517 -37.37 -8.38 31.52
N GLN A 518 -36.75 -7.24 31.87
CA GLN A 518 -37.43 -6.07 32.43
C GLN A 518 -38.09 -5.21 31.35
N ASP A 519 -37.45 -4.88 30.23
CA ASP A 519 -38.10 -4.14 29.14
C ASP A 519 -39.32 -4.85 28.58
N ILE A 520 -39.28 -6.17 28.51
CA ILE A 520 -40.39 -7.03 28.11
C ILE A 520 -41.50 -7.06 29.17
N GLY A 521 -41.20 -6.69 30.42
CA GLY A 521 -42.18 -6.64 31.51
C GLY A 521 -42.48 -7.99 32.15
N ALA A 522 -41.59 -8.97 32.01
CA ALA A 522 -41.75 -10.32 32.55
C ALA A 522 -40.81 -10.55 33.75
N ARG A 523 -41.36 -10.58 34.96
CA ARG A 523 -40.55 -10.60 36.18
C ARG A 523 -39.78 -11.89 36.47
N SER A 524 -39.87 -12.94 35.66
CA SER A 524 -39.07 -14.14 35.88
C SER A 524 -39.18 -15.07 34.68
N LEU A 525 -38.06 -15.57 34.19
CA LEU A 525 -38.05 -16.34 32.96
C LEU A 525 -39.22 -17.29 32.84
N SER A 526 -39.61 -18.01 33.89
CA SER A 526 -40.81 -18.86 33.90
C SER A 526 -42.09 -18.12 33.48
N VAL A 527 -42.36 -16.94 34.04
CA VAL A 527 -43.34 -15.97 33.53
C VAL A 527 -43.02 -15.52 32.10
N LEU A 528 -41.78 -15.27 31.66
CA LEU A 528 -41.54 -14.91 30.27
C LEU A 528 -42.11 -15.97 29.34
N ARG A 529 -41.83 -17.23 29.63
CA ARG A 529 -42.33 -18.28 28.76
C ARG A 529 -43.83 -18.46 28.90
N SER A 530 -44.41 -18.33 30.09
CA SER A 530 -45.86 -18.39 30.25
C SER A 530 -46.56 -17.30 29.46
N MET A 531 -46.00 -16.09 29.49
CA MET A 531 -46.46 -14.94 28.75
C MET A 531 -46.32 -15.14 27.24
N MET A 532 -45.32 -15.90 26.77
CA MET A 532 -45.20 -16.28 25.37
C MET A 532 -46.22 -17.33 24.93
N TYR A 533 -46.32 -18.48 25.60
CA TYR A 533 -47.23 -19.56 25.19
C TYR A 533 -48.71 -19.15 25.28
N SER A 534 -49.08 -18.29 26.22
CA SER A 534 -50.45 -17.78 26.35
C SER A 534 -50.78 -16.66 25.37
N GLY A 535 -49.85 -16.25 24.50
CA GLY A 535 -50.08 -15.22 23.48
C GLY A 535 -50.12 -13.79 24.00
N GLU A 536 -49.78 -13.55 25.28
CA GLU A 536 -49.72 -12.20 25.83
C GLU A 536 -48.49 -11.43 25.34
N LEU A 537 -47.35 -12.09 25.17
CA LEU A 537 -46.17 -11.50 24.55
C LEU A 537 -46.33 -11.41 23.03
N LYS A 538 -45.92 -10.29 22.43
CA LYS A 538 -46.07 -10.01 21.00
C LYS A 538 -44.71 -9.79 20.32
N PHE A 539 -44.62 -10.20 19.07
CA PHE A 539 -43.41 -10.23 18.26
C PHE A 539 -43.62 -9.50 16.94
N GLU A 540 -42.54 -9.06 16.31
CA GLU A 540 -42.58 -8.43 14.99
C GLU A 540 -41.48 -9.02 14.12
N LYS A 541 -41.74 -9.32 12.85
CA LYS A 541 -40.69 -9.66 11.89
C LYS A 541 -39.83 -8.45 11.55
N ARG A 542 -38.78 -8.65 10.75
CA ARG A 542 -37.95 -7.60 10.14
C ARG A 542 -37.62 -7.91 8.69
N THR A 543 -37.84 -6.95 7.79
CA THR A 543 -37.20 -6.90 6.46
C THR A 543 -35.70 -6.70 6.63
N MET A 544 -34.87 -7.10 5.66
CA MET A 544 -33.42 -6.85 5.71
C MET A 544 -33.11 -5.36 5.89
N SER A 545 -33.88 -4.49 5.25
CA SER A 545 -33.78 -3.04 5.38
C SER A 545 -33.92 -2.53 6.82
N ALA A 546 -34.59 -3.28 7.71
CA ALA A 546 -34.85 -2.89 9.09
C ALA A 546 -33.89 -3.52 10.11
N GLN A 547 -32.93 -4.32 9.67
CA GLN A 547 -31.87 -4.87 10.53
C GLN A 547 -30.48 -4.40 10.08
N ILE A 548 -30.31 -4.06 8.79
CA ILE A 548 -29.17 -3.25 8.32
C ILE A 548 -29.22 -1.81 8.87
N GLU A 549 -30.40 -1.35 9.31
CA GLU A 549 -30.61 -0.13 10.08
C GLU A 549 -30.78 -0.49 11.57
N GLY A 550 -29.93 0.04 12.44
CA GLY A 550 -30.01 -0.21 13.88
C GLY A 550 -29.44 -1.56 14.36
N GLY A 551 -28.57 -2.23 13.58
CA GLY A 551 -27.88 -3.44 14.01
C GLY A 551 -27.09 -4.16 12.91
N VAL A 552 -26.79 -5.44 13.17
CA VAL A 552 -26.28 -6.50 12.27
C VAL A 552 -24.97 -6.23 11.52
N HIS A 553 -24.92 -5.24 10.65
CA HIS A 553 -23.85 -4.99 9.67
C HIS A 553 -23.72 -3.49 9.41
N HIS B 29 -61.82 20.03 2.30
CA HIS B 29 -60.88 18.96 1.91
C HIS B 29 -61.34 18.28 0.62
N GLU B 30 -60.77 18.65 -0.53
CA GLU B 30 -61.17 18.12 -1.84
C GLU B 30 -60.25 16.99 -2.31
N THR B 31 -60.83 15.86 -2.73
CA THR B 31 -60.12 14.75 -3.37
C THR B 31 -59.48 15.17 -4.70
N ALA B 32 -58.47 14.44 -5.19
CA ALA B 32 -57.86 14.67 -6.50
C ALA B 32 -58.90 14.60 -7.63
N ALA B 33 -59.90 13.72 -7.53
CA ALA B 33 -61.03 13.66 -8.46
C ALA B 33 -61.87 14.95 -8.43
N GLN B 34 -62.19 15.46 -7.23
CA GLN B 34 -62.84 16.76 -7.08
C GLN B 34 -61.97 17.89 -7.63
N ARG B 35 -60.68 17.95 -7.30
CA ARG B 35 -59.78 19.03 -7.75
C ARG B 35 -59.63 19.03 -9.27
N TYR B 36 -59.36 17.89 -9.91
CA TYR B 36 -59.25 17.83 -11.36
C TYR B 36 -60.58 18.19 -12.03
N SER B 37 -61.70 17.57 -11.64
CA SER B 37 -62.99 17.86 -12.26
C SER B 37 -63.41 19.33 -12.07
N ALA B 38 -63.22 19.91 -10.89
CA ALA B 38 -63.50 21.32 -10.65
C ALA B 38 -62.58 22.23 -11.49
N ARG B 39 -61.26 22.02 -11.44
CA ARG B 39 -60.30 22.90 -12.14
C ARG B 39 -60.38 22.75 -13.67
N LEU B 40 -60.77 21.58 -14.18
CA LEU B 40 -61.13 21.39 -15.58
C LEU B 40 -62.37 22.22 -15.99
N LEU B 41 -63.38 22.32 -15.13
CA LEU B 41 -64.53 23.21 -15.35
C LEU B 41 -64.19 24.70 -15.15
N GLN B 42 -63.19 25.03 -14.33
CA GLN B 42 -62.65 26.40 -14.28
C GLN B 42 -61.95 26.79 -15.59
N ALA B 43 -61.30 25.84 -16.28
CA ALA B 43 -60.82 26.04 -17.66
C ALA B 43 -61.95 25.99 -18.71
N GLY B 44 -62.99 25.19 -18.47
CA GLY B 44 -64.17 25.01 -19.34
C GLY B 44 -63.96 23.99 -20.47
N TYR B 45 -65.07 23.48 -21.02
CA TYR B 45 -65.07 22.48 -22.10
C TYR B 45 -64.40 23.01 -23.38
N MET B 50 -73.56 18.37 -16.84
CA MET B 50 -74.08 17.11 -17.37
C MET B 50 -74.25 16.05 -16.28
N ALA B 51 -74.79 14.89 -16.64
CA ALA B 51 -75.19 13.83 -15.73
C ALA B 51 -73.98 12.96 -15.40
N ASP B 52 -72.84 13.59 -15.09
CA ASP B 52 -71.59 12.96 -14.65
C ASP B 52 -71.40 13.22 -13.15
N TYR B 53 -71.43 14.49 -12.75
CA TYR B 53 -71.54 14.87 -11.33
C TYR B 53 -72.82 14.33 -10.67
N LEU B 54 -73.92 14.15 -11.41
CA LEU B 54 -75.17 13.69 -10.84
C LEU B 54 -75.26 12.17 -10.73
N ILE B 55 -74.32 11.44 -11.33
CA ILE B 55 -74.31 9.98 -11.26
C ILE B 55 -73.15 9.44 -10.44
N SER B 56 -72.10 10.22 -10.11
CA SER B 56 -71.06 9.78 -9.16
C SER B 56 -70.42 10.89 -8.31
N GLY B 57 -71.04 12.07 -8.22
CA GLY B 57 -70.53 13.21 -7.45
C GLY B 57 -69.21 13.79 -7.98
N GLY B 58 -68.50 14.54 -7.13
CA GLY B 58 -67.16 15.05 -7.46
C GLY B 58 -66.11 13.95 -7.60
N THR B 59 -66.37 12.76 -7.06
CA THR B 59 -65.64 11.52 -7.32
C THR B 59 -65.91 10.99 -8.74
N GLY B 60 -65.34 11.66 -9.74
CA GLY B 60 -65.46 11.32 -11.17
C GLY B 60 -64.55 10.17 -11.66
N TYR B 61 -64.32 9.15 -10.84
CA TYR B 61 -63.44 7.99 -11.06
C TYR B 61 -61.94 8.28 -11.18
N VAL B 62 -61.12 7.53 -10.45
CA VAL B 62 -59.68 7.37 -10.69
C VAL B 62 -59.29 5.90 -10.51
N PRO B 63 -58.35 5.35 -11.31
CA PRO B 63 -57.90 3.98 -11.16
C PRO B 63 -57.35 3.68 -9.77
N GLU B 64 -57.68 2.51 -9.23
CA GLU B 64 -57.03 1.99 -8.04
C GLU B 64 -55.65 1.47 -8.42
N ASP B 65 -54.59 2.02 -7.83
CA ASP B 65 -53.22 1.60 -8.09
C ASP B 65 -52.34 1.75 -6.84
N GLY B 66 -51.61 0.71 -6.46
CA GLY B 66 -50.90 0.66 -5.18
C GLY B 66 -51.79 0.39 -3.97
N LEU B 67 -51.18 0.28 -2.79
CA LEU B 67 -51.82 -0.07 -1.52
C LEU B 67 -52.24 1.18 -0.74
N THR B 68 -53.34 1.15 0.00
CA THR B 68 -53.56 2.14 1.08
C THR B 68 -52.65 1.83 2.27
N ALA B 69 -52.37 2.79 3.15
CA ALA B 69 -51.49 2.60 4.30
C ALA B 69 -51.95 1.46 5.21
N GLN B 70 -53.26 1.35 5.45
CA GLN B 70 -53.83 0.27 6.25
C GLN B 70 -53.54 -1.13 5.68
N GLN B 71 -53.45 -1.27 4.35
CA GLN B 71 -53.03 -2.51 3.71
C GLN B 71 -51.52 -2.73 3.81
N LEU B 72 -50.70 -1.69 3.63
CA LEU B 72 -49.25 -1.82 3.62
C LEU B 72 -48.73 -2.45 4.91
N PHE B 73 -49.25 -2.04 6.07
CA PHE B 73 -48.88 -2.58 7.37
C PHE B 73 -49.68 -3.84 7.80
N ALA B 74 -50.57 -4.37 6.96
CA ALA B 74 -51.35 -5.56 7.26
C ALA B 74 -50.56 -6.87 7.18
N SER B 75 -49.43 -6.91 6.47
CA SER B 75 -48.61 -8.11 6.31
C SER B 75 -47.77 -8.47 7.54
N ALA B 76 -47.67 -7.56 8.52
CA ALA B 76 -46.88 -7.72 9.74
C ALA B 76 -45.38 -7.97 9.50
N ASP B 77 -44.82 -7.36 8.45
CA ASP B 77 -43.37 -7.16 8.30
C ASP B 77 -42.91 -5.92 9.09
N GLY B 78 -41.63 -5.86 9.47
CA GLY B 78 -41.07 -4.73 10.16
C GLY B 78 -40.65 -3.68 9.15
N LEU B 79 -41.58 -3.01 8.48
CA LEU B 79 -41.21 -2.00 7.51
C LEU B 79 -40.49 -0.84 8.20
N THR B 80 -39.27 -0.56 7.77
CA THR B 80 -38.60 0.71 8.02
C THR B 80 -38.74 1.64 6.84
N TYR B 81 -38.17 2.85 6.89
CA TYR B 81 -38.47 3.92 5.91
C TYR B 81 -37.94 3.63 4.52
N ASN B 82 -36.86 2.85 4.40
CA ASN B 82 -36.33 2.45 3.11
C ASN B 82 -37.24 1.48 2.36
N ASP B 83 -38.13 0.75 3.04
CA ASP B 83 -38.84 -0.40 2.48
C ASP B 83 -40.06 -0.04 1.63
N PHE B 84 -40.50 1.20 1.59
CA PHE B 84 -41.70 1.62 0.88
C PHE B 84 -41.54 2.98 0.20
N LEU B 85 -42.44 3.30 -0.73
CA LEU B 85 -42.53 4.59 -1.42
C LEU B 85 -43.97 5.10 -1.42
N ILE B 86 -44.13 6.41 -1.64
CA ILE B 86 -45.43 7.05 -1.81
C ILE B 86 -45.64 7.30 -3.29
N LEU B 87 -46.75 6.86 -3.88
CA LEU B 87 -46.98 7.04 -5.31
C LEU B 87 -47.41 8.49 -5.60
N PRO B 88 -46.85 9.17 -6.62
CA PRO B 88 -47.13 10.58 -6.85
C PRO B 88 -48.58 10.84 -7.27
N GLY B 89 -49.10 12.02 -6.96
CA GLY B 89 -50.50 12.39 -7.17
C GLY B 89 -50.70 13.40 -8.30
N PHE B 90 -51.66 14.30 -8.10
CA PHE B 90 -51.99 15.43 -8.97
C PHE B 90 -51.49 16.74 -8.35
N ILE B 91 -50.73 17.55 -9.09
CA ILE B 91 -50.21 18.83 -8.60
C ILE B 91 -51.06 19.98 -9.14
N ASP B 92 -51.57 20.84 -8.26
CA ASP B 92 -52.29 22.05 -8.66
C ASP B 92 -51.95 23.28 -7.79
N PHE B 93 -50.72 23.33 -7.26
CA PHE B 93 -50.17 24.41 -6.45
C PHE B 93 -48.64 24.44 -6.55
N ILE B 94 -48.02 25.58 -6.27
CA ILE B 94 -46.56 25.73 -6.29
C ILE B 94 -45.92 25.18 -5.02
N ALA B 95 -44.63 24.83 -5.07
CA ALA B 95 -43.90 24.23 -3.95
C ALA B 95 -43.66 25.19 -2.79
N ASP B 96 -44.24 26.38 -2.86
CA ASP B 96 -44.10 27.35 -1.77
C ASP B 96 -45.45 27.72 -1.17
N GLU B 97 -46.47 26.90 -1.40
CA GLU B 97 -47.75 27.06 -0.72
C GLU B 97 -48.09 25.83 0.11
N VAL B 98 -47.09 25.02 0.42
CA VAL B 98 -47.26 23.81 1.22
C VAL B 98 -47.19 24.17 2.69
N ASP B 99 -48.30 24.60 3.25
CA ASP B 99 -48.34 24.96 4.66
C ASP B 99 -47.77 23.83 5.50
N LEU B 100 -46.79 24.15 6.32
CA LEU B 100 -46.11 23.15 7.15
C LEU B 100 -46.60 23.12 8.57
N THR B 101 -47.57 23.94 8.93
CA THR B 101 -48.02 24.00 10.33
C THR B 101 -48.23 22.62 10.89
N SER B 102 -47.56 22.32 11.99
CA SER B 102 -47.74 21.05 12.68
C SER B 102 -48.03 21.30 14.15
N ALA B 103 -48.48 20.26 14.84
CA ALA B 103 -48.86 20.34 16.24
C ALA B 103 -47.90 19.53 17.06
N LEU B 104 -47.27 20.18 18.05
CA LEU B 104 -46.29 19.54 18.93
C LEU B 104 -47.00 18.74 20.01
N THR B 105 -47.95 19.39 20.70
CA THR B 105 -48.68 18.76 21.79
C THR B 105 -50.11 19.24 21.68
N ARG B 106 -50.95 18.88 22.65
CA ARG B 106 -52.35 19.21 22.51
C ARG B 106 -52.57 20.72 22.42
N LYS B 107 -51.64 21.54 22.89
CA LYS B 107 -51.87 22.99 22.95
C LYS B 107 -50.76 23.81 22.32
N ILE B 108 -49.52 23.32 22.25
CA ILE B 108 -48.42 23.97 21.53
C ILE B 108 -48.47 23.62 20.04
N THR B 109 -48.49 24.62 19.16
CA THR B 109 -48.49 24.48 17.69
C THR B 109 -47.25 25.16 17.10
N LEU B 110 -46.64 24.59 16.06
CA LEU B 110 -45.37 25.04 15.48
C LEU B 110 -45.50 25.32 13.98
N LYS B 111 -44.80 26.32 13.46
CA LYS B 111 -44.80 26.63 12.03
C LYS B 111 -43.98 25.66 11.17
N THR B 112 -43.18 24.79 11.78
CA THR B 112 -42.24 23.89 11.11
C THR B 112 -42.30 22.50 11.75
N PRO B 113 -42.34 21.36 11.01
CA PRO B 113 -42.51 20.05 11.61
C PRO B 113 -41.21 19.47 12.12
N LEU B 114 -40.21 20.30 12.37
CA LEU B 114 -38.93 19.82 12.85
C LEU B 114 -38.79 20.03 14.34
N ILE B 115 -37.79 19.40 14.97
CA ILE B 115 -37.38 19.60 16.37
C ILE B 115 -35.89 19.26 16.48
N SER B 116 -35.14 19.85 17.41
CA SER B 116 -33.81 19.35 17.79
C SER B 116 -33.88 18.45 19.01
N SER B 117 -33.29 17.27 18.90
CA SER B 117 -33.34 16.21 19.93
C SER B 117 -32.64 16.60 21.24
N PRO B 118 -33.15 16.15 22.41
CA PRO B 118 -32.53 16.46 23.68
C PRO B 118 -31.29 15.61 23.92
N MET B 119 -30.20 15.90 23.21
CA MET B 119 -28.89 15.27 23.36
C MET B 119 -27.81 16.30 23.66
N ASP B 120 -26.82 15.95 24.48
CA ASP B 120 -25.66 16.79 24.78
C ASP B 120 -24.84 17.14 23.53
N THR B 121 -24.78 16.23 22.55
CA THR B 121 -24.16 16.47 21.25
C THR B 121 -24.98 17.37 20.32
N VAL B 122 -26.23 17.72 20.65
CA VAL B 122 -27.14 18.43 19.75
C VAL B 122 -27.69 19.71 20.34
N THR B 123 -28.53 19.65 21.37
CA THR B 123 -29.30 20.82 21.81
C THR B 123 -28.77 21.41 23.09
N GLU B 124 -28.51 22.71 23.09
CA GLU B 124 -28.20 23.52 24.26
C GLU B 124 -28.90 24.89 24.09
N ALA B 125 -28.54 25.96 24.81
CA ALA B 125 -29.31 27.19 24.68
C ALA B 125 -29.24 27.74 23.27
N ASP B 126 -28.07 27.78 22.65
CA ASP B 126 -27.92 28.38 21.33
C ASP B 126 -28.75 27.65 20.26
N MET B 127 -28.68 26.32 20.17
CA MET B 127 -29.52 25.61 19.20
C MET B 127 -31.00 25.69 19.57
N ALA B 128 -31.38 25.73 20.84
CA ALA B 128 -32.79 25.90 21.19
C ALA B 128 -33.36 27.24 20.69
N ILE B 129 -32.57 28.31 20.75
CA ILE B 129 -32.93 29.60 20.16
C ILE B 129 -33.00 29.49 18.64
N ALA B 130 -31.99 28.88 18.00
CA ALA B 130 -31.97 28.73 16.55
C ALA B 130 -33.20 27.98 16.02
N MET B 131 -33.57 26.86 16.64
CA MET B 131 -34.77 26.12 16.23
C MET B 131 -36.05 26.93 16.40
N ALA B 132 -36.21 27.64 17.51
CA ALA B 132 -37.41 28.44 17.71
C ALA B 132 -37.48 29.56 16.67
N LEU B 133 -36.37 30.21 16.32
CA LEU B 133 -36.34 31.22 15.27
C LEU B 133 -36.64 30.65 13.87
N MET B 134 -36.50 29.34 13.66
CA MET B 134 -36.92 28.66 12.43
C MET B 134 -38.31 28.00 12.51
N GLY B 135 -39.13 28.36 13.51
CA GLY B 135 -40.50 27.87 13.63
C GLY B 135 -40.66 26.49 14.23
N GLY B 136 -39.57 25.85 14.66
CA GLY B 136 -39.57 24.58 15.39
C GLY B 136 -39.54 24.79 16.91
N ILE B 137 -39.06 23.79 17.64
CA ILE B 137 -38.71 23.91 19.05
C ILE B 137 -37.41 23.13 19.29
N GLY B 138 -36.71 23.40 20.37
CA GLY B 138 -35.59 22.57 20.84
C GLY B 138 -35.78 22.16 22.29
N PHE B 139 -35.30 20.98 22.66
CA PHE B 139 -35.36 20.48 24.03
C PHE B 139 -33.95 20.43 24.63
N ILE B 140 -33.68 21.12 25.73
CA ILE B 140 -32.37 21.06 26.40
C ILE B 140 -32.12 19.63 26.95
N HIS B 141 -30.94 19.07 26.76
CA HIS B 141 -30.59 17.77 27.29
C HIS B 141 -30.57 17.76 28.82
N HIS B 142 -30.63 16.60 29.45
CA HIS B 142 -30.66 16.51 30.91
C HIS B 142 -29.36 15.94 31.48
N ASN B 143 -28.27 15.91 30.70
CA ASN B 143 -26.99 15.49 31.25
C ASN B 143 -26.35 16.77 31.77
N CYS B 144 -26.68 17.12 33.01
CA CYS B 144 -26.23 18.37 33.59
C CYS B 144 -26.66 18.47 35.05
N THR B 145 -26.32 19.56 35.70
CA THR B 145 -26.92 19.72 37.02
C THR B 145 -28.18 20.55 36.91
N PRO B 146 -29.22 20.23 37.69
CA PRO B 146 -30.50 20.91 37.54
C PRO B 146 -30.36 22.40 37.32
N GLU B 147 -29.42 23.02 38.02
CA GLU B 147 -29.23 24.45 37.88
C GLU B 147 -28.74 24.82 36.49
N PHE B 148 -27.83 24.01 35.94
CA PHE B 148 -27.33 24.28 34.59
C PHE B 148 -28.48 24.37 33.60
N GLN B 149 -29.42 23.45 33.71
CA GLN B 149 -30.56 23.43 32.81
C GLN B 149 -31.51 24.58 33.07
N ALA B 150 -31.78 24.89 34.34
CA ALA B 150 -32.61 26.05 34.63
C ALA B 150 -32.00 27.30 34.03
N ASN B 151 -30.68 27.40 34.08
CA ASN B 151 -29.99 28.54 33.51
C ASN B 151 -30.17 28.58 32.00
N GLU B 152 -29.94 27.46 31.33
CA GLU B 152 -30.11 27.43 29.88
C GLU B 152 -31.52 27.85 29.49
N VAL B 153 -32.54 27.30 30.15
CA VAL B 153 -33.93 27.66 29.85
C VAL B 153 -34.14 29.14 30.08
N ARG B 154 -33.66 29.72 31.20
CA ARG B 154 -33.79 31.16 31.41
C ARG B 154 -33.18 31.90 30.23
N LYS B 155 -31.98 31.51 29.84
CA LYS B 155 -31.32 32.17 28.73
C LYS B 155 -32.20 32.13 27.49
N VAL B 156 -32.88 31.02 27.21
CA VAL B 156 -33.64 30.82 25.98
C VAL B 156 -34.96 31.59 25.99
N LYS B 157 -35.67 31.64 27.13
CA LYS B 157 -36.92 32.43 27.20
C LYS B 157 -36.66 33.92 26.95
N LYS B 158 -35.57 34.49 27.46
CA LYS B 158 -35.29 35.93 27.46
C LYS B 158 -34.51 36.43 26.23
N PHE B 159 -34.86 36.00 25.02
CA PHE B 159 -33.99 36.18 23.84
C PHE B 159 -33.96 37.59 23.21
N GLU B 160 -35.11 38.21 22.97
CA GLU B 160 -35.26 39.59 22.45
C GLU B 160 -34.71 39.93 21.03
N GLN B 161 -34.01 39.05 20.30
CA GLN B 161 -33.81 39.18 18.83
C GLN B 161 -32.99 40.40 18.34
N GLY B 162 -32.19 41.01 19.21
CA GLY B 162 -31.23 42.05 18.84
C GLY B 162 -30.48 42.64 20.03
N PHE B 163 -31.15 42.74 21.18
CA PHE B 163 -30.50 43.02 22.46
C PHE B 163 -29.53 41.90 22.82
N ILE B 164 -28.46 42.19 23.57
CA ILE B 164 -27.51 41.16 24.01
C ILE B 164 -28.09 40.41 25.21
N THR B 165 -28.40 39.12 25.07
CA THR B 165 -28.88 38.32 26.19
C THR B 165 -27.76 38.16 27.21
N ASP B 166 -28.04 38.56 28.44
CA ASP B 166 -27.11 38.34 29.54
C ASP B 166 -25.82 39.12 29.30
N PRO B 167 -25.89 40.47 29.36
CA PRO B 167 -24.71 41.31 29.17
C PRO B 167 -23.75 41.20 30.35
N VAL B 168 -22.48 41.49 30.10
CA VAL B 168 -21.43 41.55 31.11
C VAL B 168 -21.23 43.01 31.49
N VAL B 169 -21.46 43.33 32.77
CA VAL B 169 -21.33 44.67 33.31
C VAL B 169 -20.23 44.65 34.36
N LEU B 170 -19.32 45.62 34.34
CA LEU B 170 -18.17 45.69 35.24
C LEU B 170 -18.28 46.87 36.20
N SER B 171 -17.63 46.73 37.35
CA SER B 171 -17.70 47.65 38.47
C SER B 171 -16.68 48.78 38.29
N PRO B 172 -16.98 50.05 38.57
CA PRO B 172 -15.96 51.11 38.72
C PRO B 172 -14.78 50.82 39.68
N SER B 173 -14.89 49.83 40.56
CA SER B 173 -13.80 49.33 41.42
C SER B 173 -12.83 48.33 40.75
N HIS B 174 -13.19 47.64 39.65
CA HIS B 174 -12.27 46.80 38.89
C HIS B 174 -11.19 47.67 38.22
N THR B 175 -9.97 47.16 38.11
CA THR B 175 -8.91 47.78 37.30
C THR B 175 -9.21 47.54 35.82
N VAL B 176 -8.76 48.42 34.92
CA VAL B 176 -8.86 48.14 33.48
C VAL B 176 -8.18 46.82 33.08
N GLY B 177 -7.13 46.38 33.77
CA GLY B 177 -6.53 45.06 33.54
C GLY B 177 -7.42 43.86 33.89
N ASP B 178 -8.46 44.07 34.70
CA ASP B 178 -9.46 43.06 35.09
C ASP B 178 -10.64 42.96 34.08
N VAL B 179 -10.57 43.79 33.03
CA VAL B 179 -11.54 43.94 31.93
C VAL B 179 -10.85 43.70 30.58
N LEU B 180 -9.62 44.17 30.43
CA LEU B 180 -8.79 43.96 29.26
C LEU B 180 -8.58 42.46 28.97
N GLU B 181 -8.52 41.62 30.01
CA GLU B 181 -8.33 40.20 29.76
C GLU B 181 -9.64 39.51 29.36
N ALA B 182 -10.78 40.04 29.81
CA ALA B 182 -12.07 39.47 29.43
C ALA B 182 -12.15 39.30 27.93
N LYS B 183 -11.59 40.25 27.15
CA LYS B 183 -11.41 40.07 25.71
C LYS B 183 -10.69 38.75 25.42
N MET B 184 -9.82 38.33 26.32
CA MET B 184 -9.17 37.02 26.21
C MET B 184 -10.03 35.89 26.78
N ARG B 185 -11.06 36.22 27.55
CA ARG B 185 -11.95 35.23 28.14
C ARG B 185 -13.24 35.03 27.36
N HIS B 186 -13.99 36.10 27.11
CA HIS B 186 -15.23 36.03 26.33
C HIS B 186 -15.07 36.48 24.89
N GLY B 187 -14.01 37.24 24.57
CA GLY B 187 -13.77 37.66 23.20
C GLY B 187 -14.28 39.05 22.89
N PHE B 188 -15.48 39.43 23.32
CA PHE B 188 -15.96 40.82 23.15
C PHE B 188 -15.19 41.77 24.09
N SER B 189 -15.22 43.09 23.87
CA SER B 189 -14.44 44.02 24.71
C SER B 189 -15.02 45.42 24.93
N GLY B 190 -16.22 45.73 24.47
CA GLY B 190 -16.95 46.91 24.91
C GLY B 190 -17.87 46.61 26.09
N ILE B 191 -17.46 46.93 27.31
CA ILE B 191 -18.16 46.58 28.54
C ILE B 191 -18.82 47.84 29.12
N PRO B 192 -20.14 47.86 29.37
CA PRO B 192 -20.76 48.90 30.19
C PRO B 192 -20.30 48.77 31.65
N ILE B 193 -19.97 49.89 32.29
CA ILE B 193 -19.57 49.90 33.71
C ILE B 193 -20.64 50.51 34.61
N THR B 194 -21.08 49.74 35.60
CA THR B 194 -22.01 50.22 36.63
C THR B 194 -21.65 49.48 37.92
N GLU B 195 -22.51 49.60 38.93
CA GLU B 195 -22.06 49.25 40.28
C GLU B 195 -21.67 47.79 40.41
N THR B 196 -22.62 46.86 40.37
CA THR B 196 -22.30 45.44 40.38
C THR B 196 -22.99 44.72 39.23
N GLY B 197 -24.29 44.93 39.12
CA GLY B 197 -25.11 44.26 38.11
C GLY B 197 -26.10 45.23 37.52
N THR B 198 -27.02 44.70 36.72
CA THR B 198 -27.91 45.46 35.82
C THR B 198 -29.00 46.20 36.59
N LEU B 203 -24.75 54.60 38.54
CA LEU B 203 -24.28 54.20 37.22
C LEU B 203 -23.36 55.26 36.59
N VAL B 204 -22.35 54.80 35.84
CA VAL B 204 -21.43 55.62 35.03
C VAL B 204 -21.33 55.04 33.61
N GLY B 205 -20.29 55.34 32.84
CA GLY B 205 -20.31 55.13 31.38
C GLY B 205 -20.01 53.72 30.88
N ILE B 206 -19.63 53.62 29.60
CA ILE B 206 -18.98 52.44 29.01
C ILE B 206 -17.45 52.49 29.17
N VAL B 207 -16.79 51.34 29.07
CA VAL B 207 -15.37 51.23 28.73
C VAL B 207 -15.19 50.28 27.55
N THR B 208 -14.32 50.60 26.60
CA THR B 208 -14.14 49.79 25.39
C THR B 208 -12.68 49.73 24.95
N SER B 209 -12.38 48.87 23.97
CA SER B 209 -11.01 48.65 23.51
C SER B 209 -10.27 49.95 23.20
N ARG B 210 -10.93 50.92 22.55
CA ARG B 210 -10.31 52.21 22.20
C ARG B 210 -9.93 53.06 23.42
N ASP B 211 -10.49 52.81 24.60
CA ASP B 211 -10.04 53.43 25.84
C ASP B 211 -8.77 52.79 26.39
N ILE B 212 -8.56 51.49 26.12
CA ILE B 212 -7.54 50.67 26.79
C ILE B 212 -6.31 50.38 25.91
N ASP B 213 -6.45 50.47 24.59
CA ASP B 213 -5.41 50.12 23.63
C ASP B 213 -4.13 50.98 23.67
N PHE B 214 -4.13 52.10 24.40
CA PHE B 214 -2.90 52.80 24.84
C PHE B 214 -2.84 52.86 26.38
N LEU B 215 -1.77 52.30 26.97
CA LEU B 215 -1.49 52.30 28.42
C LEU B 215 0.01 52.18 28.72
N LEU B 223 -4.44 47.69 34.57
CA LEU B 223 -3.22 48.32 35.07
C LEU B 223 -3.44 49.80 35.41
N LEU B 224 -4.04 50.54 34.48
CA LEU B 224 -4.18 52.00 34.50
C LEU B 224 -5.39 52.47 35.35
N SER B 225 -5.57 51.90 36.53
CA SER B 225 -6.68 52.19 37.44
C SER B 225 -8.06 52.00 36.77
N GLU B 226 -8.97 52.97 36.82
CA GLU B 226 -10.29 52.95 36.17
C GLU B 226 -10.78 54.38 35.84
N VAL B 227 -12.03 54.73 36.16
CA VAL B 227 -12.73 55.97 35.82
C VAL B 227 -12.69 56.37 34.33
N MET B 228 -12.68 55.39 33.41
CA MET B 228 -12.95 55.62 31.97
C MET B 228 -14.43 55.89 31.72
N THR B 229 -14.71 57.01 31.03
CA THR B 229 -16.04 57.56 30.69
C THR B 229 -16.97 57.84 31.89
N PRO B 230 -17.29 59.11 32.20
CA PRO B 230 -18.38 59.43 33.13
C PRO B 230 -19.73 59.09 32.47
N ARG B 231 -20.85 59.33 33.17
CA ARG B 231 -22.17 59.33 32.49
C ARG B 231 -22.26 60.51 31.52
N ILE B 232 -21.98 60.24 30.25
CA ILE B 232 -21.99 61.21 29.14
C ILE B 232 -22.36 60.54 27.81
N GLU B 233 -22.88 59.32 27.82
CA GLU B 233 -23.25 58.55 26.63
C GLU B 233 -24.25 59.27 25.73
N LEU B 234 -24.13 59.06 24.43
CA LEU B 234 -24.92 59.74 23.42
C LEU B 234 -26.15 58.90 23.06
N VAL B 235 -27.32 59.52 23.22
CA VAL B 235 -28.64 59.01 22.79
C VAL B 235 -28.91 57.55 23.21
N VAL B 236 -28.64 57.26 24.50
CA VAL B 236 -29.08 56.00 25.13
C VAL B 236 -30.59 55.85 25.06
N ALA B 237 -31.10 54.62 24.96
CA ALA B 237 -32.54 54.40 24.87
C ALA B 237 -33.18 54.60 26.27
N PRO B 238 -34.12 55.54 26.48
CA PRO B 238 -34.57 55.93 27.83
C PRO B 238 -35.40 54.88 28.59
N ALA B 239 -35.96 53.92 27.86
CA ALA B 239 -36.84 52.87 28.33
C ALA B 239 -36.76 51.68 27.35
N GLY B 240 -37.68 50.72 27.45
CA GLY B 240 -37.84 49.71 26.39
C GLY B 240 -38.16 50.38 25.04
N VAL B 241 -37.40 50.05 23.99
CA VAL B 241 -37.53 50.63 22.63
C VAL B 241 -37.55 49.55 21.52
N THR B 242 -38.00 49.92 20.33
CA THR B 242 -38.07 49.01 19.17
C THR B 242 -36.72 48.84 18.47
N LEU B 243 -36.52 47.72 17.78
CA LEU B 243 -35.33 47.50 16.95
C LEU B 243 -35.21 48.51 15.81
N LYS B 244 -36.31 49.01 15.22
CA LYS B 244 -36.22 50.04 14.18
C LYS B 244 -35.74 51.41 14.71
N GLU B 245 -36.06 51.73 15.96
CA GLU B 245 -35.63 52.95 16.63
C GLU B 245 -34.16 52.82 17.03
N ALA B 246 -33.75 51.67 17.56
CA ALA B 246 -32.33 51.39 17.77
C ALA B 246 -31.55 51.49 16.45
N ASN B 247 -32.04 50.92 15.35
CA ASN B 247 -31.40 51.03 14.05
C ASN B 247 -31.19 52.49 13.63
N GLU B 248 -32.19 53.35 13.80
CA GLU B 248 -32.10 54.77 13.45
C GLU B 248 -31.20 55.57 14.42
N ILE B 249 -31.24 55.26 15.72
CA ILE B 249 -30.36 55.83 16.74
C ILE B 249 -28.89 55.47 16.47
N LEU B 250 -28.57 54.21 16.20
CA LEU B 250 -27.20 53.82 15.85
C LEU B 250 -26.74 54.52 14.57
N GLN B 251 -27.62 54.75 13.60
CA GLN B 251 -27.26 55.45 12.35
C GLN B 251 -26.85 56.91 12.62
N ARG B 252 -27.61 57.66 13.44
CA ARG B 252 -27.23 59.03 13.83
C ARG B 252 -26.03 59.07 14.77
N SER B 253 -26.03 58.25 15.81
CA SER B 253 -25.06 58.27 16.90
C SER B 253 -23.65 57.86 16.48
N LYS B 254 -23.53 57.00 15.45
CA LYS B 254 -22.28 56.42 14.92
C LYS B 254 -21.44 55.65 15.94
N LYS B 255 -21.84 55.50 17.20
CA LYS B 255 -21.15 54.69 18.24
C LYS B 255 -21.45 53.19 18.08
N GLY B 256 -20.71 52.34 18.79
CA GLY B 256 -20.78 50.88 18.68
C GLY B 256 -21.74 50.20 19.64
N LYS B 257 -22.02 50.80 20.80
CA LYS B 257 -23.00 50.29 21.78
C LYS B 257 -24.11 51.30 21.99
N LEU B 258 -25.31 50.78 22.21
CA LEU B 258 -26.47 51.56 22.62
C LEU B 258 -26.98 50.97 23.94
N PRO B 259 -26.63 51.57 25.09
CA PRO B 259 -27.24 51.24 26.36
C PRO B 259 -28.75 51.43 26.32
N ILE B 260 -29.49 50.48 26.87
CA ILE B 260 -30.93 50.60 27.10
C ILE B 260 -31.08 50.81 28.60
N VAL B 261 -31.59 51.97 28.99
CA VAL B 261 -31.84 52.31 30.39
C VAL B 261 -33.34 52.33 30.67
N ASN B 262 -33.73 52.76 31.87
CA ASN B 262 -35.12 52.91 32.28
C ASN B 262 -35.38 54.32 32.86
N ASP B 263 -36.64 54.59 33.19
CA ASP B 263 -37.10 55.79 33.86
C ASP B 263 -36.35 56.01 35.17
N CYS B 264 -36.02 54.93 35.88
CA CYS B 264 -35.15 55.05 37.05
C CYS B 264 -33.72 55.40 36.66
N ASP B 265 -33.24 55.46 35.48
CA ASP B 265 -31.96 55.86 34.95
C ASP B 265 -30.91 54.80 35.24
N GLU B 266 -31.23 53.53 35.03
CA GLU B 266 -30.25 52.46 35.12
C GLU B 266 -30.41 51.52 33.93
N LEU B 267 -29.32 50.84 33.58
CA LEU B 267 -29.27 49.86 32.50
C LEU B 267 -30.31 48.74 32.75
N VAL B 268 -30.99 48.33 31.69
CA VAL B 268 -31.90 47.16 31.67
C VAL B 268 -31.49 46.15 30.60
N ALA B 269 -30.89 46.62 29.50
CA ALA B 269 -30.38 45.83 28.39
C ALA B 269 -29.32 46.65 27.62
N ILE B 270 -28.64 46.06 26.64
CA ILE B 270 -27.70 46.78 25.78
C ILE B 270 -27.73 46.20 24.36
N ILE B 271 -27.43 47.03 23.37
CA ILE B 271 -27.36 46.64 21.96
C ILE B 271 -25.93 46.81 21.47
N ALA B 272 -25.45 45.92 20.62
CA ALA B 272 -24.19 46.06 19.91
C ALA B 272 -24.43 46.23 18.42
N ARG B 273 -23.74 47.19 17.80
CA ARG B 273 -23.95 47.58 16.40
C ARG B 273 -23.80 46.41 15.45
N THR B 274 -22.82 45.53 15.68
CA THR B 274 -22.54 44.35 14.86
C THR B 274 -23.74 43.41 14.71
N ASP B 275 -24.62 43.32 15.70
CA ASP B 275 -25.85 42.52 15.61
C ASP B 275 -26.95 43.21 14.81
N LEU B 276 -27.12 44.52 14.94
CA LEU B 276 -28.06 45.29 14.11
C LEU B 276 -27.66 45.30 12.63
N LYS B 277 -26.38 45.12 12.30
CA LYS B 277 -25.93 44.94 10.91
C LYS B 277 -26.48 43.66 10.26
N LYS B 278 -26.91 42.66 11.05
CA LYS B 278 -27.18 41.30 10.55
C LYS B 278 -28.50 40.66 10.98
N ASN B 279 -29.15 41.10 12.06
CA ASN B 279 -30.32 40.40 12.59
C ASN B 279 -31.46 40.33 11.55
N ARG B 280 -31.83 39.10 11.17
CA ARG B 280 -32.72 38.80 10.04
C ARG B 280 -34.19 38.90 10.41
N ASP B 281 -35.06 38.94 9.41
CA ASP B 281 -36.49 38.64 9.60
C ASP B 281 -36.67 37.14 9.93
N TYR B 282 -37.53 36.86 10.92
CA TYR B 282 -37.92 35.52 11.33
C TYR B 282 -39.44 35.46 11.44
N PRO B 283 -40.18 35.29 10.33
CA PRO B 283 -41.65 35.28 10.33
C PRO B 283 -42.23 34.02 10.97
N LEU B 284 -41.49 32.91 10.92
CA LEU B 284 -41.81 31.63 11.56
C LEU B 284 -41.43 31.69 13.04
N ALA B 285 -42.22 32.39 13.85
CA ALA B 285 -41.77 32.92 15.13
C ALA B 285 -41.52 31.89 16.24
N SER B 286 -42.41 30.90 16.42
CA SER B 286 -42.40 29.98 17.57
C SER B 286 -42.39 30.69 18.94
N LYS B 287 -43.23 31.72 19.09
CA LYS B 287 -43.35 32.53 20.31
C LYS B 287 -44.58 32.15 21.11
N ASP B 288 -44.47 32.15 22.43
CA ASP B 288 -45.57 31.91 23.38
C ASP B 288 -46.56 33.09 23.46
N SER B 289 -47.57 32.99 24.33
CA SER B 289 -48.57 34.04 24.54
C SER B 289 -47.99 35.37 25.10
N GLN B 290 -46.79 35.35 25.66
CA GLN B 290 -46.03 36.52 26.12
C GLN B 290 -45.04 37.04 25.06
N LYS B 291 -45.15 36.56 23.82
CA LYS B 291 -44.34 36.96 22.66
C LYS B 291 -42.84 36.74 22.84
N GLN B 292 -42.45 35.64 23.48
CA GLN B 292 -41.04 35.23 23.59
C GLN B 292 -40.88 33.72 23.33
N LEU B 293 -39.66 33.28 23.01
CA LEU B 293 -39.46 31.97 22.36
C LEU B 293 -39.99 30.80 23.18
N LEU B 294 -40.65 29.85 22.52
CA LEU B 294 -40.94 28.53 23.08
C LEU B 294 -39.64 27.73 23.24
N CYS B 295 -39.50 26.99 24.33
CA CYS B 295 -38.46 25.97 24.46
C CYS B 295 -38.88 24.84 25.39
N GLY B 296 -38.26 23.68 25.21
CA GLY B 296 -38.56 22.50 25.99
C GLY B 296 -37.38 22.00 26.80
N ALA B 297 -37.64 21.03 27.66
CA ALA B 297 -36.63 20.39 28.48
C ALA B 297 -36.83 18.89 28.58
N ALA B 298 -35.76 18.11 28.47
CA ALA B 298 -35.78 16.75 28.95
C ALA B 298 -35.66 16.73 30.47
N VAL B 299 -36.34 15.78 31.11
CA VAL B 299 -36.15 15.42 32.52
C VAL B 299 -36.11 13.91 32.63
N GLY B 300 -35.34 13.37 33.55
CA GLY B 300 -35.42 11.96 33.89
C GLY B 300 -36.73 11.61 34.60
N THR B 301 -36.93 10.34 34.91
CA THR B 301 -38.10 9.86 35.66
C THR B 301 -37.77 9.42 37.09
N ARG B 302 -36.54 9.68 37.58
CA ARG B 302 -36.08 9.24 38.90
C ARG B 302 -36.82 9.96 40.01
N GLU B 303 -36.78 9.43 41.22
CA GLU B 303 -37.35 10.11 42.40
C GLU B 303 -36.68 11.47 42.65
N ASP B 304 -35.41 11.61 42.23
CA ASP B 304 -34.62 12.81 42.44
C ASP B 304 -34.93 13.88 41.48
N ASP B 305 -35.93 13.74 40.60
CA ASP B 305 -36.17 14.64 39.46
C ASP B 305 -37.36 15.58 39.67
N LYS B 306 -38.14 15.39 40.74
CA LYS B 306 -39.14 16.38 41.18
C LYS B 306 -38.52 17.75 41.44
N TYR B 307 -37.26 17.78 41.88
CA TYR B 307 -36.51 19.00 42.09
C TYR B 307 -36.13 19.65 40.77
N ARG B 308 -35.51 18.89 39.87
CA ARG B 308 -35.14 19.45 38.59
C ARG B 308 -36.36 20.00 37.88
N LEU B 309 -37.49 19.30 37.95
CA LEU B 309 -38.71 19.77 37.34
C LEU B 309 -39.19 21.07 37.98
N ASP B 310 -39.01 21.25 39.30
CA ASP B 310 -39.25 22.57 39.88
C ASP B 310 -38.38 23.62 39.23
N LEU B 311 -37.06 23.45 39.33
CA LEU B 311 -36.15 24.46 38.80
C LEU B 311 -36.53 24.85 37.38
N LEU B 312 -36.89 23.92 36.50
CA LEU B 312 -37.21 24.30 35.12
C LEU B 312 -38.55 25.00 34.99
N THR B 313 -39.54 24.58 35.76
CA THR B 313 -40.82 25.27 35.76
C THR B 313 -40.71 26.67 36.38
N GLN B 314 -39.63 27.00 37.11
CA GLN B 314 -39.51 28.36 37.61
C GLN B 314 -38.93 29.31 36.59
N ALA B 315 -38.19 28.79 35.60
CA ALA B 315 -37.76 29.63 34.48
C ALA B 315 -38.86 29.85 33.47
N GLY B 316 -39.97 29.12 33.58
CA GLY B 316 -41.06 29.24 32.63
C GLY B 316 -41.00 28.25 31.50
N VAL B 317 -40.26 27.14 31.58
CA VAL B 317 -40.16 26.17 30.47
C VAL B 317 -41.54 25.73 29.94
N ASP B 318 -41.72 25.68 28.63
CA ASP B 318 -43.06 25.53 28.02
C ASP B 318 -43.53 24.08 27.96
N VAL B 319 -42.60 23.14 27.78
CA VAL B 319 -42.91 21.73 27.54
C VAL B 319 -41.80 20.83 28.04
N ILE B 320 -42.17 19.66 28.54
CA ILE B 320 -41.27 18.67 29.12
C ILE B 320 -41.31 17.41 28.29
N VAL B 321 -40.17 16.79 28.04
CA VAL B 321 -40.11 15.44 27.48
C VAL B 321 -39.53 14.48 28.50
N LEU B 322 -40.29 13.44 28.84
CA LEU B 322 -39.87 12.47 29.85
C LEU B 322 -38.95 11.44 29.22
N ASP B 323 -37.65 11.71 29.22
CA ASP B 323 -36.68 10.82 28.60
C ASP B 323 -36.63 9.48 29.34
N SER B 324 -36.78 8.36 28.60
CA SER B 324 -36.80 6.99 29.12
C SER B 324 -36.67 6.02 27.95
N SER B 325 -35.85 4.97 28.07
CA SER B 325 -35.61 4.02 26.97
C SER B 325 -36.86 3.21 26.61
N GLN B 326 -37.57 2.71 27.63
CA GLN B 326 -38.82 1.97 27.49
C GLN B 326 -39.89 2.79 28.23
N GLY B 327 -40.79 3.42 27.49
CA GLY B 327 -41.59 4.52 28.00
C GLY B 327 -42.73 4.12 28.93
N ASN B 328 -43.10 2.85 29.04
CA ASN B 328 -44.31 2.42 29.72
C ASN B 328 -44.00 1.73 31.04
N SER B 329 -43.79 2.50 32.11
CA SER B 329 -43.41 1.97 33.41
C SER B 329 -44.21 2.59 34.53
N VAL B 330 -44.33 1.90 35.66
CA VAL B 330 -45.09 2.39 36.81
C VAL B 330 -44.59 3.75 37.28
N TYR B 331 -43.28 3.97 37.31
CA TYR B 331 -42.74 5.24 37.79
C TYR B 331 -42.68 6.35 36.73
N GLN B 332 -42.77 6.05 35.43
CA GLN B 332 -43.16 7.05 34.43
C GLN B 332 -44.59 7.53 34.65
N ILE B 333 -45.54 6.65 34.87
CA ILE B 333 -46.94 7.02 35.09
C ILE B 333 -47.09 7.81 36.41
N ALA B 334 -46.37 7.43 37.47
CA ALA B 334 -46.28 8.23 38.68
C ALA B 334 -45.69 9.63 38.41
N MET B 335 -44.62 9.75 37.62
CA MET B 335 -44.07 11.05 37.21
C MET B 335 -45.10 11.87 36.42
N VAL B 336 -45.79 11.31 35.44
CA VAL B 336 -46.84 12.03 34.68
C VAL B 336 -47.95 12.50 35.62
N HIS B 337 -48.40 11.67 36.56
CA HIS B 337 -49.39 12.09 37.55
C HIS B 337 -48.88 13.23 38.43
N TYR B 338 -47.63 13.18 38.87
CA TYR B 338 -47.03 14.26 39.65
C TYR B 338 -47.01 15.59 38.89
N ILE B 339 -46.60 15.61 37.63
CA ILE B 339 -46.63 16.86 36.85
C ILE B 339 -48.06 17.37 36.72
N LYS B 340 -49.00 16.54 36.23
CA LYS B 340 -50.38 16.99 36.00
C LYS B 340 -51.10 17.39 37.28
N GLN B 341 -50.71 16.84 38.43
CA GLN B 341 -51.21 17.26 39.74
C GLN B 341 -50.64 18.60 40.18
N LYS B 342 -49.34 18.83 40.05
CA LYS B 342 -48.67 19.98 40.65
C LYS B 342 -48.57 21.20 39.73
N TYR B 343 -48.32 21.02 38.43
CA TYR B 343 -48.16 22.11 37.47
C TYR B 343 -49.14 21.91 36.33
N PRO B 344 -50.40 22.29 36.50
CA PRO B 344 -51.42 21.94 35.50
C PRO B 344 -51.27 22.71 34.20
N HIS B 345 -50.28 23.58 34.05
CA HIS B 345 -50.08 24.34 32.83
C HIS B 345 -49.06 23.70 31.91
N LEU B 346 -48.12 22.93 32.46
CA LEU B 346 -46.97 22.41 31.77
C LEU B 346 -47.35 21.29 30.80
N GLN B 347 -46.98 21.40 29.53
CA GLN B 347 -47.19 20.33 28.55
C GLN B 347 -46.17 19.20 28.75
N VAL B 348 -46.61 17.93 28.70
CA VAL B 348 -45.78 16.74 28.98
C VAL B 348 -45.79 15.77 27.81
N ILE B 349 -44.64 15.40 27.28
CA ILE B 349 -44.50 14.45 26.17
C ILE B 349 -44.05 13.12 26.74
N GLY B 350 -44.79 12.05 26.49
CA GLY B 350 -44.46 10.72 26.99
C GLY B 350 -43.18 10.16 26.39
N GLY B 351 -42.43 9.39 27.18
CA GLY B 351 -41.17 8.80 26.76
C GLY B 351 -41.32 7.73 25.69
N ASN B 352 -40.21 7.22 25.18
CA ASN B 352 -40.16 6.40 23.98
C ASN B 352 -41.09 5.18 24.02
N VAL B 353 -42.02 5.07 23.07
CA VAL B 353 -42.92 3.92 22.92
C VAL B 353 -42.99 3.48 21.47
N VAL B 354 -43.39 2.23 21.22
CA VAL B 354 -43.51 1.70 19.86
C VAL B 354 -44.73 0.81 19.65
N THR B 355 -45.64 0.70 20.61
CA THR B 355 -46.86 -0.09 20.49
C THR B 355 -48.09 0.69 20.89
N ALA B 356 -49.25 0.30 20.38
CA ALA B 356 -50.51 0.86 20.82
C ALA B 356 -50.81 0.55 22.31
N ALA B 357 -50.33 -0.57 22.85
CA ALA B 357 -50.51 -0.91 24.26
C ALA B 357 -49.73 0.02 25.20
N GLN B 358 -48.51 0.42 24.83
CA GLN B 358 -47.77 1.43 25.57
C GLN B 358 -48.45 2.81 25.45
N ALA B 359 -48.70 3.26 24.22
CA ALA B 359 -49.39 4.51 23.91
C ALA B 359 -50.66 4.61 24.72
N LYS B 360 -51.46 3.55 24.89
CA LYS B 360 -52.68 3.57 25.73
C LYS B 360 -52.39 3.96 27.16
N ASN B 361 -51.44 3.28 27.79
CA ASN B 361 -51.13 3.48 29.20
C ASN B 361 -50.60 4.88 29.48
N LEU B 362 -49.75 5.44 28.61
CA LEU B 362 -49.31 6.81 28.78
C LEU B 362 -50.40 7.81 28.44
N ILE B 363 -51.19 7.60 27.40
CA ILE B 363 -52.28 8.54 27.13
C ILE B 363 -53.23 8.59 28.30
N ASP B 364 -53.77 7.45 28.74
CA ASP B 364 -54.74 7.47 29.84
C ASP B 364 -54.13 7.86 31.21
N ALA B 365 -52.80 7.78 31.38
CA ALA B 365 -52.10 8.42 32.50
C ALA B 365 -52.09 9.95 32.42
N GLY B 366 -52.19 10.51 31.22
CA GLY B 366 -52.44 11.94 30.99
C GLY B 366 -51.40 12.70 30.18
N VAL B 367 -50.50 12.05 29.43
CA VAL B 367 -49.53 12.76 28.57
C VAL B 367 -50.20 13.51 27.43
N ASP B 368 -49.49 14.49 26.85
CA ASP B 368 -49.98 15.30 25.74
C ASP B 368 -49.17 15.12 24.47
N GLY B 369 -48.35 14.08 24.41
CA GLY B 369 -47.55 13.85 23.23
C GLY B 369 -46.92 12.48 23.37
N LEU B 370 -46.02 12.17 22.45
CA LEU B 370 -45.37 10.87 22.52
C LEU B 370 -44.17 10.84 21.61
N ARG B 371 -42.98 10.49 22.12
CA ARG B 371 -41.85 10.16 21.27
C ARG B 371 -42.04 8.76 20.75
N VAL B 372 -42.34 8.61 19.48
CA VAL B 372 -42.60 7.29 18.90
C VAL B 372 -41.28 6.82 18.29
N GLY B 373 -40.48 6.15 19.08
CA GLY B 373 -39.24 5.63 18.54
C GLY B 373 -38.44 4.85 19.54
N MET B 374 -37.99 3.65 19.19
CA MET B 374 -37.14 2.80 20.04
C MET B 374 -36.36 1.84 19.16
N GLY B 375 -35.15 1.47 19.55
CA GLY B 375 -34.35 0.50 18.79
C GLY B 375 -33.88 1.01 17.43
N CYS B 376 -33.52 2.29 17.36
CA CYS B 376 -33.25 3.07 16.15
C CYS B 376 -32.24 2.39 15.20
N VAL B 385 -29.22 -6.37 19.02
CA VAL B 385 -28.20 -6.02 20.03
C VAL B 385 -28.81 -5.74 21.41
N MET B 386 -30.13 -5.60 21.49
CA MET B 386 -30.88 -5.19 22.69
C MET B 386 -32.14 -6.03 22.97
N ALA B 387 -32.66 -6.73 21.95
CA ALA B 387 -33.69 -7.77 21.99
C ALA B 387 -35.10 -7.21 22.09
N CYS B 388 -35.29 -5.90 22.07
CA CYS B 388 -36.62 -5.31 22.00
C CYS B 388 -36.58 -4.14 21.04
N GLY B 389 -37.74 -3.61 20.73
CA GLY B 389 -37.81 -2.51 19.81
C GLY B 389 -38.84 -2.78 18.75
N ARG B 390 -38.80 -2.06 17.64
CA ARG B 390 -39.73 -2.23 16.53
C ARG B 390 -39.20 -1.47 15.32
N PRO B 391 -39.33 -2.00 14.10
CA PRO B 391 -38.86 -1.25 12.94
C PRO B 391 -39.59 0.07 12.79
N GLN B 392 -38.84 1.15 12.60
CA GLN B 392 -39.35 2.50 12.85
C GLN B 392 -40.59 2.83 12.04
N GLY B 393 -40.66 2.48 10.75
CA GLY B 393 -41.81 2.86 9.93
C GLY B 393 -43.12 2.31 10.48
N THR B 394 -43.09 1.05 10.92
CA THR B 394 -44.27 0.39 11.49
C THR B 394 -44.65 0.98 12.84
N ALA B 395 -43.67 1.35 13.66
CA ALA B 395 -43.92 1.98 14.96
C ALA B 395 -44.61 3.31 14.77
N VAL B 396 -44.10 4.15 13.88
CA VAL B 396 -44.71 5.45 13.67
C VAL B 396 -46.14 5.27 13.19
N TYR B 397 -46.39 4.43 12.19
CA TYR B 397 -47.76 4.27 11.70
C TYR B 397 -48.69 3.73 12.79
N LYS B 398 -48.32 2.68 13.51
CA LYS B 398 -49.17 2.09 14.54
C LYS B 398 -49.44 3.04 15.70
N VAL B 399 -48.44 3.75 16.22
CA VAL B 399 -48.68 4.62 17.34
C VAL B 399 -49.45 5.85 16.91
N ALA B 400 -49.16 6.39 15.72
CA ALA B 400 -49.86 7.57 15.23
C ALA B 400 -51.33 7.26 15.01
N GLU B 401 -51.64 6.13 14.39
CA GLU B 401 -53.02 5.72 14.16
C GLU B 401 -53.75 5.45 15.46
N TYR B 402 -53.09 4.94 16.50
CA TYR B 402 -53.72 4.75 17.80
C TYR B 402 -53.96 6.08 18.52
N ALA B 403 -52.90 6.85 18.79
CA ALA B 403 -53.01 8.13 19.45
C ALA B 403 -54.04 9.02 18.79
N ARG B 404 -54.06 9.11 17.45
CA ARG B 404 -55.03 9.88 16.65
C ARG B 404 -56.44 9.78 17.18
N ARG B 405 -56.85 8.65 17.75
CA ARG B 405 -58.19 8.45 18.31
C ARG B 405 -58.53 9.47 19.39
N PHE B 406 -57.55 10.01 20.14
CA PHE B 406 -57.82 10.98 21.17
C PHE B 406 -57.32 12.38 20.83
N GLY B 407 -56.45 12.51 19.85
CA GLY B 407 -55.92 13.79 19.46
C GLY B 407 -54.53 14.08 19.97
N VAL B 408 -53.76 13.06 20.31
CA VAL B 408 -52.49 13.27 20.98
C VAL B 408 -51.35 13.12 19.99
N PRO B 409 -50.96 14.16 19.28
CA PRO B 409 -49.94 14.01 18.24
C PRO B 409 -48.68 13.39 18.78
N ILE B 410 -47.93 12.76 17.89
CA ILE B 410 -46.72 12.04 18.26
C ILE B 410 -45.52 12.68 17.59
N ILE B 411 -44.31 12.29 17.95
CA ILE B 411 -43.04 12.85 17.51
C ILE B 411 -42.18 11.69 17.00
N ALA B 412 -41.84 11.64 15.71
CA ALA B 412 -41.18 10.48 15.12
C ALA B 412 -39.67 10.59 15.27
N ASP B 413 -39.18 10.16 16.43
CA ASP B 413 -37.77 10.20 16.74
C ASP B 413 -37.09 8.87 16.44
N GLY B 414 -36.03 8.91 15.64
CA GLY B 414 -35.17 7.75 15.50
C GLY B 414 -34.90 7.32 14.08
N GLY B 415 -33.62 7.29 13.70
CA GLY B 415 -33.17 6.76 12.41
C GLY B 415 -33.65 7.53 11.18
N ILE B 416 -33.84 8.85 11.29
CA ILE B 416 -34.16 9.71 10.14
C ILE B 416 -32.87 10.38 9.68
N GLN B 417 -32.50 10.16 8.42
CA GLN B 417 -31.18 10.56 7.89
C GLN B 417 -31.20 11.09 6.44
N THR B 418 -32.38 11.36 5.89
CA THR B 418 -32.60 12.05 4.61
C THR B 418 -33.87 12.91 4.70
N VAL B 419 -34.13 13.78 3.72
CA VAL B 419 -35.39 14.49 3.66
C VAL B 419 -36.50 13.61 3.11
N GLY B 420 -36.15 12.56 2.38
CA GLY B 420 -37.15 11.58 2.02
C GLY B 420 -37.74 10.90 3.24
N HIS B 421 -36.90 10.45 4.17
CA HIS B 421 -37.34 9.82 5.41
C HIS B 421 -38.19 10.78 6.21
N VAL B 422 -37.91 12.07 6.13
CA VAL B 422 -38.74 13.05 6.83
C VAL B 422 -40.11 13.12 6.17
N VAL B 423 -40.15 13.24 4.85
CA VAL B 423 -41.44 13.32 4.19
C VAL B 423 -42.25 12.07 4.48
N LYS B 424 -41.61 10.89 4.54
CA LYS B 424 -42.28 9.61 4.82
C LYS B 424 -42.80 9.53 6.24
N ALA B 425 -41.98 9.82 7.24
CA ALA B 425 -42.43 9.88 8.62
C ALA B 425 -43.60 10.84 8.76
N LEU B 426 -43.66 11.88 7.94
CA LEU B 426 -44.81 12.77 8.05
C LEU B 426 -46.02 12.25 7.30
N ALA B 427 -45.85 11.46 6.24
CA ALA B 427 -46.97 10.82 5.55
C ALA B 427 -47.58 9.70 6.39
N LEU B 428 -46.78 8.90 7.11
CA LEU B 428 -47.25 7.82 7.97
C LEU B 428 -48.06 8.28 9.19
N GLY B 429 -47.97 9.54 9.58
CA GLY B 429 -48.78 10.09 10.67
C GLY B 429 -48.01 10.77 11.78
N ALA B 430 -46.67 10.78 11.77
CA ALA B 430 -45.93 11.61 12.70
C ALA B 430 -46.33 13.06 12.51
N SER B 431 -46.50 13.77 13.61
CA SER B 431 -46.80 15.19 13.55
C SER B 431 -45.54 16.03 13.46
N THR B 432 -44.45 15.57 14.04
CA THR B 432 -43.18 16.30 13.98
C THR B 432 -42.05 15.30 13.99
N VAL B 433 -40.93 15.66 13.38
CA VAL B 433 -39.78 14.78 13.30
C VAL B 433 -38.66 15.37 14.12
N MET B 434 -38.04 14.59 15.00
CA MET B 434 -36.98 15.05 15.87
C MET B 434 -35.62 14.70 15.24
N MET B 435 -34.95 15.71 14.70
CA MET B 435 -33.62 15.60 14.12
C MET B 435 -32.58 15.21 15.19
N GLY B 436 -31.90 14.10 14.95
CA GLY B 436 -30.87 13.55 15.83
C GLY B 436 -29.49 14.12 15.52
N SER B 437 -28.49 13.24 15.54
CA SER B 437 -27.08 13.56 15.24
C SER B 437 -26.86 14.16 13.85
N LEU B 438 -27.86 14.15 12.97
CA LEU B 438 -27.91 14.92 11.73
C LEU B 438 -27.50 16.39 11.92
N LEU B 439 -27.83 16.99 13.07
CA LEU B 439 -27.47 18.35 13.42
C LEU B 439 -26.16 18.48 14.22
N ALA B 440 -25.65 17.40 14.81
CA ALA B 440 -24.37 17.45 15.50
C ALA B 440 -23.24 17.83 14.50
N ALA B 441 -22.19 18.47 15.00
CA ALA B 441 -21.12 19.07 14.19
C ALA B 441 -21.56 20.18 13.18
N THR B 442 -22.80 20.67 13.23
CA THR B 442 -23.08 22.05 12.77
C THR B 442 -22.42 23.05 13.74
N THR B 443 -22.20 24.30 13.33
CA THR B 443 -21.46 25.26 14.18
C THR B 443 -22.19 25.63 15.47
N GLU B 444 -23.52 25.51 15.53
CA GLU B 444 -24.32 25.64 16.76
C GLU B 444 -24.32 24.38 17.64
N ALA B 445 -23.81 23.24 17.19
CA ALA B 445 -23.69 22.05 18.04
C ALA B 445 -22.66 22.26 19.17
N PRO B 446 -22.93 21.83 20.42
CA PRO B 446 -22.03 22.04 21.55
C PRO B 446 -20.64 21.43 21.35
N GLY B 500 -23.67 24.43 7.04
CA GLY B 500 -22.88 24.24 8.25
C GLY B 500 -23.42 24.91 9.51
N SER B 501 -24.51 25.68 9.37
CA SER B 501 -25.20 26.38 10.45
C SER B 501 -26.71 26.13 10.40
N ILE B 502 -27.34 25.91 11.56
CA ILE B 502 -28.76 25.59 11.68
C ILE B 502 -29.63 26.65 11.03
N GLN B 503 -29.31 27.94 11.19
CA GLN B 503 -30.10 29.03 10.61
C GLN B 503 -30.10 28.99 9.08
N LYS B 504 -29.00 28.55 8.47
CA LYS B 504 -28.81 28.43 7.01
C LYS B 504 -29.32 27.09 6.47
N PHE B 505 -29.31 26.06 7.32
CA PHE B 505 -29.59 24.66 6.99
C PHE B 505 -31.07 24.28 7.10
N VAL B 506 -31.80 24.72 8.12
CA VAL B 506 -33.23 24.42 8.22
C VAL B 506 -34.03 24.81 6.97
N PRO B 507 -33.76 25.94 6.25
CA PRO B 507 -34.49 26.26 5.03
C PRO B 507 -34.31 25.22 3.95
N TYR B 508 -33.17 24.54 3.93
CA TYR B 508 -33.01 23.46 2.96
C TYR B 508 -34.03 22.36 3.20
N LEU B 509 -34.10 21.87 4.44
CA LEU B 509 -35.07 20.85 4.80
C LEU B 509 -36.47 21.34 4.51
N ILE B 510 -36.82 22.55 4.89
CA ILE B 510 -38.14 23.10 4.60
C ILE B 510 -38.41 23.02 3.11
N ALA B 511 -37.56 23.54 2.23
CA ALA B 511 -37.81 23.48 0.80
C ALA B 511 -37.93 22.03 0.33
N GLY B 512 -37.16 21.11 0.92
CA GLY B 512 -37.25 19.72 0.52
C GLY B 512 -38.58 19.08 0.87
N ILE B 513 -39.03 19.29 2.11
CA ILE B 513 -40.35 18.83 2.50
C ILE B 513 -41.42 19.43 1.60
N GLN B 514 -41.29 20.72 1.28
CA GLN B 514 -42.32 21.34 0.47
C GLN B 514 -42.35 20.75 -0.93
N HIS B 515 -41.18 20.51 -1.52
CA HIS B 515 -41.15 19.86 -2.82
C HIS B 515 -41.76 18.48 -2.76
N GLY B 516 -41.49 17.73 -1.69
CA GLY B 516 -42.07 16.42 -1.56
C GLY B 516 -43.58 16.47 -1.49
N CYS B 517 -44.10 17.18 -0.50
CA CYS B 517 -45.54 17.26 -0.32
C CYS B 517 -46.23 17.96 -1.47
N GLN B 518 -45.51 18.60 -2.40
CA GLN B 518 -46.04 19.01 -3.69
C GLN B 518 -46.19 17.82 -4.64
N ASP B 519 -45.15 17.01 -4.88
CA ASP B 519 -45.24 15.83 -5.73
C ASP B 519 -46.34 14.86 -5.27
N ILE B 520 -46.47 14.66 -3.96
CA ILE B 520 -47.53 13.83 -3.39
C ILE B 520 -48.93 14.40 -3.69
N GLY B 521 -49.03 15.70 -3.94
CA GLY B 521 -50.27 16.40 -4.27
C GLY B 521 -51.04 16.96 -3.08
N ALA B 522 -50.41 17.03 -1.90
CA ALA B 522 -51.06 17.42 -0.65
C ALA B 522 -50.62 18.82 -0.20
N ARG B 523 -51.50 19.81 -0.34
CA ARG B 523 -51.14 21.22 -0.12
C ARG B 523 -50.85 21.64 1.32
N SER B 524 -50.93 20.76 2.33
CA SER B 524 -50.55 21.10 3.69
C SER B 524 -50.49 19.85 4.55
N LEU B 525 -49.43 19.69 5.32
CA LEU B 525 -49.23 18.47 6.08
C LEU B 525 -50.50 17.92 6.70
N SER B 526 -51.35 18.78 7.24
CA SER B 526 -52.62 18.28 7.73
C SER B 526 -53.38 17.57 6.62
N VAL B 527 -53.62 18.15 5.46
CA VAL B 527 -54.17 17.45 4.30
C VAL B 527 -53.34 16.22 3.95
N LEU B 528 -52.01 16.21 4.05
CA LEU B 528 -51.24 14.98 3.77
C LEU B 528 -51.68 13.82 4.67
N ARG B 529 -51.83 14.06 5.98
CA ARG B 529 -52.31 13.03 6.92
C ARG B 529 -53.77 12.69 6.68
N SER B 530 -54.64 13.65 6.40
CA SER B 530 -56.04 13.36 6.08
C SER B 530 -56.18 12.49 4.84
N MET B 531 -55.41 12.80 3.80
CA MET B 531 -55.35 12.05 2.55
C MET B 531 -54.80 10.64 2.75
N MET B 532 -53.95 10.44 3.76
CA MET B 532 -53.47 9.12 4.17
C MET B 532 -54.50 8.29 4.93
N TYR B 533 -55.07 8.80 6.03
CA TYR B 533 -56.02 8.03 6.82
C TYR B 533 -57.31 7.70 6.04
N SER B 534 -57.75 8.56 5.13
CA SER B 534 -58.91 8.31 4.28
C SER B 534 -58.61 7.38 3.09
N GLY B 535 -57.38 6.88 2.94
CA GLY B 535 -57.02 5.92 1.91
C GLY B 535 -56.90 6.48 0.50
N GLU B 536 -56.89 7.81 0.34
CA GLU B 536 -56.67 8.46 -0.95
C GLU B 536 -55.20 8.45 -1.37
N LEU B 537 -54.28 8.59 -0.42
CA LEU B 537 -52.85 8.42 -0.63
C LEU B 537 -52.52 6.93 -0.85
N LYS B 538 -51.64 6.60 -1.80
CA LYS B 538 -51.27 5.22 -2.13
C LYS B 538 -49.77 4.98 -1.99
N PHE B 539 -49.39 3.78 -1.61
CA PHE B 539 -48.04 3.37 -1.25
C PHE B 539 -47.64 2.10 -2.01
N GLU B 540 -46.34 1.84 -2.12
CA GLU B 540 -45.81 0.62 -2.72
C GLU B 540 -44.65 0.07 -1.89
N LYS B 541 -44.59 -1.24 -1.64
CA LYS B 541 -43.39 -1.88 -1.06
C LYS B 541 -42.23 -1.87 -2.05
N ARG B 542 -40.99 -1.93 -1.59
CA ARG B 542 -39.82 -2.20 -2.42
C ARG B 542 -39.16 -3.54 -2.08
N THR B 543 -38.99 -4.42 -3.04
CA THR B 543 -38.02 -5.51 -2.94
C THR B 543 -36.60 -4.97 -2.75
N MET B 544 -35.66 -5.77 -2.22
CA MET B 544 -34.26 -5.39 -2.02
C MET B 544 -33.61 -4.82 -3.29
N SER B 545 -33.87 -5.40 -4.45
CA SER B 545 -33.36 -4.91 -5.73
C SER B 545 -33.89 -3.54 -6.14
N ALA B 546 -35.11 -3.17 -5.73
CA ALA B 546 -35.69 -1.87 -6.08
C ALA B 546 -35.15 -0.70 -5.23
N GLN B 547 -34.48 -0.99 -4.13
CA GLN B 547 -33.75 0.00 -3.33
C GLN B 547 -32.24 -0.02 -3.62
N ILE B 548 -31.68 -1.18 -4.01
CA ILE B 548 -30.32 -1.27 -4.60
C ILE B 548 -30.25 -0.54 -5.95
N GLU B 549 -31.38 -0.33 -6.63
CA GLU B 549 -31.55 0.60 -7.76
C GLU B 549 -31.43 2.09 -7.33
N GLY B 550 -30.25 2.47 -6.83
CA GLY B 550 -29.86 3.86 -6.52
C GLY B 550 -30.52 4.50 -5.30
N GLY B 551 -31.36 3.78 -4.55
CA GLY B 551 -32.14 4.34 -3.44
C GLY B 551 -31.38 4.45 -2.13
N VAL B 552 -30.55 3.45 -1.80
CA VAL B 552 -29.86 3.34 -0.49
C VAL B 552 -28.34 3.14 -0.57
N HIS B 553 -27.80 2.77 -1.73
CA HIS B 553 -26.36 2.60 -1.96
C HIS B 553 -25.92 3.20 -3.31
N HIS C 29 -51.27 -14.63 -35.54
CA HIS C 29 -50.99 -14.91 -34.12
C HIS C 29 -51.46 -16.33 -33.78
N GLU C 30 -50.53 -17.23 -33.42
CA GLU C 30 -50.86 -18.61 -32.99
C GLU C 30 -50.08 -19.03 -31.74
N THR C 31 -50.77 -19.74 -30.83
CA THR C 31 -50.21 -20.21 -29.55
C THR C 31 -49.20 -21.34 -29.75
N ALA C 32 -48.34 -21.61 -28.75
CA ALA C 32 -47.37 -22.69 -28.82
C ALA C 32 -48.01 -24.07 -29.09
N ALA C 33 -49.20 -24.34 -28.53
CA ALA C 33 -49.98 -25.54 -28.82
C ALA C 33 -50.45 -25.59 -30.28
N GLN C 34 -50.96 -24.48 -30.81
CA GLN C 34 -51.38 -24.37 -32.22
C GLN C 34 -50.19 -24.55 -33.16
N ARG C 35 -49.08 -23.83 -32.93
CA ARG C 35 -47.89 -23.91 -33.78
C ARG C 35 -47.24 -25.29 -33.72
N TYR C 36 -47.07 -25.88 -32.53
CA TYR C 36 -46.51 -27.23 -32.43
C TYR C 36 -47.39 -28.26 -33.15
N SER C 37 -48.69 -28.31 -32.85
CA SER C 37 -49.59 -29.28 -33.50
C SER C 37 -49.65 -29.09 -35.02
N ALA C 38 -49.79 -27.85 -35.51
CA ALA C 38 -49.82 -27.57 -36.94
C ALA C 38 -48.48 -27.90 -37.63
N ARG C 39 -47.35 -27.48 -37.07
CA ARG C 39 -46.01 -27.68 -37.67
C ARG C 39 -45.54 -29.13 -37.58
N LEU C 40 -45.95 -29.88 -36.55
CA LEU C 40 -45.80 -31.34 -36.51
C LEU C 40 -46.60 -32.01 -37.63
N LEU C 41 -47.83 -31.56 -37.89
CA LEU C 41 -48.66 -32.05 -39.00
C LEU C 41 -48.17 -31.62 -40.39
N GLN C 42 -47.16 -30.74 -40.53
CA GLN C 42 -46.45 -30.57 -41.80
C GLN C 42 -45.54 -31.77 -42.12
N ALA C 43 -44.92 -32.38 -41.12
CA ALA C 43 -44.24 -33.67 -41.26
C ALA C 43 -45.23 -34.86 -41.28
N GLY C 44 -46.32 -34.77 -40.51
CA GLY C 44 -47.38 -35.79 -40.43
C GLY C 44 -47.08 -36.92 -39.45
N TYR C 45 -48.05 -37.82 -39.25
CA TYR C 45 -47.93 -38.96 -38.34
C TYR C 45 -46.86 -39.96 -38.79
N MET C 50 -57.68 -36.86 -36.50
CA MET C 50 -58.37 -37.59 -35.44
C MET C 50 -59.16 -36.65 -34.50
N ALA C 51 -59.86 -37.24 -33.52
CA ALA C 51 -60.77 -36.56 -32.62
C ALA C 51 -59.97 -35.94 -31.48
N ASP C 52 -58.88 -35.25 -31.81
CA ASP C 52 -57.99 -34.50 -30.90
C ASP C 52 -58.05 -33.02 -31.25
N TYR C 53 -58.17 -32.65 -32.52
CA TYR C 53 -58.55 -31.29 -32.90
C TYR C 53 -60.03 -31.01 -32.59
N LEU C 54 -60.88 -32.06 -32.61
CA LEU C 54 -62.32 -31.92 -32.49
C LEU C 54 -62.80 -31.94 -31.05
N ILE C 55 -61.94 -32.29 -30.09
CA ILE C 55 -62.30 -32.31 -28.69
C ILE C 55 -61.59 -31.26 -27.86
N SER C 56 -60.55 -30.61 -28.42
CA SER C 56 -59.72 -29.63 -27.71
C SER C 56 -59.16 -28.50 -28.59
N GLY C 57 -59.54 -28.43 -29.87
CA GLY C 57 -59.04 -27.42 -30.81
C GLY C 57 -57.53 -27.50 -31.06
N GLY C 58 -56.94 -26.41 -31.60
CA GLY C 58 -55.48 -26.28 -31.70
C GLY C 58 -54.78 -26.15 -30.34
N THR C 59 -55.54 -25.81 -29.29
CA THR C 59 -55.12 -25.81 -27.87
C THR C 59 -55.02 -27.23 -27.29
N GLY C 60 -54.19 -28.07 -27.90
CA GLY C 60 -54.00 -29.50 -27.58
C GLY C 60 -53.22 -29.80 -26.28
N TYR C 61 -53.48 -29.04 -25.21
CA TYR C 61 -52.82 -29.10 -23.89
C TYR C 61 -51.35 -28.72 -23.85
N VAL C 62 -51.00 -27.80 -22.95
CA VAL C 62 -49.64 -27.61 -22.43
C VAL C 62 -49.69 -27.42 -20.91
N PRO C 63 -48.74 -27.94 -20.14
CA PRO C 63 -48.69 -27.76 -18.69
C PRO C 63 -48.71 -26.30 -18.28
N GLU C 64 -49.47 -25.97 -17.25
CA GLU C 64 -49.39 -24.67 -16.57
C GLU C 64 -48.15 -24.67 -15.68
N ASP C 65 -47.23 -23.74 -15.92
CA ASP C 65 -45.97 -23.65 -15.18
C ASP C 65 -45.47 -22.20 -15.12
N GLY C 66 -45.23 -21.65 -13.93
CA GLY C 66 -44.94 -20.23 -13.73
C GLY C 66 -46.19 -19.35 -13.71
N LEU C 67 -46.02 -18.08 -13.34
CA LEU C 67 -47.09 -17.09 -13.18
C LEU C 67 -47.41 -16.38 -14.50
N THR C 68 -48.65 -16.02 -14.77
CA THR C 68 -48.96 -14.99 -15.79
C THR C 68 -48.60 -13.60 -15.24
N ALA C 69 -48.36 -12.60 -16.09
CA ALA C 69 -47.98 -11.25 -15.67
C ALA C 69 -48.99 -10.62 -14.71
N GLN C 70 -50.27 -10.83 -14.94
CA GLN C 70 -51.33 -10.33 -14.05
C GLN C 70 -51.22 -10.89 -12.63
N GLN C 71 -50.75 -12.13 -12.46
CA GLN C 71 -50.47 -12.70 -11.14
C GLN C 71 -49.15 -12.19 -10.55
N LEU C 72 -48.10 -12.03 -11.36
CA LEU C 72 -46.79 -11.62 -10.88
C LEU C 72 -46.88 -10.29 -10.11
N PHE C 73 -47.62 -9.33 -10.64
CA PHE C 73 -47.84 -8.02 -10.00
C PHE C 73 -49.02 -7.98 -9.01
N ALA C 74 -49.67 -9.10 -8.69
CA ALA C 74 -50.78 -9.14 -7.75
C ALA C 74 -50.35 -9.11 -6.28
N SER C 75 -49.13 -9.52 -5.92
CA SER C 75 -48.70 -9.55 -4.51
C SER C 75 -48.41 -8.17 -3.91
N ALA C 76 -48.38 -7.12 -4.74
CA ALA C 76 -48.13 -5.74 -4.35
C ALA C 76 -46.75 -5.48 -3.70
N ASP C 77 -45.80 -6.39 -3.87
CA ASP C 77 -44.38 -6.05 -3.80
C ASP C 77 -44.02 -5.29 -5.07
N GLY C 78 -43.41 -4.12 -4.97
CA GLY C 78 -42.96 -3.39 -6.15
C GLY C 78 -41.72 -4.02 -6.73
N LEU C 79 -41.87 -4.81 -7.79
CA LEU C 79 -40.77 -5.45 -8.51
C LEU C 79 -40.01 -4.45 -9.39
N THR C 80 -38.71 -4.66 -9.53
CA THR C 80 -37.89 -4.05 -10.59
C THR C 80 -37.33 -5.11 -11.54
N TYR C 81 -36.52 -4.76 -12.54
CA TYR C 81 -36.21 -5.69 -13.64
C TYR C 81 -35.36 -6.88 -13.23
N ASN C 82 -34.53 -6.76 -12.20
CA ASN C 82 -33.74 -7.89 -11.71
C ASN C 82 -34.60 -8.96 -11.02
N ASP C 83 -35.76 -8.59 -10.47
CA ASP C 83 -36.53 -9.44 -9.56
C ASP C 83 -37.31 -10.56 -10.23
N PHE C 84 -37.42 -10.60 -11.56
CA PHE C 84 -38.19 -11.61 -12.28
C PHE C 84 -37.49 -12.11 -13.53
N LEU C 85 -37.93 -13.24 -14.07
CA LEU C 85 -37.49 -13.83 -15.33
C LEU C 85 -38.69 -14.22 -16.19
N ILE C 86 -38.46 -14.37 -17.49
CA ILE C 86 -39.45 -14.87 -18.45
C ILE C 86 -39.10 -16.32 -18.76
N LEU C 87 -40.04 -17.24 -18.62
CA LEU C 87 -39.77 -18.65 -18.88
C LEU C 87 -39.72 -18.94 -20.38
N PRO C 88 -38.75 -19.73 -20.90
CA PRO C 88 -38.59 -19.93 -22.32
C PRO C 88 -39.74 -20.73 -22.94
N GLY C 89 -40.04 -20.45 -24.21
CA GLY C 89 -41.16 -21.05 -24.94
C GLY C 89 -40.73 -22.10 -25.97
N PHE C 90 -41.49 -22.19 -27.06
CA PHE C 90 -41.22 -23.04 -28.23
C PHE C 90 -40.67 -22.19 -29.37
N ILE C 91 -39.53 -22.58 -29.95
CA ILE C 91 -38.87 -21.85 -31.04
C ILE C 91 -39.19 -22.50 -32.37
N ASP C 92 -39.73 -21.76 -33.33
CA ASP C 92 -40.00 -22.26 -34.66
C ASP C 92 -39.62 -21.27 -35.79
N PHE C 93 -38.66 -20.38 -35.53
CA PHE C 93 -38.15 -19.37 -36.46
C PHE C 93 -36.71 -18.97 -36.10
N ILE C 94 -35.95 -18.39 -37.03
CA ILE C 94 -34.57 -17.96 -36.82
C ILE C 94 -34.51 -16.59 -36.13
N ALA C 95 -33.39 -16.27 -35.47
CA ALA C 95 -33.22 -15.05 -34.71
C ALA C 95 -33.13 -13.80 -35.58
N ASP C 96 -33.32 -13.95 -36.88
CA ASP C 96 -33.32 -12.80 -37.77
C ASP C 96 -34.66 -12.61 -38.46
N GLU C 97 -35.72 -13.20 -37.94
CA GLU C 97 -37.06 -12.93 -38.41
C GLU C 97 -37.93 -12.35 -37.31
N VAL C 98 -37.30 -11.83 -36.26
CA VAL C 98 -38.01 -11.23 -35.14
C VAL C 98 -38.31 -9.78 -35.46
N ASP C 99 -39.41 -9.54 -36.16
CA ASP C 99 -39.80 -8.19 -36.52
C ASP C 99 -39.81 -7.30 -35.28
N LEU C 100 -39.10 -6.19 -35.35
CA LEU C 100 -38.99 -5.29 -34.22
C LEU C 100 -39.89 -4.08 -34.30
N THR C 101 -40.70 -3.97 -35.35
CA THR C 101 -41.52 -2.77 -35.53
C THR C 101 -42.23 -2.41 -34.23
N SER C 102 -42.03 -1.19 -33.77
CA SER C 102 -42.73 -0.69 -32.59
C SER C 102 -43.39 0.63 -32.91
N ALA C 103 -44.27 1.06 -32.02
CA ALA C 103 -45.04 2.29 -32.20
C ALA C 103 -44.61 3.30 -31.16
N LEU C 104 -44.18 4.48 -31.63
CA LEU C 104 -43.72 5.55 -30.76
C LEU C 104 -44.90 6.30 -30.17
N THR C 105 -45.82 6.73 -31.03
CA THR C 105 -47.00 7.48 -30.60
C THR C 105 -48.16 6.99 -31.44
N ARG C 106 -49.31 7.62 -31.28
CA ARG C 106 -50.48 7.10 -31.98
C ARG C 106 -50.29 7.06 -33.49
N LYS C 107 -49.38 7.85 -34.04
CA LYS C 107 -49.27 7.97 -35.49
C LYS C 107 -47.85 7.77 -36.01
N ILE C 108 -46.81 8.06 -35.22
CA ILE C 108 -45.41 7.76 -35.58
C ILE C 108 -45.06 6.31 -35.24
N THR C 109 -44.55 5.54 -36.21
CA THR C 109 -44.11 4.14 -36.06
C THR C 109 -42.62 4.03 -36.39
N LEU C 110 -41.88 3.16 -35.70
CA LEU C 110 -40.42 3.03 -35.80
C LEU C 110 -40.02 1.59 -36.10
N LYS C 111 -38.97 1.39 -36.90
CA LYS C 111 -38.46 0.04 -37.22
C LYS C 111 -37.65 -0.60 -36.08
N THR C 112 -37.31 0.14 -35.04
CA THR C 112 -36.46 -0.28 -33.93
C THR C 112 -37.07 0.19 -32.60
N PRO C 113 -37.16 -0.61 -31.52
CA PRO C 113 -37.83 -0.21 -30.29
C PRO C 113 -36.94 0.62 -29.39
N LEU C 114 -35.90 1.24 -29.94
CA LEU C 114 -34.98 2.04 -29.14
C LEU C 114 -35.27 3.52 -29.32
N ILE C 115 -34.71 4.37 -28.46
CA ILE C 115 -34.74 5.84 -28.53
C ILE C 115 -33.50 6.37 -27.82
N SER C 116 -32.95 7.52 -28.22
CA SER C 116 -31.97 8.24 -27.38
C SER C 116 -32.65 9.30 -26.52
N SER C 117 -32.35 9.28 -25.22
CA SER C 117 -32.95 10.16 -24.21
C SER C 117 -32.61 11.65 -24.42
N PRO C 118 -33.55 12.58 -24.13
CA PRO C 118 -33.30 14.00 -24.27
C PRO C 118 -32.44 14.53 -23.11
N MET C 119 -31.15 14.20 -23.12
CA MET C 119 -30.14 14.67 -22.17
C MET C 119 -29.00 15.33 -22.91
N ASP C 120 -28.43 16.40 -22.36
CA ASP C 120 -27.23 17.06 -22.89
C ASP C 120 -26.02 16.12 -22.95
N THR C 121 -25.94 15.16 -22.04
CA THR C 121 -24.93 14.11 -22.03
C THR C 121 -25.13 13.06 -23.14
N VAL C 122 -26.29 13.03 -23.83
CA VAL C 122 -26.64 11.97 -24.78
C VAL C 122 -26.99 12.50 -26.16
N THR C 123 -28.08 13.24 -26.31
CA THR C 123 -28.65 13.52 -27.64
C THR C 123 -28.39 14.95 -28.07
N GLU C 124 -27.85 15.12 -29.27
CA GLU C 124 -27.74 16.39 -29.99
C GLU C 124 -27.93 16.08 -31.49
N ALA C 125 -27.78 17.02 -32.42
CA ALA C 125 -28.19 16.73 -33.82
C ALA C 125 -27.45 15.55 -34.46
N ASP C 126 -26.20 15.29 -34.10
CA ASP C 126 -25.46 14.14 -34.61
C ASP C 126 -26.08 12.81 -34.13
N MET C 127 -26.28 12.63 -32.81
CA MET C 127 -26.93 11.40 -32.36
C MET C 127 -28.38 11.30 -32.82
N ALA C 128 -29.11 12.39 -32.94
CA ALA C 128 -30.47 12.35 -33.47
C ALA C 128 -30.52 11.84 -34.91
N ILE C 129 -29.55 12.20 -35.75
CA ILE C 129 -29.39 11.62 -37.08
C ILE C 129 -29.03 10.14 -36.97
N ALA C 130 -28.04 9.78 -36.14
CA ALA C 130 -27.57 8.40 -36.03
C ALA C 130 -28.70 7.45 -35.59
N MET C 131 -29.53 7.85 -34.62
CA MET C 131 -30.68 7.04 -34.21
C MET C 131 -31.70 6.84 -35.31
N ALA C 132 -32.06 7.91 -36.02
CA ALA C 132 -33.03 7.80 -37.09
C ALA C 132 -32.51 6.88 -38.20
N LEU C 133 -31.23 6.96 -38.55
CA LEU C 133 -30.62 6.06 -39.52
C LEU C 133 -30.58 4.60 -39.06
N MET C 134 -30.68 4.33 -37.76
CA MET C 134 -30.84 2.99 -37.20
C MET C 134 -32.30 2.60 -36.90
N GLY C 135 -33.27 3.34 -37.42
CA GLY C 135 -34.69 2.99 -37.32
C GLY C 135 -35.36 3.38 -36.01
N GLY C 136 -34.66 4.05 -35.10
CA GLY C 136 -35.23 4.63 -33.88
C GLY C 136 -35.63 6.09 -34.08
N ILE C 137 -35.65 6.86 -33.00
CA ILE C 137 -35.74 8.32 -33.04
C ILE C 137 -34.80 8.88 -31.96
N GLY C 138 -34.44 10.15 -32.05
CA GLY C 138 -33.76 10.87 -30.96
C GLY C 138 -34.50 12.14 -30.61
N PHE C 139 -34.45 12.55 -29.35
CA PHE C 139 -35.05 13.80 -28.87
C PHE C 139 -33.95 14.78 -28.46
N ILE C 140 -33.90 15.94 -29.11
CA ILE C 140 -32.92 16.99 -28.79
C ILE C 140 -33.22 17.54 -27.39
N HIS C 141 -32.21 17.61 -26.52
CA HIS C 141 -32.34 18.16 -25.18
C HIS C 141 -32.71 19.65 -25.19
N HIS C 142 -33.18 20.18 -24.07
CA HIS C 142 -33.62 21.58 -23.97
C HIS C 142 -32.82 22.40 -22.95
N ASN C 143 -31.63 21.95 -22.56
CA ASN C 143 -30.71 22.69 -21.69
C ASN C 143 -29.91 23.74 -22.50
N CYS C 144 -30.62 24.62 -23.20
CA CYS C 144 -30.07 25.57 -24.17
C CYS C 144 -31.06 26.71 -24.50
N THR C 145 -30.56 27.74 -25.18
CA THR C 145 -31.37 28.81 -25.79
C THR C 145 -32.35 28.22 -26.82
N PRO C 146 -33.61 28.71 -26.95
CA PRO C 146 -34.57 28.17 -27.91
C PRO C 146 -34.10 28.15 -29.36
N GLU C 147 -33.38 29.19 -29.78
CA GLU C 147 -32.79 29.28 -31.13
C GLU C 147 -31.81 28.13 -31.41
N PHE C 148 -31.00 27.74 -30.43
CA PHE C 148 -30.03 26.65 -30.59
C PHE C 148 -30.74 25.33 -30.86
N GLN C 149 -31.81 25.03 -30.11
CA GLN C 149 -32.59 23.82 -30.30
C GLN C 149 -33.30 23.79 -31.65
N ALA C 150 -33.84 24.93 -32.11
CA ALA C 150 -34.45 25.02 -33.42
C ALA C 150 -33.44 24.81 -34.56
N ASN C 151 -32.23 25.36 -34.42
CA ASN C 151 -31.16 25.11 -35.36
C ASN C 151 -30.75 23.63 -35.38
N GLU C 152 -30.60 23.01 -34.22
CA GLU C 152 -30.28 21.58 -34.13
C GLU C 152 -31.38 20.69 -34.71
N VAL C 153 -32.66 21.02 -34.61
CA VAL C 153 -33.71 20.29 -35.35
C VAL C 153 -33.58 20.49 -36.85
N ARG C 154 -33.42 21.74 -37.33
CA ARG C 154 -33.25 22.05 -38.75
C ARG C 154 -32.11 21.24 -39.35
N LYS C 155 -31.00 21.15 -38.63
CA LYS C 155 -29.82 20.35 -38.98
C LYS C 155 -30.15 18.86 -39.15
N VAL C 156 -31.08 18.30 -38.36
CA VAL C 156 -31.50 16.90 -38.48
C VAL C 156 -32.47 16.68 -39.63
N LYS C 157 -33.49 17.53 -39.78
CA LYS C 157 -34.51 17.32 -40.83
C LYS C 157 -33.91 17.34 -42.24
N LYS C 158 -32.83 18.08 -42.49
CA LYS C 158 -32.24 18.30 -43.82
C LYS C 158 -31.01 17.42 -44.13
N PHE C 159 -30.98 16.17 -43.67
CA PHE C 159 -29.76 15.35 -43.66
C PHE C 159 -29.24 14.88 -45.03
N GLU C 160 -30.10 14.34 -45.90
CA GLU C 160 -29.79 13.94 -47.29
C GLU C 160 -28.74 12.83 -47.55
N GLN C 161 -28.12 12.20 -46.54
CA GLN C 161 -27.22 11.01 -46.65
C GLN C 161 -25.90 11.17 -47.44
N GLY C 162 -25.96 11.53 -48.72
CA GLY C 162 -24.80 11.80 -49.58
C GLY C 162 -24.17 13.17 -49.35
N PHE C 163 -25.01 14.21 -49.32
CA PHE C 163 -24.61 15.60 -49.40
C PHE C 163 -24.03 16.11 -48.08
N ILE C 164 -23.24 17.18 -48.11
CA ILE C 164 -22.77 17.83 -46.89
C ILE C 164 -23.89 18.70 -46.31
N THR C 165 -24.33 18.41 -45.08
CA THR C 165 -25.29 19.25 -44.35
C THR C 165 -24.65 20.59 -43.98
N ASP C 166 -25.31 21.70 -44.29
CA ASP C 166 -24.87 23.07 -43.97
C ASP C 166 -23.43 23.37 -44.45
N PRO C 167 -23.15 23.36 -45.76
CA PRO C 167 -21.80 23.58 -46.27
C PRO C 167 -21.29 24.99 -45.96
N VAL C 168 -19.97 25.15 -45.94
CA VAL C 168 -19.30 26.42 -45.71
C VAL C 168 -18.91 27.00 -47.06
N VAL C 169 -19.52 28.12 -47.43
CA VAL C 169 -19.26 28.85 -48.69
C VAL C 169 -18.54 30.16 -48.37
N LEU C 170 -17.44 30.46 -49.07
CA LEU C 170 -16.69 31.70 -48.87
C LEU C 170 -16.81 32.62 -50.08
N SER C 171 -16.58 33.90 -49.80
CA SER C 171 -16.78 35.00 -50.73
C SER C 171 -15.51 35.26 -51.52
N PRO C 172 -15.56 35.48 -52.85
CA PRO C 172 -14.40 35.88 -53.66
C PRO C 172 -13.65 37.15 -53.20
N SER C 173 -14.20 37.95 -52.29
CA SER C 173 -13.52 39.06 -51.62
C SER C 173 -12.60 38.66 -50.44
N HIS C 174 -12.80 37.50 -49.82
CA HIS C 174 -12.11 37.10 -48.57
C HIS C 174 -10.65 36.69 -48.81
N THR C 175 -9.72 37.25 -48.02
CA THR C 175 -8.28 36.93 -48.08
C THR C 175 -8.01 35.47 -47.73
N VAL C 176 -7.14 34.79 -48.48
CA VAL C 176 -6.93 33.33 -48.39
C VAL C 176 -6.17 32.85 -47.13
N GLY C 177 -6.12 33.64 -46.06
CA GLY C 177 -5.57 33.21 -44.78
C GLY C 177 -6.72 32.99 -43.84
N ASP C 178 -7.83 33.68 -44.14
CA ASP C 178 -9.09 33.54 -43.43
C ASP C 178 -9.92 32.39 -43.95
N VAL C 179 -9.53 31.80 -45.11
CA VAL C 179 -9.93 30.45 -45.57
C VAL C 179 -8.95 29.41 -45.04
N LEU C 180 -7.65 29.67 -45.15
CA LEU C 180 -6.62 28.71 -44.77
C LEU C 180 -6.68 28.38 -43.27
N GLU C 181 -7.14 29.32 -42.44
CA GLU C 181 -7.24 29.02 -41.01
C GLU C 181 -8.48 28.20 -40.68
N ALA C 182 -9.54 28.32 -41.49
CA ALA C 182 -10.75 27.53 -41.25
C ALA C 182 -10.40 26.06 -41.13
N LYS C 183 -9.42 25.57 -41.90
CA LYS C 183 -8.84 24.24 -41.69
C LYS C 183 -8.41 24.07 -40.24
N MET C 184 -7.99 25.15 -39.60
CA MET C 184 -7.69 25.13 -38.17
C MET C 184 -8.92 25.33 -37.30
N ARG C 185 -10.04 25.77 -37.88
CA ARG C 185 -11.28 26.00 -37.14
C ARG C 185 -12.26 24.84 -37.28
N HIS C 186 -12.61 24.46 -38.51
CA HIS C 186 -13.52 23.34 -38.75
C HIS C 186 -12.80 22.06 -39.16
N GLY C 187 -11.56 22.14 -39.62
CA GLY C 187 -10.81 20.95 -39.96
C GLY C 187 -10.84 20.60 -41.44
N PHE C 188 -11.97 20.70 -42.13
CA PHE C 188 -12.04 20.49 -43.59
C PHE C 188 -11.38 21.68 -44.33
N SER C 189 -11.11 21.59 -45.64
CA SER C 189 -10.41 22.69 -46.32
C SER C 189 -10.72 22.90 -47.82
N GLY C 190 -11.57 22.09 -48.45
CA GLY C 190 -12.07 22.33 -49.80
C GLY C 190 -13.33 23.18 -49.82
N ILE C 191 -13.20 24.48 -49.63
CA ILE C 191 -14.31 25.42 -49.53
C ILE C 191 -14.83 25.82 -50.93
N PRO C 192 -16.11 25.59 -51.27
CA PRO C 192 -16.72 26.21 -52.44
C PRO C 192 -16.81 27.72 -52.28
N ILE C 193 -16.63 28.47 -53.37
CA ILE C 193 -16.61 29.93 -53.35
C ILE C 193 -17.74 30.56 -54.18
N THR C 194 -18.52 31.45 -53.58
CA THR C 194 -19.53 32.28 -54.28
C THR C 194 -19.97 33.50 -53.46
N GLU C 195 -20.75 34.39 -54.07
CA GLU C 195 -21.05 35.77 -53.66
C GLU C 195 -21.14 36.04 -52.14
N THR C 196 -22.04 35.40 -51.37
CA THR C 196 -21.99 35.54 -49.92
C THR C 196 -22.32 34.22 -49.23
N GLY C 197 -23.36 33.50 -49.67
CA GLY C 197 -23.75 32.21 -49.13
C GLY C 197 -24.93 31.56 -49.88
N THR C 198 -25.01 30.23 -49.85
CA THR C 198 -25.90 29.40 -50.67
C THR C 198 -27.36 29.88 -50.64
N LEU C 203 -21.82 32.65 -59.46
CA LEU C 203 -21.10 31.46 -59.05
C LEU C 203 -19.68 31.40 -59.66
N VAL C 204 -18.70 31.04 -58.83
CA VAL C 204 -17.33 30.68 -59.24
C VAL C 204 -16.94 29.34 -58.60
N GLY C 205 -15.67 28.93 -58.70
CA GLY C 205 -15.27 27.55 -58.44
C GLY C 205 -15.09 27.18 -56.98
N ILE C 206 -13.85 26.85 -56.62
CA ILE C 206 -13.48 26.21 -55.36
C ILE C 206 -12.11 26.75 -54.92
N VAL C 207 -11.82 26.67 -53.63
CA VAL C 207 -10.45 26.75 -53.09
C VAL C 207 -10.22 25.57 -52.18
N THR C 208 -9.06 24.94 -52.27
CA THR C 208 -8.74 23.70 -51.55
C THR C 208 -7.33 23.74 -50.97
N SER C 209 -7.02 22.87 -50.01
CA SER C 209 -5.72 22.89 -49.34
C SER C 209 -4.56 22.92 -50.34
N ARG C 210 -4.58 22.04 -51.36
CA ARG C 210 -3.47 21.96 -52.30
C ARG C 210 -3.33 23.16 -53.23
N ASP C 211 -4.35 24.02 -53.34
CA ASP C 211 -4.23 25.33 -53.99
C ASP C 211 -3.44 26.35 -53.15
N ILE C 212 -3.49 26.23 -51.83
CA ILE C 212 -2.94 27.20 -50.87
C ILE C 212 -1.63 26.72 -50.22
N ASP C 213 -1.37 25.42 -50.20
CA ASP C 213 -0.19 24.83 -49.52
C ASP C 213 1.18 25.30 -50.06
N PHE C 214 1.23 25.92 -51.24
CA PHE C 214 2.33 26.79 -51.67
C PHE C 214 1.86 28.26 -51.77
N LEU C 215 2.51 29.17 -51.03
CA LEU C 215 2.16 30.59 -50.92
C LEU C 215 3.36 31.47 -50.56
N LEU C 223 -1.89 34.56 -48.70
CA LEU C 223 -1.60 36.00 -48.69
C LEU C 223 -2.47 36.77 -49.71
N LEU C 224 -2.94 36.09 -50.75
CA LEU C 224 -3.69 36.69 -51.87
C LEU C 224 -5.12 37.08 -51.45
N SER C 225 -5.67 38.08 -52.15
CA SER C 225 -7.11 38.39 -52.08
C SER C 225 -7.93 37.33 -52.80
N GLU C 226 -7.65 37.06 -54.07
CA GLU C 226 -8.24 35.94 -54.84
C GLU C 226 -7.43 35.66 -56.11
N VAL C 227 -7.15 34.37 -56.36
CA VAL C 227 -6.50 33.84 -57.59
C VAL C 227 -6.98 32.42 -57.95
N MET C 228 -7.93 31.85 -57.22
CA MET C 228 -8.37 30.45 -57.36
C MET C 228 -9.48 30.21 -58.39
N THR C 229 -9.80 28.94 -58.61
CA THR C 229 -10.51 28.39 -59.76
C THR C 229 -11.81 29.12 -60.12
N PRO C 230 -12.03 29.50 -61.39
CA PRO C 230 -13.27 30.12 -61.85
C PRO C 230 -14.41 29.11 -61.98
N ARG C 231 -15.56 29.51 -62.54
CA ARG C 231 -16.67 28.60 -62.88
C ARG C 231 -16.25 27.73 -64.09
N ILE C 232 -15.67 26.57 -63.81
CA ILE C 232 -15.09 25.62 -64.79
C ILE C 232 -15.03 24.17 -64.27
N GLU C 233 -15.67 23.88 -63.13
CA GLU C 233 -15.59 22.61 -62.41
C GLU C 233 -16.06 21.42 -63.24
N LEU C 234 -15.43 20.26 -63.02
CA LEU C 234 -15.66 19.04 -63.79
C LEU C 234 -16.96 18.35 -63.35
N VAL C 235 -17.98 18.49 -64.20
CA VAL C 235 -19.28 17.80 -64.15
C VAL C 235 -19.97 17.92 -62.77
N VAL C 236 -20.42 19.13 -62.47
CA VAL C 236 -21.33 19.43 -61.34
C VAL C 236 -22.67 18.71 -61.50
N ALA C 237 -23.41 18.53 -60.40
CA ALA C 237 -24.79 18.05 -60.45
C ALA C 237 -25.74 19.21 -60.84
N PRO C 238 -26.51 19.14 -61.95
CA PRO C 238 -27.11 20.33 -62.57
C PRO C 238 -28.24 21.03 -61.81
N ALA C 239 -29.05 20.27 -61.05
CA ALA C 239 -30.26 20.79 -60.39
C ALA C 239 -30.67 19.96 -59.16
N GLY C 240 -30.60 18.65 -59.30
CA GLY C 240 -30.86 17.66 -58.26
C GLY C 240 -30.54 16.27 -58.81
N VAL C 241 -29.87 15.41 -58.02
CA VAL C 241 -29.30 14.13 -58.48
C VAL C 241 -29.48 13.04 -57.42
N THR C 242 -29.40 11.77 -57.83
CA THR C 242 -29.37 10.65 -56.88
C THR C 242 -27.96 10.41 -56.35
N LEU C 243 -27.85 9.75 -55.20
CA LEU C 243 -26.55 9.38 -54.61
C LEU C 243 -25.77 8.41 -55.51
N LYS C 244 -26.47 7.46 -56.16
CA LYS C 244 -25.91 6.55 -57.15
C LYS C 244 -25.45 7.27 -58.42
N GLU C 245 -26.17 8.28 -58.87
CA GLU C 245 -25.78 9.12 -60.01
C GLU C 245 -24.48 9.87 -59.71
N ALA C 246 -24.39 10.54 -58.57
CA ALA C 246 -23.17 11.21 -58.14
C ALA C 246 -21.99 10.25 -57.95
N ASN C 247 -22.20 9.05 -57.40
CA ASN C 247 -21.15 8.03 -57.25
C ASN C 247 -20.47 7.72 -58.59
N GLU C 248 -21.23 7.59 -59.68
CA GLU C 248 -20.66 7.34 -61.01
C GLU C 248 -19.96 8.59 -61.60
N ILE C 249 -20.51 9.78 -61.36
CA ILE C 249 -19.90 11.05 -61.80
C ILE C 249 -18.55 11.29 -61.11
N LEU C 250 -18.45 11.11 -59.79
CA LEU C 250 -17.19 11.25 -59.06
C LEU C 250 -16.13 10.27 -59.59
N GLN C 251 -16.52 9.10 -60.09
CA GLN C 251 -15.57 8.12 -60.62
C GLN C 251 -14.86 8.68 -61.87
N ARG C 252 -15.60 9.25 -62.81
CA ARG C 252 -15.02 9.90 -64.01
C ARG C 252 -14.33 11.22 -63.70
N SER C 253 -14.94 12.07 -62.87
CA SER C 253 -14.47 13.42 -62.58
C SER C 253 -13.15 13.45 -61.79
N LYS C 254 -12.89 12.43 -60.96
CA LYS C 254 -11.71 12.25 -60.07
C LYS C 254 -11.49 13.32 -59.00
N LYS C 255 -11.98 14.55 -59.15
CA LYS C 255 -11.87 15.63 -58.14
C LYS C 255 -12.67 15.31 -56.88
N GLY C 256 -12.28 15.89 -55.75
CA GLY C 256 -12.78 15.51 -54.42
C GLY C 256 -14.12 16.10 -54.05
N LYS C 257 -14.42 17.33 -54.49
CA LYS C 257 -15.73 17.97 -54.29
C LYS C 257 -16.52 17.96 -55.58
N LEU C 258 -17.79 17.59 -55.50
CA LEU C 258 -18.74 17.83 -56.58
C LEU C 258 -19.73 18.90 -56.10
N PRO C 259 -19.78 20.07 -56.73
CA PRO C 259 -20.85 21.03 -56.51
C PRO C 259 -22.19 20.50 -57.00
N ILE C 260 -23.26 20.80 -56.27
CA ILE C 260 -24.64 20.68 -56.76
C ILE C 260 -25.16 22.10 -56.97
N VAL C 261 -25.61 22.37 -58.20
CA VAL C 261 -26.05 23.68 -58.64
C VAL C 261 -27.53 23.64 -59.02
N ASN C 262 -28.03 24.72 -59.61
CA ASN C 262 -29.40 24.92 -60.09
C ASN C 262 -29.37 25.52 -61.50
N ASP C 263 -30.49 25.49 -62.23
CA ASP C 263 -30.62 26.06 -63.59
C ASP C 263 -30.30 27.57 -63.67
N CYS C 264 -30.40 28.28 -62.54
CA CYS C 264 -29.96 29.67 -62.37
C CYS C 264 -28.43 29.87 -62.42
N ASP C 265 -27.65 28.79 -62.55
CA ASP C 265 -26.18 28.75 -62.40
C ASP C 265 -25.74 29.25 -61.01
N GLU C 266 -26.27 28.64 -59.96
CA GLU C 266 -25.94 28.92 -58.56
C GLU C 266 -25.95 27.64 -57.72
N LEU C 267 -25.13 27.58 -56.66
CA LEU C 267 -25.02 26.42 -55.78
C LEU C 267 -26.33 26.17 -55.00
N VAL C 268 -26.56 24.91 -54.62
CA VAL C 268 -27.64 24.51 -53.70
C VAL C 268 -27.16 23.53 -52.62
N ALA C 269 -26.19 22.68 -52.93
CA ALA C 269 -25.59 21.67 -52.05
C ALA C 269 -24.21 21.24 -52.58
N ILE C 270 -23.49 20.37 -51.87
CA ILE C 270 -22.16 19.90 -52.28
C ILE C 270 -21.91 18.48 -51.77
N ILE C 271 -21.04 17.73 -52.43
CA ILE C 271 -20.67 16.35 -52.08
C ILE C 271 -19.16 16.29 -51.89
N ALA C 272 -18.67 15.37 -51.05
CA ALA C 272 -17.24 15.08 -50.91
C ALA C 272 -16.94 13.59 -51.08
N ARG C 273 -15.87 13.26 -51.82
CA ARG C 273 -15.49 11.88 -52.14
C ARG C 273 -15.26 11.02 -50.90
N THR C 274 -14.69 11.61 -49.86
CA THR C 274 -14.42 10.98 -48.55
C THR C 274 -15.67 10.46 -47.84
N ASP C 275 -16.87 10.91 -48.24
CA ASP C 275 -18.14 10.40 -47.73
C ASP C 275 -18.77 9.36 -48.67
N LEU C 276 -18.68 9.53 -49.98
CA LEU C 276 -19.06 8.49 -50.96
C LEU C 276 -18.25 7.20 -50.80
N LYS C 277 -17.00 7.27 -50.32
CA LYS C 277 -16.20 6.08 -49.97
C LYS C 277 -16.75 5.27 -48.78
N LYS C 278 -17.73 5.81 -48.02
CA LYS C 278 -18.26 5.17 -46.80
C LYS C 278 -19.79 5.16 -46.64
N ASN C 279 -20.57 5.75 -47.56
CA ASN C 279 -22.03 5.72 -47.44
C ASN C 279 -22.58 4.28 -47.50
N ARG C 280 -23.75 4.05 -46.90
CA ARG C 280 -24.33 2.71 -46.67
C ARG C 280 -25.80 2.61 -47.08
N ASP C 281 -26.27 1.38 -47.27
CA ASP C 281 -27.71 1.09 -47.22
C ASP C 281 -28.22 1.15 -45.78
N TYR C 282 -29.39 1.78 -45.58
CA TYR C 282 -30.09 1.86 -44.31
C TYR C 282 -31.57 1.51 -44.54
N PRO C 283 -31.96 0.23 -44.45
CA PRO C 283 -33.34 -0.19 -44.68
C PRO C 283 -34.27 0.22 -43.52
N LEU C 284 -33.73 0.37 -42.32
CA LEU C 284 -34.41 0.86 -41.12
C LEU C 284 -34.48 2.39 -41.15
N ALA C 285 -35.27 2.95 -42.07
CA ALA C 285 -35.10 4.33 -42.51
C ALA C 285 -35.46 5.42 -41.48
N SER C 286 -36.56 5.26 -40.73
CA SER C 286 -37.14 6.29 -39.85
C SER C 286 -37.40 7.64 -40.55
N LYS C 287 -38.01 7.61 -41.73
CA LYS C 287 -38.31 8.78 -42.54
C LYS C 287 -39.79 9.12 -42.51
N ASP C 288 -40.11 10.42 -42.50
CA ASP C 288 -41.47 10.96 -42.53
C ASP C 288 -42.14 10.85 -43.92
N SER C 289 -43.36 11.37 -44.07
CA SER C 289 -44.07 11.38 -45.36
C SER C 289 -43.38 12.20 -46.46
N GLN C 290 -42.51 13.14 -46.09
CA GLN C 290 -41.66 13.92 -47.00
C GLN C 290 -40.31 13.23 -47.27
N LYS C 291 -40.15 11.97 -46.86
CA LYS C 291 -38.96 11.14 -47.08
C LYS C 291 -37.67 11.72 -46.50
N GLN C 292 -37.75 12.34 -45.32
CA GLN C 292 -36.60 12.84 -44.57
C GLN C 292 -36.70 12.51 -43.08
N LEU C 293 -35.59 12.55 -42.35
CA LEU C 293 -35.50 11.91 -41.03
C LEU C 293 -36.55 12.42 -40.03
N LEU C 294 -37.18 11.52 -39.29
CA LEU C 294 -37.93 11.85 -38.09
C LEU C 294 -36.99 12.31 -36.97
N CYS C 295 -37.36 13.35 -36.23
CA CYS C 295 -36.72 13.69 -34.96
C CYS C 295 -37.66 14.41 -33.99
N GLY C 296 -37.35 14.34 -32.71
CA GLY C 296 -38.14 14.97 -31.66
C GLY C 296 -37.39 16.04 -30.89
N ALA C 297 -38.09 16.81 -30.08
CA ALA C 297 -37.49 17.79 -29.19
C ALA C 297 -38.17 17.77 -27.82
N ALA C 298 -37.39 17.88 -26.75
CA ALA C 298 -37.94 18.13 -25.43
C ALA C 298 -38.33 19.60 -25.29
N VAL C 299 -39.41 19.90 -24.57
CA VAL C 299 -39.73 21.27 -24.18
C VAL C 299 -40.11 21.31 -22.71
N GLY C 300 -39.75 22.37 -22.01
CA GLY C 300 -40.23 22.57 -20.65
C GLY C 300 -41.74 22.84 -20.60
N THR C 301 -42.34 22.76 -19.41
CA THR C 301 -43.76 23.07 -19.19
C THR C 301 -44.01 24.52 -18.74
N ARG C 302 -42.97 25.34 -18.60
CA ARG C 302 -43.07 26.72 -18.07
C ARG C 302 -43.91 27.60 -19.00
N GLU C 303 -44.40 28.73 -18.48
CA GLU C 303 -45.16 29.70 -19.29
C GLU C 303 -44.31 30.28 -20.43
N ASP C 304 -42.98 30.32 -20.26
CA ASP C 304 -42.04 30.88 -21.23
C ASP C 304 -41.76 29.97 -22.35
N ASP C 305 -42.45 28.83 -22.50
CA ASP C 305 -42.11 27.78 -23.49
C ASP C 305 -43.08 27.70 -24.67
N LYS C 306 -44.18 28.47 -24.74
CA LYS C 306 -44.91 28.59 -25.99
C LYS C 306 -44.02 29.12 -27.09
N TYR C 307 -43.06 29.99 -26.75
CA TYR C 307 -42.08 30.50 -27.72
C TYR C 307 -41.07 29.44 -28.17
N ARG C 308 -40.52 28.65 -27.26
CA ARG C 308 -39.65 27.52 -27.63
C ARG C 308 -40.40 26.56 -28.55
N LEU C 309 -41.66 26.28 -28.25
CA LEU C 309 -42.45 25.36 -29.05
C LEU C 309 -42.79 25.94 -30.42
N ASP C 310 -43.00 27.25 -30.53
CA ASP C 310 -43.08 27.83 -31.87
C ASP C 310 -41.82 27.57 -32.66
N LEU C 311 -40.62 27.96 -32.18
CA LEU C 311 -39.42 27.83 -33.02
C LEU C 311 -39.17 26.40 -33.50
N LEU C 312 -39.44 25.42 -32.64
CA LEU C 312 -39.31 24.00 -32.98
C LEU C 312 -40.37 23.55 -33.98
N THR C 313 -41.63 24.00 -33.86
CA THR C 313 -42.62 23.68 -34.88
C THR C 313 -42.35 24.41 -36.19
N GLN C 314 -41.62 25.53 -36.21
CA GLN C 314 -41.22 26.20 -37.47
C GLN C 314 -40.05 25.47 -38.14
N ALA C 315 -39.12 24.92 -37.35
CA ALA C 315 -38.10 23.99 -37.82
C ALA C 315 -38.67 22.65 -38.32
N GLY C 316 -39.96 22.38 -38.10
CA GLY C 316 -40.68 21.22 -38.63
C GLY C 316 -40.53 19.93 -37.83
N VAL C 317 -40.30 20.03 -36.50
CA VAL C 317 -40.10 18.86 -35.64
C VAL C 317 -41.31 17.93 -35.65
N ASP C 318 -41.10 16.61 -35.54
CA ASP C 318 -42.16 15.62 -35.71
C ASP C 318 -42.92 15.31 -34.42
N VAL C 319 -42.23 15.37 -33.28
CA VAL C 319 -42.78 14.93 -32.00
C VAL C 319 -42.14 15.66 -30.83
N ILE C 320 -42.93 15.94 -29.80
CA ILE C 320 -42.53 16.72 -28.63
C ILE C 320 -42.61 15.85 -27.40
N VAL C 321 -41.62 15.90 -26.52
CA VAL C 321 -41.72 15.26 -25.20
C VAL C 321 -41.73 16.32 -24.10
N LEU C 322 -42.78 16.31 -23.28
CA LEU C 322 -43.01 17.33 -22.27
C LEU C 322 -42.23 17.00 -21.00
N ASP C 323 -40.92 17.21 -21.03
CA ASP C 323 -40.04 16.86 -19.92
C ASP C 323 -40.49 17.51 -18.62
N SER C 324 -40.68 16.71 -17.58
CA SER C 324 -41.18 17.12 -16.25
C SER C 324 -40.96 15.98 -15.27
N SER C 325 -40.45 16.27 -14.08
CA SER C 325 -40.11 15.27 -13.07
C SER C 325 -41.34 14.45 -12.64
N GLN C 326 -42.50 15.10 -12.56
CA GLN C 326 -43.80 14.48 -12.39
C GLN C 326 -44.80 15.05 -13.38
N GLY C 327 -45.44 14.18 -14.15
CA GLY C 327 -46.18 14.59 -15.33
C GLY C 327 -47.56 15.15 -15.06
N ASN C 328 -48.23 14.72 -14.00
CA ASN C 328 -49.64 15.03 -13.79
C ASN C 328 -49.82 16.32 -13.00
N SER C 329 -49.68 17.46 -13.66
CA SER C 329 -49.84 18.78 -13.07
C SER C 329 -50.79 19.66 -13.85
N VAL C 330 -51.44 20.61 -13.20
CA VAL C 330 -52.39 21.51 -13.87
C VAL C 330 -51.76 22.23 -15.04
N TYR C 331 -50.50 22.68 -14.90
CA TYR C 331 -49.82 23.39 -15.98
C TYR C 331 -49.18 22.49 -17.05
N GLN C 332 -48.94 21.20 -16.79
CA GLN C 332 -48.75 20.23 -17.88
C GLN C 332 -50.01 20.07 -18.71
N ILE C 333 -51.18 19.91 -18.08
CA ILE C 333 -52.44 19.73 -18.82
C ILE C 333 -52.81 21.01 -19.58
N ALA C 334 -52.54 22.19 -19.03
CA ALA C 334 -52.64 23.45 -19.76
C ALA C 334 -51.68 23.49 -20.97
N MET C 335 -50.41 23.09 -20.81
CA MET C 335 -49.48 22.98 -21.93
C MET C 335 -49.98 22.01 -22.99
N VAL C 336 -50.44 20.81 -22.63
CA VAL C 336 -51.01 19.85 -23.58
C VAL C 336 -52.19 20.47 -24.31
N HIS C 337 -53.17 21.04 -23.61
CA HIS C 337 -54.33 21.65 -24.27
C HIS C 337 -53.93 22.76 -25.24
N TYR C 338 -52.93 23.58 -24.89
CA TYR C 338 -52.44 24.64 -25.75
C TYR C 338 -51.92 24.06 -27.07
N ILE C 339 -51.03 23.06 -26.99
CA ILE C 339 -50.41 22.44 -28.17
C ILE C 339 -51.50 21.87 -29.06
N LYS C 340 -52.37 21.01 -28.52
CA LYS C 340 -53.43 20.40 -29.32
C LYS C 340 -54.39 21.44 -29.87
N GLN C 341 -54.43 22.63 -29.30
CA GLN C 341 -55.30 23.68 -29.80
C GLN C 341 -54.65 24.52 -30.87
N LYS C 342 -53.33 24.55 -30.91
CA LYS C 342 -52.60 25.47 -31.78
C LYS C 342 -51.88 24.77 -32.92
N TYR C 343 -51.33 23.58 -32.69
CA TYR C 343 -50.62 22.81 -33.70
C TYR C 343 -51.21 21.41 -33.75
N PRO C 344 -52.34 21.23 -34.44
CA PRO C 344 -53.04 19.94 -34.37
C PRO C 344 -52.32 18.80 -35.08
N HIS C 345 -51.14 19.04 -35.66
CA HIS C 345 -50.40 18.01 -36.35
C HIS C 345 -49.32 17.39 -35.49
N LEU C 346 -48.83 18.12 -34.49
CA LEU C 346 -47.67 17.78 -33.68
C LEU C 346 -47.99 16.67 -32.70
N GLN C 347 -47.22 15.57 -32.72
CA GLN C 347 -47.37 14.49 -31.73
C GLN C 347 -46.77 14.90 -30.38
N VAL C 348 -47.46 14.62 -29.26
CA VAL C 348 -47.06 15.05 -27.91
C VAL C 348 -46.96 13.87 -26.97
N ILE C 349 -45.83 13.70 -26.30
CA ILE C 349 -45.57 12.61 -25.35
C ILE C 349 -45.61 13.18 -23.94
N GLY C 350 -46.47 12.63 -23.08
CA GLY C 350 -46.64 13.12 -21.71
C GLY C 350 -45.41 12.86 -20.85
N GLY C 351 -45.08 13.81 -19.96
CA GLY C 351 -43.94 13.71 -19.05
C GLY C 351 -44.08 12.60 -18.02
N ASN C 352 -43.03 12.32 -17.26
CA ASN C 352 -42.91 11.12 -16.43
C ASN C 352 -44.14 10.82 -15.57
N VAL C 353 -44.71 9.64 -15.70
CA VAL C 353 -45.76 9.10 -14.82
C VAL C 353 -45.40 7.70 -14.38
N VAL C 354 -45.97 7.23 -13.28
CA VAL C 354 -45.79 5.85 -12.80
C VAL C 354 -47.06 5.22 -12.23
N THR C 355 -48.21 5.88 -12.30
CA THR C 355 -49.49 5.33 -11.86
C THR C 355 -50.53 5.38 -12.95
N ALA C 356 -51.49 4.48 -12.92
CA ALA C 356 -52.65 4.55 -13.78
C ALA C 356 -53.48 5.84 -13.57
N ALA C 357 -53.49 6.42 -12.36
CA ALA C 357 -54.20 7.68 -12.10
C ALA C 357 -53.60 8.90 -12.82
N GLN C 358 -52.27 9.04 -12.81
CA GLN C 358 -51.55 10.00 -13.64
C GLN C 358 -51.79 9.75 -15.15
N ALA C 359 -51.53 8.54 -15.64
CA ALA C 359 -51.76 8.15 -17.01
C ALA C 359 -53.16 8.52 -17.44
N LYS C 360 -54.21 8.35 -16.62
CA LYS C 360 -55.58 8.77 -16.97
C LYS C 360 -55.66 10.25 -17.25
N ASN C 361 -55.18 11.09 -16.33
CA ASN C 361 -55.32 12.53 -16.44
C ASN C 361 -54.59 13.09 -17.65
N LEU C 362 -53.41 12.55 -17.99
CA LEU C 362 -52.71 12.98 -19.19
C LEU C 362 -53.35 12.42 -20.45
N ILE C 363 -53.75 11.14 -20.46
CA ILE C 363 -54.44 10.63 -21.64
C ILE C 363 -55.68 11.45 -21.94
N ASP C 364 -56.60 11.60 -20.98
CA ASP C 364 -57.84 12.32 -21.25
C ASP C 364 -57.64 13.83 -21.47
N ALA C 365 -56.45 14.37 -21.15
CA ALA C 365 -56.01 15.65 -21.68
C ALA C 365 -55.65 15.59 -23.18
N GLY C 366 -55.33 14.42 -23.76
CA GLY C 366 -55.16 14.30 -25.20
C GLY C 366 -53.79 13.87 -25.66
N VAL C 367 -52.82 13.63 -24.75
CA VAL C 367 -51.45 13.22 -25.12
C VAL C 367 -51.44 11.93 -25.92
N ASP C 368 -50.36 11.71 -26.68
CA ASP C 368 -50.25 10.58 -27.59
C ASP C 368 -49.17 9.60 -27.21
N GLY C 369 -48.64 9.70 -26.01
CA GLY C 369 -47.59 8.81 -25.56
C GLY C 369 -47.39 9.01 -24.08
N LEU C 370 -46.35 8.39 -23.55
CA LEU C 370 -46.10 8.55 -22.14
C LEU C 370 -44.72 8.05 -21.80
N ARG C 371 -43.87 8.86 -21.17
CA ARG C 371 -42.65 8.35 -20.55
C ARG C 371 -43.03 7.70 -19.24
N VAL C 372 -42.90 6.38 -19.15
CA VAL C 372 -43.27 5.66 -17.95
C VAL C 372 -42.00 5.43 -17.16
N GLY C 373 -41.65 6.37 -16.30
CA GLY C 373 -40.48 6.19 -15.50
C GLY C 373 -40.23 7.32 -14.53
N MET C 374 -39.96 7.02 -13.26
CA MET C 374 -39.64 8.04 -12.25
C MET C 374 -38.92 7.38 -11.08
N GLY C 375 -37.92 8.06 -10.53
CA GLY C 375 -37.29 7.64 -9.27
C GLY C 375 -36.16 6.60 -9.36
N CYS C 376 -35.65 6.32 -10.56
CA CYS C 376 -34.51 5.41 -10.76
C CYS C 376 -33.19 6.01 -10.26
N VAL C 385 -34.22 8.93 -1.30
CA VAL C 385 -33.58 10.25 -1.49
C VAL C 385 -34.57 11.35 -1.90
N MET C 386 -35.77 10.97 -2.32
CA MET C 386 -36.79 11.86 -2.91
C MET C 386 -38.22 11.61 -2.43
N ALA C 387 -38.51 10.43 -1.87
CA ALA C 387 -39.72 10.07 -1.13
C ALA C 387 -40.91 9.79 -2.03
N CYS C 388 -40.76 9.81 -3.34
CA CYS C 388 -41.82 9.40 -4.26
C CYS C 388 -41.19 8.60 -5.38
N GLY C 389 -42.03 8.03 -6.24
CA GLY C 389 -41.61 7.24 -7.39
C GLY C 389 -42.17 5.84 -7.30
N ARG C 390 -41.66 4.91 -8.08
CA ARG C 390 -42.12 3.52 -8.09
C ARG C 390 -41.03 2.58 -8.58
N PRO C 391 -40.96 1.32 -8.14
CA PRO C 391 -40.06 0.34 -8.71
C PRO C 391 -40.35 0.15 -10.19
N GLN C 392 -39.34 0.30 -11.05
CA GLN C 392 -39.57 0.51 -12.48
C GLN C 392 -40.38 -0.61 -13.12
N GLY C 393 -40.14 -1.88 -12.79
CA GLY C 393 -40.84 -2.99 -13.44
C GLY C 393 -42.34 -2.90 -13.24
N THR C 394 -42.76 -2.56 -12.02
CA THR C 394 -44.19 -2.42 -11.70
C THR C 394 -44.80 -1.22 -12.39
N ALA C 395 -44.07 -0.11 -12.51
CA ALA C 395 -44.54 1.09 -13.17
C ALA C 395 -44.80 0.81 -14.64
N VAL C 396 -43.84 0.19 -15.32
CA VAL C 396 -44.03 -0.10 -16.73
C VAL C 396 -45.23 -0.99 -16.93
N TYR C 397 -45.35 -2.09 -16.18
CA TYR C 397 -46.50 -2.98 -16.36
C TYR C 397 -47.82 -2.27 -16.10
N LYS C 398 -47.96 -1.56 -14.97
CA LYS C 398 -49.21 -0.89 -14.61
C LYS C 398 -49.59 0.21 -15.59
N VAL C 399 -48.67 1.06 -16.03
CA VAL C 399 -49.03 2.13 -16.95
C VAL C 399 -49.30 1.58 -18.33
N ALA C 400 -48.52 0.59 -18.77
CA ALA C 400 -48.77 0.04 -20.09
C ALA C 400 -50.11 -0.64 -20.13
N GLU C 401 -50.44 -1.39 -19.08
CA GLU C 401 -51.70 -2.10 -19.07
C GLU C 401 -52.87 -1.16 -19.01
N TYR C 402 -52.71 0.04 -18.43
CA TYR C 402 -53.78 1.03 -18.38
C TYR C 402 -53.89 1.77 -19.70
N ALA C 403 -52.82 2.40 -20.17
CA ALA C 403 -52.82 3.10 -21.44
C ALA C 403 -53.34 2.23 -22.56
N ARG C 404 -52.89 0.98 -22.64
CA ARG C 404 -53.33 0.10 -23.70
C ARG C 404 -54.83 0.14 -23.93
N ARG C 405 -55.66 0.41 -22.92
CA ARG C 405 -57.12 0.47 -23.07
C ARG C 405 -57.54 1.49 -24.13
N PHE C 406 -56.74 2.53 -24.41
CA PHE C 406 -57.08 3.50 -25.42
C PHE C 406 -56.18 3.44 -26.64
N GLY C 407 -55.03 2.80 -26.54
CA GLY C 407 -54.11 2.70 -27.65
C GLY C 407 -52.93 3.61 -27.57
N VAL C 408 -52.58 4.08 -26.39
CA VAL C 408 -51.57 5.12 -26.27
C VAL C 408 -50.24 4.52 -25.84
N PRO C 409 -49.41 4.05 -26.75
CA PRO C 409 -48.19 3.35 -26.34
C PRO C 409 -47.34 4.21 -25.42
N ILE C 410 -46.53 3.52 -24.61
CA ILE C 410 -45.72 4.19 -23.61
C ILE C 410 -44.25 3.96 -23.92
N ILE C 411 -43.34 4.64 -23.22
CA ILE C 411 -41.89 4.66 -23.43
C ILE C 411 -41.24 4.35 -22.09
N ALA C 412 -40.51 3.25 -21.96
CA ALA C 412 -39.99 2.79 -20.67
C ALA C 412 -38.63 3.41 -20.40
N ASP C 413 -38.66 4.62 -19.85
CA ASP C 413 -37.45 5.35 -19.51
C ASP C 413 -37.05 5.14 -18.06
N GLY C 414 -35.81 4.71 -17.84
CA GLY C 414 -35.27 4.73 -16.50
C GLY C 414 -34.67 3.42 -16.02
N GLY C 415 -33.38 3.43 -15.67
CA GLY C 415 -32.72 2.29 -15.04
C GLY C 415 -32.60 1.04 -15.94
N ILE C 416 -32.46 1.22 -17.24
CA ILE C 416 -32.19 0.10 -18.15
C ILE C 416 -30.70 0.11 -18.48
N GLN C 417 -30.00 -0.99 -18.15
CA GLN C 417 -28.53 -1.05 -18.21
C GLN C 417 -27.97 -2.37 -18.79
N THR C 418 -28.82 -3.22 -19.36
CA THR C 418 -28.46 -4.46 -20.07
C THR C 418 -29.43 -4.70 -21.20
N VAL C 419 -29.16 -5.65 -22.09
CA VAL C 419 -30.13 -6.03 -23.11
C VAL C 419 -31.18 -6.97 -22.53
N GLY C 420 -30.89 -7.64 -21.43
CA GLY C 420 -31.94 -8.37 -20.75
C GLY C 420 -33.02 -7.45 -20.24
N HIS C 421 -32.64 -6.37 -19.55
CA HIS C 421 -33.59 -5.35 -19.07
C HIS C 421 -34.40 -4.78 -20.22
N VAL C 422 -33.81 -4.67 -21.41
CA VAL C 422 -34.57 -4.18 -22.57
C VAL C 422 -35.60 -5.21 -22.98
N VAL C 423 -35.19 -6.47 -23.12
CA VAL C 423 -36.16 -7.49 -23.51
C VAL C 423 -37.29 -7.55 -22.51
N LYS C 424 -37.00 -7.40 -21.20
CA LYS C 424 -38.00 -7.44 -20.12
C LYS C 424 -38.95 -6.26 -20.19
N ALA C 425 -38.45 -5.04 -20.27
CA ALA C 425 -39.27 -3.85 -20.44
C ALA C 425 -40.16 -3.98 -21.66
N LEU C 426 -39.72 -4.71 -22.68
CA LEU C 426 -40.58 -4.88 -23.83
C LEU C 426 -41.59 -5.99 -23.64
N ALA C 427 -41.30 -7.03 -22.86
CA ALA C 427 -42.26 -8.07 -22.53
C ALA C 427 -43.35 -7.54 -21.61
N LEU C 428 -43.02 -6.68 -20.64
CA LEU C 428 -43.99 -6.11 -19.70
C LEU C 428 -45.03 -5.21 -20.35
N GLY C 429 -44.75 -4.53 -21.46
CA GLY C 429 -45.74 -3.67 -22.07
C GLY C 429 -45.18 -2.42 -22.70
N ALA C 430 -43.96 -2.06 -22.37
CA ALA C 430 -43.36 -0.90 -23.00
C ALA C 430 -43.32 -1.07 -24.51
N SER C 431 -43.63 -0.02 -25.22
CA SER C 431 -43.54 -0.05 -26.67
C SER C 431 -42.16 0.31 -27.17
N THR C 432 -41.44 1.16 -26.45
CA THR C 432 -40.09 1.54 -26.82
C THR C 432 -39.30 1.81 -25.57
N VAL C 433 -37.99 1.62 -25.63
CA VAL C 433 -37.13 1.81 -24.50
C VAL C 433 -36.20 2.98 -24.78
N MET C 434 -36.10 3.93 -23.86
CA MET C 434 -35.29 5.13 -24.03
C MET C 434 -33.93 4.92 -23.35
N MET C 435 -32.91 4.67 -24.16
CA MET C 435 -31.53 4.52 -23.74
C MET C 435 -31.00 5.81 -23.08
N GLY C 436 -30.56 5.69 -21.83
CA GLY C 436 -30.01 6.78 -21.03
C GLY C 436 -28.52 6.96 -21.27
N SER C 437 -27.77 7.22 -20.20
CA SER C 437 -26.32 7.37 -20.19
C SER C 437 -25.55 6.15 -20.72
N LEU C 438 -26.22 5.03 -20.98
CA LEU C 438 -25.71 3.88 -21.75
C LEU C 438 -25.02 4.32 -23.07
N LEU C 439 -25.51 5.37 -23.71
CA LEU C 439 -24.94 5.94 -24.94
C LEU C 439 -23.94 7.08 -24.72
N ALA C 440 -23.82 7.63 -23.51
CA ALA C 440 -22.72 8.56 -23.20
C ALA C 440 -21.38 7.81 -23.23
N ALA C 441 -20.26 8.54 -23.38
CA ALA C 441 -18.95 7.94 -23.66
C ALA C 441 -18.93 7.06 -24.95
N THR C 442 -19.53 7.60 -26.01
CA THR C 442 -19.46 7.14 -27.40
C THR C 442 -19.09 8.32 -28.29
N THR C 443 -18.62 8.11 -29.51
CA THR C 443 -18.15 9.23 -30.36
C THR C 443 -19.26 10.23 -30.75
N GLU C 444 -20.53 9.82 -30.81
CA GLU C 444 -21.67 10.73 -30.96
C GLU C 444 -22.10 11.44 -29.66
N ALA C 445 -21.67 11.01 -28.48
CA ALA C 445 -22.02 11.71 -27.24
C ALA C 445 -21.37 13.12 -27.19
N PRO C 446 -22.10 14.19 -26.86
CA PRO C 446 -21.56 15.55 -26.83
C PRO C 446 -20.39 15.72 -25.85
N GLY C 500 -17.01 3.39 -28.76
CA GLY C 500 -17.84 2.97 -29.87
C GLY C 500 -18.61 4.11 -30.54
N SER C 501 -19.37 3.79 -31.58
CA SER C 501 -20.26 4.71 -32.31
C SER C 501 -21.66 4.13 -32.46
N ILE C 502 -22.70 4.96 -32.48
CA ILE C 502 -24.10 4.50 -32.45
C ILE C 502 -24.43 3.66 -33.68
N GLN C 503 -23.85 3.97 -34.84
CA GLN C 503 -24.06 3.16 -36.04
C GLN C 503 -23.43 1.77 -35.89
N LYS C 504 -22.27 1.62 -35.23
CA LYS C 504 -21.72 0.28 -35.01
C LYS C 504 -22.38 -0.44 -33.84
N PHE C 505 -22.86 0.29 -32.83
CA PHE C 505 -23.35 -0.26 -31.55
C PHE C 505 -24.82 -0.66 -31.54
N VAL C 506 -25.74 0.12 -32.12
CA VAL C 506 -27.16 -0.26 -32.15
C VAL C 506 -27.42 -1.65 -32.73
N PRO C 507 -26.69 -2.16 -33.75
CA PRO C 507 -26.90 -3.53 -34.25
C PRO C 507 -26.65 -4.57 -33.20
N TYR C 508 -25.76 -4.31 -32.25
CA TYR C 508 -25.56 -5.27 -31.18
C TYR C 508 -26.84 -5.43 -30.36
N LEU C 509 -27.42 -4.31 -29.92
CA LEU C 509 -28.66 -4.35 -29.16
C LEU C 509 -29.75 -5.01 -29.99
N ILE C 510 -29.84 -4.73 -31.29
CA ILE C 510 -30.87 -5.29 -32.14
C ILE C 510 -30.69 -6.80 -32.13
N ALA C 511 -29.50 -7.33 -32.40
CA ALA C 511 -29.30 -8.77 -32.41
C ALA C 511 -29.60 -9.37 -31.05
N GLY C 512 -29.30 -8.64 -29.96
CA GLY C 512 -29.59 -9.17 -28.63
C GLY C 512 -31.09 -9.28 -28.36
N ILE C 513 -31.83 -8.24 -28.67
CA ILE C 513 -33.29 -8.30 -28.56
C ILE C 513 -33.84 -9.42 -29.43
N GLN C 514 -33.30 -9.59 -30.63
CA GLN C 514 -33.84 -10.63 -31.49
C GLN C 514 -33.57 -12.01 -30.93
N HIS C 515 -32.38 -12.23 -30.40
CA HIS C 515 -32.10 -13.51 -29.77
C HIS C 515 -33.02 -13.74 -28.59
N GLY C 516 -33.28 -12.71 -27.81
CA GLY C 516 -34.18 -12.86 -26.68
C GLY C 516 -35.56 -13.26 -27.12
N CYS C 517 -36.19 -12.41 -27.93
CA CYS C 517 -37.54 -12.67 -28.38
C CYS C 517 -37.65 -13.91 -29.24
N GLN C 518 -36.54 -14.54 -29.65
CA GLN C 518 -36.51 -15.89 -30.19
C GLN C 518 -36.58 -16.96 -29.10
N ASP C 519 -35.81 -16.88 -28.03
CA ASP C 519 -35.91 -17.82 -26.90
C ASP C 519 -37.30 -17.81 -26.25
N ILE C 520 -37.88 -16.63 -26.12
CA ILE C 520 -39.26 -16.50 -25.64
C ILE C 520 -40.27 -17.12 -26.63
N GLY C 521 -39.89 -17.33 -27.88
CA GLY C 521 -40.73 -17.98 -28.89
C GLY C 521 -41.76 -17.06 -29.54
N ALA C 522 -41.53 -15.75 -29.54
CA ALA C 522 -42.45 -14.75 -30.07
C ALA C 522 -41.88 -14.09 -31.33
N ARG C 523 -42.48 -14.33 -32.50
CA ARG C 523 -41.90 -13.87 -33.76
C ARG C 523 -41.88 -12.35 -33.99
N SER C 524 -42.48 -11.52 -33.14
CA SER C 524 -42.47 -10.08 -33.37
C SER C 524 -43.00 -9.35 -32.15
N LEU C 525 -42.31 -8.30 -31.71
CA LEU C 525 -42.64 -7.63 -30.47
C LEU C 525 -44.14 -7.47 -30.28
N SER C 526 -44.92 -7.11 -31.30
CA SER C 526 -46.39 -7.07 -31.20
C SER C 526 -47.03 -8.39 -30.72
N VAL C 527 -46.64 -9.52 -31.31
CA VAL C 527 -46.88 -10.86 -30.76
C VAL C 527 -46.31 -11.02 -29.36
N LEU C 528 -45.10 -10.57 -29.01
CA LEU C 528 -44.58 -10.71 -27.65
C LEU C 528 -45.53 -10.07 -26.63
N ARG C 529 -46.10 -8.90 -26.92
CA ARG C 529 -47.04 -8.27 -26.01
C ARG C 529 -48.39 -8.95 -26.06
N SER C 530 -48.88 -9.38 -27.23
CA SER C 530 -50.16 -10.09 -27.32
C SER C 530 -50.13 -11.40 -26.53
N MET C 531 -49.02 -12.12 -26.61
CA MET C 531 -48.74 -13.35 -25.88
C MET C 531 -48.65 -13.11 -24.37
N MET C 532 -48.25 -11.91 -23.95
CA MET C 532 -48.23 -11.51 -22.55
C MET C 532 -49.60 -11.13 -22.00
N TYR C 533 -50.33 -10.20 -22.63
CA TYR C 533 -51.65 -9.79 -22.15
C TYR C 533 -52.67 -10.94 -22.16
N SER C 534 -52.59 -11.86 -23.12
CA SER C 534 -53.46 -13.05 -23.17
C SER C 534 -53.07 -14.15 -22.19
N GLY C 535 -52.00 -13.97 -21.39
CA GLY C 535 -51.60 -14.92 -20.36
C GLY C 535 -50.86 -16.16 -20.85
N GLU C 536 -50.47 -16.21 -22.13
CA GLU C 536 -49.67 -17.31 -22.65
C GLU C 536 -48.19 -17.24 -22.22
N LEU C 537 -47.62 -16.04 -22.15
CA LEU C 537 -46.26 -15.83 -21.63
C LEU C 537 -46.23 -16.03 -20.11
N LYS C 538 -45.23 -16.74 -19.58
CA LYS C 538 -45.11 -17.06 -18.16
C LYS C 538 -43.83 -16.49 -17.54
N PHE C 539 -43.89 -16.11 -16.28
CA PHE C 539 -42.87 -15.40 -15.54
C PHE C 539 -42.58 -16.09 -14.21
N GLU C 540 -41.41 -15.85 -13.61
CA GLU C 540 -41.04 -16.37 -12.30
C GLU C 540 -40.34 -15.29 -11.47
N LYS C 541 -40.68 -15.10 -10.19
CA LYS C 541 -39.90 -14.24 -9.30
C LYS C 541 -38.55 -14.86 -8.98
N ARG C 542 -37.55 -14.06 -8.63
CA ARG C 542 -36.28 -14.53 -8.06
C ARG C 542 -36.11 -14.09 -6.61
N THR C 543 -35.92 -15.04 -5.70
CA THR C 543 -35.29 -14.78 -4.39
C THR C 543 -33.91 -14.14 -4.59
N MET C 544 -33.39 -13.42 -3.59
CA MET C 544 -32.08 -12.76 -3.67
C MET C 544 -30.95 -13.74 -4.03
N SER C 545 -30.98 -14.95 -3.48
CA SER C 545 -30.01 -16.01 -3.80
C SER C 545 -30.05 -16.46 -5.25
N ALA C 546 -31.19 -16.39 -5.94
CA ALA C 546 -31.32 -16.84 -7.32
C ALA C 546 -30.85 -15.82 -8.35
N GLN C 547 -30.68 -14.55 -7.94
CA GLN C 547 -30.08 -13.51 -8.77
C GLN C 547 -28.59 -13.31 -8.44
N ILE C 548 -28.16 -13.53 -7.20
CA ILE C 548 -26.74 -13.68 -6.86
C ILE C 548 -26.11 -14.88 -7.60
N GLU C 549 -26.88 -15.94 -7.90
CA GLU C 549 -26.44 -17.04 -8.76
C GLU C 549 -26.23 -16.60 -10.23
N GLY C 550 -24.98 -16.30 -10.59
CA GLY C 550 -24.58 -16.00 -11.97
C GLY C 550 -25.05 -14.65 -12.53
N GLY C 551 -25.34 -13.66 -11.68
CA GLY C 551 -25.83 -12.35 -12.11
C GLY C 551 -25.69 -11.22 -11.09
N VAL C 552 -26.21 -10.04 -11.48
CA VAL C 552 -26.38 -8.75 -10.76
C VAL C 552 -25.13 -8.09 -10.14
N HIS C 553 -24.11 -8.84 -9.72
CA HIS C 553 -22.85 -8.35 -9.16
C HIS C 553 -21.65 -9.11 -9.75
N HIS D 29 -39.36 -50.46 0.97
CA HIS D 29 -39.63 -49.06 1.33
C HIS D 29 -40.53 -48.98 2.56
N GLU D 30 -40.03 -48.46 3.68
CA GLU D 30 -40.82 -48.24 4.90
C GLU D 30 -40.57 -46.86 5.54
N THR D 31 -41.66 -46.24 6.03
CA THR D 31 -41.67 -44.90 6.61
C THR D 31 -40.95 -44.85 7.96
N ALA D 32 -40.53 -43.67 8.43
CA ALA D 32 -39.89 -43.51 9.73
C ALA D 32 -40.74 -44.07 10.89
N ALA D 33 -42.07 -43.90 10.85
CA ALA D 33 -42.98 -44.48 11.83
C ALA D 33 -43.03 -46.01 11.75
N GLN D 34 -43.06 -46.57 10.54
CA GLN D 34 -42.99 -48.02 10.34
C GLN D 34 -41.66 -48.59 10.83
N ARG D 35 -40.53 -47.97 10.46
CA ARG D 35 -39.20 -48.44 10.87
C ARG D 35 -38.98 -48.32 12.37
N TYR D 36 -39.31 -47.19 12.99
CA TYR D 36 -39.18 -47.05 14.44
C TYR D 36 -40.04 -48.08 15.20
N SER D 37 -41.34 -48.18 14.87
CA SER D 37 -42.22 -49.14 15.54
C SER D 37 -41.78 -50.60 15.34
N ALA D 38 -41.39 -50.98 14.11
CA ALA D 38 -40.89 -52.33 13.84
C ALA D 38 -39.57 -52.62 14.56
N ARG D 39 -38.59 -51.72 14.47
CA ARG D 39 -37.25 -51.91 15.06
C ARG D 39 -37.27 -51.84 16.59
N LEU D 40 -38.19 -51.07 17.17
CA LEU D 40 -38.50 -51.13 18.60
C LEU D 40 -39.02 -52.53 18.99
N LEU D 41 -39.90 -53.14 18.20
CA LEU D 41 -40.37 -54.51 18.44
C LEU D 41 -39.31 -55.61 18.14
N GLN D 42 -38.22 -55.31 17.42
CA GLN D 42 -37.05 -56.20 17.38
C GLN D 42 -36.32 -56.24 18.73
N ALA D 43 -36.24 -55.10 19.44
CA ALA D 43 -35.74 -55.05 20.82
C ALA D 43 -36.77 -55.58 21.85
N GLY D 44 -38.07 -55.37 21.59
CA GLY D 44 -39.18 -55.77 22.45
C GLY D 44 -39.50 -54.75 23.55
N TYR D 45 -40.69 -54.87 24.16
CA TYR D 45 -41.14 -53.96 25.23
C TYR D 45 -40.23 -53.99 26.47
N MET D 50 -50.60 -55.25 20.71
CA MET D 50 -51.67 -54.42 21.28
C MET D 50 -52.41 -53.60 20.19
N ALA D 51 -53.46 -52.89 20.59
CA ALA D 51 -54.40 -52.23 19.70
C ALA D 51 -53.87 -50.86 19.32
N ASP D 52 -52.60 -50.80 18.93
CA ASP D 52 -51.87 -49.62 18.47
C ASP D 52 -51.41 -49.85 17.02
N TYR D 53 -51.10 -51.09 16.62
CA TYR D 53 -51.00 -51.45 15.20
C TYR D 53 -52.38 -51.62 14.56
N LEU D 54 -53.41 -51.96 15.36
CA LEU D 54 -54.74 -52.27 14.87
C LEU D 54 -55.65 -51.06 14.78
N ILE D 55 -55.25 -49.92 15.34
CA ILE D 55 -56.03 -48.69 15.28
C ILE D 55 -55.40 -47.62 14.43
N SER D 56 -54.12 -47.74 14.00
CA SER D 56 -53.54 -46.82 12.98
C SER D 56 -52.46 -47.43 12.08
N GLY D 57 -52.35 -48.77 11.99
CA GLY D 57 -51.33 -49.45 11.18
C GLY D 57 -49.89 -49.17 11.64
N GLY D 58 -48.92 -49.42 10.76
CA GLY D 58 -47.51 -49.12 11.01
C GLY D 58 -47.20 -47.61 11.12
N THR D 59 -48.11 -46.77 10.63
CA THR D 59 -48.15 -45.32 10.87
C THR D 59 -48.58 -44.99 12.30
N GLY D 60 -47.66 -45.19 13.26
CA GLY D 60 -47.86 -44.97 14.69
C GLY D 60 -47.76 -43.52 15.18
N TYR D 61 -48.17 -42.55 14.35
CA TYR D 61 -48.05 -41.10 14.54
C TYR D 61 -46.62 -40.53 14.56
N VAL D 62 -46.40 -39.46 13.80
CA VAL D 62 -45.28 -38.53 13.96
C VAL D 62 -45.78 -37.09 13.76
N PRO D 63 -45.26 -36.10 14.48
CA PRO D 63 -45.64 -34.70 14.29
C PRO D 63 -45.42 -34.21 12.85
N GLU D 64 -46.38 -33.44 12.34
CA GLU D 64 -46.20 -32.66 11.12
C GLU D 64 -45.34 -31.44 11.45
N ASP D 65 -44.19 -31.31 10.82
CA ASP D 65 -43.24 -30.22 11.08
C ASP D 65 -42.43 -29.91 9.82
N GLY D 66 -42.48 -28.68 9.32
CA GLY D 66 -41.95 -28.30 8.01
C GLY D 66 -42.91 -28.54 6.85
N LEU D 67 -42.47 -28.25 5.63
CA LEU D 67 -43.27 -28.25 4.40
C LEU D 67 -42.99 -29.50 3.56
N THR D 68 -43.99 -30.14 2.97
CA THR D 68 -43.70 -31.09 1.87
C THR D 68 -43.20 -30.32 0.64
N ALA D 69 -42.45 -30.96 -0.27
CA ALA D 69 -41.90 -30.30 -1.45
C ALA D 69 -42.96 -29.63 -2.31
N GLN D 70 -44.13 -30.26 -2.47
CA GLN D 70 -45.25 -29.67 -3.21
C GLN D 70 -45.72 -28.34 -2.61
N GLN D 71 -45.65 -28.16 -1.29
CA GLN D 71 -45.95 -26.88 -0.65
C GLN D 71 -44.81 -25.88 -0.81
N LEU D 72 -43.55 -26.31 -0.72
CA LEU D 72 -42.39 -25.42 -0.80
C LEU D 72 -42.39 -24.63 -2.10
N PHE D 73 -42.68 -25.28 -3.22
CA PHE D 73 -42.76 -24.65 -4.55
C PHE D 73 -44.14 -24.07 -4.90
N ALA D 74 -45.10 -24.04 -3.98
CA ALA D 74 -46.43 -23.46 -4.22
C ALA D 74 -46.46 -21.93 -4.18
N SER D 75 -45.52 -21.29 -3.49
CA SER D 75 -45.53 -19.82 -3.31
C SER D 75 -45.22 -19.04 -4.59
N ALA D 76 -44.64 -19.72 -5.59
CA ALA D 76 -44.16 -19.15 -6.84
C ALA D 76 -43.05 -18.08 -6.67
N ASP D 77 -42.35 -18.09 -5.54
CA ASP D 77 -40.98 -17.57 -5.50
C ASP D 77 -40.07 -18.59 -6.20
N GLY D 78 -39.23 -18.18 -7.13
CA GLY D 78 -38.28 -19.09 -7.74
C GLY D 78 -37.11 -19.35 -6.80
N LEU D 79 -37.13 -20.46 -6.08
CA LEU D 79 -36.04 -20.88 -5.20
C LEU D 79 -34.84 -21.43 -5.97
N THR D 80 -33.64 -21.29 -5.41
CA THR D 80 -32.47 -22.06 -5.82
C THR D 80 -31.87 -22.83 -4.64
N TYR D 81 -30.82 -23.63 -4.83
CA TYR D 81 -30.36 -24.61 -3.83
C TYR D 81 -29.95 -24.00 -2.50
N ASN D 82 -29.49 -22.75 -2.47
CA ASN D 82 -29.19 -22.05 -1.22
C ASN D 82 -30.44 -21.72 -0.41
N ASP D 83 -31.66 -21.76 -0.95
CA ASP D 83 -32.84 -21.23 -0.28
C ASP D 83 -33.57 -22.21 0.64
N PHE D 84 -33.36 -23.53 0.58
CA PHE D 84 -34.11 -24.47 1.39
C PHE D 84 -33.19 -25.46 2.10
N LEU D 85 -33.68 -26.08 3.16
CA LEU D 85 -33.02 -27.18 3.87
C LEU D 85 -33.94 -28.39 3.95
N ILE D 86 -33.34 -29.54 4.23
CA ILE D 86 -34.04 -30.81 4.39
C ILE D 86 -34.00 -31.17 5.86
N LEU D 87 -35.16 -31.18 6.51
CA LEU D 87 -35.21 -31.45 7.94
C LEU D 87 -34.78 -32.90 8.20
N PRO D 88 -33.82 -33.14 9.10
CA PRO D 88 -33.25 -34.47 9.33
C PRO D 88 -34.29 -35.48 9.80
N GLY D 89 -34.09 -36.75 9.44
CA GLY D 89 -35.03 -37.83 9.72
C GLY D 89 -34.62 -38.75 10.86
N PHE D 90 -34.97 -40.02 10.74
CA PHE D 90 -34.56 -41.12 11.63
C PHE D 90 -33.49 -41.96 10.96
N ILE D 91 -32.35 -42.20 11.63
CA ILE D 91 -31.24 -42.98 11.08
C ILE D 91 -31.24 -44.39 11.65
N ASP D 92 -31.21 -45.41 10.79
CA ASP D 92 -31.11 -46.81 11.22
C ASP D 92 -30.21 -47.69 10.34
N PHE D 93 -29.21 -47.08 9.70
CA PHE D 93 -28.21 -47.73 8.85
C PHE D 93 -26.89 -46.93 8.84
N ILE D 94 -25.76 -47.57 8.52
CA ILE D 94 -24.47 -46.89 8.44
C ILE D 94 -24.36 -46.09 7.14
N ALA D 95 -23.48 -45.08 7.11
CA ALA D 95 -23.26 -44.21 5.97
C ALA D 95 -22.61 -44.91 4.78
N ASP D 96 -22.42 -46.22 4.87
CA ASP D 96 -21.86 -46.98 3.76
C ASP D 96 -22.83 -48.02 3.24
N GLU D 97 -24.12 -47.88 3.54
CA GLU D 97 -25.14 -48.72 2.93
C GLU D 97 -26.14 -47.89 2.15
N VAL D 98 -25.77 -46.66 1.80
CA VAL D 98 -26.61 -45.77 1.04
C VAL D 98 -26.45 -46.05 -0.44
N ASP D 99 -27.17 -47.04 -0.94
CA ASP D 99 -27.08 -47.37 -2.35
C ASP D 99 -27.28 -46.14 -3.21
N LEU D 100 -26.33 -45.89 -4.09
CA LEU D 100 -26.35 -44.70 -4.93
C LEU D 100 -26.86 -44.96 -6.33
N THR D 101 -27.25 -46.18 -6.65
CA THR D 101 -27.67 -46.50 -8.02
C THR D 101 -28.64 -45.47 -8.54
N SER D 102 -28.30 -44.86 -9.67
CA SER D 102 -29.19 -43.92 -10.33
C SER D 102 -29.38 -44.31 -11.79
N ALA D 103 -30.36 -43.70 -12.42
CA ALA D 103 -30.71 -44.00 -13.80
C ALA D 103 -30.40 -42.80 -14.67
N LEU D 104 -29.57 -43.02 -15.71
CA LEU D 104 -29.16 -41.96 -16.61
C LEU D 104 -30.25 -41.71 -17.64
N THR D 105 -30.73 -42.77 -18.30
CA THR D 105 -31.75 -42.66 -19.31
C THR D 105 -32.68 -43.84 -19.13
N ARG D 106 -33.63 -44.01 -20.05
CA ARG D 106 -34.61 -45.06 -19.84
C ARG D 106 -33.98 -46.44 -19.76
N LYS D 107 -32.77 -46.63 -20.30
CA LYS D 107 -32.19 -47.96 -20.38
C LYS D 107 -30.77 -48.04 -19.84
N ILE D 108 -30.01 -46.95 -19.81
CA ILE D 108 -28.68 -46.90 -19.19
C ILE D 108 -28.80 -46.59 -17.70
N THR D 109 -28.19 -47.41 -16.84
CA THR D 109 -28.18 -47.27 -15.37
C THR D 109 -26.74 -47.13 -14.87
N LEU D 110 -26.51 -46.32 -13.83
CA LEU D 110 -25.18 -45.98 -13.32
C LEU D 110 -25.06 -46.27 -11.82
N LYS D 111 -23.90 -46.73 -11.37
CA LYS D 111 -23.64 -46.98 -9.95
C LYS D 111 -23.42 -45.71 -9.12
N THR D 112 -23.27 -44.55 -9.76
CA THR D 112 -22.94 -43.27 -9.13
C THR D 112 -23.79 -42.14 -9.74
N PRO D 113 -24.40 -41.21 -8.99
CA PRO D 113 -25.30 -40.21 -9.56
C PRO D 113 -24.55 -39.02 -10.13
N LEU D 114 -23.28 -39.18 -10.45
CA LEU D 114 -22.49 -38.09 -10.98
C LEU D 114 -22.35 -38.21 -12.49
N ILE D 115 -21.89 -37.15 -13.16
CA ILE D 115 -21.54 -37.11 -14.60
C ILE D 115 -20.50 -36.01 -14.80
N SER D 116 -19.59 -36.12 -15.77
CA SER D 116 -18.79 -34.98 -16.23
C SER D 116 -19.43 -34.26 -17.41
N SER D 117 -19.58 -32.95 -17.30
CA SER D 117 -20.21 -32.09 -18.31
C SER D 117 -19.48 -32.08 -19.66
N PRO D 118 -20.20 -32.01 -20.80
CA PRO D 118 -19.58 -31.97 -22.12
C PRO D 118 -19.01 -30.58 -22.44
N MET D 119 -17.92 -30.21 -21.78
CA MET D 119 -17.18 -28.97 -21.99
C MET D 119 -15.72 -29.25 -22.34
N ASP D 120 -15.13 -28.43 -23.20
CA ASP D 120 -13.71 -28.50 -23.56
C ASP D 120 -12.79 -28.36 -22.33
N THR D 121 -13.14 -27.50 -21.38
CA THR D 121 -12.41 -27.34 -20.11
C THR D 121 -12.63 -28.48 -19.12
N VAL D 122 -13.46 -29.49 -19.43
CA VAL D 122 -13.78 -30.59 -18.50
C VAL D 122 -13.54 -31.96 -19.12
N THR D 123 -14.33 -32.38 -20.11
CA THR D 123 -14.35 -33.78 -20.53
C THR D 123 -13.63 -34.00 -21.85
N GLU D 124 -12.73 -34.96 -21.86
CA GLU D 124 -12.08 -35.53 -23.03
C GLU D 124 -11.91 -37.04 -22.75
N ALA D 125 -11.24 -37.82 -23.61
CA ALA D 125 -11.22 -39.27 -23.46
C ALA D 125 -10.66 -39.75 -22.11
N ASP D 126 -9.69 -39.04 -21.54
CA ASP D 126 -9.14 -39.37 -20.23
C ASP D 126 -10.19 -39.20 -19.12
N MET D 127 -10.84 -38.03 -19.00
CA MET D 127 -11.87 -37.88 -17.98
C MET D 127 -13.08 -38.78 -18.25
N ALA D 128 -13.43 -39.08 -19.50
CA ALA D 128 -14.51 -39.99 -19.80
C ALA D 128 -14.20 -41.42 -19.29
N ILE D 129 -12.97 -41.89 -19.41
CA ILE D 129 -12.54 -43.17 -18.81
C ILE D 129 -12.61 -43.07 -17.29
N ALA D 130 -12.07 -42.00 -16.69
CA ALA D 130 -12.03 -41.84 -15.25
C ALA D 130 -13.43 -41.87 -14.62
N MET D 131 -14.40 -41.15 -15.20
CA MET D 131 -15.78 -41.18 -14.72
C MET D 131 -16.41 -42.56 -14.79
N ALA D 132 -16.24 -43.27 -15.89
CA ALA D 132 -16.82 -44.59 -16.03
C ALA D 132 -16.22 -45.57 -15.01
N LEU D 133 -14.91 -45.49 -14.76
CA LEU D 133 -14.27 -46.29 -13.72
C LEU D 133 -14.75 -45.94 -12.29
N MET D 134 -15.30 -44.74 -12.07
CA MET D 134 -15.96 -44.37 -10.82
C MET D 134 -17.48 -44.56 -10.83
N GLY D 135 -18.02 -45.34 -11.77
CA GLY D 135 -19.44 -45.70 -11.80
C GLY D 135 -20.37 -44.64 -12.38
N GLY D 136 -19.84 -43.51 -12.85
CA GLY D 136 -20.61 -42.48 -13.54
C GLY D 136 -20.55 -42.65 -15.06
N ILE D 137 -20.73 -41.55 -15.80
CA ILE D 137 -20.45 -41.47 -17.23
C ILE D 137 -19.80 -40.13 -17.54
N GLY D 138 -19.14 -39.99 -18.68
CA GLY D 138 -18.70 -38.70 -19.20
C GLY D 138 -19.19 -38.49 -20.63
N PHE D 139 -19.44 -37.25 -21.01
CA PHE D 139 -19.84 -36.88 -22.36
C PHE D 139 -18.71 -36.08 -23.03
N ILE D 140 -18.17 -36.60 -24.13
CA ILE D 140 -17.09 -35.95 -24.89
C ILE D 140 -17.63 -34.66 -25.52
N HIS D 141 -16.93 -33.54 -25.32
CA HIS D 141 -17.33 -32.24 -25.88
C HIS D 141 -17.29 -32.25 -27.42
N HIS D 142 -17.92 -31.27 -28.06
CA HIS D 142 -18.03 -31.23 -29.52
C HIS D 142 -17.41 -29.98 -30.17
N ASN D 143 -16.55 -29.25 -29.46
CA ASN D 143 -15.85 -28.08 -29.98
C ASN D 143 -14.61 -28.48 -30.79
N CYS D 144 -14.82 -29.28 -31.84
CA CYS D 144 -13.78 -29.94 -32.62
C CYS D 144 -14.29 -30.42 -34.00
N THR D 145 -13.39 -30.85 -34.87
CA THR D 145 -13.73 -31.60 -36.10
C THR D 145 -14.43 -32.91 -35.75
N PRO D 146 -15.47 -33.37 -36.49
CA PRO D 146 -16.20 -34.61 -36.18
C PRO D 146 -15.33 -35.87 -36.05
N GLU D 147 -14.26 -35.96 -36.84
CA GLU D 147 -13.30 -37.08 -36.77
C GLU D 147 -12.62 -37.16 -35.40
N PHE D 148 -12.24 -36.03 -34.81
CA PHE D 148 -11.55 -35.99 -33.52
C PHE D 148 -12.43 -36.55 -32.40
N GLN D 149 -13.72 -36.19 -32.40
CA GLN D 149 -14.67 -36.70 -31.42
C GLN D 149 -14.90 -38.21 -31.57
N ALA D 150 -15.01 -38.72 -32.80
CA ALA D 150 -15.12 -40.15 -33.05
C ALA D 150 -13.89 -40.92 -32.59
N ASN D 151 -12.69 -40.36 -32.77
CA ASN D 151 -11.46 -40.94 -32.25
C ASN D 151 -11.45 -40.97 -30.71
N GLU D 152 -11.82 -39.88 -30.06
CA GLU D 152 -11.89 -39.84 -28.59
C GLU D 152 -12.95 -40.79 -28.03
N VAL D 153 -14.07 -41.06 -28.71
CA VAL D 153 -14.99 -42.14 -28.32
C VAL D 153 -14.33 -43.50 -28.47
N ARG D 154 -13.72 -43.79 -29.63
CA ARG D 154 -13.06 -45.08 -29.91
C ARG D 154 -12.01 -45.39 -28.83
N LYS D 155 -11.24 -44.38 -28.45
CA LYS D 155 -10.25 -44.46 -27.36
C LYS D 155 -10.88 -44.86 -26.03
N VAL D 156 -12.09 -44.40 -25.72
CA VAL D 156 -12.82 -44.74 -24.48
C VAL D 156 -13.43 -46.13 -24.55
N LYS D 157 -14.09 -46.52 -25.64
CA LYS D 157 -14.72 -47.84 -25.73
C LYS D 157 -13.71 -49.00 -25.61
N LYS D 158 -12.45 -48.81 -26.02
CA LYS D 158 -11.43 -49.87 -26.10
C LYS D 158 -10.44 -49.89 -24.93
N PHE D 159 -10.85 -49.56 -23.71
CA PHE D 159 -9.94 -49.26 -22.60
C PHE D 159 -9.13 -50.47 -22.03
N GLU D 160 -9.79 -51.58 -21.71
CA GLU D 160 -9.18 -52.84 -21.24
C GLU D 160 -8.36 -52.82 -19.93
N GLN D 161 -8.40 -51.74 -19.11
CA GLN D 161 -7.89 -51.66 -17.73
C GLN D 161 -6.36 -51.80 -17.55
N GLY D 162 -5.77 -52.96 -17.86
CA GLY D 162 -4.34 -53.22 -17.70
C GLY D 162 -3.50 -52.93 -18.96
N PHE D 163 -4.07 -53.13 -20.14
CA PHE D 163 -3.36 -53.00 -21.41
C PHE D 163 -3.11 -51.54 -21.77
N ILE D 164 -2.12 -51.25 -22.62
CA ILE D 164 -1.92 -49.89 -23.16
C ILE D 164 -2.91 -49.64 -24.31
N THR D 165 -3.82 -48.69 -24.14
CA THR D 165 -4.69 -48.21 -25.22
C THR D 165 -3.86 -47.55 -26.33
N ASP D 166 -4.12 -47.92 -27.58
CA ASP D 166 -3.47 -47.34 -28.78
C ASP D 166 -1.93 -47.37 -28.68
N PRO D 167 -1.28 -48.55 -28.61
CA PRO D 167 0.16 -48.61 -28.49
C PRO D 167 0.89 -48.06 -29.71
N VAL D 168 2.13 -47.61 -29.53
CA VAL D 168 2.99 -47.09 -30.58
C VAL D 168 3.90 -48.22 -31.04
N VAL D 169 3.75 -48.65 -32.29
CA VAL D 169 4.55 -49.70 -32.92
C VAL D 169 5.43 -49.08 -33.99
N LEU D 170 6.74 -49.35 -33.98
CA LEU D 170 7.65 -48.86 -35.01
C LEU D 170 8.10 -49.97 -35.97
N SER D 171 8.58 -49.51 -37.13
CA SER D 171 8.95 -50.35 -38.25
C SER D 171 10.42 -50.71 -38.18
N PRO D 172 10.82 -51.97 -38.41
CA PRO D 172 12.24 -52.36 -38.55
C PRO D 172 13.07 -51.53 -39.54
N SER D 173 12.45 -50.81 -40.49
CA SER D 173 13.10 -49.88 -41.41
C SER D 173 13.52 -48.52 -40.81
N HIS D 174 12.96 -48.06 -39.69
CA HIS D 174 13.35 -46.76 -39.09
C HIS D 174 14.76 -46.80 -38.48
N THR D 175 15.52 -45.72 -38.67
CA THR D 175 16.77 -45.46 -37.93
C THR D 175 16.46 -45.10 -36.46
N VAL D 176 17.32 -45.50 -35.50
CA VAL D 176 16.99 -45.40 -34.06
C VAL D 176 16.71 -43.99 -33.57
N GLY D 177 17.26 -42.96 -34.22
CA GLY D 177 17.11 -41.56 -33.83
C GLY D 177 15.66 -41.03 -33.78
N ASP D 178 14.82 -41.57 -34.65
CA ASP D 178 13.40 -41.29 -34.84
C ASP D 178 12.52 -42.15 -33.95
N VAL D 179 13.12 -43.10 -33.21
CA VAL D 179 12.55 -43.81 -32.04
C VAL D 179 12.98 -43.12 -30.75
N LEU D 180 14.27 -42.81 -30.64
CA LEU D 180 14.90 -42.20 -29.48
C LEU D 180 14.32 -40.81 -29.23
N GLU D 181 13.82 -40.12 -30.27
CA GLU D 181 13.22 -38.82 -30.01
C GLU D 181 11.78 -38.94 -29.51
N ALA D 182 11.09 -40.02 -29.88
CA ALA D 182 9.72 -40.22 -29.41
C ALA D 182 9.65 -40.09 -27.90
N LYS D 183 10.67 -40.57 -27.18
CA LYS D 183 10.85 -40.29 -25.75
C LYS D 183 10.76 -38.78 -25.48
N MET D 184 11.18 -37.97 -26.44
CA MET D 184 11.01 -36.52 -26.36
C MET D 184 9.65 -36.05 -26.86
N ARG D 185 8.92 -36.90 -27.57
CA ARG D 185 7.61 -36.56 -28.11
C ARG D 185 6.45 -37.09 -27.25
N HIS D 186 6.42 -38.40 -26.98
CA HIS D 186 5.39 -38.98 -26.13
C HIS D 186 5.85 -39.27 -24.72
N GLY D 187 7.16 -39.31 -24.46
CA GLY D 187 7.66 -39.50 -23.11
C GLY D 187 8.02 -40.93 -22.78
N PHE D 188 7.23 -41.93 -23.17
CA PHE D 188 7.58 -43.34 -22.98
C PHE D 188 8.73 -43.75 -23.93
N SER D 189 9.40 -44.89 -23.70
CA SER D 189 10.52 -45.29 -24.57
C SER D 189 10.74 -46.80 -24.80
N GLY D 190 9.90 -47.69 -24.25
CA GLY D 190 9.86 -49.09 -24.67
C GLY D 190 8.87 -49.28 -25.81
N ILE D 191 9.34 -49.20 -27.05
CA ILE D 191 8.53 -49.29 -28.27
C ILE D 191 8.58 -50.73 -28.80
N PRO D 192 7.45 -51.45 -28.92
CA PRO D 192 7.37 -52.68 -29.70
C PRO D 192 7.52 -52.40 -31.18
N ILE D 193 7.99 -53.39 -31.93
CA ILE D 193 8.24 -53.25 -33.38
C ILE D 193 7.59 -54.34 -34.23
N THR D 194 7.05 -53.94 -35.38
CA THR D 194 6.62 -54.83 -36.47
C THR D 194 6.38 -54.03 -37.75
N GLU D 195 6.06 -54.68 -38.86
CA GLU D 195 6.07 -54.13 -40.22
C GLU D 195 5.49 -52.70 -40.36
N THR D 196 4.28 -52.39 -39.85
CA THR D 196 3.81 -51.02 -39.85
C THR D 196 2.93 -50.73 -38.65
N GLY D 197 1.99 -51.62 -38.30
CA GLY D 197 1.14 -51.45 -37.13
C GLY D 197 0.23 -52.64 -36.81
N THR D 198 -0.22 -52.71 -35.56
CA THR D 198 -0.97 -53.83 -34.95
C THR D 198 -2.15 -54.27 -35.82
N LEU D 203 4.33 -58.84 -34.15
CA LEU D 203 5.56 -58.45 -33.48
C LEU D 203 6.78 -59.17 -34.07
N VAL D 204 7.88 -58.44 -34.25
CA VAL D 204 9.20 -59.01 -34.64
C VAL D 204 10.30 -58.74 -33.61
N GLY D 205 10.03 -57.92 -32.58
CA GLY D 205 10.97 -57.61 -31.52
C GLY D 205 10.48 -56.49 -30.60
N ILE D 206 11.40 -55.91 -29.83
CA ILE D 206 11.20 -54.69 -29.03
C ILE D 206 12.44 -53.81 -29.11
N VAL D 207 12.28 -52.51 -28.83
CA VAL D 207 13.38 -51.59 -28.53
C VAL D 207 13.04 -50.75 -27.30
N THR D 208 14.02 -50.56 -26.42
CA THR D 208 13.89 -49.86 -25.15
C THR D 208 15.09 -48.94 -24.91
N SER D 209 15.03 -48.04 -23.92
CA SER D 209 16.18 -47.20 -23.62
C SER D 209 17.44 -48.03 -23.37
N ARG D 210 17.34 -49.20 -22.70
CA ARG D 210 18.51 -50.04 -22.45
C ARG D 210 19.18 -50.56 -23.71
N ASP D 211 18.46 -50.64 -24.81
CA ASP D 211 19.01 -51.00 -26.13
C ASP D 211 19.69 -49.82 -26.84
N ILE D 212 19.54 -48.61 -26.32
CA ILE D 212 19.86 -47.34 -26.99
C ILE D 212 20.76 -46.41 -26.15
N ASP D 213 20.87 -46.59 -24.83
CA ASP D 213 21.62 -45.70 -23.92
C ASP D 213 23.06 -45.40 -24.37
N PHE D 214 23.72 -46.39 -24.98
CA PHE D 214 25.08 -46.27 -25.53
C PHE D 214 25.05 -46.38 -27.06
N LEU D 215 25.62 -45.39 -27.75
CA LEU D 215 25.58 -45.22 -29.20
C LEU D 215 26.81 -44.47 -29.74
N LEU D 223 24.63 -43.15 -34.89
CA LEU D 223 23.33 -43.78 -34.71
C LEU D 223 23.18 -45.01 -35.63
N LEU D 224 22.81 -46.14 -35.05
CA LEU D 224 22.51 -47.39 -35.75
C LEU D 224 21.11 -47.33 -36.38
N SER D 225 20.75 -48.31 -37.22
CA SER D 225 19.37 -48.44 -37.72
C SER D 225 18.62 -49.67 -37.20
N GLU D 226 19.24 -50.85 -37.10
CA GLU D 226 18.64 -51.99 -36.40
C GLU D 226 19.70 -52.92 -35.82
N VAL D 227 19.77 -52.95 -34.49
CA VAL D 227 20.66 -53.78 -33.67
C VAL D 227 19.97 -54.28 -32.39
N MET D 228 18.66 -54.05 -32.25
CA MET D 228 17.91 -54.22 -31.00
C MET D 228 17.07 -55.51 -30.99
N THR D 229 16.57 -55.87 -29.81
CA THR D 229 16.08 -57.21 -29.45
C THR D 229 15.10 -57.81 -30.46
N PRO D 230 15.50 -58.87 -31.22
CA PRO D 230 14.63 -59.59 -32.14
C PRO D 230 13.77 -60.62 -31.39
N ARG D 231 12.78 -61.24 -32.06
CA ARG D 231 11.81 -62.13 -31.41
C ARG D 231 12.47 -63.27 -30.60
N ILE D 232 12.32 -63.19 -29.29
CA ILE D 232 12.94 -64.07 -28.28
C ILE D 232 12.20 -63.98 -26.93
N GLU D 233 11.07 -63.27 -26.89
CA GLU D 233 10.53 -62.62 -25.70
C GLU D 233 10.14 -63.61 -24.60
N LEU D 234 10.48 -63.25 -23.36
CA LEU D 234 10.32 -64.10 -22.19
C LEU D 234 8.85 -64.12 -21.77
N VAL D 235 8.18 -65.20 -22.18
CA VAL D 235 6.77 -65.53 -21.92
C VAL D 235 5.80 -64.40 -22.29
N VAL D 236 5.61 -64.18 -23.61
CA VAL D 236 4.50 -63.38 -24.13
C VAL D 236 3.14 -64.01 -23.80
N ALA D 237 2.05 -63.24 -23.88
CA ALA D 237 0.70 -63.81 -23.81
C ALA D 237 0.28 -64.32 -25.21
N PRO D 238 0.05 -65.62 -25.41
CA PRO D 238 -0.16 -66.20 -26.76
C PRO D 238 -1.44 -65.77 -27.47
N ALA D 239 -2.39 -65.27 -26.68
CA ALA D 239 -3.72 -64.80 -27.07
C ALA D 239 -4.14 -63.70 -26.08
N GLY D 240 -5.39 -63.21 -26.15
CA GLY D 240 -5.96 -62.43 -25.05
C GLY D 240 -5.97 -63.23 -23.74
N VAL D 241 -5.56 -62.61 -22.63
CA VAL D 241 -5.44 -63.25 -21.30
C VAL D 241 -6.00 -62.38 -20.20
N THR D 242 -6.36 -63.01 -19.08
CA THR D 242 -6.79 -62.35 -17.85
C THR D 242 -5.66 -61.49 -17.28
N LEU D 243 -5.96 -60.28 -16.80
CA LEU D 243 -4.98 -59.34 -16.25
C LEU D 243 -4.20 -59.94 -15.07
N LYS D 244 -4.87 -60.72 -14.19
CA LYS D 244 -4.24 -61.47 -13.10
C LYS D 244 -3.24 -62.55 -13.57
N GLU D 245 -3.41 -63.10 -14.77
CA GLU D 245 -2.42 -64.01 -15.35
C GLU D 245 -1.17 -63.26 -15.80
N ALA D 246 -1.34 -62.12 -16.49
CA ALA D 246 -0.23 -61.24 -16.83
C ALA D 246 0.53 -60.73 -15.59
N ASN D 247 -0.15 -60.44 -14.49
CA ASN D 247 0.47 -60.06 -13.22
C ASN D 247 1.45 -61.13 -12.70
N GLU D 248 1.16 -62.41 -12.94
CA GLU D 248 2.07 -63.51 -12.58
C GLU D 248 3.21 -63.68 -13.60
N ILE D 249 2.93 -63.52 -14.89
CA ILE D 249 3.92 -63.57 -15.96
C ILE D 249 5.00 -62.49 -15.79
N LEU D 250 4.63 -61.23 -15.51
CA LEU D 250 5.61 -60.15 -15.29
C LEU D 250 6.51 -60.47 -14.07
N GLN D 251 6.00 -61.15 -13.05
CA GLN D 251 6.78 -61.49 -11.85
C GLN D 251 7.92 -62.46 -12.17
N ARG D 252 7.66 -63.49 -12.98
CA ARG D 252 8.71 -64.40 -13.48
C ARG D 252 9.63 -63.76 -14.49
N SER D 253 9.08 -63.03 -15.46
CA SER D 253 9.81 -62.52 -16.63
C SER D 253 10.79 -61.38 -16.32
N LYS D 254 10.52 -60.59 -15.26
CA LYS D 254 11.28 -59.39 -14.82
C LYS D 254 11.43 -58.26 -15.85
N LYS D 255 11.02 -58.43 -17.12
CA LYS D 255 11.06 -57.40 -18.17
C LYS D 255 9.98 -56.32 -17.96
N GLY D 256 10.12 -55.18 -18.64
CA GLY D 256 9.22 -54.04 -18.48
C GLY D 256 7.99 -54.07 -19.38
N LYS D 257 8.03 -54.77 -20.51
CA LYS D 257 6.91 -54.93 -21.45
C LYS D 257 6.54 -56.39 -21.61
N LEU D 258 5.25 -56.65 -21.83
CA LEU D 258 4.69 -57.96 -22.12
C LEU D 258 3.82 -57.84 -23.37
N PRO D 259 4.28 -58.28 -24.53
CA PRO D 259 3.46 -58.36 -25.72
C PRO D 259 2.29 -59.32 -25.55
N ILE D 260 1.15 -58.95 -26.13
CA ILE D 260 -0.01 -59.82 -26.32
C ILE D 260 -0.07 -60.14 -27.81
N VAL D 261 -0.04 -61.41 -28.18
CA VAL D 261 0.00 -61.85 -29.58
C VAL D 261 -1.23 -62.70 -29.92
N ASN D 262 -1.24 -63.32 -31.11
CA ASN D 262 -2.34 -64.13 -31.62
C ASN D 262 -1.79 -65.39 -32.32
N ASP D 263 -2.65 -66.38 -32.62
CA ASP D 263 -2.27 -67.60 -33.36
C ASP D 263 -1.69 -67.31 -34.76
N CYS D 264 -1.96 -66.13 -35.32
CA CYS D 264 -1.33 -65.60 -36.54
C CYS D 264 0.14 -65.17 -36.36
N ASP D 265 0.72 -65.32 -35.16
CA ASP D 265 2.07 -64.89 -34.76
C ASP D 265 2.34 -63.41 -35.04
N GLU D 266 1.44 -62.56 -34.56
CA GLU D 266 1.51 -61.10 -34.63
C GLU D 266 0.91 -60.46 -33.37
N LEU D 267 1.29 -59.23 -33.07
CA LEU D 267 0.79 -58.43 -31.95
C LEU D 267 -0.73 -58.21 -32.03
N VAL D 268 -1.38 -58.05 -30.88
CA VAL D 268 -2.77 -57.55 -30.74
C VAL D 268 -2.90 -56.44 -29.69
N ALA D 269 -2.07 -56.46 -28.63
CA ALA D 269 -2.03 -55.47 -27.55
C ALA D 269 -0.68 -55.56 -26.82
N ILE D 270 -0.40 -54.69 -25.85
CA ILE D 270 0.82 -54.77 -25.03
C ILE D 270 0.55 -54.29 -23.61
N ILE D 271 1.28 -54.83 -22.63
CA ILE D 271 1.22 -54.44 -21.22
C ILE D 271 2.53 -53.79 -20.81
N ALA D 272 2.46 -52.77 -19.96
CA ALA D 272 3.60 -52.13 -19.32
C ALA D 272 3.63 -52.41 -17.82
N ARG D 273 4.79 -52.79 -17.29
CA ARG D 273 4.96 -53.21 -15.91
C ARG D 273 4.52 -52.15 -14.91
N THR D 274 4.84 -50.89 -15.18
CA THR D 274 4.54 -49.74 -14.30
C THR D 274 3.04 -49.58 -14.04
N ASP D 275 2.19 -49.96 -14.99
CA ASP D 275 0.73 -49.91 -14.82
C ASP D 275 0.21 -51.10 -14.00
N LEU D 276 0.80 -52.29 -14.19
CA LEU D 276 0.52 -53.46 -13.35
C LEU D 276 0.87 -53.24 -11.87
N LYS D 277 1.86 -52.40 -11.57
CA LYS D 277 2.17 -52.02 -10.17
C LYS D 277 1.05 -51.21 -9.50
N LYS D 278 0.15 -50.57 -10.27
CA LYS D 278 -0.77 -49.55 -9.75
C LYS D 278 -2.25 -49.72 -10.09
N ASN D 279 -2.63 -50.60 -11.03
CA ASN D 279 -4.03 -50.75 -11.42
C ASN D 279 -4.91 -51.14 -10.22
N ARG D 280 -5.97 -50.37 -9.98
CA ARG D 280 -6.85 -50.51 -8.81
C ARG D 280 -8.05 -51.40 -9.11
N ASP D 281 -8.73 -51.87 -8.07
CA ASP D 281 -10.08 -52.43 -8.21
C ASP D 281 -11.09 -51.33 -8.56
N TYR D 282 -12.00 -51.64 -9.49
CA TYR D 282 -13.09 -50.75 -9.90
C TYR D 282 -14.41 -51.54 -9.94
N PRO D 283 -15.06 -51.78 -8.78
CA PRO D 283 -16.32 -52.51 -8.70
C PRO D 283 -17.51 -51.70 -9.22
N LEU D 284 -17.43 -50.38 -9.16
CA LEU D 284 -18.39 -49.44 -9.75
C LEU D 284 -18.14 -49.34 -11.26
N ALA D 285 -18.47 -50.40 -12.01
CA ALA D 285 -17.87 -50.65 -13.31
C ALA D 285 -18.28 -49.68 -14.44
N SER D 286 -19.57 -49.32 -14.55
CA SER D 286 -20.13 -48.54 -15.68
C SER D 286 -19.79 -49.12 -17.07
N LYS D 287 -20.09 -50.41 -17.27
CA LYS D 287 -19.81 -51.15 -18.50
C LYS D 287 -21.09 -51.54 -19.22
N ASP D 288 -21.05 -51.59 -20.55
CA ASP D 288 -22.15 -52.06 -21.40
C ASP D 288 -22.33 -53.59 -21.37
N SER D 289 -23.31 -54.11 -22.11
CA SER D 289 -23.54 -55.57 -22.20
C SER D 289 -22.35 -56.33 -22.83
N GLN D 290 -21.55 -55.66 -23.66
CA GLN D 290 -20.30 -56.16 -24.23
C GLN D 290 -19.10 -56.05 -23.26
N LYS D 291 -19.34 -55.69 -21.99
CA LYS D 291 -18.36 -55.60 -20.91
C LYS D 291 -17.21 -54.62 -21.17
N GLN D 292 -17.49 -53.47 -21.77
CA GLN D 292 -16.53 -52.36 -21.94
C GLN D 292 -17.16 -51.00 -21.61
N LEU D 293 -16.35 -49.98 -21.33
CA LEU D 293 -16.83 -48.75 -20.66
C LEU D 293 -17.96 -48.06 -21.44
N LEU D 294 -18.97 -47.57 -20.72
CA LEU D 294 -19.95 -46.63 -21.25
C LEU D 294 -19.32 -45.25 -21.46
N CYS D 295 -19.66 -44.57 -22.55
CA CYS D 295 -19.42 -43.14 -22.71
C CYS D 295 -20.45 -42.47 -23.62
N GLY D 296 -20.60 -41.17 -23.45
CA GLY D 296 -21.51 -40.37 -24.26
C GLY D 296 -20.80 -39.34 -25.12
N ALA D 297 -21.51 -38.72 -26.04
CA ALA D 297 -21.01 -37.62 -26.83
C ALA D 297 -22.05 -36.52 -26.95
N ALA D 298 -21.61 -35.26 -26.83
CA ALA D 298 -22.46 -34.15 -27.21
C ALA D 298 -22.51 -34.04 -28.73
N VAL D 299 -23.66 -33.68 -29.30
CA VAL D 299 -23.76 -33.28 -30.70
C VAL D 299 -24.53 -31.99 -30.80
N GLY D 300 -24.15 -31.12 -31.74
CA GLY D 300 -24.98 -29.96 -32.06
C GLY D 300 -26.30 -30.37 -32.72
N THR D 301 -27.22 -29.43 -32.87
CA THR D 301 -28.52 -29.67 -33.52
C THR D 301 -28.59 -29.15 -34.98
N ARG D 302 -27.48 -28.68 -35.55
CA ARG D 302 -27.41 -28.11 -36.90
C ARG D 302 -27.73 -29.14 -37.98
N GLU D 303 -28.05 -28.69 -39.18
CA GLU D 303 -28.24 -29.59 -40.32
C GLU D 303 -26.95 -30.36 -40.67
N ASP D 304 -25.78 -29.78 -40.37
CA ASP D 304 -24.48 -30.36 -40.66
C ASP D 304 -24.09 -31.42 -39.71
N ASP D 305 -24.96 -31.87 -38.81
CA ASP D 305 -24.61 -32.76 -37.70
C ASP D 305 -25.12 -34.20 -37.87
N LYS D 306 -25.91 -34.54 -38.89
CA LYS D 306 -26.18 -35.95 -39.19
C LYS D 306 -24.87 -36.67 -39.48
N TYR D 307 -23.90 -35.99 -40.09
CA TYR D 307 -22.57 -36.55 -40.34
C TYR D 307 -21.76 -36.79 -39.05
N ARG D 308 -21.71 -35.81 -38.14
CA ARG D 308 -21.07 -36.02 -36.83
C ARG D 308 -21.70 -37.19 -36.09
N LEU D 309 -23.03 -37.29 -36.14
CA LEU D 309 -23.75 -38.35 -35.46
C LEU D 309 -23.48 -39.71 -36.09
N ASP D 310 -23.32 -39.79 -37.42
CA ASP D 310 -22.83 -41.04 -38.01
C ASP D 310 -21.49 -41.43 -37.43
N LEU D 311 -20.45 -40.58 -37.50
CA LEU D 311 -19.10 -41.00 -37.09
C LEU D 311 -19.06 -41.48 -35.63
N LEU D 312 -19.81 -40.83 -34.74
CA LEU D 312 -19.91 -41.23 -33.34
C LEU D 312 -20.66 -42.54 -33.16
N THR D 313 -21.73 -42.80 -33.91
CA THR D 313 -22.41 -44.08 -33.83
C THR D 313 -21.59 -45.19 -34.48
N GLN D 314 -20.68 -44.91 -35.42
CA GLN D 314 -19.75 -45.92 -35.96
C GLN D 314 -18.64 -46.24 -34.95
N ALA D 315 -18.16 -45.25 -34.19
CA ALA D 315 -17.26 -45.45 -33.05
C ALA D 315 -17.92 -46.19 -31.87
N GLY D 316 -19.25 -46.37 -31.90
CA GLY D 316 -20.01 -47.18 -30.95
C GLY D 316 -20.49 -46.46 -29.69
N VAL D 317 -20.66 -45.14 -29.73
CA VAL D 317 -21.04 -44.35 -28.54
C VAL D 317 -22.39 -44.80 -27.97
N ASP D 318 -22.54 -44.79 -26.65
CA ASP D 318 -23.71 -45.37 -25.98
C ASP D 318 -24.89 -44.40 -25.87
N VAL D 319 -24.63 -43.11 -25.73
CA VAL D 319 -25.65 -42.10 -25.46
C VAL D 319 -25.24 -40.74 -26.01
N ILE D 320 -26.22 -40.01 -26.54
CA ILE D 320 -26.04 -38.71 -27.17
C ILE D 320 -26.71 -37.65 -26.34
N VAL D 321 -26.05 -36.54 -26.07
CA VAL D 321 -26.72 -35.36 -25.50
C VAL D 321 -26.79 -34.26 -26.54
N LEU D 322 -28.00 -33.81 -26.85
CA LEU D 322 -28.22 -32.76 -27.84
C LEU D 322 -27.89 -31.43 -27.19
N ASP D 323 -26.70 -30.90 -27.40
CA ASP D 323 -26.31 -29.63 -26.79
C ASP D 323 -27.10 -28.48 -27.45
N SER D 324 -27.79 -27.68 -26.65
CA SER D 324 -28.59 -26.53 -27.09
C SER D 324 -28.96 -25.67 -25.89
N SER D 325 -28.84 -24.35 -26.01
CA SER D 325 -29.15 -23.41 -24.94
C SER D 325 -30.63 -23.46 -24.52
N GLN D 326 -31.50 -23.77 -25.47
CA GLN D 326 -32.93 -23.99 -25.26
C GLN D 326 -33.41 -25.13 -26.15
N GLY D 327 -33.88 -26.21 -25.54
CA GLY D 327 -34.10 -27.47 -26.25
C GLY D 327 -35.37 -27.55 -27.06
N ASN D 328 -36.41 -26.79 -26.69
CA ASN D 328 -37.71 -26.91 -27.34
C ASN D 328 -37.78 -26.10 -28.63
N SER D 329 -37.09 -26.55 -29.67
CA SER D 329 -37.07 -25.90 -30.98
C SER D 329 -37.46 -26.88 -32.07
N VAL D 330 -38.08 -26.39 -33.14
CA VAL D 330 -38.54 -27.26 -34.23
C VAL D 330 -37.41 -28.09 -34.82
N TYR D 331 -36.21 -27.50 -34.97
CA TYR D 331 -35.07 -28.23 -35.52
C TYR D 331 -34.35 -29.13 -34.51
N GLN D 332 -34.51 -28.96 -33.20
CA GLN D 332 -34.16 -30.03 -32.26
C GLN D 332 -35.17 -31.17 -32.28
N ILE D 333 -36.47 -30.93 -32.37
CA ILE D 333 -37.45 -32.01 -32.46
C ILE D 333 -37.28 -32.79 -33.78
N ALA D 334 -36.96 -32.11 -34.88
CA ALA D 334 -36.54 -32.76 -36.11
C ALA D 334 -35.29 -33.63 -35.90
N MET D 335 -34.23 -33.10 -35.27
CA MET D 335 -33.04 -33.89 -34.92
C MET D 335 -33.39 -35.11 -34.06
N VAL D 336 -34.24 -34.99 -33.03
CA VAL D 336 -34.68 -36.14 -32.24
C VAL D 336 -35.38 -37.16 -33.12
N HIS D 337 -36.41 -36.77 -33.87
CA HIS D 337 -37.13 -37.71 -34.74
C HIS D 337 -36.20 -38.41 -35.72
N TYR D 338 -35.23 -37.67 -36.26
CA TYR D 338 -34.21 -38.19 -37.13
C TYR D 338 -33.35 -39.28 -36.47
N ILE D 339 -32.80 -39.07 -35.26
CA ILE D 339 -32.02 -40.12 -34.58
C ILE D 339 -32.89 -41.36 -34.37
N LYS D 340 -34.07 -41.22 -33.78
CA LYS D 340 -34.93 -42.36 -33.46
C LYS D 340 -35.41 -43.08 -34.70
N GLN D 341 -35.33 -42.46 -35.87
CA GLN D 341 -35.72 -43.10 -37.11
C GLN D 341 -34.57 -43.85 -37.76
N LYS D 342 -33.35 -43.50 -37.46
CA LYS D 342 -32.18 -44.02 -38.15
C LYS D 342 -31.33 -44.94 -37.29
N TYR D 343 -31.18 -44.65 -36.00
CA TYR D 343 -30.40 -45.46 -35.07
C TYR D 343 -31.27 -45.79 -33.87
N PRO D 344 -32.13 -46.81 -33.98
CA PRO D 344 -33.10 -47.07 -32.92
C PRO D 344 -32.48 -47.61 -31.63
N HIS D 345 -31.17 -47.79 -31.57
CA HIS D 345 -30.53 -48.30 -30.37
C HIS D 345 -29.96 -47.20 -29.50
N LEU D 346 -29.63 -46.05 -30.09
CA LEU D 346 -28.90 -44.96 -29.46
C LEU D 346 -29.79 -44.22 -28.46
N GLN D 347 -29.36 -44.10 -27.20
CA GLN D 347 -30.07 -43.30 -26.20
C GLN D 347 -29.85 -41.80 -26.44
N VAL D 348 -30.89 -40.98 -26.35
CA VAL D 348 -30.84 -39.53 -26.63
C VAL D 348 -31.31 -38.71 -25.44
N ILE D 349 -30.49 -37.80 -24.96
CA ILE D 349 -30.80 -36.92 -23.82
C ILE D 349 -31.15 -35.55 -24.39
N GLY D 350 -32.35 -35.06 -24.09
CA GLY D 350 -32.86 -33.82 -24.64
C GLY D 350 -32.09 -32.60 -24.14
N GLY D 351 -31.78 -31.68 -25.05
CA GLY D 351 -31.12 -30.41 -24.74
C GLY D 351 -31.93 -29.52 -23.81
N ASN D 352 -31.28 -28.52 -23.24
CA ASN D 352 -31.68 -27.92 -21.98
C ASN D 352 -33.11 -27.40 -21.92
N VAL D 353 -33.82 -27.67 -20.83
CA VAL D 353 -35.17 -27.17 -20.56
C VAL D 353 -35.31 -26.74 -19.11
N VAL D 354 -36.28 -25.90 -18.79
CA VAL D 354 -36.60 -25.51 -17.41
C VAL D 354 -38.08 -25.43 -17.11
N THR D 355 -38.96 -25.82 -18.03
CA THR D 355 -40.41 -25.82 -17.81
C THR D 355 -41.03 -27.16 -18.15
N ALA D 356 -42.17 -27.47 -17.53
CA ALA D 356 -42.94 -28.62 -17.92
C ALA D 356 -43.46 -28.56 -19.37
N ALA D 357 -43.68 -27.38 -19.96
CA ALA D 357 -44.12 -27.25 -21.35
C ALA D 357 -43.03 -27.66 -22.36
N GLN D 358 -41.79 -27.24 -22.15
CA GLN D 358 -40.62 -27.72 -22.89
C GLN D 358 -40.43 -29.24 -22.73
N ALA D 359 -40.36 -29.73 -21.48
CA ALA D 359 -40.23 -31.14 -21.16
C ALA D 359 -41.29 -31.94 -21.89
N LYS D 360 -42.55 -31.50 -21.99
CA LYS D 360 -43.59 -32.20 -22.75
C LYS D 360 -43.22 -32.38 -24.22
N ASN D 361 -42.85 -31.30 -24.89
CA ASN D 361 -42.58 -31.33 -26.32
C ASN D 361 -41.38 -32.19 -26.67
N LEU D 362 -40.34 -32.20 -25.84
CA LEU D 362 -39.22 -33.11 -26.06
C LEU D 362 -39.57 -34.54 -25.68
N ILE D 363 -40.26 -34.78 -24.57
CA ILE D 363 -40.64 -36.15 -24.25
C ILE D 363 -41.48 -36.74 -25.38
N ASP D 364 -42.59 -36.10 -25.75
CA ASP D 364 -43.47 -36.65 -26.76
C ASP D 364 -42.86 -36.66 -28.17
N ALA D 365 -41.72 -35.99 -28.39
CA ALA D 365 -40.83 -36.26 -29.51
C ALA D 365 -40.07 -37.58 -29.36
N GLY D 366 -39.87 -38.13 -28.15
CA GLY D 366 -39.30 -39.46 -27.99
C GLY D 366 -37.99 -39.51 -27.23
N VAL D 367 -37.45 -38.38 -26.75
CA VAL D 367 -36.17 -38.35 -26.01
C VAL D 367 -36.22 -39.20 -24.75
N ASP D 368 -35.05 -39.61 -24.26
CA ASP D 368 -34.94 -40.54 -23.14
C ASP D 368 -34.30 -39.92 -21.91
N GLY D 369 -34.18 -38.61 -21.87
CA GLY D 369 -33.55 -37.95 -20.75
C GLY D 369 -33.79 -36.47 -20.90
N LEU D 370 -33.16 -35.69 -20.03
CA LEU D 370 -33.32 -34.26 -20.11
C LEU D 370 -32.27 -33.56 -19.28
N ARG D 371 -31.53 -32.63 -19.85
CA ARG D 371 -30.70 -31.71 -19.05
C ARG D 371 -31.60 -30.64 -18.50
N VAL D 372 -31.86 -30.65 -17.19
CA VAL D 372 -32.75 -29.67 -16.60
C VAL D 372 -31.87 -28.56 -16.05
N GLY D 373 -31.60 -27.57 -16.87
CA GLY D 373 -30.81 -26.46 -16.40
C GLY D 373 -30.62 -25.38 -17.43
N MET D 374 -30.83 -24.12 -17.06
CA MET D 374 -30.62 -22.97 -17.95
C MET D 374 -30.48 -21.70 -17.12
N GLY D 375 -29.58 -20.81 -17.53
CA GLY D 375 -29.48 -19.44 -17.00
C GLY D 375 -28.66 -19.25 -15.71
N CYS D 376 -27.93 -20.27 -15.26
CA CYS D 376 -27.09 -20.19 -14.05
C CYS D 376 -25.89 -19.26 -14.25
N VAL D 385 -28.96 -11.17 -17.17
CA VAL D 385 -28.02 -10.81 -18.24
C VAL D 385 -28.43 -11.35 -19.61
N MET D 386 -29.50 -12.16 -19.67
CA MET D 386 -29.97 -12.89 -20.86
C MET D 386 -31.50 -12.89 -21.04
N ALA D 387 -32.25 -12.57 -19.98
CA ALA D 387 -33.67 -12.26 -19.94
C ALA D 387 -34.56 -13.49 -19.97
N CYS D 388 -34.01 -14.70 -19.96
CA CYS D 388 -34.80 -15.92 -19.82
C CYS D 388 -34.06 -16.86 -18.89
N GLY D 389 -34.73 -17.94 -18.52
CA GLY D 389 -34.14 -18.88 -17.62
C GLY D 389 -35.09 -19.20 -16.50
N ARG D 390 -34.57 -19.74 -15.40
CA ARG D 390 -35.34 -20.06 -14.19
C ARG D 390 -34.40 -20.28 -13.01
N PRO D 391 -34.79 -19.96 -11.77
CA PRO D 391 -34.02 -20.35 -10.59
C PRO D 391 -33.88 -21.86 -10.49
N GLN D 392 -32.65 -22.36 -10.40
CA GLN D 392 -32.35 -23.75 -10.69
C GLN D 392 -33.12 -24.75 -9.83
N GLY D 393 -33.25 -24.51 -8.52
CA GLY D 393 -33.99 -25.43 -7.64
C GLY D 393 -35.43 -25.62 -8.08
N THR D 394 -36.11 -24.56 -8.52
CA THR D 394 -37.48 -24.67 -9.00
C THR D 394 -37.55 -25.41 -10.33
N ALA D 395 -36.58 -25.21 -11.21
CA ALA D 395 -36.52 -25.89 -12.50
C ALA D 395 -36.36 -27.38 -12.30
N VAL D 396 -35.42 -27.78 -11.44
CA VAL D 396 -35.22 -29.20 -11.22
C VAL D 396 -36.48 -29.83 -10.66
N TYR D 397 -37.09 -29.24 -9.63
CA TYR D 397 -38.29 -29.84 -9.06
C TYR D 397 -39.42 -29.93 -10.09
N LYS D 398 -39.73 -28.85 -10.81
CA LYS D 398 -40.83 -28.83 -11.76
C LYS D 398 -40.61 -29.77 -12.94
N VAL D 399 -39.41 -29.86 -13.52
CA VAL D 399 -39.20 -30.74 -14.64
C VAL D 399 -39.15 -32.18 -14.19
N ALA D 400 -38.53 -32.44 -13.04
CA ALA D 400 -38.48 -33.82 -12.57
C ALA D 400 -39.86 -34.31 -12.25
N GLU D 401 -40.67 -33.49 -11.61
CA GLU D 401 -42.01 -33.91 -11.25
C GLU D 401 -42.88 -34.14 -12.46
N TYR D 402 -42.63 -33.44 -13.57
CA TYR D 402 -43.37 -33.63 -14.81
C TYR D 402 -42.89 -34.87 -15.54
N ALA D 403 -41.60 -34.93 -15.88
CA ALA D 403 -41.03 -36.08 -16.56
C ALA D 403 -41.38 -37.37 -15.86
N ARG D 404 -41.25 -37.41 -14.53
CA ARG D 404 -41.52 -38.63 -13.79
C ARG D 404 -42.82 -39.29 -14.21
N ARG D 405 -43.85 -38.58 -14.68
CA ARG D 405 -45.13 -39.18 -15.09
C ARG D 405 -44.96 -40.23 -16.19
N PHE D 406 -43.92 -40.10 -17.02
CA PHE D 406 -43.58 -41.00 -18.12
C PHE D 406 -42.40 -41.94 -17.81
N GLY D 407 -41.54 -41.63 -16.83
CA GLY D 407 -40.39 -42.40 -16.50
C GLY D 407 -39.10 -41.90 -17.09
N VAL D 408 -39.03 -40.63 -17.45
CA VAL D 408 -37.89 -40.13 -18.20
C VAL D 408 -36.95 -39.36 -17.28
N PRO D 409 -36.02 -40.01 -16.61
CA PRO D 409 -35.19 -39.31 -15.63
C PRO D 409 -34.50 -38.11 -16.24
N ILE D 410 -34.16 -37.16 -15.38
CA ILE D 410 -33.58 -35.90 -15.80
C ILE D 410 -32.18 -35.77 -15.22
N ILE D 411 -31.50 -34.68 -15.52
CA ILE D 411 -30.08 -34.52 -15.23
C ILE D 411 -29.85 -33.08 -14.82
N ALA D 412 -29.56 -32.86 -13.54
CA ALA D 412 -29.60 -31.53 -12.95
C ALA D 412 -28.29 -30.79 -13.20
N ASP D 413 -28.18 -30.20 -14.37
CA ASP D 413 -26.99 -29.46 -14.78
C ASP D 413 -27.14 -27.97 -14.49
N GLY D 414 -26.18 -27.42 -13.76
CA GLY D 414 -26.09 -25.97 -13.64
C GLY D 414 -26.01 -25.43 -12.24
N GLY D 415 -24.95 -24.69 -11.94
CA GLY D 415 -24.81 -23.97 -10.66
C GLY D 415 -24.64 -24.85 -9.42
N ILE D 416 -24.11 -26.07 -9.55
CA ILE D 416 -23.84 -26.95 -8.42
C ILE D 416 -22.37 -26.82 -8.03
N GLN D 417 -22.11 -26.43 -6.78
CA GLN D 417 -20.77 -26.00 -6.33
C GLN D 417 -20.40 -26.46 -4.90
N THR D 418 -21.20 -27.34 -4.30
CA THR D 418 -20.93 -28.00 -3.01
C THR D 418 -21.54 -29.39 -3.03
N VAL D 419 -21.23 -30.24 -2.06
CA VAL D 419 -21.89 -31.53 -1.94
C VAL D 419 -23.26 -31.38 -1.31
N GLY D 420 -23.51 -30.30 -0.58
CA GLY D 420 -24.86 -30.02 -0.14
C GLY D 420 -25.79 -29.79 -1.30
N HIS D 421 -25.38 -28.97 -2.26
CA HIS D 421 -26.21 -28.74 -3.42
C HIS D 421 -26.45 -30.03 -4.19
N VAL D 422 -25.47 -30.92 -4.21
CA VAL D 422 -25.69 -32.21 -4.86
C VAL D 422 -26.75 -33.00 -4.13
N VAL D 423 -26.64 -33.10 -2.81
CA VAL D 423 -27.66 -33.85 -2.07
C VAL D 423 -29.02 -33.25 -2.30
N LYS D 424 -29.09 -31.92 -2.37
CA LYS D 424 -30.38 -31.30 -2.61
C LYS D 424 -30.89 -31.66 -3.99
N ALA D 425 -30.17 -31.27 -5.03
CA ALA D 425 -30.60 -31.59 -6.38
C ALA D 425 -31.07 -33.03 -6.47
N LEU D 426 -30.51 -33.92 -5.67
CA LEU D 426 -30.98 -35.30 -5.73
C LEU D 426 -32.23 -35.50 -4.90
N ALA D 427 -32.44 -34.72 -3.87
CA ALA D 427 -33.69 -34.81 -3.11
C ALA D 427 -34.85 -34.19 -3.86
N LEU D 428 -34.62 -33.18 -4.68
CA LEU D 428 -35.68 -32.51 -5.43
C LEU D 428 -36.24 -33.36 -6.55
N GLY D 429 -35.46 -34.27 -7.13
CA GLY D 429 -35.97 -35.08 -8.21
C GLY D 429 -34.96 -35.41 -9.27
N ALA D 430 -33.84 -34.71 -9.30
CA ALA D 430 -32.83 -35.02 -10.29
C ALA D 430 -32.35 -36.45 -10.10
N SER D 431 -32.17 -37.15 -11.20
CA SER D 431 -31.65 -38.50 -11.15
C SER D 431 -30.13 -38.51 -11.14
N THR D 432 -29.49 -37.55 -11.79
CA THR D 432 -28.04 -37.47 -11.81
C THR D 432 -27.64 -36.01 -11.87
N VAL D 433 -26.47 -35.70 -11.33
CA VAL D 433 -25.98 -34.33 -11.30
C VAL D 433 -24.76 -34.24 -12.19
N MET D 434 -24.73 -33.26 -13.09
CA MET D 434 -23.64 -33.08 -14.04
C MET D 434 -22.66 -32.04 -13.49
N MET D 435 -21.52 -32.51 -13.00
CA MET D 435 -20.42 -31.70 -12.49
C MET D 435 -19.84 -30.80 -13.58
N GLY D 436 -19.86 -29.50 -13.33
CA GLY D 436 -19.36 -28.47 -14.23
C GLY D 436 -17.88 -28.21 -14.05
N SER D 437 -17.48 -26.94 -14.15
CA SER D 437 -16.12 -26.45 -13.94
C SER D 437 -15.53 -26.79 -12.56
N LEU D 438 -16.32 -27.31 -11.63
CA LEU D 438 -15.87 -27.98 -10.40
C LEU D 438 -14.75 -29.00 -10.66
N LEU D 439 -14.78 -29.69 -11.81
CA LEU D 439 -13.74 -30.65 -12.21
C LEU D 439 -12.59 -30.04 -13.02
N ALA D 440 -12.72 -28.83 -13.55
CA ALA D 440 -11.60 -28.13 -14.17
C ALA D 440 -10.50 -27.86 -13.12
N ALA D 441 -9.25 -27.71 -13.57
CA ALA D 441 -8.05 -27.69 -12.72
C ALA D 441 -7.81 -28.97 -11.88
N THR D 442 -8.43 -30.09 -12.18
CA THR D 442 -7.92 -31.43 -11.88
C THR D 442 -6.94 -31.86 -12.97
N THR D 443 -6.08 -32.85 -12.71
CA THR D 443 -5.07 -33.29 -13.70
C THR D 443 -5.67 -33.91 -14.96
N GLU D 444 -6.87 -34.51 -14.89
CA GLU D 444 -7.63 -34.93 -16.07
C GLU D 444 -8.22 -33.77 -16.90
N ALA D 445 -8.39 -32.57 -16.35
CA ALA D 445 -8.96 -31.46 -17.10
C ALA D 445 -8.03 -31.00 -18.25
N PRO D 446 -8.50 -30.88 -19.50
CA PRO D 446 -7.66 -30.48 -20.63
C PRO D 446 -7.04 -29.09 -20.43
N GLY D 500 -6.79 -33.69 -6.37
CA GLY D 500 -6.47 -33.08 -7.64
C GLY D 500 -6.57 -34.02 -8.85
N SER D 501 -6.90 -35.29 -8.61
CA SER D 501 -7.06 -36.35 -9.63
C SER D 501 -8.44 -36.98 -9.52
N ILE D 502 -9.20 -37.07 -10.61
CA ILE D 502 -10.63 -37.41 -10.59
C ILE D 502 -10.89 -38.75 -9.91
N GLN D 503 -10.01 -39.74 -10.09
CA GLN D 503 -10.10 -41.07 -9.50
C GLN D 503 -10.03 -41.03 -7.97
N LYS D 504 -9.20 -40.14 -7.42
CA LYS D 504 -8.98 -39.92 -5.98
C LYS D 504 -10.05 -38.99 -5.39
N PHE D 505 -10.56 -38.07 -6.19
CA PHE D 505 -11.52 -37.03 -5.82
C PHE D 505 -12.99 -37.51 -5.77
N VAL D 506 -13.49 -38.23 -6.76
CA VAL D 506 -14.88 -38.71 -6.76
C VAL D 506 -15.29 -39.44 -5.48
N PRO D 507 -14.46 -40.28 -4.81
CA PRO D 507 -14.82 -40.93 -3.55
C PRO D 507 -15.17 -39.94 -2.47
N TYR D 508 -14.59 -38.75 -2.50
CA TYR D 508 -14.98 -37.75 -1.52
C TYR D 508 -16.45 -37.38 -1.69
N LEU D 509 -16.86 -37.03 -2.92
CA LEU D 509 -18.25 -36.70 -3.19
C LEU D 509 -19.14 -37.87 -2.82
N ILE D 510 -18.78 -39.09 -3.21
CA ILE D 510 -19.57 -40.26 -2.86
C ILE D 510 -19.77 -40.32 -1.35
N ALA D 511 -18.71 -40.27 -0.53
CA ALA D 511 -18.88 -40.33 0.91
C ALA D 511 -19.72 -39.17 1.42
N GLY D 512 -19.62 -37.99 0.80
CA GLY D 512 -20.43 -36.87 1.22
C GLY D 512 -21.91 -37.07 0.96
N ILE D 513 -22.24 -37.51 -0.25
CA ILE D 513 -23.63 -37.85 -0.56
C ILE D 513 -24.13 -38.92 0.39
N GLN D 514 -23.30 -39.92 0.68
CA GLN D 514 -23.78 -40.99 1.55
C GLN D 514 -24.05 -40.48 2.95
N HIS D 515 -23.16 -39.64 3.47
CA HIS D 515 -23.42 -39.06 4.78
C HIS D 515 -24.69 -38.24 4.77
N GLY D 516 -24.93 -37.48 3.70
CA GLY D 516 -26.14 -36.70 3.63
C GLY D 516 -27.37 -37.57 3.66
N CYS D 517 -27.48 -38.46 2.68
CA CYS D 517 -28.65 -39.32 2.58
C CYS D 517 -28.78 -40.26 3.75
N GLN D 518 -27.79 -40.36 4.65
CA GLN D 518 -27.92 -40.97 5.97
C GLN D 518 -28.58 -40.03 6.97
N ASP D 519 -28.19 -38.77 7.10
CA ASP D 519 -28.87 -37.81 7.99
C ASP D 519 -30.34 -37.62 7.62
N ILE D 520 -30.64 -37.58 6.33
CA ILE D 520 -32.02 -37.53 5.85
C ILE D 520 -32.78 -38.83 6.19
N GLY D 521 -32.09 -39.93 6.47
CA GLY D 521 -32.71 -41.19 6.91
C GLY D 521 -33.23 -42.06 5.77
N ALA D 522 -32.73 -41.88 4.55
CA ALA D 522 -33.17 -42.62 3.37
C ALA D 522 -32.06 -43.55 2.85
N ARG D 523 -32.28 -44.86 2.93
CA ARG D 523 -31.22 -45.82 2.62
C ARG D 523 -30.79 -45.92 1.15
N SER D 524 -31.41 -45.23 0.19
CA SER D 524 -30.98 -45.33 -1.20
C SER D 524 -31.68 -44.27 -2.04
N LEU D 525 -30.91 -43.57 -2.87
CA LEU D 525 -31.46 -42.44 -3.61
C LEU D 525 -32.85 -42.70 -4.15
N SER D 526 -33.18 -43.87 -4.69
CA SER D 526 -34.54 -44.21 -5.11
C SER D 526 -35.59 -44.06 -4.00
N VAL D 527 -35.33 -44.58 -2.80
CA VAL D 527 -36.04 -44.26 -1.57
C VAL D 527 -36.00 -42.76 -1.25
N LEU D 528 -34.88 -42.02 -1.41
CA LEU D 528 -34.92 -40.59 -1.14
C LEU D 528 -35.99 -39.90 -1.96
N ARG D 529 -36.05 -40.22 -3.25
CA ARG D 529 -37.05 -39.59 -4.10
C ARG D 529 -38.44 -40.10 -3.79
N SER D 530 -38.62 -41.40 -3.50
CA SER D 530 -39.94 -41.91 -3.12
C SER D 530 -40.47 -41.23 -1.86
N MET D 531 -39.58 -41.01 -0.90
CA MET D 531 -39.86 -40.31 0.35
C MET D 531 -40.14 -38.83 0.13
N MET D 532 -39.58 -38.19 -0.90
CA MET D 532 -39.95 -36.84 -1.29
C MET D 532 -41.30 -36.74 -1.98
N TYR D 533 -41.56 -37.52 -3.04
CA TYR D 533 -42.82 -37.43 -3.78
C TYR D 533 -44.04 -37.82 -2.93
N SER D 534 -43.90 -38.76 -2.01
CA SER D 534 -44.97 -39.14 -1.08
C SER D 534 -45.17 -38.16 0.09
N GLY D 535 -44.40 -37.07 0.14
CA GLY D 535 -44.55 -36.04 1.16
C GLY D 535 -44.08 -36.43 2.54
N GLU D 536 -43.38 -37.56 2.69
CA GLU D 536 -42.77 -37.95 3.97
C GLU D 536 -41.55 -37.08 4.30
N LEU D 537 -40.72 -36.76 3.32
CA LEU D 537 -39.59 -35.85 3.52
C LEU D 537 -40.05 -34.40 3.63
N LYS D 538 -39.66 -33.71 4.71
CA LYS D 538 -40.04 -32.32 5.00
C LYS D 538 -38.89 -31.34 4.79
N PHE D 539 -39.20 -30.19 4.22
CA PHE D 539 -38.30 -29.12 3.84
C PHE D 539 -38.59 -27.84 4.63
N GLU D 540 -37.66 -26.90 4.65
CA GLU D 540 -37.84 -25.58 5.26
C GLU D 540 -37.25 -24.49 4.36
N LYS D 541 -37.93 -23.36 4.17
CA LYS D 541 -37.36 -22.15 3.55
C LYS D 541 -36.25 -21.55 4.41
N ARG D 542 -35.56 -20.52 3.95
CA ARG D 542 -34.53 -19.83 4.71
C ARG D 542 -34.49 -18.37 4.29
N THR D 543 -34.80 -17.45 5.21
CA THR D 543 -34.56 -16.01 5.01
C THR D 543 -33.07 -15.75 4.77
N MET D 544 -32.71 -14.60 4.20
CA MET D 544 -31.30 -14.23 4.01
C MET D 544 -30.55 -14.19 5.34
N SER D 545 -31.21 -13.79 6.42
CA SER D 545 -30.66 -13.76 7.76
C SER D 545 -30.31 -15.16 8.25
N ALA D 546 -30.88 -16.22 7.65
CA ALA D 546 -30.69 -17.57 8.13
C ALA D 546 -29.62 -18.32 7.36
N GLN D 547 -29.15 -17.76 6.24
CA GLN D 547 -28.05 -18.29 5.46
C GLN D 547 -26.82 -17.39 5.51
N ILE D 548 -26.97 -16.09 5.85
CA ILE D 548 -25.83 -15.25 6.23
C ILE D 548 -25.30 -15.70 7.60
N GLU D 549 -25.91 -16.73 8.21
CA GLU D 549 -25.53 -17.24 9.51
C GLU D 549 -25.74 -18.73 9.48
N GLY D 550 -24.71 -19.45 9.08
CA GLY D 550 -24.79 -20.88 8.98
C GLY D 550 -24.10 -21.34 7.72
N GLY D 551 -23.18 -20.52 7.21
CA GLY D 551 -22.43 -20.85 6.02
C GLY D 551 -22.61 -19.84 4.90
N VAL D 552 -22.52 -20.34 3.66
CA VAL D 552 -22.70 -19.57 2.40
C VAL D 552 -21.97 -18.25 2.08
N HIS D 553 -21.71 -17.36 3.03
CA HIS D 553 -21.11 -16.03 2.86
C HIS D 553 -20.32 -15.64 4.11
N HIS E 29 58.11 -15.65 -21.25
CA HIS E 29 57.67 -14.32 -20.74
C HIS E 29 58.27 -13.21 -21.61
N GLU E 30 57.44 -12.45 -22.33
CA GLU E 30 57.88 -11.28 -23.11
C GLU E 30 56.91 -10.09 -22.98
N THR E 31 57.47 -8.88 -22.94
CA THR E 31 56.75 -7.61 -22.76
C THR E 31 55.91 -7.24 -23.99
N ALA E 32 54.91 -6.37 -23.86
CA ALA E 32 54.10 -5.92 -24.98
C ALA E 32 54.94 -5.30 -26.12
N ALA E 33 56.02 -4.58 -25.79
CA ALA E 33 56.96 -4.05 -26.79
C ALA E 33 57.72 -5.17 -27.51
N GLN E 34 58.19 -6.18 -26.78
CA GLN E 34 58.83 -7.37 -27.35
C GLN E 34 57.84 -8.15 -28.24
N ARG E 35 56.62 -8.42 -27.74
CA ARG E 35 55.63 -9.21 -28.50
C ARG E 35 55.12 -8.47 -29.72
N TYR E 36 54.80 -7.17 -29.63
CA TYR E 36 54.37 -6.41 -30.81
C TYR E 36 55.47 -6.39 -31.88
N SER E 37 56.70 -6.02 -31.52
CA SER E 37 57.80 -5.97 -32.50
C SER E 37 58.10 -7.36 -33.09
N ALA E 38 58.22 -8.41 -32.27
CA ALA E 38 58.49 -9.76 -32.76
C ALA E 38 57.36 -10.31 -33.66
N ARG E 39 56.09 -10.11 -33.27
CA ARG E 39 54.94 -10.59 -34.04
C ARG E 39 54.70 -9.77 -35.31
N LEU E 40 54.97 -8.47 -35.29
CA LEU E 40 54.93 -7.63 -36.49
C LEU E 40 55.98 -8.05 -37.53
N LEU E 41 57.20 -8.40 -37.10
CA LEU E 41 58.25 -8.89 -37.99
C LEU E 41 57.97 -10.27 -38.61
N GLN E 42 56.92 -10.99 -38.18
CA GLN E 42 56.43 -12.17 -38.92
C GLN E 42 55.70 -11.77 -40.21
N ALA E 43 54.98 -10.64 -40.21
CA ALA E 43 54.41 -10.04 -41.41
C ALA E 43 55.46 -9.23 -42.20
N GLY E 44 56.39 -8.59 -41.50
CA GLY E 44 57.49 -7.80 -42.08
C GLY E 44 57.07 -6.41 -42.57
N TYR E 45 58.01 -5.67 -43.14
CA TYR E 45 57.80 -4.30 -43.64
C TYR E 45 56.80 -4.24 -44.81
N MET E 50 67.18 -3.21 -38.61
CA MET E 50 67.70 -1.84 -38.54
C MET E 50 68.16 -1.47 -37.12
N ALA E 51 68.70 -0.26 -36.93
CA ALA E 51 69.33 0.19 -35.70
C ALA E 51 68.27 0.69 -34.75
N ASP E 52 67.20 -0.09 -34.57
CA ASP E 52 66.06 0.14 -33.67
C ASP E 52 65.96 -0.99 -32.66
N TYR E 53 66.36 -2.23 -33.03
CA TYR E 53 66.66 -3.27 -32.06
C TYR E 53 68.02 -3.05 -31.37
N LEU E 54 68.95 -2.35 -32.03
CA LEU E 54 70.32 -2.17 -31.59
C LEU E 54 70.52 -0.94 -30.73
N ILE E 55 69.55 -0.03 -30.68
CA ILE E 55 69.64 1.18 -29.86
C ILE E 55 68.69 1.18 -28.70
N SER E 56 67.73 0.24 -28.63
CA SER E 56 66.74 0.16 -27.52
C SER E 56 66.25 -1.27 -27.20
N GLY E 57 66.86 -2.32 -27.76
CA GLY E 57 66.46 -3.72 -27.55
C GLY E 57 65.06 -4.05 -28.06
N GLY E 58 64.48 -5.14 -27.57
CA GLY E 58 63.07 -5.48 -27.81
C GLY E 58 62.09 -4.51 -27.14
N THR E 59 62.56 -3.74 -26.15
CA THR E 59 61.84 -2.63 -25.47
C THR E 59 61.75 -1.37 -26.34
N GLY E 60 61.20 -1.49 -27.55
CA GLY E 60 61.08 -0.44 -28.57
C GLY E 60 60.06 0.68 -28.29
N TYR E 61 60.03 1.20 -27.06
CA TYR E 61 59.13 2.23 -26.53
C TYR E 61 57.65 1.87 -26.43
N VAL E 62 57.06 2.16 -25.27
CA VAL E 62 55.62 2.36 -25.09
C VAL E 62 55.40 3.56 -24.16
N PRO E 63 54.36 4.38 -24.38
CA PRO E 63 53.98 5.42 -23.44
C PRO E 63 53.77 4.89 -22.03
N GLU E 64 54.08 5.69 -21.03
CA GLU E 64 53.83 5.37 -19.63
C GLU E 64 52.51 6.04 -19.23
N ASP E 65 51.54 5.25 -18.80
CA ASP E 65 50.17 5.70 -18.60
C ASP E 65 49.51 4.89 -17.49
N GLY E 66 49.06 5.54 -16.42
CA GLY E 66 48.59 4.87 -15.20
C GLY E 66 49.71 4.50 -14.22
N LEU E 67 49.34 4.05 -13.04
CA LEU E 67 50.23 3.72 -11.93
C LEU E 67 50.76 2.28 -12.04
N THR E 68 51.98 1.99 -11.59
CA THR E 68 52.35 0.60 -11.26
C THR E 68 51.75 0.21 -9.90
N ALA E 69 51.60 -1.08 -9.58
CA ALA E 69 51.00 -1.53 -8.33
C ALA E 69 51.73 -0.99 -7.10
N GLN E 70 53.07 -0.96 -7.12
CA GLN E 70 53.87 -0.41 -6.04
C GLN E 70 53.56 1.07 -5.75
N GLN E 71 53.17 1.85 -6.76
CA GLN E 71 52.72 3.22 -6.59
C GLN E 71 51.27 3.28 -6.12
N LEU E 72 50.38 2.45 -6.65
CA LEU E 72 48.96 2.48 -6.32
C LEU E 72 48.74 2.34 -4.82
N PHE E 73 49.43 1.40 -4.16
CA PHE E 73 49.35 1.19 -2.72
C PHE E 73 50.27 2.09 -1.88
N ALA E 74 51.01 3.03 -2.50
CA ALA E 74 51.86 3.98 -1.76
C ALA E 74 51.08 5.16 -1.17
N SER E 75 49.87 5.51 -1.61
CA SER E 75 49.16 6.65 -1.01
C SER E 75 48.69 6.41 0.43
N ALA E 76 48.72 5.15 0.89
CA ALA E 76 48.33 4.71 2.22
C ALA E 76 46.85 4.95 2.58
N ASP E 77 46.00 5.21 1.58
CA ASP E 77 44.58 4.90 1.66
C ASP E 77 44.41 3.40 1.47
N GLY E 78 43.67 2.71 2.32
CA GLY E 78 43.45 1.28 2.15
C GLY E 78 42.42 1.01 1.08
N LEU E 79 42.86 0.64 -0.12
CA LEU E 79 41.98 0.30 -1.23
C LEU E 79 41.30 -1.05 -1.03
N THR E 80 40.03 -1.16 -1.45
CA THR E 80 39.34 -2.44 -1.67
C THR E 80 39.18 -2.72 -3.17
N TYR E 81 38.43 -3.74 -3.55
CA TYR E 81 38.39 -4.24 -4.92
C TYR E 81 37.64 -3.33 -5.85
N ASN E 82 36.65 -2.60 -5.35
CA ASN E 82 35.97 -1.59 -6.16
C ASN E 82 36.86 -0.39 -6.48
N ASP E 83 37.95 -0.14 -5.75
CA ASP E 83 38.68 1.12 -5.91
C ASP E 83 39.63 1.21 -7.09
N PHE E 84 40.14 0.13 -7.70
CA PHE E 84 41.12 0.33 -8.76
C PHE E 84 40.66 -0.41 -10.00
N LEU E 85 41.51 -0.45 -11.01
CA LEU E 85 41.18 -1.06 -12.28
C LEU E 85 42.50 -1.42 -12.96
N ILE E 86 42.42 -2.21 -14.01
CA ILE E 86 43.62 -2.68 -14.70
C ILE E 86 43.55 -2.19 -16.13
N LEU E 87 44.43 -1.29 -16.51
CA LEU E 87 44.40 -0.72 -17.84
C LEU E 87 44.71 -1.80 -18.88
N PRO E 88 43.88 -1.98 -19.92
CA PRO E 88 44.05 -3.04 -20.90
C PRO E 88 45.39 -2.94 -21.65
N GLY E 89 45.91 -4.08 -22.08
CA GLY E 89 47.22 -4.21 -22.74
C GLY E 89 47.14 -4.55 -24.22
N PHE E 90 48.09 -5.32 -24.73
CA PHE E 90 48.14 -5.83 -26.10
C PHE E 90 47.72 -7.31 -26.13
N ILE E 91 46.76 -7.66 -26.98
CA ILE E 91 46.21 -9.02 -27.07
C ILE E 91 46.78 -9.75 -28.28
N ASP E 92 47.40 -10.90 -28.08
CA ASP E 92 47.96 -11.69 -29.17
C ASP E 92 47.70 -13.21 -29.03
N PHE E 93 46.63 -13.60 -28.35
CA PHE E 93 46.21 -14.98 -28.13
C PHE E 93 44.69 -15.07 -27.90
N ILE E 94 44.09 -16.23 -28.13
CA ILE E 94 42.66 -16.46 -27.90
C ILE E 94 42.35 -16.67 -26.42
N ALA E 95 41.11 -16.43 -26.00
CA ALA E 95 40.67 -16.51 -24.61
C ALA E 95 40.61 -17.93 -24.08
N ASP E 96 41.10 -18.89 -24.85
CA ASP E 96 41.15 -20.28 -24.39
C ASP E 96 42.56 -20.81 -24.35
N GLU E 97 43.56 -19.93 -24.35
CA GLU E 97 44.94 -20.34 -24.12
C GLU E 97 45.51 -19.68 -22.89
N VAL E 98 44.63 -19.18 -22.01
CA VAL E 98 45.03 -18.53 -20.78
C VAL E 98 45.24 -19.58 -19.70
N ASP E 99 46.43 -20.16 -19.67
CA ASP E 99 46.74 -21.19 -18.68
C ASP E 99 46.42 -20.67 -17.29
N LEU E 100 45.62 -21.41 -16.54
CA LEU E 100 45.19 -21.01 -15.22
C LEU E 100 45.97 -21.66 -14.10
N THR E 101 46.94 -22.51 -14.41
CA THR E 101 47.66 -23.23 -13.37
C THR E 101 48.07 -22.31 -12.25
N SER E 102 47.65 -22.64 -11.03
CA SER E 102 48.04 -21.89 -9.85
C SER E 102 48.62 -22.82 -8.81
N ALA E 103 49.25 -22.25 -7.80
CA ALA E 103 49.92 -23.00 -6.75
C ALA E 103 49.18 -22.77 -5.45
N LEU E 104 48.73 -23.85 -4.81
CA LEU E 104 48.00 -23.78 -3.55
C LEU E 104 48.96 -23.62 -2.40
N THR E 105 50.00 -24.46 -2.34
CA THR E 105 50.97 -24.43 -1.26
C THR E 105 52.33 -24.70 -1.89
N ARG E 106 53.36 -24.83 -1.07
CA ARG E 106 54.68 -24.98 -1.64
C ARG E 106 54.80 -26.22 -2.52
N LYS E 107 53.94 -27.22 -2.34
CA LYS E 107 54.10 -28.48 -3.06
C LYS E 107 52.85 -28.94 -3.78
N ILE E 108 51.64 -28.55 -3.31
CA ILE E 108 50.38 -28.82 -4.01
C ILE E 108 50.11 -27.77 -5.09
N THR E 109 49.86 -28.19 -6.33
CA THR E 109 49.58 -27.34 -7.50
C THR E 109 48.20 -27.69 -8.07
N LEU E 110 47.45 -26.71 -8.59
CA LEU E 110 46.06 -26.86 -9.04
C LEU E 110 45.87 -26.34 -10.47
N LYS E 111 45.00 -26.98 -11.25
CA LYS E 111 44.68 -26.53 -12.62
C LYS E 111 43.76 -25.32 -12.67
N THR E 112 43.17 -24.91 -11.55
CA THR E 112 42.15 -23.85 -11.47
C THR E 112 42.44 -22.98 -10.23
N PRO E 113 42.40 -21.62 -10.29
CA PRO E 113 42.77 -20.78 -9.16
C PRO E 113 41.65 -20.60 -8.18
N LEU E 114 40.67 -21.51 -8.17
CA LEU E 114 39.54 -21.41 -7.27
C LEU E 114 39.71 -22.35 -6.09
N ILE E 115 38.90 -22.17 -5.04
CA ILE E 115 38.80 -23.04 -3.85
C ILE E 115 37.38 -22.88 -3.30
N SER E 116 36.81 -23.90 -2.65
CA SER E 116 35.62 -23.70 -1.81
C SER E 116 35.99 -23.51 -0.35
N SER E 117 35.43 -22.48 0.28
CA SER E 117 35.70 -22.10 1.66
C SER E 117 35.29 -23.15 2.69
N PRO E 118 36.06 -23.36 3.78
CA PRO E 118 35.70 -24.29 4.84
C PRO E 118 34.58 -23.74 5.73
N MET E 119 33.36 -23.74 5.22
CA MET E 119 32.16 -23.33 5.94
C MET E 119 31.08 -24.39 5.89
N ASP E 120 30.30 -24.55 6.96
CA ASP E 120 29.17 -25.49 7.00
C ASP E 120 28.05 -25.13 6.01
N THR E 121 27.93 -23.86 5.66
CA THR E 121 27.06 -23.38 4.58
C THR E 121 27.59 -23.72 3.17
N VAL E 122 28.83 -24.19 3.02
CA VAL E 122 29.48 -24.34 1.70
C VAL E 122 30.05 -25.73 1.45
N THR E 123 31.06 -26.18 2.19
CA THR E 123 31.86 -27.33 1.76
C THR E 123 31.71 -28.54 2.65
N GLU E 124 31.22 -29.63 2.09
CA GLU E 124 31.16 -30.96 2.69
C GLU E 124 31.76 -31.99 1.71
N ALA E 125 31.53 -33.30 1.85
CA ALA E 125 32.19 -34.26 0.97
C ALA E 125 31.79 -34.02 -0.48
N ASP E 126 30.51 -33.78 -0.76
CA ASP E 126 30.01 -33.58 -2.12
C ASP E 126 30.71 -32.41 -2.81
N MET E 127 30.65 -31.20 -2.24
CA MET E 127 31.32 -30.06 -2.89
C MET E 127 32.84 -30.23 -2.89
N ALA E 128 33.46 -30.91 -1.93
CA ALA E 128 34.89 -31.15 -1.99
C ALA E 128 35.28 -32.03 -3.20
N ILE E 129 34.49 -33.05 -3.53
CA ILE E 129 34.67 -33.84 -4.75
C ILE E 129 34.43 -32.98 -5.98
N ALA E 130 33.35 -32.19 -6.01
CA ALA E 130 33.03 -31.36 -7.17
C ALA E 130 34.12 -30.34 -7.48
N MET E 131 34.69 -29.68 -6.47
CA MET E 131 35.81 -28.76 -6.69
C MET E 131 37.04 -29.45 -7.23
N ALA E 132 37.40 -30.62 -6.70
CA ALA E 132 38.56 -31.33 -7.20
C ALA E 132 38.35 -31.78 -8.65
N LEU E 133 37.17 -32.25 -9.03
CA LEU E 133 36.86 -32.60 -10.42
C LEU E 133 36.88 -31.39 -11.37
N MET E 134 36.75 -30.15 -10.86
CA MET E 134 36.93 -28.93 -11.64
C MET E 134 38.34 -28.32 -11.53
N GLY E 135 39.32 -29.09 -11.08
CA GLY E 135 40.73 -28.67 -11.04
C GLY E 135 41.11 -27.77 -9.88
N GLY E 136 40.18 -27.47 -8.97
CA GLY E 136 40.45 -26.72 -7.74
C GLY E 136 40.69 -27.68 -6.57
N ILE E 137 40.36 -27.23 -5.36
CA ILE E 137 40.31 -28.05 -4.16
C ILE E 137 39.19 -27.53 -3.25
N GLY E 138 38.67 -28.33 -2.34
CA GLY E 138 37.75 -27.90 -1.30
C GLY E 138 38.26 -28.26 0.07
N PHE E 139 37.95 -27.46 1.08
CA PHE E 139 38.32 -27.73 2.48
C PHE E 139 37.07 -28.06 3.29
N ILE E 140 37.03 -29.22 3.97
CA ILE E 140 35.89 -29.58 4.83
C ILE E 140 35.84 -28.69 6.08
N HIS E 141 34.66 -28.15 6.43
CA HIS E 141 34.47 -27.32 7.62
C HIS E 141 34.74 -28.11 8.90
N HIS E 142 35.07 -27.43 9.99
CA HIS E 142 35.41 -28.10 11.25
C HIS E 142 34.30 -27.97 12.29
N ASN E 143 33.07 -27.60 11.90
CA ASN E 143 31.95 -27.60 12.83
C ASN E 143 31.36 -29.00 12.76
N CYS E 144 31.92 -29.90 13.56
CA CYS E 144 31.53 -31.31 13.52
C CYS E 144 32.24 -32.09 14.59
N THR E 145 31.99 -33.38 14.67
CA THR E 145 32.83 -34.14 15.57
C THR E 145 34.00 -34.74 14.79
N PRO E 146 35.19 -34.80 15.39
CA PRO E 146 36.37 -35.24 14.66
C PRO E 146 36.11 -36.43 13.75
N GLU E 147 35.30 -37.36 14.23
CA GLU E 147 35.01 -38.54 13.43
C GLU E 147 34.21 -38.18 12.18
N PHE E 148 33.25 -37.26 12.31
CA PHE E 148 32.48 -36.84 11.15
C PHE E 148 33.38 -36.36 10.03
N GLN E 149 34.38 -35.56 10.39
CA GLN E 149 35.31 -35.02 9.41
C GLN E 149 36.22 -36.10 8.85
N ALA E 150 36.73 -36.98 9.71
CA ALA E 150 37.53 -38.08 9.20
C ALA E 150 36.74 -38.90 8.19
N ASN E 151 35.46 -39.09 8.46
CA ASN E 151 34.60 -39.82 7.54
C ASN E 151 34.47 -39.08 6.22
N GLU E 152 34.16 -37.79 6.27
CA GLU E 152 34.03 -37.03 5.04
C GLU E 152 35.30 -37.11 4.21
N VAL E 153 36.47 -36.93 4.82
CA VAL E 153 37.74 -37.00 4.10
C VAL E 153 37.91 -38.39 3.50
N ARG E 154 37.64 -39.47 4.25
CA ARG E 154 37.72 -40.81 3.68
C ARG E 154 36.85 -40.90 2.45
N LYS E 155 35.62 -40.42 2.56
CA LYS E 155 34.71 -40.48 1.43
C LYS E 155 35.31 -39.77 0.23
N VAL E 156 35.97 -38.63 0.42
CA VAL E 156 36.49 -37.81 -0.68
C VAL E 156 37.72 -38.43 -1.32
N LYS E 157 38.66 -38.99 -0.53
CA LYS E 157 39.86 -39.63 -1.08
C LYS E 157 39.53 -40.83 -1.98
N LYS E 158 38.42 -41.53 -1.75
CA LYS E 158 38.08 -42.81 -2.41
C LYS E 158 37.05 -42.68 -3.55
N PHE E 159 37.15 -41.64 -4.38
CA PHE E 159 36.03 -41.29 -5.28
C PHE E 159 35.80 -42.21 -6.48
N GLU E 160 36.84 -42.55 -7.24
CA GLU E 160 36.81 -43.54 -8.33
C GLU E 160 35.89 -43.27 -9.55
N GLN E 161 35.27 -42.08 -9.69
CA GLN E 161 34.54 -41.60 -10.89
C GLN E 161 33.29 -42.38 -11.31
N GLY E 162 33.43 -43.63 -11.77
CA GLY E 162 32.33 -44.49 -12.21
C GLY E 162 31.73 -45.35 -11.10
N PHE E 163 32.56 -45.87 -10.20
CA PHE E 163 32.13 -46.75 -9.11
C PHE E 163 31.30 -45.99 -8.08
N ILE E 164 30.40 -46.66 -7.36
CA ILE E 164 29.66 -46.05 -6.25
C ILE E 164 30.55 -45.96 -5.01
N THR E 165 30.82 -44.75 -4.51
CA THR E 165 31.51 -44.58 -3.24
C THR E 165 30.62 -45.05 -2.10
N ASP E 166 31.11 -46.01 -1.34
CA ASP E 166 30.42 -46.43 -0.13
C ASP E 166 29.08 -47.07 -0.46
N PRO E 167 29.10 -48.22 -1.15
CA PRO E 167 27.90 -48.94 -1.53
C PRO E 167 27.27 -49.59 -0.29
N VAL E 168 25.98 -49.89 -0.39
CA VAL E 168 25.23 -50.53 0.69
C VAL E 168 25.02 -52.00 0.34
N VAL E 169 25.55 -52.89 1.18
CA VAL E 169 25.34 -54.34 1.09
C VAL E 169 24.39 -54.76 2.20
N LEU E 170 23.37 -55.55 1.87
CA LEU E 170 22.48 -56.16 2.87
C LEU E 170 22.75 -57.65 3.04
N SER E 171 22.31 -58.14 4.18
CA SER E 171 22.55 -59.50 4.65
C SER E 171 21.45 -60.43 4.16
N PRO E 172 21.80 -61.55 3.49
CA PRO E 172 20.82 -62.53 3.02
C PRO E 172 19.80 -62.94 4.09
N SER E 173 20.13 -62.75 5.37
CA SER E 173 19.19 -62.97 6.47
C SER E 173 18.46 -61.66 6.76
N HIS E 174 17.61 -61.28 5.81
CA HIS E 174 16.93 -59.98 5.93
C HIS E 174 15.63 -60.05 5.13
N THR E 175 14.52 -60.18 5.82
CA THR E 175 13.21 -60.08 5.17
C THR E 175 13.15 -58.78 4.39
N VAL E 176 12.47 -58.78 3.24
CA VAL E 176 12.57 -57.69 2.28
C VAL E 176 12.01 -56.34 2.75
N GLY E 177 11.16 -56.24 3.78
CA GLY E 177 10.58 -54.96 4.21
C GLY E 177 11.58 -53.90 4.71
N ASP E 178 12.68 -54.33 5.31
CA ASP E 178 13.79 -53.56 5.84
C ASP E 178 14.83 -53.26 4.77
N VAL E 179 14.69 -53.85 3.57
CA VAL E 179 15.34 -53.44 2.29
C VAL E 179 14.44 -52.51 1.50
N LEU E 180 13.16 -52.86 1.38
CA LEU E 180 12.16 -52.13 0.61
C LEU E 180 11.97 -50.74 1.20
N GLU E 181 12.17 -50.57 2.50
CA GLU E 181 12.02 -49.22 3.04
C GLU E 181 13.25 -48.36 2.79
N ALA E 182 14.43 -48.98 2.66
CA ALA E 182 15.63 -48.22 2.36
C ALA E 182 15.42 -47.31 1.17
N LYS E 183 14.66 -47.77 0.16
CA LYS E 183 14.18 -46.91 -0.93
C LYS E 183 13.49 -45.68 -0.37
N MET E 184 12.86 -45.80 0.79
CA MET E 184 12.27 -44.66 1.48
C MET E 184 13.29 -43.92 2.34
N ARG E 185 14.44 -44.52 2.62
CA ARG E 185 15.49 -43.92 3.43
C ARG E 185 16.59 -43.26 2.61
N HIS E 186 17.21 -44.02 1.70
CA HIS E 186 18.26 -43.49 0.83
C HIS E 186 17.77 -43.18 -0.58
N GLY E 187 16.64 -43.74 -1.01
CA GLY E 187 16.10 -43.44 -2.32
C GLY E 187 16.45 -44.45 -3.38
N PHE E 188 17.69 -44.93 -3.38
CA PHE E 188 18.08 -46.03 -4.23
C PHE E 188 17.47 -47.32 -3.69
N SER E 189 17.36 -48.34 -4.57
CA SER E 189 16.72 -49.62 -4.24
C SER E 189 17.27 -50.90 -4.90
N GLY E 190 18.34 -50.85 -5.71
CA GLY E 190 19.07 -52.05 -6.11
C GLY E 190 20.26 -52.34 -5.18
N ILE E 191 20.15 -53.34 -4.31
CA ILE E 191 21.09 -53.63 -3.23
C ILE E 191 21.81 -54.97 -3.46
N PRO E 192 23.16 -55.02 -3.52
CA PRO E 192 23.92 -56.27 -3.50
C PRO E 192 23.85 -56.96 -2.15
N ILE E 193 24.01 -58.29 -2.11
CA ILE E 193 23.67 -59.11 -0.94
C ILE E 193 24.74 -60.15 -0.54
N THR E 194 25.37 -59.96 0.62
CA THR E 194 26.31 -60.90 1.22
C THR E 194 26.43 -60.69 2.73
N GLU E 195 27.14 -61.58 3.42
CA GLU E 195 27.07 -61.82 4.87
C GLU E 195 26.95 -60.57 5.76
N THR E 196 27.80 -59.53 5.63
CA THR E 196 27.56 -58.32 6.42
C THR E 196 28.03 -57.08 5.66
N GLY E 197 29.25 -57.12 5.11
CA GLY E 197 29.93 -55.99 4.45
C GLY E 197 30.40 -56.29 3.03
N THR E 198 31.25 -55.42 2.48
CA THR E 198 31.84 -55.59 1.14
C THR E 198 33.00 -56.59 1.17
N LEU E 203 28.43 -65.36 -0.60
CA LEU E 203 27.83 -64.27 -1.37
C LEU E 203 26.68 -64.78 -2.27
N VAL E 204 25.66 -63.95 -2.43
CA VAL E 204 24.57 -64.12 -3.41
C VAL E 204 24.41 -62.82 -4.22
N GLY E 205 23.47 -62.76 -5.15
CA GLY E 205 23.48 -61.73 -6.19
C GLY E 205 23.02 -60.36 -5.72
N ILE E 206 21.76 -60.06 -6.01
CA ILE E 206 21.18 -58.74 -5.85
C ILE E 206 19.73 -58.91 -5.44
N VAL E 207 19.23 -58.00 -4.61
CA VAL E 207 17.81 -57.74 -4.43
C VAL E 207 17.49 -56.36 -4.98
N THR E 208 16.48 -56.26 -5.82
CA THR E 208 16.25 -55.10 -6.66
C THR E 208 14.76 -54.80 -6.77
N SER E 209 14.34 -53.56 -7.05
CA SER E 209 12.93 -53.17 -6.94
C SER E 209 11.99 -54.13 -7.67
N ARG E 210 12.33 -54.57 -8.89
CA ARG E 210 11.51 -55.50 -9.67
C ARG E 210 11.29 -56.86 -9.00
N ASP E 211 12.21 -57.29 -8.14
CA ASP E 211 12.07 -58.50 -7.35
C ASP E 211 11.03 -58.35 -6.23
N ILE E 212 10.78 -57.12 -5.79
CA ILE E 212 9.98 -56.80 -4.60
C ILE E 212 8.62 -56.16 -4.95
N ASP E 213 8.51 -55.52 -6.10
CA ASP E 213 7.32 -54.76 -6.50
C ASP E 213 6.03 -55.60 -6.66
N PHE E 214 6.13 -56.94 -6.71
CA PHE E 214 5.03 -57.85 -6.39
C PHE E 214 5.37 -58.68 -5.14
N LEU E 215 4.54 -58.59 -4.09
CA LEU E 215 4.75 -59.22 -2.78
C LEU E 215 3.44 -59.59 -2.07
N LEU E 223 7.80 -59.31 2.42
CA LEU E 223 7.45 -60.43 3.27
C LEU E 223 8.56 -61.47 3.32
N LEU E 224 8.90 -62.05 2.16
CA LEU E 224 9.83 -63.16 2.13
C LEU E 224 11.21 -62.70 2.57
N SER E 225 12.21 -63.58 2.54
CA SER E 225 13.54 -63.16 2.99
C SER E 225 14.59 -63.16 1.89
N GLU E 226 14.88 -64.30 1.28
CA GLU E 226 15.89 -64.34 0.22
C GLU E 226 15.45 -65.26 -0.91
N VAL E 227 14.26 -64.97 -1.43
CA VAL E 227 13.76 -65.68 -2.59
C VAL E 227 14.08 -64.91 -3.88
N MET E 228 15.17 -64.16 -3.87
CA MET E 228 15.69 -63.37 -4.99
C MET E 228 17.08 -63.89 -5.40
N THR E 229 17.87 -63.11 -6.13
CA THR E 229 18.94 -63.63 -6.98
C THR E 229 20.04 -64.36 -6.19
N PRO E 230 20.31 -65.65 -6.45
CA PRO E 230 21.47 -66.34 -5.90
C PRO E 230 22.76 -65.85 -6.58
N ARG E 231 23.93 -66.47 -6.34
CA ARG E 231 25.13 -66.20 -7.16
C ARG E 231 24.94 -66.78 -8.57
N ILE E 232 24.38 -65.96 -9.44
CA ILE E 232 24.03 -66.28 -10.84
C ILE E 232 23.96 -65.02 -11.73
N GLU E 233 24.49 -63.88 -11.29
CA GLU E 233 24.57 -62.63 -12.08
C GLU E 233 25.24 -62.80 -13.45
N LEU E 234 24.93 -61.90 -14.38
CA LEU E 234 25.56 -61.84 -15.70
C LEU E 234 27.03 -61.39 -15.62
N VAL E 235 27.69 -61.27 -16.77
CA VAL E 235 29.09 -60.84 -16.91
C VAL E 235 29.40 -59.59 -16.05
N VAL E 236 30.54 -59.63 -15.35
CA VAL E 236 30.98 -58.68 -14.32
C VAL E 236 32.49 -58.46 -14.38
N ALA E 237 32.97 -57.37 -13.77
CA ALA E 237 34.39 -57.05 -13.68
C ALA E 237 35.15 -58.09 -12.81
N PRO E 238 36.05 -58.94 -13.36
CA PRO E 238 36.53 -60.14 -12.67
C PRO E 238 37.56 -59.93 -11.54
N ALA E 239 38.13 -58.73 -11.41
CA ALA E 239 39.18 -58.39 -10.45
C ALA E 239 39.24 -56.87 -10.18
N GLY E 240 39.16 -56.09 -11.27
CA GLY E 240 39.23 -54.64 -11.32
C GLY E 240 39.49 -54.22 -12.77
N VAL E 241 38.77 -53.21 -13.26
CA VAL E 241 38.71 -52.86 -14.69
C VAL E 241 38.73 -51.35 -14.90
N THR E 242 39.16 -50.93 -16.09
CA THR E 242 38.99 -49.54 -16.54
C THR E 242 37.50 -49.22 -16.72
N LEU E 243 37.08 -47.98 -16.45
CA LEU E 243 35.70 -47.53 -16.59
C LEU E 243 35.16 -47.75 -18.02
N LYS E 244 35.99 -47.51 -19.05
CA LYS E 244 35.72 -47.80 -20.46
C LYS E 244 35.42 -49.29 -20.75
N GLU E 245 35.98 -50.22 -19.99
CA GLU E 245 35.68 -51.64 -20.14
C GLU E 245 34.32 -51.98 -19.54
N ALA E 246 34.05 -51.53 -18.31
CA ALA E 246 32.73 -51.71 -17.69
C ALA E 246 31.60 -51.09 -18.54
N ASN E 247 31.82 -49.93 -19.15
CA ASN E 247 30.90 -49.29 -20.10
C ASN E 247 30.50 -50.22 -21.25
N GLU E 248 31.40 -51.06 -21.74
CA GLU E 248 31.09 -52.05 -22.78
C GLU E 248 30.36 -53.29 -22.22
N ILE E 249 30.72 -53.74 -21.01
CA ILE E 249 30.03 -54.86 -20.36
C ILE E 249 28.56 -54.52 -20.05
N LEU E 250 28.28 -53.32 -19.53
CA LEU E 250 26.89 -52.87 -19.29
C LEU E 250 26.07 -52.90 -20.59
N GLN E 251 26.67 -52.64 -21.76
CA GLN E 251 25.94 -52.61 -23.03
C GLN E 251 25.41 -54.00 -23.39
N ARG E 252 26.25 -55.03 -23.34
CA ARG E 252 25.87 -56.43 -23.60
C ARG E 252 24.93 -56.99 -22.54
N SER E 253 25.25 -56.72 -21.27
CA SER E 253 24.53 -57.27 -20.12
C SER E 253 23.10 -56.74 -20.01
N LYS E 254 22.86 -55.48 -20.41
CA LYS E 254 21.59 -54.71 -20.26
C LYS E 254 21.13 -54.50 -18.81
N LYS E 255 21.62 -55.25 -17.82
CA LYS E 255 21.27 -55.09 -16.39
C LYS E 255 21.80 -53.79 -15.79
N GLY E 256 21.21 -53.35 -14.68
CA GLY E 256 21.42 -52.02 -14.11
C GLY E 256 22.57 -51.91 -13.13
N LYS E 257 22.97 -53.00 -12.48
CA LYS E 257 24.16 -53.05 -11.61
C LYS E 257 25.23 -53.89 -12.27
N LEU E 258 26.49 -53.51 -12.06
CA LEU E 258 27.63 -54.34 -12.41
C LEU E 258 28.56 -54.44 -11.21
N PRO E 259 28.54 -55.54 -10.47
CA PRO E 259 29.55 -55.83 -9.47
C PRO E 259 30.97 -55.87 -10.05
N ILE E 260 31.94 -55.48 -9.21
CA ILE E 260 33.36 -55.81 -9.33
C ILE E 260 33.64 -56.81 -8.22
N VAL E 261 34.28 -57.94 -8.53
CA VAL E 261 34.65 -58.97 -7.55
C VAL E 261 36.16 -59.18 -7.53
N ASN E 262 36.73 -59.53 -6.38
CA ASN E 262 38.16 -59.84 -6.23
C ASN E 262 38.49 -61.30 -6.63
N ASP E 263 39.78 -61.68 -6.61
CA ASP E 263 40.23 -63.06 -6.83
C ASP E 263 39.74 -64.06 -5.76
N CYS E 264 39.37 -63.56 -4.58
CA CYS E 264 38.69 -64.32 -3.53
C CYS E 264 37.19 -64.57 -3.85
N ASP E 265 36.71 -64.07 -4.98
CA ASP E 265 35.35 -64.22 -5.52
C ASP E 265 34.27 -63.58 -4.64
N GLU E 266 34.56 -62.40 -4.08
CA GLU E 266 33.62 -61.55 -3.34
C GLU E 266 33.61 -60.12 -3.90
N LEU E 267 32.47 -59.43 -3.77
CA LEU E 267 32.30 -58.01 -4.09
C LEU E 267 33.40 -57.14 -3.47
N VAL E 268 33.94 -56.22 -4.28
CA VAL E 268 34.93 -55.20 -3.84
C VAL E 268 34.52 -53.77 -4.21
N ALA E 269 33.73 -53.60 -5.28
CA ALA E 269 33.12 -52.33 -5.69
C ALA E 269 31.88 -52.63 -6.55
N ILE E 270 31.03 -51.64 -6.84
CA ILE E 270 29.85 -51.81 -7.71
C ILE E 270 29.60 -50.57 -8.57
N ILE E 271 29.02 -50.76 -9.75
CA ILE E 271 28.67 -49.71 -10.70
C ILE E 271 27.17 -49.68 -10.90
N ALA E 272 26.61 -48.48 -11.12
CA ALA E 272 25.22 -48.28 -11.50
C ALA E 272 25.12 -47.74 -12.93
N ARG E 273 24.25 -48.33 -13.75
CA ARG E 273 24.09 -47.97 -15.16
C ARG E 273 23.74 -46.51 -15.36
N THR E 274 22.89 -45.96 -14.49
CA THR E 274 22.48 -44.54 -14.52
C THR E 274 23.66 -43.58 -14.44
N ASP E 275 24.72 -43.91 -13.72
CA ASP E 275 25.90 -43.06 -13.61
C ASP E 275 26.80 -43.14 -14.85
N LEU E 276 26.87 -44.31 -15.48
CA LEU E 276 27.55 -44.52 -16.77
C LEU E 276 26.88 -43.74 -17.91
N LYS E 277 25.62 -43.36 -17.79
CA LYS E 277 24.97 -42.44 -18.75
C LYS E 277 25.53 -41.00 -18.68
N LYS E 278 26.19 -40.63 -17.57
CA LYS E 278 26.50 -39.22 -17.23
C LYS E 278 27.94 -38.94 -16.79
N ASN E 279 28.80 -39.93 -16.63
CA ASN E 279 30.22 -39.71 -16.37
C ASN E 279 30.89 -38.93 -17.53
N ARG E 280 31.98 -38.22 -17.24
CA ARG E 280 32.59 -37.22 -18.15
C ARG E 280 34.11 -37.32 -18.21
N ASP E 281 34.69 -36.72 -19.23
CA ASP E 281 36.13 -36.40 -19.24
C ASP E 281 36.41 -35.19 -18.35
N TYR E 282 37.32 -35.34 -17.38
CA TYR E 282 37.80 -34.26 -16.51
C TYR E 282 39.31 -34.12 -16.66
N PRO E 283 39.81 -33.31 -17.61
CA PRO E 283 41.25 -33.14 -17.81
C PRO E 283 41.89 -32.32 -16.67
N LEU E 284 41.10 -31.46 -16.02
CA LEU E 284 41.48 -30.68 -14.85
C LEU E 284 41.40 -31.55 -13.59
N ALA E 285 42.28 -32.54 -13.46
CA ALA E 285 42.04 -33.69 -12.59
C ALA E 285 42.10 -33.40 -11.07
N SER E 286 43.05 -32.59 -10.60
CA SER E 286 43.32 -32.36 -9.17
C SER E 286 43.53 -33.65 -8.35
N LYS E 287 44.38 -34.55 -8.86
CA LYS E 287 44.69 -35.84 -8.25
C LYS E 287 46.10 -35.85 -7.66
N ASP E 288 46.27 -36.53 -6.54
CA ASP E 288 47.56 -36.73 -5.87
C ASP E 288 48.48 -37.72 -6.61
N SER E 289 49.66 -38.00 -6.05
CA SER E 289 50.62 -38.97 -6.63
C SER E 289 50.09 -40.42 -6.67
N GLN E 290 49.09 -40.75 -5.86
CA GLN E 290 48.39 -42.04 -5.86
C GLN E 290 47.18 -42.05 -6.81
N LYS E 291 47.03 -41.03 -7.65
CA LYS E 291 45.98 -40.89 -8.67
C LYS E 291 44.55 -40.90 -8.10
N GLN E 292 44.34 -40.24 -6.96
CA GLN E 292 43.02 -40.02 -6.37
C GLN E 292 42.85 -38.58 -5.86
N LEU E 293 41.62 -38.11 -5.66
CA LEU E 293 41.35 -36.68 -5.51
C LEU E 293 42.10 -36.04 -4.33
N LEU E 294 42.63 -34.83 -4.53
CA LEU E 294 43.08 -33.97 -3.45
C LEU E 294 41.89 -33.43 -2.66
N CYS E 295 42.02 -33.34 -1.33
CA CYS E 295 41.11 -32.56 -0.49
C CYS E 295 41.77 -32.02 0.76
N GLY E 296 41.23 -30.92 1.27
CA GLY E 296 41.74 -30.27 2.47
C GLY E 296 40.81 -30.37 3.66
N ALA E 297 41.33 -30.06 4.83
CA ALA E 297 40.55 -29.99 6.07
C ALA E 297 40.83 -28.71 6.84
N ALA E 298 39.80 -28.03 7.31
CA ALA E 298 39.99 -27.06 8.38
C ALA E 298 40.17 -27.78 9.71
N VAL E 299 40.98 -27.22 10.60
CA VAL E 299 41.09 -27.64 12.00
C VAL E 299 41.17 -26.41 12.88
N GLY E 300 40.67 -26.48 14.11
CA GLY E 300 40.91 -25.43 15.11
C GLY E 300 42.35 -25.43 15.61
N THR E 301 42.72 -24.43 16.41
CA THR E 301 44.05 -24.32 17.02
C THR E 301 44.08 -24.66 18.52
N ARG E 302 42.98 -25.18 19.07
CA ARG E 302 42.85 -25.52 20.50
C ARG E 302 43.77 -26.66 20.90
N GLU E 303 44.00 -26.82 22.20
CA GLU E 303 44.74 -27.98 22.71
C GLU E 303 44.04 -29.30 22.39
N ASP E 304 42.70 -29.29 22.25
CA ASP E 304 41.91 -30.48 21.99
C ASP E 304 41.95 -30.91 20.58
N ASP E 305 42.82 -30.38 19.73
CA ASP E 305 42.73 -30.67 18.31
C ASP E 305 43.91 -31.44 17.74
N LYS E 306 44.92 -31.75 18.54
CA LYS E 306 45.88 -32.76 18.11
C LYS E 306 45.16 -34.06 17.78
N TYR E 307 44.06 -34.33 18.47
CA TYR E 307 43.29 -35.53 18.20
C TYR E 307 42.61 -35.45 16.84
N ARG E 308 41.86 -34.37 16.60
CA ARG E 308 41.21 -34.24 15.31
C ARG E 308 42.22 -34.28 14.18
N LEU E 309 43.36 -33.64 14.38
CA LEU E 309 44.41 -33.67 13.37
C LEU E 309 44.93 -35.10 13.16
N ASP E 310 45.03 -35.93 14.20
CA ASP E 310 45.31 -37.34 13.98
C ASP E 310 44.26 -37.98 13.08
N LEU E 311 43.01 -37.95 13.52
CA LEU E 311 41.95 -38.62 12.76
C LEU E 311 42.00 -38.22 11.30
N LEU E 312 42.19 -36.94 10.98
CA LEU E 312 42.22 -36.54 9.57
C LEU E 312 43.48 -36.98 8.89
N THR E 313 44.60 -37.05 9.61
CA THR E 313 45.80 -37.52 8.94
C THR E 313 45.79 -39.03 8.73
N GLN E 314 44.87 -39.74 9.35
CA GLN E 314 44.77 -41.18 9.11
C GLN E 314 43.94 -41.52 7.89
N ALA E 315 43.04 -40.63 7.47
CA ALA E 315 42.34 -40.81 6.21
C ALA E 315 43.19 -40.42 5.01
N GLY E 316 44.33 -39.79 5.24
CA GLY E 316 45.18 -39.35 4.16
C GLY E 316 44.96 -37.93 3.72
N VAL E 317 44.32 -37.06 4.52
CA VAL E 317 44.03 -35.67 4.07
C VAL E 317 45.30 -34.95 3.57
N ASP E 318 45.19 -34.22 2.46
CA ASP E 318 46.38 -33.72 1.75
C ASP E 318 46.92 -32.43 2.35
N VAL E 319 46.03 -31.57 2.84
CA VAL E 319 46.38 -30.22 3.29
C VAL E 319 45.45 -29.77 4.42
N ILE E 320 46.00 -29.05 5.38
CA ILE E 320 45.30 -28.55 6.55
C ILE E 320 45.22 -27.04 6.46
N VAL E 321 44.08 -26.44 6.72
CA VAL E 321 43.98 -25.00 6.96
C VAL E 321 43.69 -24.72 8.41
N LEU E 322 44.54 -23.96 9.07
CA LEU E 322 44.38 -23.63 10.48
C LEU E 322 43.35 -22.52 10.57
N ASP E 323 42.10 -22.83 10.83
CA ASP E 323 41.05 -21.81 10.92
C ASP E 323 41.25 -20.99 12.20
N SER E 324 41.35 -19.67 12.06
CA SER E 324 41.52 -18.72 13.17
C SER E 324 41.28 -17.30 12.67
N SER E 325 40.55 -16.49 13.43
CA SER E 325 40.20 -15.12 13.05
C SER E 325 41.43 -14.21 12.92
N GLN E 326 42.47 -14.51 13.69
CA GLN E 326 43.76 -13.85 13.63
C GLN E 326 44.88 -14.87 13.85
N GLY E 327 45.69 -15.10 12.82
CA GLY E 327 46.59 -16.23 12.77
C GLY E 327 47.83 -16.09 13.61
N ASN E 328 48.29 -14.88 13.86
CA ASN E 328 49.56 -14.66 14.54
C ASN E 328 49.41 -14.72 16.06
N SER E 329 49.23 -15.92 16.60
CA SER E 329 49.09 -16.16 18.03
C SER E 329 50.09 -17.20 18.51
N VAL E 330 50.52 -17.10 19.77
CA VAL E 330 51.50 -18.05 20.33
C VAL E 330 51.02 -19.48 20.20
N TYR E 331 49.73 -19.76 20.43
CA TYR E 331 49.20 -21.11 20.33
C TYR E 331 48.89 -21.58 18.91
N GLN E 332 48.73 -20.70 17.92
CA GLN E 332 48.81 -21.12 16.53
C GLN E 332 50.24 -21.44 16.09
N ILE E 333 51.25 -20.69 16.52
CA ILE E 333 52.65 -21.02 16.19
C ILE E 333 53.07 -22.32 16.88
N ALA E 334 52.61 -22.58 18.11
CA ALA E 334 52.76 -23.87 18.76
C ALA E 334 52.09 -24.98 17.95
N MET E 335 50.84 -24.82 17.51
CA MET E 335 50.16 -25.77 16.62
C MET E 335 50.94 -26.00 15.32
N VAL E 336 51.45 -24.96 14.65
CA VAL E 336 52.27 -25.13 13.43
C VAL E 336 53.51 -25.95 13.74
N HIS E 337 54.31 -25.58 14.75
CA HIS E 337 55.52 -26.34 15.10
C HIS E 337 55.18 -27.79 15.42
N TYR E 338 54.06 -28.03 16.09
CA TYR E 338 53.58 -29.35 16.41
C TYR E 338 53.27 -30.19 15.17
N ILE E 339 52.52 -29.68 14.18
CA ILE E 339 52.25 -30.43 12.94
C ILE E 339 53.56 -30.78 12.25
N LYS E 340 54.43 -29.80 11.99
CA LYS E 340 55.68 -30.00 11.27
C LYS E 340 56.61 -30.93 12.01
N GLN E 341 56.41 -31.14 13.30
CA GLN E 341 57.25 -32.04 14.07
C GLN E 341 56.74 -33.47 14.04
N LYS E 342 55.45 -33.66 13.79
CA LYS E 342 54.82 -34.96 13.92
C LYS E 342 54.41 -35.57 12.60
N TYR E 343 53.95 -34.77 11.65
CA TYR E 343 53.54 -35.24 10.33
C TYR E 343 54.27 -34.43 9.27
N PRO E 344 55.52 -34.77 8.96
CA PRO E 344 56.32 -33.92 8.08
C PRO E 344 55.86 -33.93 6.63
N HIS E 345 54.82 -34.67 6.29
CA HIS E 345 54.33 -34.72 4.92
C HIS E 345 53.17 -33.77 4.67
N LEU E 346 52.43 -33.42 5.71
CA LEU E 346 51.16 -32.70 5.65
C LEU E 346 51.39 -31.22 5.32
N GLN E 347 50.78 -30.70 4.27
CA GLN E 347 50.84 -29.27 3.94
C GLN E 347 49.96 -28.45 4.89
N VAL E 348 50.44 -27.31 5.40
CA VAL E 348 49.73 -26.48 6.38
C VAL E 348 49.56 -25.05 5.88
N ILE E 349 48.33 -24.55 5.82
CA ILE E 349 48.02 -23.19 5.40
C ILE E 349 47.75 -22.36 6.65
N GLY E 350 48.51 -21.28 6.83
CA GLY E 350 48.41 -20.43 8.02
C GLY E 350 47.08 -19.71 8.09
N GLY E 351 46.49 -19.66 9.28
CA GLY E 351 45.24 -18.95 9.55
C GLY E 351 45.34 -17.45 9.32
N ASN E 352 44.21 -16.78 9.28
CA ASN E 352 44.05 -15.49 8.61
C ASN E 352 45.04 -14.40 9.05
N VAL E 353 45.63 -13.68 8.11
CA VAL E 353 46.52 -12.53 8.35
C VAL E 353 46.23 -11.41 7.38
N VAL E 354 46.61 -10.19 7.68
CA VAL E 354 46.48 -9.04 6.77
C VAL E 354 47.69 -8.11 6.78
N THR E 355 48.78 -8.44 7.45
CA THR E 355 50.00 -7.62 7.48
C THR E 355 51.24 -8.44 7.17
N ALA E 356 52.29 -7.79 6.68
CA ALA E 356 53.58 -8.41 6.51
C ALA E 356 54.19 -8.87 7.85
N ALA E 357 53.90 -8.23 8.99
CA ALA E 357 54.40 -8.66 10.30
C ALA E 357 53.79 -10.00 10.78
N GLN E 358 52.49 -10.20 10.63
CA GLN E 358 51.84 -11.49 10.82
C GLN E 358 52.40 -12.56 9.87
N ALA E 359 52.40 -12.28 8.56
CA ALA E 359 52.92 -13.17 7.55
C ALA E 359 54.33 -13.59 7.90
N LYS E 360 55.20 -12.71 8.41
CA LYS E 360 56.57 -13.09 8.85
C LYS E 360 56.56 -14.16 9.91
N ASN E 361 55.82 -13.94 11.00
CA ASN E 361 55.81 -14.84 12.15
C ASN E 361 55.28 -16.21 11.80
N LEU E 362 54.25 -16.29 10.96
CA LEU E 362 53.75 -17.59 10.50
C LEU E 362 54.69 -18.23 9.49
N ILE E 363 55.22 -17.48 8.52
CA ILE E 363 56.18 -18.09 7.60
C ILE E 363 57.35 -18.67 8.37
N ASP E 364 58.05 -17.86 9.16
CA ASP E 364 59.26 -18.35 9.84
C ASP E 364 58.96 -19.40 10.91
N ALA E 365 57.70 -19.57 11.31
CA ALA E 365 57.23 -20.78 11.98
C ALA E 365 57.18 -22.01 11.07
N GLY E 366 57.07 -21.87 9.74
CA GLY E 366 57.20 -23.01 8.83
C GLY E 366 55.99 -23.28 7.96
N VAL E 367 54.89 -22.50 8.07
CA VAL E 367 53.68 -22.71 7.26
C VAL E 367 53.95 -22.64 5.77
N ASP E 368 53.06 -23.25 4.97
CA ASP E 368 53.26 -23.37 3.54
C ASP E 368 52.22 -22.61 2.73
N GLY E 369 51.47 -21.73 3.36
CA GLY E 369 50.44 -20.99 2.66
C GLY E 369 49.94 -19.91 3.59
N LEU E 370 48.90 -19.23 3.16
CA LEU E 370 48.35 -18.18 4.01
C LEU E 370 46.99 -17.77 3.51
N ARG E 371 45.96 -17.78 4.37
CA ARG E 371 44.69 -17.13 4.06
C ARG E 371 44.87 -15.64 4.28
N VAL E 372 44.87 -14.85 3.22
CA VAL E 372 45.08 -13.42 3.35
C VAL E 372 43.70 -12.77 3.34
N GLY E 373 43.11 -12.65 4.52
CA GLY E 373 41.82 -12.00 4.57
C GLY E 373 41.28 -11.87 5.97
N MET E 374 40.80 -10.70 6.37
CA MET E 374 40.19 -10.49 7.68
C MET E 374 39.33 -9.25 7.63
N GLY E 375 38.18 -9.28 8.30
CA GLY E 375 37.39 -8.08 8.47
C GLY E 375 36.41 -7.76 7.36
N CYS E 376 35.61 -8.74 6.96
CA CYS E 376 34.60 -8.52 5.92
C CYS E 376 33.29 -9.22 6.25
N VAL E 385 32.42 -2.95 13.49
CA VAL E 385 31.88 -3.95 14.40
C VAL E 385 33.00 -4.65 15.17
N MET E 386 34.21 -4.58 14.64
CA MET E 386 35.33 -5.35 15.17
C MET E 386 36.45 -4.48 15.72
N ALA E 387 36.83 -3.42 15.02
CA ALA E 387 37.91 -2.48 15.36
C ALA E 387 39.28 -2.94 14.87
N CYS E 388 39.39 -4.05 14.16
CA CYS E 388 40.62 -4.59 13.59
C CYS E 388 40.32 -5.00 12.17
N GLY E 389 41.35 -5.25 11.37
CA GLY E 389 41.16 -5.72 10.02
C GLY E 389 41.96 -4.88 9.06
N ARG E 390 41.63 -4.97 7.78
CA ARG E 390 42.27 -4.17 6.72
C ARG E 390 41.36 -4.16 5.50
N PRO E 391 41.37 -3.12 4.67
CA PRO E 391 40.73 -3.19 3.37
C PRO E 391 41.33 -4.32 2.55
N GLN E 392 40.48 -5.16 1.96
CA GLN E 392 40.92 -6.40 1.34
C GLN E 392 42.03 -6.17 0.31
N GLY E 393 41.84 -5.21 -0.59
CA GLY E 393 42.78 -5.04 -1.68
C GLY E 393 44.20 -4.84 -1.17
N THR E 394 44.35 -3.94 -0.22
CA THR E 394 45.67 -3.63 0.31
C THR E 394 46.24 -4.81 1.06
N ALA E 395 45.39 -5.62 1.72
CA ALA E 395 45.87 -6.80 2.43
C ALA E 395 46.43 -7.82 1.46
N VAL E 396 45.68 -8.12 0.40
CA VAL E 396 46.17 -9.09 -0.56
C VAL E 396 47.48 -8.63 -1.16
N TYR E 397 47.57 -7.38 -1.64
CA TYR E 397 48.81 -6.92 -2.25
C TYR E 397 49.99 -6.98 -1.28
N LYS E 398 49.83 -6.43 -0.07
CA LYS E 398 50.91 -6.38 0.92
C LYS E 398 51.36 -7.76 1.37
N VAL E 399 50.45 -8.69 1.66
CA VAL E 399 50.86 -10.00 2.12
C VAL E 399 51.46 -10.80 0.97
N ALA E 400 50.87 -10.69 -0.22
CA ALA E 400 51.43 -11.43 -1.33
C ALA E 400 52.82 -10.94 -1.65
N GLU E 401 53.02 -9.63 -1.64
CA GLU E 401 54.32 -9.09 -1.97
C GLU E 401 55.36 -9.45 -0.94
N TYR E 402 54.96 -9.66 0.32
CA TYR E 402 55.89 -10.07 1.37
C TYR E 402 56.18 -11.56 1.28
N ALA E 403 55.16 -12.41 1.34
CA ALA E 403 55.33 -13.84 1.23
C ALA E 403 56.15 -14.22 0.01
N ARG E 404 55.86 -13.62 -1.14
CA ARG E 404 56.58 -13.95 -2.36
C ARG E 404 58.09 -14.00 -2.15
N ARG E 405 58.67 -13.24 -1.23
CA ARG E 405 60.11 -13.24 -0.96
C ARG E 405 60.63 -14.64 -0.60
N PHE E 406 59.79 -15.54 -0.08
CA PHE E 406 60.22 -16.89 0.25
C PHE E 406 59.58 -17.95 -0.63
N GLY E 407 58.52 -17.62 -1.35
CA GLY E 407 57.85 -18.56 -2.21
C GLY E 407 56.59 -19.14 -1.63
N VAL E 408 55.96 -18.48 -0.69
CA VAL E 408 54.84 -19.07 0.04
C VAL E 408 53.53 -18.52 -0.48
N PRO E 409 52.95 -19.08 -1.52
CA PRO E 409 51.76 -18.47 -2.11
C PRO E 409 50.66 -18.29 -1.08
N ILE E 410 49.78 -17.34 -1.35
CA ILE E 410 48.72 -16.97 -0.43
C ILE E 410 47.38 -17.25 -1.07
N ILE E 411 46.30 -16.98 -0.34
CA ILE E 411 44.96 -17.41 -0.73
C ILE E 411 44.00 -16.30 -0.36
N ALA E 412 43.46 -15.62 -1.36
CA ALA E 412 42.76 -14.36 -1.15
C ALA E 412 41.31 -14.62 -0.76
N ASP E 413 41.09 -14.86 0.52
CA ASP E 413 39.77 -15.13 1.06
C ASP E 413 39.13 -13.87 1.62
N GLY E 414 37.92 -13.57 1.16
CA GLY E 414 37.13 -12.55 1.80
C GLY E 414 36.57 -11.48 0.89
N GLY E 415 35.26 -11.34 0.86
CA GLY E 415 34.64 -10.26 0.11
C GLY E 415 34.93 -10.28 -1.38
N ILE E 416 34.86 -11.45 -2.01
CA ILE E 416 34.88 -11.59 -3.45
C ILE E 416 33.49 -12.01 -3.93
N GLN E 417 32.89 -11.20 -4.81
CA GLN E 417 31.46 -11.32 -5.17
C GLN E 417 31.15 -11.10 -6.66
N THR E 418 32.17 -11.04 -7.51
CA THR E 418 32.07 -10.96 -8.98
C THR E 418 33.28 -11.66 -9.58
N VAL E 419 33.29 -11.89 -10.89
CA VAL E 419 34.47 -12.40 -11.56
C VAL E 419 35.48 -11.31 -11.81
N GLY E 420 35.06 -10.05 -11.82
CA GLY E 420 36.02 -8.96 -11.85
C GLY E 420 36.88 -8.96 -10.61
N HIS E 421 36.26 -9.07 -9.43
CA HIS E 421 37.04 -9.10 -8.21
C HIS E 421 37.99 -10.29 -8.20
N VAL E 422 37.59 -11.40 -8.81
CA VAL E 422 38.50 -12.54 -8.90
C VAL E 422 39.70 -12.20 -9.76
N VAL E 423 39.46 -11.64 -10.94
CA VAL E 423 40.58 -11.28 -11.80
C VAL E 423 41.49 -10.31 -11.10
N LYS E 424 40.92 -9.39 -10.33
CA LYS E 424 41.76 -8.44 -9.60
C LYS E 424 42.58 -9.16 -8.55
N ALA E 425 41.93 -9.78 -7.59
CA ALA E 425 42.64 -10.51 -6.56
C ALA E 425 43.77 -11.34 -7.15
N LEU E 426 43.60 -11.81 -8.38
CA LEU E 426 44.68 -12.57 -8.98
C LEU E 426 45.75 -11.68 -9.59
N ALA E 427 45.39 -10.48 -10.03
CA ALA E 427 46.39 -9.55 -10.52
C ALA E 427 47.20 -8.93 -9.40
N LEU E 428 46.63 -8.77 -8.21
CA LEU E 428 47.32 -8.17 -7.08
C LEU E 428 48.39 -9.07 -6.49
N GLY E 429 48.26 -10.39 -6.60
CA GLY E 429 49.26 -11.28 -6.04
C GLY E 429 48.70 -12.55 -5.46
N ALA E 430 47.40 -12.61 -5.23
CA ALA E 430 46.83 -13.85 -4.73
C ALA E 430 47.09 -14.98 -5.69
N SER E 431 47.43 -16.13 -5.15
CA SER E 431 47.63 -17.31 -5.98
C SER E 431 46.34 -18.07 -6.22
N THR E 432 45.41 -18.04 -5.28
CA THR E 432 44.13 -18.70 -5.44
C THR E 432 43.08 -17.90 -4.68
N VAL E 433 41.85 -17.97 -5.14
CA VAL E 433 40.75 -17.24 -4.53
C VAL E 433 39.79 -18.22 -3.91
N MET E 434 39.40 -18.00 -2.66
CA MET E 434 38.51 -18.88 -1.91
C MET E 434 37.07 -18.37 -1.99
N MET E 435 36.27 -18.98 -2.86
CA MET E 435 34.85 -18.73 -3.02
C MET E 435 34.07 -18.97 -1.72
N GLY E 436 33.39 -17.93 -1.25
CA GLY E 436 32.59 -17.93 -0.03
C GLY E 436 31.16 -18.39 -0.28
N SER E 437 30.21 -17.74 0.40
CA SER E 437 28.76 -17.95 0.26
C SER E 437 28.23 -17.77 -1.18
N LEU E 438 29.04 -17.25 -2.10
CA LEU E 438 28.82 -17.30 -3.55
C LEU E 438 28.40 -18.71 -4.06
N LEU E 439 28.90 -19.78 -3.43
CA LEU E 439 28.55 -21.17 -3.75
C LEU E 439 27.45 -21.77 -2.88
N ALA E 440 27.06 -21.14 -1.77
CA ALA E 440 25.88 -21.55 -1.02
C ALA E 440 24.60 -21.26 -1.83
N ALA E 441 23.47 -21.88 -1.47
CA ALA E 441 22.24 -21.87 -2.27
C ALA E 441 22.48 -22.39 -3.72
N THR E 442 23.11 -23.56 -3.80
CA THR E 442 23.34 -24.35 -5.03
C THR E 442 22.99 -25.82 -4.76
N THR E 443 22.78 -26.61 -5.80
CA THR E 443 22.35 -28.01 -5.64
C THR E 443 23.41 -28.91 -5.00
N GLU E 444 24.69 -28.52 -5.01
CA GLU E 444 25.78 -29.25 -4.35
C GLU E 444 26.04 -28.78 -2.91
N ALA E 445 25.60 -27.58 -2.51
CA ALA E 445 25.81 -27.08 -1.16
C ALA E 445 24.96 -27.83 -0.10
N PRO E 446 25.41 -27.96 1.15
CA PRO E 446 24.68 -28.64 2.22
C PRO E 446 23.29 -28.05 2.48
N GLY E 500 23.24 -23.54 -11.50
CA GLY E 500 22.79 -23.90 -10.16
C GLY E 500 23.58 -25.02 -9.49
N SER E 501 24.53 -25.65 -10.18
CA SER E 501 25.38 -26.73 -9.68
C SER E 501 26.86 -26.43 -9.93
N ILE E 502 27.74 -26.74 -8.97
CA ILE E 502 29.17 -26.37 -9.02
C ILE E 502 29.84 -26.95 -10.26
N GLN E 503 29.49 -28.16 -10.72
CA GLN E 503 30.10 -28.72 -11.92
C GLN E 503 29.76 -27.95 -13.20
N LYS E 504 28.53 -27.42 -13.31
CA LYS E 504 28.08 -26.61 -14.46
C LYS E 504 28.47 -25.14 -14.30
N PHE E 505 28.66 -24.68 -13.08
CA PHE E 505 28.92 -23.26 -12.73
C PHE E 505 30.40 -22.87 -12.75
N VAL E 506 31.32 -23.69 -12.24
CA VAL E 506 32.75 -23.36 -12.29
C VAL E 506 33.26 -23.05 -13.70
N PRO E 507 32.77 -23.66 -14.80
CA PRO E 507 33.22 -23.28 -16.15
C PRO E 507 32.87 -21.85 -16.50
N TYR E 508 31.80 -21.32 -15.93
CA TYR E 508 31.50 -19.92 -16.17
C TYR E 508 32.60 -19.03 -15.62
N LEU E 509 32.96 -19.22 -14.35
CA LEU E 509 34.04 -18.45 -13.76
C LEU E 509 35.31 -18.65 -14.55
N ILE E 510 35.66 -19.88 -14.91
CA ILE E 510 36.87 -20.14 -15.67
C ILE E 510 36.85 -19.30 -16.94
N ALA E 511 35.79 -19.35 -17.76
CA ALA E 511 35.75 -18.57 -18.98
C ALA E 511 35.84 -17.08 -18.68
N GLY E 512 35.26 -16.63 -17.56
CA GLY E 512 35.35 -15.22 -17.22
C GLY E 512 36.76 -14.78 -16.87
N ILE E 513 37.44 -15.54 -16.04
CA ILE E 513 38.84 -15.27 -15.75
C ILE E 513 39.66 -15.29 -17.02
N GLN E 514 39.38 -16.24 -17.92
CA GLN E 514 40.19 -16.31 -19.12
C GLN E 514 39.97 -15.09 -20.01
N HIS E 515 38.72 -14.65 -20.14
CA HIS E 515 38.46 -13.44 -20.90
C HIS E 515 39.15 -12.25 -20.28
N GLY E 516 39.14 -12.16 -18.96
CA GLY E 516 39.82 -11.06 -18.30
C GLY E 516 41.30 -11.05 -18.59
N CYS E 517 41.98 -12.13 -18.21
CA CYS E 517 43.41 -12.21 -18.40
C CYS E 517 43.81 -12.19 -19.87
N GLN E 518 42.87 -12.31 -20.81
CA GLN E 518 43.07 -12.07 -22.23
C GLN E 518 42.92 -10.59 -22.60
N ASP E 519 41.95 -9.86 -22.06
CA ASP E 519 41.87 -8.40 -22.25
C ASP E 519 43.09 -7.68 -21.69
N ILE E 520 43.62 -8.15 -20.57
CA ILE E 520 44.85 -7.64 -19.95
C ILE E 520 46.10 -8.01 -20.78
N GLY E 521 46.01 -9.03 -21.64
CA GLY E 521 47.10 -9.41 -22.52
C GLY E 521 48.19 -10.25 -21.87
N ALA E 522 47.88 -10.99 -20.79
CA ALA E 522 48.82 -11.88 -20.13
C ALA E 522 48.40 -13.34 -20.32
N ARG E 523 49.21 -14.14 -21.02
CA ARG E 523 48.80 -15.48 -21.43
C ARG E 523 48.68 -16.53 -20.32
N SER E 524 49.03 -16.25 -19.06
CA SER E 524 48.92 -17.25 -18.01
C SER E 524 49.12 -16.61 -16.65
N LEU E 525 48.24 -16.92 -15.70
CA LEU E 525 48.27 -16.24 -14.41
C LEU E 525 49.68 -16.02 -13.89
N SER E 526 50.60 -16.98 -13.99
CA SER E 526 52.01 -16.78 -13.60
C SER E 526 52.67 -15.58 -14.29
N VAL E 527 52.52 -15.46 -15.61
CA VAL E 527 52.80 -14.24 -16.37
C VAL E 527 51.98 -13.04 -15.88
N LEU E 528 50.69 -13.13 -15.52
CA LEU E 528 49.97 -11.97 -15.00
C LEU E 528 50.70 -11.40 -13.79
N ARG E 529 51.08 -12.26 -12.86
CA ARG E 529 51.76 -11.78 -11.68
C ARG E 529 53.16 -11.29 -12.00
N SER E 530 53.90 -11.94 -12.88
CA SER E 530 55.23 -11.47 -13.27
C SER E 530 55.16 -10.09 -13.91
N MET E 531 54.15 -9.87 -14.74
CA MET E 531 53.84 -8.60 -15.39
C MET E 531 53.40 -7.54 -14.40
N MET E 532 52.80 -7.90 -13.26
CA MET E 532 52.50 -6.98 -12.18
C MET E 532 53.73 -6.60 -11.36
N TYR E 533 54.48 -7.56 -10.82
CA TYR E 533 55.64 -7.26 -9.97
C TYR E 533 56.75 -6.52 -10.70
N SER E 534 56.96 -6.78 -11.99
CA SER E 534 57.93 -6.07 -12.83
C SER E 534 57.48 -4.68 -13.27
N GLY E 535 56.29 -4.24 -12.88
CA GLY E 535 55.78 -2.89 -13.16
C GLY E 535 55.30 -2.66 -14.59
N GLU E 536 55.19 -3.72 -15.41
CA GLU E 536 54.66 -3.62 -16.77
C GLU E 536 53.13 -3.45 -16.79
N LEU E 537 52.41 -4.15 -15.93
CA LEU E 537 50.97 -3.98 -15.77
C LEU E 537 50.65 -2.65 -15.07
N LYS E 538 49.74 -1.86 -15.63
CA LYS E 538 49.36 -0.53 -15.10
C LYS E 538 47.93 -0.52 -14.57
N PHE E 539 47.72 0.26 -13.53
CA PHE E 539 46.51 0.35 -12.73
C PHE E 539 46.02 1.79 -12.65
N GLU E 540 44.76 2.00 -12.34
CA GLU E 540 44.18 3.34 -12.13
C GLU E 540 43.32 3.33 -10.87
N LYS E 541 43.34 4.38 -10.05
CA LYS E 541 42.34 4.57 -8.99
C LYS E 541 40.98 4.89 -9.59
N ARG E 542 39.95 5.05 -8.75
CA ARG E 542 38.61 5.43 -9.19
C ARG E 542 37.94 6.20 -8.08
N THR E 543 37.54 7.43 -8.36
CA THR E 543 36.76 8.16 -7.39
C THR E 543 35.44 7.43 -7.18
N MET E 544 34.56 7.93 -6.31
CA MET E 544 33.21 7.40 -6.11
C MET E 544 32.35 7.69 -7.33
N SER E 545 32.42 8.90 -7.87
CA SER E 545 31.78 9.29 -9.12
C SER E 545 32.15 8.44 -10.34
N ALA E 546 33.28 7.70 -10.33
CA ALA E 546 33.71 6.90 -11.46
C ALA E 546 33.26 5.46 -11.35
N GLN E 547 32.79 5.04 -10.19
CA GLN E 547 32.22 3.72 -9.95
C GLN E 547 30.71 3.78 -9.73
N ILE E 548 30.14 4.90 -9.27
CA ILE E 548 28.69 5.14 -9.38
C ILE E 548 28.25 5.27 -10.86
N GLU E 549 29.19 5.22 -11.81
CA GLU E 549 28.93 5.36 -13.22
C GLU E 549 29.84 4.40 -13.93
N GLY E 550 29.37 3.18 -14.13
CA GLY E 550 30.16 2.18 -14.78
C GLY E 550 29.98 0.85 -14.09
N GLY E 551 28.88 0.72 -13.35
CA GLY E 551 28.57 -0.51 -12.63
C GLY E 551 28.39 -0.30 -11.14
N VAL E 552 28.75 -1.32 -10.37
CA VAL E 552 28.70 -1.36 -8.88
C VAL E 552 27.46 -0.96 -8.04
N HIS E 553 26.70 0.07 -8.41
CA HIS E 553 25.55 0.49 -7.64
C HIS E 553 24.50 1.18 -8.51
N HIS F 29 43.16 33.17 -33.10
CA HIS F 29 43.29 32.71 -31.70
C HIS F 29 43.95 33.78 -30.84
N GLU F 30 43.23 34.37 -29.87
CA GLU F 30 43.78 35.35 -28.94
C GLU F 30 43.36 35.08 -27.48
N THR F 31 44.34 35.22 -26.57
CA THR F 31 44.22 35.02 -25.12
C THR F 31 43.32 36.06 -24.46
N ALA F 32 42.62 35.73 -23.38
CA ALA F 32 41.68 36.61 -22.69
C ALA F 32 42.27 38.00 -22.36
N ALA F 33 43.52 38.06 -21.90
CA ALA F 33 44.24 39.33 -21.66
C ALA F 33 44.47 40.14 -22.95
N GLN F 34 44.83 39.49 -24.05
CA GLN F 34 44.95 40.13 -25.37
C GLN F 34 43.58 40.67 -25.83
N ARG F 35 42.52 39.87 -25.71
CA ARG F 35 41.17 40.27 -26.14
C ARG F 35 40.62 41.41 -25.30
N TYR F 36 40.69 41.35 -23.97
CA TYR F 36 40.22 42.44 -23.12
C TYR F 36 41.00 43.74 -23.38
N SER F 37 42.33 43.69 -23.38
CA SER F 37 43.14 44.90 -23.61
C SER F 37 42.88 45.50 -25.01
N ALA F 38 42.86 44.69 -26.07
CA ALA F 38 42.56 45.17 -27.42
C ALA F 38 41.13 45.75 -27.54
N ARG F 39 40.14 45.05 -27.00
CA ARG F 39 38.72 45.44 -27.10
C ARG F 39 38.39 46.66 -26.23
N LEU F 40 39.05 46.82 -25.08
CA LEU F 40 38.99 48.06 -24.29
C LEU F 40 39.58 49.24 -25.07
N LEU F 41 40.68 49.04 -25.78
CA LEU F 41 41.29 50.07 -26.64
C LEU F 41 40.46 50.41 -27.91
N GLN F 42 39.39 49.65 -28.23
CA GLN F 42 38.39 50.12 -29.22
C GLN F 42 37.55 51.29 -28.68
N ALA F 43 37.24 51.31 -27.38
CA ALA F 43 36.64 52.46 -26.69
C ALA F 43 37.69 53.52 -26.30
N GLY F 44 38.91 53.09 -25.95
CA GLY F 44 40.03 53.96 -25.60
C GLY F 44 40.03 54.43 -24.14
N TYR F 45 41.15 55.01 -23.69
CA TYR F 45 41.33 55.51 -22.33
C TYR F 45 40.40 56.69 -22.00
N MET F 50 50.95 53.37 -24.23
CA MET F 50 51.80 53.48 -23.04
C MET F 50 52.70 52.25 -22.85
N ALA F 51 53.59 52.30 -21.86
CA ALA F 51 54.63 51.30 -21.63
C ALA F 51 54.04 50.15 -20.81
N ASP F 52 52.87 49.67 -21.22
CA ASP F 52 52.14 48.55 -20.63
C ASP F 52 51.98 47.44 -21.68
N TYR F 53 51.87 47.77 -22.98
CA TYR F 53 52.07 46.80 -24.05
C TYR F 53 53.56 46.48 -24.26
N LEU F 54 54.46 47.42 -23.90
CA LEU F 54 55.88 47.33 -24.16
C LEU F 54 56.66 46.66 -23.04
N ILE F 55 56.03 46.44 -21.88
CA ILE F 55 56.69 45.79 -20.76
C ILE F 55 56.10 44.42 -20.45
N SER F 56 54.96 44.02 -21.02
CA SER F 56 54.47 42.61 -20.93
C SER F 56 53.67 42.10 -22.14
N GLY F 57 53.72 42.77 -23.30
CA GLY F 57 52.94 42.40 -24.49
C GLY F 57 51.42 42.54 -24.31
N GLY F 58 50.66 41.89 -25.19
CA GLY F 58 49.19 41.78 -25.05
C GLY F 58 48.75 40.94 -23.84
N THR F 59 49.66 40.15 -23.26
CA THR F 59 49.52 39.51 -21.94
C THR F 59 49.61 40.53 -20.80
N GLY F 60 48.56 41.34 -20.65
CA GLY F 60 48.42 42.40 -19.63
C GLY F 60 48.04 41.92 -18.22
N TYR F 61 48.52 40.75 -17.78
CA TYR F 61 48.21 40.06 -16.52
C TYR F 61 46.77 39.60 -16.34
N VAL F 62 46.59 38.35 -15.93
CA VAL F 62 45.37 37.83 -15.28
C VAL F 62 45.75 36.91 -14.12
N PRO F 63 45.01 36.91 -13.00
CA PRO F 63 45.29 36.02 -11.88
C PRO F 63 45.31 34.54 -12.28
N GLU F 64 46.25 33.78 -11.73
CA GLU F 64 46.20 32.32 -11.77
C GLU F 64 45.15 31.82 -10.77
N ASP F 65 44.14 31.11 -11.24
CA ASP F 65 43.07 30.59 -10.40
C ASP F 65 42.50 29.28 -10.97
N GLY F 66 42.51 28.20 -10.20
CA GLY F 66 42.18 26.86 -10.68
C GLY F 66 43.36 26.12 -11.34
N LEU F 67 43.18 24.84 -11.64
CA LEU F 67 44.18 23.96 -12.21
C LEU F 67 44.20 24.05 -13.74
N THR F 68 45.35 23.92 -14.39
CA THR F 68 45.37 23.58 -15.84
C THR F 68 45.08 22.08 -16.04
N ALA F 69 44.65 21.64 -17.21
CA ALA F 69 44.29 20.24 -17.47
C ALA F 69 45.42 19.27 -17.18
N GLN F 70 46.65 19.60 -17.56
CA GLN F 70 47.83 18.78 -17.28
C GLN F 70 48.04 18.54 -15.79
N GLN F 71 47.69 19.51 -14.93
CA GLN F 71 47.72 19.35 -13.47
C GLN F 71 46.53 18.53 -12.97
N LEU F 72 45.32 18.76 -13.50
CA LEU F 72 44.11 18.10 -13.02
C LEU F 72 44.24 16.58 -13.08
N PHE F 73 44.80 16.04 -14.15
CA PHE F 73 45.05 14.60 -14.32
C PHE F 73 46.40 14.11 -13.77
N ALA F 74 47.19 14.95 -13.08
CA ALA F 74 48.47 14.55 -12.53
C ALA F 74 48.36 13.67 -11.26
N SER F 75 47.28 13.78 -10.50
CA SER F 75 47.08 13.01 -9.26
C SER F 75 46.81 11.51 -9.48
N ALA F 76 46.51 11.10 -10.71
CA ALA F 76 46.18 9.73 -11.08
C ALA F 76 44.94 9.14 -10.37
N ASP F 77 43.96 10.00 -10.05
CA ASP F 77 42.58 9.58 -9.76
C ASP F 77 41.80 9.27 -11.06
N GLY F 78 40.72 8.49 -11.00
CA GLY F 78 39.86 8.26 -12.13
C GLY F 78 38.80 9.32 -12.29
N LEU F 79 39.20 10.55 -12.60
CA LEU F 79 38.24 11.63 -12.77
C LEU F 79 37.30 11.26 -13.92
N THR F 80 36.01 11.13 -13.61
CA THR F 80 34.99 10.97 -14.64
C THR F 80 34.42 12.34 -14.99
N TYR F 81 33.30 12.49 -15.73
CA TYR F 81 32.79 13.81 -16.13
C TYR F 81 32.15 14.58 -14.98
N ASN F 82 31.54 13.88 -14.02
CA ASN F 82 30.92 14.53 -12.86
C ASN F 82 31.96 15.16 -11.93
N ASP F 83 33.21 14.69 -11.93
CA ASP F 83 34.20 15.02 -10.91
C ASP F 83 34.90 16.37 -11.07
N PHE F 84 34.69 17.11 -12.15
CA PHE F 84 35.35 18.39 -12.39
C PHE F 84 34.45 19.40 -13.08
N LEU F 85 34.84 20.68 -13.06
CA LEU F 85 34.18 21.78 -13.76
C LEU F 85 35.20 22.62 -14.52
N ILE F 86 34.73 23.39 -15.50
CA ILE F 86 35.53 24.34 -16.26
C ILE F 86 35.23 25.74 -15.73
N LEU F 87 36.24 26.51 -15.33
CA LEU F 87 36.03 27.85 -14.79
C LEU F 87 35.76 28.86 -15.92
N PRO F 88 34.77 29.78 -15.78
CA PRO F 88 34.37 30.67 -16.86
C PRO F 88 35.42 31.72 -17.22
N GLY F 89 35.36 32.20 -18.46
CA GLY F 89 36.33 33.15 -19.03
C GLY F 89 35.74 34.53 -19.32
N PHE F 90 36.43 35.32 -20.13
CA PHE F 90 35.91 36.57 -20.72
C PHE F 90 35.03 36.25 -21.93
N ILE F 91 33.82 36.82 -22.01
CA ILE F 91 32.89 36.61 -23.13
C ILE F 91 32.86 37.84 -24.04
N ASP F 92 33.13 37.68 -25.32
CA ASP F 92 33.11 38.79 -26.27
C ASP F 92 32.49 38.43 -27.64
N PHE F 93 31.50 37.54 -27.64
CA PHE F 93 30.74 37.09 -28.81
C PHE F 93 29.38 36.54 -28.39
N ILE F 94 28.41 36.49 -29.31
CA ILE F 94 27.08 35.91 -29.07
C ILE F 94 27.11 34.39 -29.16
N ALA F 95 26.15 33.71 -28.53
CA ALA F 95 26.08 32.26 -28.46
C ALA F 95 25.72 31.61 -29.79
N ASP F 96 25.67 32.39 -30.86
CA ASP F 96 25.41 31.86 -32.19
C ASP F 96 26.56 32.10 -33.14
N GLU F 97 27.73 32.41 -32.62
CA GLU F 97 28.93 32.50 -33.45
C GLU F 97 29.98 31.49 -32.99
N VAL F 98 29.56 30.49 -32.24
CA VAL F 98 30.45 29.45 -31.74
C VAL F 98 30.60 28.37 -32.80
N ASP F 99 31.51 28.58 -33.74
CA ASP F 99 31.73 27.62 -34.80
C ASP F 99 31.96 26.23 -34.22
N LEU F 100 31.20 25.27 -34.69
CA LEU F 100 31.26 23.91 -34.16
C LEU F 100 32.06 22.96 -35.04
N THR F 101 32.63 23.43 -36.14
CA THR F 101 33.32 22.54 -37.05
C THR F 101 34.27 21.63 -36.31
N SER F 102 34.09 20.32 -36.48
CA SER F 102 34.97 19.33 -35.89
C SER F 102 35.49 18.40 -36.95
N ALA F 103 36.51 17.62 -36.60
CA ALA F 103 37.15 16.70 -37.53
C ALA F 103 36.89 15.28 -37.08
N LEU F 104 36.37 14.44 -37.97
CA LEU F 104 36.05 13.03 -37.69
C LEU F 104 37.27 12.10 -37.83
N THR F 105 38.05 12.30 -38.87
CA THR F 105 39.25 11.51 -39.19
C THR F 105 40.34 12.43 -39.72
N ARG F 106 41.49 11.91 -40.14
CA ARG F 106 42.51 12.72 -40.83
C ARG F 106 41.97 13.48 -42.06
N LYS F 107 40.88 13.01 -42.70
CA LYS F 107 40.35 13.60 -43.95
C LYS F 107 38.88 14.05 -43.92
N ILE F 108 37.99 13.36 -43.21
CA ILE F 108 36.57 13.73 -43.14
C ILE F 108 36.34 14.81 -42.08
N THR F 109 35.72 15.93 -42.46
CA THR F 109 35.38 17.05 -41.55
C THR F 109 33.87 17.22 -41.47
N LEU F 110 33.34 17.58 -40.30
CA LEU F 110 31.90 17.65 -40.02
C LEU F 110 31.50 19.01 -39.45
N LYS F 111 30.33 19.52 -39.80
CA LYS F 111 29.82 20.80 -39.28
C LYS F 111 29.30 20.74 -37.84
N THR F 112 29.16 19.54 -37.27
CA THR F 112 28.60 19.30 -35.92
C THR F 112 29.44 18.27 -35.16
N PRO F 113 29.77 18.41 -33.86
CA PRO F 113 30.65 17.48 -33.18
C PRO F 113 29.92 16.26 -32.67
N LEU F 114 28.78 15.89 -33.24
CA LEU F 114 27.90 14.83 -32.73
C LEU F 114 27.75 13.69 -33.74
N ILE F 115 27.66 12.46 -33.22
CA ILE F 115 27.60 11.24 -34.03
C ILE F 115 26.58 10.27 -33.43
N SER F 116 25.81 9.55 -34.23
CA SER F 116 25.01 8.42 -33.71
C SER F 116 25.83 7.15 -33.64
N SER F 117 25.81 6.50 -32.48
CA SER F 117 26.52 5.25 -32.22
C SER F 117 26.05 4.09 -33.10
N PRO F 118 26.93 3.16 -33.49
CA PRO F 118 26.58 1.95 -34.23
C PRO F 118 25.88 0.87 -33.38
N MET F 119 25.12 1.26 -32.35
CA MET F 119 24.22 0.34 -31.66
C MET F 119 23.04 0.01 -32.58
N ASP F 120 22.61 -1.25 -32.63
CA ASP F 120 21.45 -1.68 -33.42
C ASP F 120 20.12 -1.13 -32.90
N THR F 121 20.05 -0.74 -31.64
CA THR F 121 18.95 0.05 -31.07
C THR F 121 18.94 1.50 -31.55
N VAL F 122 20.01 2.01 -32.16
CA VAL F 122 20.17 3.43 -32.51
C VAL F 122 20.29 3.66 -34.01
N THR F 123 21.36 3.22 -34.68
CA THR F 123 21.64 3.69 -36.04
C THR F 123 21.36 2.65 -37.10
N GLU F 124 20.38 2.98 -37.93
CA GLU F 124 19.97 2.30 -39.17
C GLU F 124 19.78 3.40 -40.24
N ALA F 125 19.49 3.11 -41.52
CA ALA F 125 19.63 4.12 -42.57
C ALA F 125 18.81 5.41 -42.35
N ASP F 126 17.66 5.32 -41.69
CA ASP F 126 16.85 6.49 -41.35
C ASP F 126 17.62 7.48 -40.47
N MET F 127 18.18 7.02 -39.33
CA MET F 127 18.96 7.91 -38.48
C MET F 127 20.28 8.32 -39.12
N ALA F 128 20.91 7.46 -39.93
CA ALA F 128 22.14 7.84 -40.61
C ALA F 128 21.92 9.00 -41.59
N ILE F 129 20.79 9.03 -42.29
CA ILE F 129 20.38 10.18 -43.11
C ILE F 129 20.13 11.38 -42.19
N ALA F 130 19.32 11.20 -41.13
CA ALA F 130 18.97 12.32 -40.26
C ALA F 130 20.19 13.01 -39.64
N MET F 131 21.17 12.25 -39.15
CA MET F 131 22.41 12.82 -38.61
C MET F 131 23.21 13.58 -39.65
N ALA F 132 23.36 13.05 -40.85
CA ALA F 132 24.10 13.74 -41.89
C ALA F 132 23.41 15.05 -42.26
N LEU F 133 22.08 15.09 -42.33
CA LEU F 133 21.33 16.32 -42.55
C LEU F 133 21.46 17.33 -41.39
N MET F 134 21.84 16.89 -40.20
CA MET F 134 22.19 17.76 -39.07
C MET F 134 23.70 18.05 -38.94
N GLY F 135 24.49 17.83 -39.98
CA GLY F 135 25.91 18.17 -40.00
C GLY F 135 26.83 17.21 -39.26
N GLY F 136 26.30 16.13 -38.71
CA GLY F 136 27.06 15.06 -38.08
C GLY F 136 27.30 13.91 -39.04
N ILE F 137 27.43 12.70 -38.50
CA ILE F 137 27.44 11.46 -39.26
C ILE F 137 26.79 10.37 -38.41
N GLY F 138 26.37 9.26 -39.01
CA GLY F 138 25.90 8.08 -38.29
C GLY F 138 26.57 6.83 -38.83
N PHE F 139 26.86 5.87 -37.97
CA PHE F 139 27.50 4.61 -38.37
C PHE F 139 26.49 3.47 -38.32
N ILE F 140 26.20 2.85 -39.46
CA ILE F 140 25.23 1.75 -39.57
C ILE F 140 25.71 0.56 -38.75
N HIS F 141 24.87 0.03 -37.85
CA HIS F 141 25.20 -1.14 -37.02
C HIS F 141 25.52 -2.37 -37.87
N HIS F 142 26.13 -3.40 -37.27
CA HIS F 142 26.53 -4.61 -37.97
C HIS F 142 25.93 -5.89 -37.39
N ASN F 143 24.85 -5.81 -36.60
CA ASN F 143 24.12 -6.98 -36.11
C ASN F 143 23.13 -7.48 -37.18
N CYS F 144 23.64 -7.87 -38.35
CA CYS F 144 22.87 -8.24 -39.53
C CYS F 144 23.71 -9.03 -40.55
N THR F 145 23.05 -9.65 -41.52
CA THR F 145 23.70 -10.23 -42.71
C THR F 145 24.44 -9.14 -43.50
N PRO F 146 25.63 -9.39 -44.09
CA PRO F 146 26.39 -8.38 -44.81
C PRO F 146 25.63 -7.66 -45.92
N GLU F 147 24.77 -8.37 -46.66
CA GLU F 147 23.94 -7.80 -47.73
C GLU F 147 22.99 -6.72 -47.20
N PHE F 148 22.40 -6.93 -46.02
CA PHE F 148 21.49 -5.96 -45.42
C PHE F 148 22.21 -4.65 -45.09
N GLN F 149 23.42 -4.73 -44.58
CA GLN F 149 24.22 -3.55 -44.27
C GLN F 149 24.62 -2.78 -45.52
N ALA F 150 25.00 -3.48 -46.59
CA ALA F 150 25.32 -2.85 -47.87
C ALA F 150 24.10 -2.15 -48.49
N ASN F 151 22.91 -2.74 -48.37
CA ASN F 151 21.67 -2.10 -48.79
C ASN F 151 21.37 -0.84 -47.95
N GLU F 152 21.51 -0.91 -46.62
CA GLU F 152 21.29 0.25 -45.77
C GLU F 152 22.28 1.38 -46.05
N VAL F 153 23.55 1.12 -46.37
CA VAL F 153 24.47 2.17 -46.83
C VAL F 153 24.01 2.76 -48.15
N ARG F 154 23.67 1.94 -49.15
CA ARG F 154 23.19 2.42 -50.46
C ARG F 154 21.99 3.34 -50.31
N LYS F 155 21.06 2.97 -49.44
CA LYS F 155 19.88 3.76 -49.06
C LYS F 155 20.25 5.14 -48.51
N VAL F 156 21.36 5.27 -47.77
CA VAL F 156 21.88 6.55 -47.29
C VAL F 156 22.56 7.35 -48.39
N LYS F 157 23.45 6.74 -49.18
CA LYS F 157 24.22 7.50 -50.19
C LYS F 157 23.32 8.16 -51.24
N LYS F 158 22.21 7.55 -51.63
CA LYS F 158 21.34 8.01 -52.74
C LYS F 158 20.14 8.86 -52.29
N PHE F 159 20.31 9.76 -51.31
CA PHE F 159 19.17 10.40 -50.62
C PHE F 159 18.41 11.48 -51.42
N GLU F 160 19.09 12.45 -52.02
CA GLU F 160 18.50 13.45 -52.94
C GLU F 160 17.43 14.44 -52.38
N GLN F 161 17.16 14.49 -51.07
CA GLN F 161 16.32 15.49 -50.36
C GLN F 161 14.83 15.53 -50.73
N GLY F 162 14.49 15.96 -51.96
CA GLY F 162 13.11 16.07 -52.44
C GLY F 162 12.54 14.78 -53.01
N PHE F 163 13.37 14.00 -53.73
CA PHE F 163 12.96 12.78 -54.42
C PHE F 163 12.63 11.66 -53.43
N ILE F 164 11.81 10.70 -53.83
CA ILE F 164 11.55 9.50 -53.03
C ILE F 164 12.69 8.49 -53.24
N THR F 165 13.40 8.14 -52.17
CA THR F 165 14.40 7.07 -52.17
C THR F 165 13.74 5.72 -52.41
N ASP F 166 14.29 4.92 -53.33
CA ASP F 166 13.84 3.55 -53.64
C ASP F 166 12.32 3.46 -53.91
N PRO F 167 11.81 4.08 -54.97
CA PRO F 167 10.37 4.07 -55.25
C PRO F 167 9.85 2.66 -55.56
N VAL F 168 8.55 2.45 -55.36
CA VAL F 168 7.87 1.22 -55.67
C VAL F 168 7.18 1.38 -57.01
N VAL F 169 7.62 0.61 -58.01
CA VAL F 169 7.10 0.61 -59.38
C VAL F 169 6.39 -0.70 -59.67
N LEU F 170 5.16 -0.66 -60.21
CA LEU F 170 4.36 -1.84 -60.46
C LEU F 170 4.20 -2.11 -61.95
N SER F 171 3.94 -3.38 -62.25
CA SER F 171 3.86 -3.87 -63.62
C SER F 171 2.45 -3.77 -64.15
N PRO F 172 2.23 -3.12 -65.30
CA PRO F 172 0.88 -3.02 -65.84
C PRO F 172 0.13 -4.34 -65.88
N SER F 173 0.85 -5.46 -65.92
CA SER F 173 0.22 -6.78 -65.84
C SER F 173 0.02 -7.13 -64.37
N HIS F 174 -0.89 -6.38 -63.74
CA HIS F 174 -1.08 -6.54 -62.30
C HIS F 174 -2.50 -6.09 -61.96
N THR F 175 -3.40 -7.05 -61.74
CA THR F 175 -4.72 -6.71 -61.24
C THR F 175 -4.60 -5.87 -59.98
N VAL F 176 -5.54 -4.95 -59.80
CA VAL F 176 -5.43 -4.03 -58.68
C VAL F 176 -6.12 -4.58 -57.45
N GLY F 177 -5.52 -5.58 -56.82
CA GLY F 177 -5.75 -5.88 -55.42
C GLY F 177 -4.41 -6.09 -54.77
N ASP F 178 -3.44 -6.47 -55.59
CA ASP F 178 -2.05 -6.63 -55.20
C ASP F 178 -1.29 -5.31 -55.24
N VAL F 179 -1.92 -4.26 -55.73
CA VAL F 179 -1.52 -2.90 -55.42
C VAL F 179 -2.40 -2.27 -54.34
N LEU F 180 -3.70 -2.54 -54.36
CA LEU F 180 -4.61 -2.01 -53.37
C LEU F 180 -4.35 -2.57 -51.98
N GLU F 181 -3.50 -3.59 -51.86
CA GLU F 181 -3.10 -4.04 -50.54
C GLU F 181 -1.78 -3.43 -50.08
N ALA F 182 -0.92 -3.05 -51.04
CA ALA F 182 0.34 -2.41 -50.69
C ALA F 182 0.12 -1.24 -49.76
N LYS F 183 -0.98 -0.52 -49.97
CA LYS F 183 -1.39 0.49 -49.00
C LYS F 183 -1.48 -0.11 -47.60
N MET F 184 -1.87 -1.39 -47.51
CA MET F 184 -1.87 -2.12 -46.26
C MET F 184 -0.49 -2.65 -45.88
N ARG F 185 0.44 -2.68 -46.83
CA ARG F 185 1.80 -3.18 -46.58
C ARG F 185 2.80 -2.06 -46.32
N HIS F 186 2.91 -1.09 -47.25
CA HIS F 186 3.81 0.04 -47.08
C HIS F 186 3.11 1.31 -46.64
N GLY F 187 1.80 1.41 -46.80
CA GLY F 187 1.07 2.57 -46.34
C GLY F 187 0.81 3.63 -47.40
N PHE F 188 1.76 3.92 -48.29
CA PHE F 188 1.54 4.85 -49.42
C PHE F 188 0.63 4.22 -50.50
N SER F 189 0.13 4.98 -51.48
CA SER F 189 -0.77 4.39 -52.50
C SER F 189 -0.86 5.07 -53.88
N GLY F 190 -0.05 6.08 -54.17
CA GLY F 190 0.18 6.53 -55.55
C GLY F 190 1.37 5.81 -56.15
N ILE F 191 1.14 4.76 -56.92
CA ILE F 191 2.18 3.89 -57.44
C ILE F 191 2.47 4.28 -58.90
N PRO F 192 3.71 4.65 -59.28
CA PRO F 192 4.12 4.69 -60.68
C PRO F 192 4.20 3.29 -61.24
N ILE F 193 4.00 3.14 -62.54
CA ILE F 193 4.03 1.83 -63.20
C ILE F 193 4.93 1.84 -64.44
N THR F 194 5.58 0.71 -64.73
CA THR F 194 6.28 0.42 -65.99
C THR F 194 6.65 -1.07 -66.04
N GLU F 195 7.30 -1.52 -67.10
CA GLU F 195 7.49 -2.94 -67.44
C GLU F 195 7.90 -3.86 -66.28
N THR F 196 8.87 -3.51 -65.41
CA THR F 196 9.10 -4.34 -64.23
C THR F 196 9.63 -3.50 -63.07
N GLY F 197 10.60 -2.62 -63.31
CA GLY F 197 11.19 -1.73 -62.30
C GLY F 197 12.17 -0.71 -62.89
N THR F 198 12.41 0.39 -62.18
CA THR F 198 13.12 1.60 -62.66
C THR F 198 14.46 1.28 -63.32
N LEU F 203 8.05 3.62 -69.69
CA LEU F 203 7.08 4.20 -68.80
C LEU F 203 5.63 4.05 -69.33
N VAL F 204 4.67 3.71 -68.45
CA VAL F 204 3.25 3.81 -68.72
C VAL F 204 2.66 4.75 -67.68
N GLY F 205 1.34 4.82 -67.59
CA GLY F 205 0.70 5.81 -66.74
C GLY F 205 0.98 5.62 -65.26
N ILE F 206 0.11 6.13 -64.39
CA ILE F 206 0.20 5.98 -62.93
C ILE F 206 -0.96 5.10 -62.48
N VAL F 207 -1.05 4.79 -61.20
CA VAL F 207 -2.29 4.37 -60.56
C VAL F 207 -2.26 4.83 -59.12
N THR F 208 -3.26 5.58 -58.71
CA THR F 208 -3.33 6.10 -57.35
C THR F 208 -4.64 5.73 -56.69
N SER F 209 -4.72 5.97 -55.37
CA SER F 209 -5.86 5.59 -54.55
C SER F 209 -7.20 5.91 -55.22
N ARG F 210 -7.39 7.11 -55.77
CA ARG F 210 -8.68 7.51 -56.36
C ARG F 210 -9.11 6.63 -57.53
N ASP F 211 -8.17 6.08 -58.28
CA ASP F 211 -8.44 5.15 -59.40
C ASP F 211 -8.94 3.79 -58.92
N ILE F 212 -8.58 3.43 -57.68
CA ILE F 212 -8.82 2.17 -57.00
C ILE F 212 -10.06 2.25 -56.08
N ASP F 213 -10.36 3.42 -55.53
CA ASP F 213 -11.34 3.59 -54.44
C ASP F 213 -12.80 3.29 -54.80
N PHE F 214 -13.19 3.26 -56.08
CA PHE F 214 -14.48 2.70 -56.54
C PHE F 214 -14.23 1.48 -57.45
N LEU F 215 -14.76 0.31 -57.07
CA LEU F 215 -14.40 -0.97 -57.65
C LEU F 215 -15.50 -2.00 -57.41
N LEU F 223 -10.09 -5.31 -58.86
CA LEU F 223 -10.54 -6.31 -59.81
C LEU F 223 -9.84 -6.17 -61.15
N LEU F 224 -9.98 -5.02 -61.79
CA LEU F 224 -9.46 -4.84 -63.15
C LEU F 224 -7.95 -4.92 -63.14
N SER F 225 -7.30 -4.71 -64.28
CA SER F 225 -5.84 -4.78 -64.28
C SER F 225 -5.19 -3.45 -64.61
N GLU F 226 -5.43 -2.90 -65.80
CA GLU F 226 -4.79 -1.64 -66.13
C GLU F 226 -5.75 -0.68 -66.82
N VAL F 227 -6.99 -0.53 -66.36
CA VAL F 227 -8.01 0.26 -67.10
C VAL F 227 -7.98 1.77 -66.78
N MET F 228 -7.07 2.21 -65.92
CA MET F 228 -7.01 3.56 -65.37
C MET F 228 -5.66 4.21 -65.69
N THR F 229 -5.67 5.48 -66.12
CA THR F 229 -4.48 6.33 -66.27
C THR F 229 -3.39 5.76 -67.22
N PRO F 230 -3.44 6.03 -68.53
CA PRO F 230 -2.37 5.75 -69.49
C PRO F 230 -1.27 6.78 -69.35
N ARG F 231 -0.16 6.58 -70.09
CA ARG F 231 1.05 7.41 -70.07
C ARG F 231 0.82 8.87 -70.46
N ILE F 232 -0.13 9.57 -69.82
CA ILE F 232 -0.35 10.98 -70.09
C ILE F 232 0.06 11.86 -68.92
N GLU F 233 1.00 11.46 -68.06
CA GLU F 233 1.59 12.26 -66.96
C GLU F 233 1.69 13.78 -67.24
N LEU F 234 1.03 14.59 -66.42
CA LEU F 234 1.02 16.04 -66.55
C LEU F 234 2.32 16.64 -66.02
N VAL F 235 3.16 17.06 -66.98
CA VAL F 235 4.44 17.76 -66.79
C VAL F 235 5.38 17.03 -65.81
N VAL F 236 5.85 15.85 -66.21
CA VAL F 236 7.03 15.20 -65.63
C VAL F 236 8.24 16.14 -65.65
N ALA F 237 9.23 15.92 -64.80
CA ALA F 237 10.54 16.52 -65.03
C ALA F 237 11.22 15.81 -66.22
N PRO F 238 11.58 16.51 -67.33
CA PRO F 238 12.10 15.86 -68.54
C PRO F 238 13.53 15.31 -68.43
N ALA F 239 14.19 15.59 -67.31
CA ALA F 239 15.55 15.21 -66.96
C ALA F 239 15.69 15.26 -65.42
N GLY F 240 16.88 15.04 -64.87
CA GLY F 240 17.18 15.49 -63.51
C GLY F 240 17.01 17.02 -63.40
N VAL F 241 16.34 17.48 -62.34
CA VAL F 241 15.97 18.90 -62.15
C VAL F 241 16.23 19.39 -60.74
N THR F 242 16.33 20.71 -60.59
CA THR F 242 16.45 21.38 -59.30
C THR F 242 15.16 21.18 -58.48
N LEU F 243 15.28 20.94 -57.18
CA LEU F 243 14.15 20.74 -56.27
C LEU F 243 13.17 21.94 -56.29
N LYS F 244 13.70 23.17 -56.33
CA LYS F 244 12.94 24.42 -56.51
C LYS F 244 12.20 24.52 -57.84
N GLU F 245 12.68 23.87 -58.91
CA GLU F 245 11.96 23.83 -60.18
C GLU F 245 10.74 22.92 -60.08
N ALA F 246 10.89 21.71 -59.55
CA ALA F 246 9.77 20.82 -59.30
C ALA F 246 8.74 21.45 -58.36
N ASN F 247 9.15 22.20 -57.33
CA ASN F 247 8.24 22.95 -56.46
C ASN F 247 7.30 23.89 -57.24
N GLU F 248 7.78 24.54 -58.30
CA GLU F 248 6.95 25.39 -59.15
C GLU F 248 6.05 24.58 -60.10
N ILE F 249 6.55 23.46 -60.63
CA ILE F 249 5.76 22.56 -61.48
C ILE F 249 4.59 21.94 -60.70
N LEU F 250 4.83 21.41 -59.50
CA LEU F 250 3.77 20.86 -58.66
C LEU F 250 2.68 21.90 -58.37
N GLN F 251 3.04 23.18 -58.19
CA GLN F 251 2.09 24.25 -57.90
C GLN F 251 1.09 24.45 -59.04
N ARG F 252 1.51 24.33 -60.30
CA ARG F 252 0.63 24.43 -61.46
C ARG F 252 -0.13 23.12 -61.74
N SER F 253 0.59 22.00 -61.78
CA SER F 253 0.08 20.71 -62.23
C SER F 253 -0.99 20.12 -61.31
N LYS F 254 -0.98 20.54 -60.02
CA LYS F 254 -1.87 20.14 -58.93
C LYS F 254 -1.87 18.65 -58.57
N LYS F 255 -1.49 17.73 -59.44
CA LYS F 255 -1.37 16.28 -59.15
C LYS F 255 -0.31 15.99 -58.07
N GLY F 256 -0.48 14.90 -57.34
CA GLY F 256 0.30 14.59 -56.15
C GLY F 256 1.63 13.89 -56.40
N LYS F 257 1.79 13.17 -57.52
CA LYS F 257 3.07 12.57 -57.92
C LYS F 257 3.60 13.24 -59.17
N LEU F 258 4.91 13.38 -59.25
CA LEU F 258 5.60 13.97 -60.39
C LEU F 258 6.77 13.07 -60.78
N PRO F 259 6.64 12.26 -61.83
CA PRO F 259 7.73 11.46 -62.35
C PRO F 259 8.90 12.32 -62.86
N ILE F 260 10.10 11.76 -62.76
CA ILE F 260 11.33 12.26 -63.34
C ILE F 260 11.77 11.24 -64.41
N VAL F 261 12.06 11.68 -65.64
CA VAL F 261 12.34 10.77 -66.76
C VAL F 261 13.65 11.06 -67.48
N ASN F 262 14.23 10.02 -68.07
CA ASN F 262 15.30 10.14 -69.07
C ASN F 262 14.75 10.53 -70.45
N ASP F 263 15.63 10.98 -71.36
CA ASP F 263 15.31 11.20 -72.78
C ASP F 263 14.83 9.91 -73.50
N CYS F 264 15.09 8.73 -72.92
CA CYS F 264 14.57 7.44 -73.36
C CYS F 264 13.06 7.25 -73.12
N ASP F 265 12.36 8.25 -72.57
CA ASP F 265 10.96 8.19 -72.13
C ASP F 265 10.72 7.06 -71.10
N GLU F 266 11.55 7.05 -70.06
CA GLU F 266 11.50 6.06 -68.98
C GLU F 266 11.85 6.72 -67.63
N LEU F 267 11.26 6.20 -66.55
CA LEU F 267 11.43 6.72 -65.19
C LEU F 267 12.89 6.63 -64.72
N VAL F 268 13.33 7.62 -63.94
CA VAL F 268 14.62 7.58 -63.21
C VAL F 268 14.44 7.87 -61.71
N ALA F 269 13.48 8.72 -61.34
CA ALA F 269 13.15 9.10 -59.97
C ALA F 269 11.70 9.61 -59.93
N ILE F 270 11.16 9.88 -58.74
CA ILE F 270 9.80 10.42 -58.59
C ILE F 270 9.71 11.34 -57.37
N ILE F 271 8.81 12.31 -57.40
CA ILE F 271 8.53 13.23 -56.30
C ILE F 271 7.10 13.03 -55.81
N ALA F 272 6.87 13.15 -54.51
CA ALA F 272 5.54 13.21 -53.92
C ALA F 272 5.29 14.59 -53.29
N ARG F 273 4.12 15.17 -53.57
CA ARG F 273 3.77 16.55 -53.15
C ARG F 273 3.88 16.71 -51.65
N THR F 274 3.48 15.71 -50.88
CA THR F 274 3.47 15.71 -49.41
C THR F 274 4.86 15.87 -48.79
N ASP F 275 5.96 15.62 -49.50
CA ASP F 275 7.31 15.94 -49.03
C ASP F 275 7.77 17.34 -49.47
N LEU F 276 7.43 17.78 -50.68
CA LEU F 276 7.64 19.17 -51.10
C LEU F 276 6.92 20.19 -50.20
N LYS F 277 5.79 19.81 -49.57
CA LYS F 277 5.12 20.65 -48.56
C LYS F 277 6.00 20.98 -47.34
N LYS F 278 7.05 20.19 -47.06
CA LYS F 278 7.79 20.22 -45.78
C LYS F 278 9.31 20.15 -45.89
N ASN F 279 9.90 19.98 -47.07
CA ASN F 279 11.37 19.99 -47.19
C ASN F 279 11.97 21.32 -46.72
N ARG F 280 13.21 21.28 -46.22
CA ARG F 280 13.88 22.38 -45.50
C ARG F 280 15.21 22.76 -46.12
N ASP F 281 15.69 23.96 -45.79
CA ASP F 281 17.12 24.29 -45.92
C ASP F 281 17.94 23.52 -44.88
N TYR F 282 19.09 22.98 -45.30
CA TYR F 282 20.05 22.28 -44.44
C TYR F 282 21.48 22.77 -44.75
N PRO F 283 21.92 23.90 -44.16
CA PRO F 283 23.25 24.44 -44.41
C PRO F 283 24.36 23.59 -43.78
N LEU F 284 24.05 22.86 -42.70
CA LEU F 284 24.92 21.88 -42.06
C LEU F 284 24.91 20.57 -42.86
N ALA F 285 25.47 20.59 -44.07
CA ALA F 285 25.12 19.61 -45.10
C ALA F 285 25.65 18.18 -44.90
N SER F 286 26.89 18.02 -44.43
CA SER F 286 27.59 16.72 -44.32
C SER F 286 27.64 15.90 -45.63
N LYS F 287 27.84 16.59 -46.76
CA LYS F 287 27.94 15.99 -48.09
C LYS F 287 29.39 15.73 -48.47
N ASP F 288 29.64 14.67 -49.23
CA ASP F 288 30.96 14.32 -49.77
C ASP F 288 31.34 15.15 -51.02
N SER F 289 32.49 14.83 -51.65
CA SER F 289 32.94 15.51 -52.88
C SER F 289 32.03 15.30 -54.10
N GLN F 290 31.14 14.30 -54.06
CA GLN F 290 30.12 14.02 -55.08
C GLN F 290 28.76 14.64 -54.70
N LYS F 291 28.72 15.51 -53.69
CA LYS F 291 27.55 16.26 -53.22
C LYS F 291 26.40 15.36 -52.76
N GLN F 292 26.70 14.24 -52.10
CA GLN F 292 25.71 13.35 -51.48
C GLN F 292 26.15 12.92 -50.08
N LEU F 293 25.23 12.44 -49.24
CA LEU F 293 25.48 12.33 -47.80
C LEU F 293 26.68 11.43 -47.46
N LEU F 294 27.47 11.83 -46.46
CA LEU F 294 28.44 10.95 -45.82
C LEU F 294 27.72 9.86 -45.02
N CYS F 295 28.24 8.65 -45.06
CA CYS F 295 27.76 7.50 -44.29
C CYS F 295 28.93 6.67 -43.76
N GLY F 296 28.79 6.14 -42.55
CA GLY F 296 29.76 5.21 -41.97
C GLY F 296 29.16 3.84 -41.72
N ALA F 297 30.00 2.81 -41.60
CA ALA F 297 29.55 1.47 -41.25
C ALA F 297 30.48 0.80 -40.25
N ALA F 298 29.92 0.08 -39.27
CA ALA F 298 30.69 -0.77 -38.37
C ALA F 298 31.03 -2.10 -39.03
N VAL F 299 32.19 -2.67 -38.72
CA VAL F 299 32.57 -4.03 -39.14
C VAL F 299 33.20 -4.77 -37.98
N GLY F 300 32.98 -6.07 -37.87
CA GLY F 300 33.73 -6.90 -36.94
C GLY F 300 35.19 -7.06 -37.38
N THR F 301 36.05 -7.54 -36.48
CA THR F 301 37.45 -7.81 -36.78
C THR F 301 37.73 -9.27 -37.16
N ARG F 302 36.69 -10.11 -37.28
CA ARG F 302 36.80 -11.55 -37.56
C ARG F 302 37.40 -11.81 -38.95
N GLU F 303 37.89 -13.02 -39.16
CA GLU F 303 38.42 -13.42 -40.48
C GLU F 303 37.31 -13.41 -41.56
N ASP F 304 36.05 -13.59 -41.16
CA ASP F 304 34.91 -13.65 -42.05
C ASP F 304 34.46 -12.32 -42.50
N ASP F 305 35.15 -11.21 -42.20
CA ASP F 305 34.67 -9.84 -42.44
C ASP F 305 35.39 -9.10 -43.58
N LYS F 306 36.38 -9.72 -44.24
CA LYS F 306 36.93 -9.25 -45.52
C LYS F 306 35.81 -9.18 -46.57
N TYR F 307 34.82 -10.08 -46.49
CA TYR F 307 33.65 -10.06 -47.38
C TYR F 307 32.67 -8.95 -47.05
N ARG F 308 32.30 -8.79 -45.77
CA ARG F 308 31.44 -7.68 -45.34
C ARG F 308 32.01 -6.33 -45.77
N LEU F 309 33.32 -6.15 -45.59
CA LEU F 309 34.01 -4.93 -45.98
C LEU F 309 34.00 -4.70 -47.49
N ASP F 310 34.13 -5.75 -48.31
CA ASP F 310 33.93 -5.63 -49.75
C ASP F 310 32.51 -5.14 -50.06
N LEU F 311 31.44 -5.79 -49.59
CA LEU F 311 30.08 -5.33 -49.94
C LEU F 311 29.82 -3.87 -49.54
N LEU F 312 30.30 -3.46 -48.36
CA LEU F 312 30.19 -2.08 -47.91
C LEU F 312 31.02 -1.13 -48.75
N THR F 313 32.20 -1.52 -49.24
CA THR F 313 32.97 -0.64 -50.11
C THR F 313 32.34 -0.52 -51.48
N GLN F 314 31.66 -1.55 -52.00
CA GLN F 314 30.90 -1.46 -53.25
C GLN F 314 29.67 -0.56 -53.12
N ALA F 315 29.03 -0.51 -51.95
CA ALA F 315 27.99 0.46 -51.63
C ALA F 315 28.53 1.91 -51.55
N GLY F 316 29.84 2.12 -51.51
CA GLY F 316 30.49 3.43 -51.53
C GLY F 316 30.59 4.11 -50.16
N VAL F 317 30.64 3.34 -49.07
CA VAL F 317 30.71 3.89 -47.70
C VAL F 317 31.96 4.76 -47.50
N ASP F 318 31.85 5.85 -46.73
CA ASP F 318 32.91 6.85 -46.62
C ASP F 318 33.93 6.53 -45.53
N VAL F 319 33.49 5.87 -44.45
CA VAL F 319 34.32 5.60 -43.27
C VAL F 319 33.88 4.31 -42.59
N ILE F 320 34.84 3.54 -42.11
CA ILE F 320 34.64 2.26 -41.44
C ILE F 320 35.03 2.41 -39.99
N VAL F 321 34.21 1.93 -39.06
CA VAL F 321 34.60 1.81 -37.65
C VAL F 321 34.79 0.36 -37.29
N LEU F 322 35.99 0.01 -36.81
CA LEU F 322 36.28 -1.36 -36.42
C LEU F 322 35.70 -1.60 -35.03
N ASP F 323 34.65 -2.40 -34.93
CA ASP F 323 34.04 -2.68 -33.64
C ASP F 323 34.85 -3.74 -32.90
N SER F 324 35.28 -3.45 -31.67
CA SER F 324 36.01 -4.37 -30.78
C SER F 324 36.01 -3.82 -29.37
N SER F 325 35.80 -4.67 -28.36
CA SER F 325 35.69 -4.24 -26.96
C SER F 325 37.03 -3.72 -26.43
N GLN F 326 38.12 -4.42 -26.73
CA GLN F 326 39.49 -4.05 -26.37
C GLN F 326 40.26 -3.85 -27.68
N GLY F 327 40.60 -2.62 -28.00
CA GLY F 327 40.98 -2.24 -29.36
C GLY F 327 42.35 -2.72 -29.83
N ASN F 328 43.25 -3.14 -28.96
CA ASN F 328 44.65 -3.35 -29.31
C ASN F 328 44.99 -4.84 -29.42
N SER F 329 44.54 -5.49 -30.49
CA SER F 329 44.74 -6.93 -30.70
C SER F 329 45.45 -7.18 -32.00
N VAL F 330 46.22 -8.27 -32.08
CA VAL F 330 46.98 -8.60 -33.30
C VAL F 330 46.06 -8.72 -34.50
N TYR F 331 44.87 -9.30 -34.36
CA TYR F 331 43.95 -9.45 -35.47
C TYR F 331 43.15 -8.18 -35.82
N GLN F 332 43.05 -7.20 -34.92
CA GLN F 332 42.67 -5.85 -35.33
C GLN F 332 43.77 -5.13 -36.11
N ILE F 333 45.02 -5.21 -35.68
CA ILE F 333 46.12 -4.60 -36.45
C ILE F 333 46.26 -5.26 -37.83
N ALA F 334 46.08 -6.58 -37.92
CA ALA F 334 45.99 -7.27 -39.19
C ALA F 334 44.82 -6.75 -40.05
N MET F 335 43.62 -6.59 -39.49
CA MET F 335 42.49 -5.98 -40.19
C MET F 335 42.79 -4.56 -40.66
N VAL F 336 43.39 -3.68 -39.86
CA VAL F 336 43.78 -2.33 -40.30
C VAL F 336 44.75 -2.40 -41.46
N HIS F 337 45.77 -3.25 -41.40
CA HIS F 337 46.70 -3.42 -42.52
C HIS F 337 45.98 -3.90 -43.78
N TYR F 338 45.03 -4.82 -43.66
CA TYR F 338 44.25 -5.29 -44.80
C TYR F 338 43.44 -4.17 -45.46
N ILE F 339 42.71 -3.36 -44.70
CA ILE F 339 41.94 -2.25 -45.29
C ILE F 339 42.87 -1.28 -46.00
N LYS F 340 43.91 -0.77 -45.34
CA LYS F 340 44.78 0.27 -45.94
C LYS F 340 45.60 -0.28 -47.12
N GLN F 341 45.82 -1.59 -47.19
CA GLN F 341 46.43 -2.25 -48.35
C GLN F 341 45.47 -2.36 -49.54
N LYS F 342 44.23 -2.81 -49.32
CA LYS F 342 43.30 -3.16 -50.40
C LYS F 342 42.41 -2.01 -50.87
N TYR F 343 42.02 -1.10 -49.96
CA TYR F 343 41.10 0.02 -50.22
C TYR F 343 41.73 1.35 -49.78
N PRO F 344 42.77 1.86 -50.46
CA PRO F 344 43.60 2.95 -49.96
C PRO F 344 42.87 4.27 -49.76
N HIS F 345 41.75 4.49 -50.46
CA HIS F 345 40.89 5.67 -50.32
C HIS F 345 40.08 5.70 -49.03
N LEU F 346 39.90 4.56 -48.35
CA LEU F 346 38.93 4.41 -47.27
C LEU F 346 39.49 4.92 -45.94
N GLN F 347 38.62 5.45 -45.08
CA GLN F 347 39.00 5.97 -43.76
C GLN F 347 38.62 4.98 -42.66
N VAL F 348 39.55 4.64 -41.77
CA VAL F 348 39.38 3.59 -40.76
C VAL F 348 39.50 4.15 -39.34
N ILE F 349 38.52 3.89 -38.49
CA ILE F 349 38.53 4.31 -37.09
C ILE F 349 38.81 3.09 -36.20
N GLY F 350 39.86 3.14 -35.40
CA GLY F 350 40.27 2.04 -34.52
C GLY F 350 39.28 1.80 -33.39
N GLY F 351 39.06 0.54 -33.03
CA GLY F 351 38.10 0.15 -32.00
C GLY F 351 38.54 0.54 -30.59
N ASN F 352 37.62 0.51 -29.63
CA ASN F 352 37.73 1.22 -28.36
C ASN F 352 39.07 1.03 -27.64
N VAL F 353 39.73 2.15 -27.29
CA VAL F 353 40.96 2.20 -26.50
C VAL F 353 40.82 3.19 -25.36
N VAL F 354 41.67 3.06 -24.34
CA VAL F 354 41.71 3.95 -23.18
C VAL F 354 43.11 4.28 -22.68
N THR F 355 44.18 3.78 -23.31
CA THR F 355 45.55 4.10 -22.93
C THR F 355 46.34 4.67 -24.08
N ALA F 356 47.37 5.46 -23.80
CA ALA F 356 48.31 5.90 -24.81
C ALA F 356 49.09 4.73 -25.43
N ALA F 357 49.31 3.61 -24.73
CA ALA F 357 49.96 2.43 -25.31
C ALA F 357 49.11 1.73 -26.39
N GLN F 358 47.81 1.58 -26.16
CA GLN F 358 46.89 1.09 -27.19
C GLN F 358 46.84 2.07 -28.37
N ALA F 359 46.58 3.36 -28.12
CA ALA F 359 46.54 4.39 -29.12
C ALA F 359 47.80 4.36 -29.96
N LYS F 360 49.01 4.15 -29.40
CA LYS F 360 50.25 4.03 -30.18
C LYS F 360 50.19 2.90 -31.20
N ASN F 361 49.85 1.70 -30.75
CA ASN F 361 49.85 0.51 -31.58
C ASN F 361 48.85 0.63 -32.72
N LEU F 362 47.67 1.19 -32.47
CA LEU F 362 46.71 1.40 -33.55
C LEU F 362 47.11 2.54 -34.46
N ILE F 363 47.60 3.66 -33.93
CA ILE F 363 48.06 4.74 -34.81
C ILE F 363 49.16 4.24 -35.73
N ASP F 364 50.23 3.67 -35.20
CA ASP F 364 51.35 3.23 -36.04
C ASP F 364 51.02 2.03 -36.94
N ALA F 365 49.90 1.32 -36.70
CA ALA F 365 49.31 0.38 -37.66
C ALA F 365 48.63 1.06 -38.85
N GLY F 366 48.23 2.32 -38.72
CA GLY F 366 47.80 3.16 -39.83
C GLY F 366 46.39 3.76 -39.75
N VAL F 367 45.69 3.70 -38.62
CA VAL F 367 44.30 4.20 -38.52
C VAL F 367 44.19 5.71 -38.72
N ASP F 368 42.97 6.17 -39.02
CA ASP F 368 42.63 7.56 -39.33
C ASP F 368 41.86 8.28 -38.21
N GLY F 369 41.48 7.58 -37.14
CA GLY F 369 40.78 8.07 -35.95
C GLY F 369 40.68 6.97 -34.90
N LEU F 370 40.24 7.28 -33.68
CA LEU F 370 40.14 6.31 -32.57
C LEU F 370 38.82 6.47 -31.81
N ARG F 371 38.06 5.40 -31.55
CA ARG F 371 37.02 5.44 -30.49
C ARG F 371 37.69 5.37 -29.13
N VAL F 372 37.33 6.27 -28.23
CA VAL F 372 37.94 6.34 -26.90
C VAL F 372 36.91 6.24 -25.81
N GLY F 373 37.09 5.23 -24.97
CA GLY F 373 36.18 4.92 -23.89
C GLY F 373 35.88 3.43 -23.91
N MET F 374 36.08 2.79 -22.78
CA MET F 374 35.79 1.39 -22.53
C MET F 374 35.35 1.28 -21.09
N GLY F 375 34.38 0.42 -20.79
CA GLY F 375 34.06 0.16 -19.41
C GLY F 375 32.97 1.02 -18.79
N CYS F 376 31.83 1.12 -19.47
CA CYS F 376 30.71 1.90 -18.96
C CYS F 376 29.38 1.19 -19.20
N VAL F 385 32.32 -5.49 -13.00
CA VAL F 385 31.77 -6.58 -13.76
C VAL F 385 32.77 -7.11 -14.78
N MET F 386 33.75 -6.29 -15.11
CA MET F 386 34.69 -6.58 -16.19
C MET F 386 36.12 -6.78 -15.72
N ALA F 387 36.61 -5.94 -14.81
CA ALA F 387 37.97 -5.93 -14.26
C ALA F 387 38.97 -5.16 -15.12
N CYS F 388 38.55 -4.53 -16.21
CA CYS F 388 39.41 -3.65 -16.98
C CYS F 388 38.61 -2.43 -17.40
N GLY F 389 39.29 -1.46 -17.94
CA GLY F 389 38.64 -0.24 -18.34
C GLY F 389 39.38 0.95 -17.81
N ARG F 390 38.74 2.11 -17.82
CA ARG F 390 39.31 3.33 -17.31
C ARG F 390 38.19 4.30 -17.02
N PRO F 391 38.34 5.21 -16.06
CA PRO F 391 37.34 6.27 -15.89
C PRO F 391 37.32 7.16 -17.11
N GLN F 392 36.12 7.44 -17.62
CA GLN F 392 35.99 8.04 -18.94
C GLN F 392 36.81 9.32 -19.07
N GLY F 393 36.68 10.28 -18.14
CA GLY F 393 37.27 11.61 -18.33
C GLY F 393 38.79 11.54 -18.47
N THR F 394 39.42 10.67 -17.70
CA THR F 394 40.86 10.44 -17.80
C THR F 394 41.24 9.75 -19.10
N ALA F 395 40.43 8.82 -19.60
CA ALA F 395 40.68 8.15 -20.86
C ALA F 395 40.65 9.14 -22.01
N VAL F 396 39.61 9.95 -22.06
CA VAL F 396 39.51 10.93 -23.14
C VAL F 396 40.70 11.87 -23.11
N TYR F 397 41.04 12.45 -21.95
CA TYR F 397 42.18 13.37 -21.90
C TYR F 397 43.48 12.70 -22.31
N LYS F 398 43.81 11.52 -21.75
CA LYS F 398 45.07 10.85 -22.04
C LYS F 398 45.18 10.40 -23.49
N VAL F 399 44.12 9.85 -24.10
CA VAL F 399 44.22 9.40 -25.48
C VAL F 399 44.24 10.59 -26.42
N ALA F 400 43.45 11.63 -26.15
CA ALA F 400 43.41 12.80 -26.99
C ALA F 400 44.75 13.51 -27.01
N GLU F 401 45.36 13.69 -25.84
CA GLU F 401 46.67 14.31 -25.73
C GLU F 401 47.76 13.48 -26.41
N TYR F 402 47.63 12.16 -26.43
CA TYR F 402 48.62 11.34 -27.11
C TYR F 402 48.42 11.37 -28.62
N ALA F 403 47.24 11.00 -29.11
CA ALA F 403 46.93 11.04 -30.52
C ALA F 403 47.27 12.38 -31.14
N ARG F 404 46.90 13.49 -30.49
CA ARG F 404 47.19 14.88 -30.92
C ARG F 404 48.58 15.03 -31.49
N ARG F 405 49.55 14.27 -31.00
CA ARG F 405 50.94 14.37 -31.46
C ARG F 405 51.08 14.05 -32.95
N PHE F 406 50.19 13.24 -33.54
CA PHE F 406 50.25 12.93 -34.95
C PHE F 406 49.12 13.53 -35.76
N GLY F 407 48.07 13.99 -35.11
CA GLY F 407 46.95 14.59 -35.79
C GLY F 407 45.75 13.68 -35.95
N VAL F 408 45.62 12.66 -35.12
CA VAL F 408 44.60 11.65 -35.34
C VAL F 408 43.43 11.87 -34.40
N PRO F 409 42.46 12.69 -34.75
CA PRO F 409 41.39 13.02 -33.80
C PRO F 409 40.71 11.77 -33.28
N ILE F 410 40.12 11.90 -32.10
CA ILE F 410 39.50 10.79 -31.42
C ILE F 410 38.01 11.05 -31.27
N ILE F 411 37.25 10.04 -30.85
CA ILE F 411 35.79 10.07 -30.72
C ILE F 411 35.43 9.64 -29.29
N ALA F 412 34.82 10.49 -28.48
CA ALA F 412 34.61 10.22 -27.06
C ALA F 412 33.31 9.47 -26.86
N ASP F 413 33.33 8.17 -27.09
CA ASP F 413 32.21 7.23 -26.97
C ASP F 413 32.09 6.64 -25.55
N GLY F 414 31.01 6.89 -24.80
CA GLY F 414 30.74 6.17 -23.58
C GLY F 414 30.34 7.01 -22.38
N GLY F 415 29.16 6.74 -21.84
CA GLY F 415 28.75 7.41 -20.62
C GLY F 415 28.60 8.92 -20.73
N ILE F 416 28.13 9.41 -21.86
CA ILE F 416 27.84 10.82 -22.05
C ILE F 416 26.33 10.98 -22.03
N GLN F 417 25.79 11.64 -21.01
CA GLN F 417 24.34 11.66 -20.88
C GLN F 417 23.80 13.01 -20.41
N THR F 418 24.40 14.10 -20.84
CA THR F 418 23.78 15.42 -20.73
C THR F 418 24.28 16.25 -21.90
N VAL F 419 24.20 17.57 -21.76
CA VAL F 419 24.96 18.46 -22.62
C VAL F 419 26.16 19.04 -21.90
N GLY F 420 26.14 19.05 -20.57
CA GLY F 420 27.34 19.40 -19.85
C GLY F 420 28.46 18.41 -20.10
N HIS F 421 28.15 17.12 -20.01
CA HIS F 421 29.17 16.12 -20.30
C HIS F 421 29.68 16.25 -21.72
N VAL F 422 28.83 16.64 -22.65
CA VAL F 422 29.29 16.85 -24.02
C VAL F 422 30.28 18.01 -24.07
N VAL F 423 29.93 19.14 -23.46
CA VAL F 423 30.84 20.27 -23.48
C VAL F 423 32.16 19.89 -22.84
N LYS F 424 32.14 19.08 -21.76
CA LYS F 424 33.34 18.62 -21.05
C LYS F 424 34.19 17.69 -21.89
N ALA F 425 33.61 16.64 -22.47
CA ALA F 425 34.32 15.77 -23.38
C ALA F 425 34.94 16.55 -24.52
N LEU F 426 34.33 17.65 -24.92
CA LEU F 426 34.94 18.43 -25.98
C LEU F 426 36.03 19.35 -25.47
N ALA F 427 35.96 19.81 -24.23
CA ALA F 427 37.02 20.60 -23.62
C ALA F 427 38.27 19.76 -23.34
N LEU F 428 38.12 18.51 -22.89
CA LEU F 428 39.23 17.60 -22.60
C LEU F 428 40.04 17.16 -23.81
N GLY F 429 39.50 17.27 -25.02
CA GLY F 429 40.23 16.96 -26.25
C GLY F 429 39.53 16.04 -27.22
N ALA F 430 38.37 15.46 -26.88
CA ALA F 430 37.60 14.72 -27.87
C ALA F 430 37.25 15.64 -29.03
N SER F 431 37.37 15.11 -30.23
CA SER F 431 36.98 15.86 -31.41
C SER F 431 35.50 15.72 -31.72
N THR F 432 34.90 14.58 -31.40
CA THR F 432 33.49 14.37 -31.62
C THR F 432 32.96 13.46 -30.54
N VAL F 433 31.68 13.60 -30.22
CA VAL F 433 31.05 12.80 -29.18
C VAL F 433 30.03 11.88 -29.82
N MET F 434 30.08 10.60 -29.49
CA MET F 434 29.18 9.59 -30.03
C MET F 434 27.99 9.37 -29.08
N MET F 435 26.87 10.02 -29.39
CA MET F 435 25.57 9.86 -28.75
C MET F 435 25.17 8.38 -28.77
N GLY F 436 25.18 7.78 -27.58
CA GLY F 436 24.87 6.38 -27.35
C GLY F 436 23.37 6.16 -27.32
N SER F 437 22.91 5.44 -26.31
CA SER F 437 21.49 5.20 -26.07
C SER F 437 20.68 6.48 -25.84
N LEU F 438 21.27 7.68 -25.68
CA LEU F 438 20.47 8.85 -25.41
C LEU F 438 19.58 9.23 -26.57
N LEU F 439 19.79 8.64 -27.76
CA LEU F 439 18.91 8.72 -28.94
C LEU F 439 17.90 7.55 -29.08
N ALA F 440 18.01 6.48 -28.31
CA ALA F 440 17.09 5.35 -28.40
C ALA F 440 15.68 5.74 -27.93
N ALA F 441 14.66 4.99 -28.37
CA ALA F 441 13.24 5.29 -28.15
C ALA F 441 12.74 6.66 -28.70
N THR F 442 13.53 7.35 -29.53
CA THR F 442 13.10 8.45 -30.38
C THR F 442 12.30 7.93 -31.60
N THR F 443 11.90 8.83 -32.51
CA THR F 443 11.13 8.43 -33.69
C THR F 443 11.95 7.61 -34.66
N GLU F 444 13.26 7.81 -34.71
CA GLU F 444 14.18 7.21 -35.70
C GLU F 444 14.82 5.91 -35.20
N ALA F 445 14.81 5.66 -33.88
CA ALA F 445 15.37 4.46 -33.29
C ALA F 445 14.62 3.19 -33.76
N PRO F 446 15.31 2.16 -34.31
CA PRO F 446 14.67 0.94 -34.80
C PRO F 446 13.79 0.25 -33.75
N GLY F 500 11.89 13.56 -29.32
CA GLY F 500 11.24 12.45 -30.00
C GLY F 500 11.66 12.36 -31.45
N SER F 501 12.29 13.39 -32.02
CA SER F 501 12.69 13.47 -33.44
C SER F 501 14.09 14.06 -33.50
N ILE F 502 15.03 13.31 -34.07
CA ILE F 502 16.44 13.73 -34.21
C ILE F 502 16.55 15.05 -34.96
N GLN F 503 15.75 15.26 -36.00
CA GLN F 503 15.75 16.48 -36.78
C GLN F 503 15.33 17.68 -35.91
N LYS F 504 14.34 17.49 -35.03
CA LYS F 504 13.90 18.50 -34.06
C LYS F 504 14.83 18.59 -32.84
N PHE F 505 15.53 17.52 -32.47
CA PHE F 505 16.21 17.46 -31.17
C PHE F 505 17.66 17.93 -31.17
N VAL F 506 18.41 17.54 -32.20
CA VAL F 506 19.82 17.89 -32.35
C VAL F 506 20.05 19.40 -32.30
N PRO F 507 19.16 20.28 -32.79
CA PRO F 507 19.35 21.71 -32.56
C PRO F 507 19.38 22.08 -31.11
N TYR F 508 18.69 21.33 -30.26
CA TYR F 508 18.78 21.60 -28.83
C TYR F 508 20.21 21.41 -28.34
N LEU F 509 20.80 20.26 -28.64
CA LEU F 509 22.18 20.02 -28.25
C LEU F 509 23.10 21.07 -28.82
N ILE F 510 22.91 21.43 -30.09
CA ILE F 510 23.77 22.42 -30.74
C ILE F 510 23.67 23.70 -29.92
N ALA F 511 22.48 24.22 -29.65
CA ALA F 511 22.37 25.45 -28.89
C ALA F 511 22.98 25.30 -27.51
N GLY F 512 22.87 24.12 -26.90
CA GLY F 512 23.46 23.92 -25.58
C GLY F 512 24.98 23.97 -25.61
N ILE F 513 25.59 23.26 -26.54
CA ILE F 513 27.03 23.34 -26.72
C ILE F 513 27.46 24.77 -27.00
N GLN F 514 26.68 25.50 -27.81
CA GLN F 514 27.09 26.85 -28.13
C GLN F 514 27.03 27.75 -26.90
N HIS F 515 25.99 27.60 -26.10
CA HIS F 515 25.92 28.38 -24.87
C HIS F 515 27.07 28.04 -23.95
N GLY F 516 27.42 26.76 -23.87
CA GLY F 516 28.55 26.38 -23.03
C GLY F 516 29.84 27.03 -23.49
N CYS F 517 30.23 26.73 -24.72
CA CYS F 517 31.48 27.26 -25.25
C CYS F 517 31.47 28.78 -25.36
N GLN F 518 30.33 29.45 -25.17
CA GLN F 518 30.23 30.90 -24.96
C GLN F 518 30.49 31.29 -23.51
N ASP F 519 29.95 30.62 -22.50
CA ASP F 519 30.29 30.88 -21.09
C ASP F 519 31.77 30.68 -20.80
N ILE F 520 32.39 29.70 -21.44
CA ILE F 520 33.83 29.45 -21.38
C ILE F 520 34.62 30.56 -22.12
N GLY F 521 33.99 31.30 -23.04
CA GLY F 521 34.68 32.35 -23.80
C GLY F 521 35.52 31.83 -24.97
N ALA F 522 35.26 30.61 -25.45
CA ALA F 522 35.98 29.98 -26.54
C ALA F 522 35.17 29.98 -27.83
N ARG F 523 35.44 30.91 -28.73
CA ARG F 523 34.59 31.15 -29.92
C ARG F 523 34.53 30.05 -30.98
N SER F 524 35.24 28.93 -30.85
CA SER F 524 35.11 27.81 -31.76
C SER F 524 35.84 26.60 -31.22
N LEU F 525 35.19 25.44 -31.24
CA LEU F 525 35.74 24.26 -30.60
C LEU F 525 37.23 24.09 -30.83
N SER F 526 37.76 24.35 -32.04
CA SER F 526 39.21 24.31 -32.30
C SER F 526 40.03 25.23 -31.38
N VAL F 527 39.58 26.47 -31.19
CA VAL F 527 40.04 27.37 -30.12
C VAL F 527 39.77 26.80 -28.73
N LEU F 528 38.62 26.19 -28.42
CA LEU F 528 38.41 25.61 -27.08
C LEU F 528 39.50 24.58 -26.73
N ARG F 529 39.87 23.71 -27.67
CA ARG F 529 40.96 22.74 -27.46
C ARG F 529 42.32 23.40 -27.43
N SER F 530 42.61 24.39 -28.27
CA SER F 530 43.89 25.11 -28.21
C SER F 530 44.08 25.85 -26.90
N MET F 531 43.01 26.46 -26.40
CA MET F 531 42.98 27.17 -25.13
C MET F 531 43.16 26.22 -23.95
N MET F 532 42.73 24.96 -24.08
CA MET F 532 42.99 23.90 -23.10
C MET F 532 44.44 23.41 -23.13
N TYR F 533 44.98 22.99 -24.27
CA TYR F 533 46.34 22.48 -24.35
C TYR F 533 47.40 23.52 -23.97
N SER F 534 47.18 24.79 -24.28
CA SER F 534 48.08 25.88 -23.90
C SER F 534 47.95 26.34 -22.44
N GLY F 535 47.11 25.70 -21.65
CA GLY F 535 46.96 25.98 -20.22
C GLY F 535 46.21 27.26 -19.88
N GLU F 536 45.57 27.90 -20.85
CA GLU F 536 44.76 29.10 -20.62
C GLU F 536 43.39 28.76 -20.03
N LEU F 537 42.77 27.66 -20.45
CA LEU F 537 41.56 27.14 -19.83
C LEU F 537 41.87 26.54 -18.45
N LYS F 538 41.05 26.82 -17.44
CA LYS F 538 41.25 26.36 -16.06
C LYS F 538 40.10 25.49 -15.57
N PHE F 539 40.40 24.53 -14.72
CA PHE F 539 39.50 23.50 -14.24
C PHE F 539 39.53 23.40 -12.71
N GLU F 540 38.50 22.82 -12.10
CA GLU F 540 38.46 22.57 -10.66
C GLU F 540 37.91 21.17 -10.37
N LYS F 541 38.50 20.39 -9.47
CA LYS F 541 37.90 19.15 -8.97
C LYS F 541 36.67 19.45 -8.12
N ARG F 542 35.74 18.51 -7.97
CA ARG F 542 34.66 18.55 -6.98
C ARG F 542 34.75 17.40 -5.97
N THR F 543 34.75 17.73 -4.68
CA THR F 543 34.37 16.76 -3.64
C THR F 543 32.95 16.25 -3.87
N MET F 544 32.59 15.07 -3.35
CA MET F 544 31.20 14.57 -3.41
C MET F 544 30.19 15.57 -2.84
N SER F 545 30.55 16.24 -1.75
CA SER F 545 29.75 17.30 -1.12
C SER F 545 29.40 18.45 -2.07
N ALA F 546 30.19 18.69 -3.12
CA ALA F 546 30.03 19.80 -4.05
C ALA F 546 29.38 19.41 -5.37
N GLN F 547 28.87 18.18 -5.47
CA GLN F 547 28.07 17.71 -6.60
C GLN F 547 26.73 17.15 -6.12
N ILE F 548 26.65 16.55 -4.93
CA ILE F 548 25.38 16.25 -4.24
C ILE F 548 24.63 17.56 -3.89
N GLU F 549 25.36 18.67 -3.81
CA GLU F 549 24.87 20.04 -3.83
C GLU F 549 25.12 20.65 -5.21
N GLY F 550 24.09 21.22 -5.84
CA GLY F 550 24.18 21.84 -7.16
C GLY F 550 24.05 20.92 -8.39
N GLY F 551 23.74 19.63 -8.22
CA GLY F 551 23.49 18.73 -9.35
C GLY F 551 23.34 17.24 -9.02
N VAL F 552 23.55 16.42 -10.05
CA VAL F 552 23.76 14.94 -10.15
C VAL F 552 22.74 13.99 -9.51
N HIS F 553 22.14 14.31 -8.36
CA HIS F 553 21.31 13.44 -7.52
C HIS F 553 20.31 14.27 -6.71
N HIS G 29 42.59 45.11 17.91
CA HIS G 29 42.34 43.73 17.42
C HIS G 29 42.31 42.69 18.55
N GLU G 30 43.36 42.60 19.39
CA GLU G 30 43.47 41.66 20.52
C GLU G 30 43.48 40.17 20.09
N THR G 31 44.64 39.72 19.59
CA THR G 31 44.98 38.31 19.31
C THR G 31 44.70 37.42 20.51
N ALA G 32 44.22 36.19 20.33
CA ALA G 32 43.71 35.34 21.42
C ALA G 32 44.70 35.12 22.59
N ALA G 33 45.98 34.90 22.31
CA ALA G 33 47.02 34.80 23.35
C ALA G 33 47.20 36.11 24.14
N GLN G 34 47.22 37.24 23.43
CA GLN G 34 47.30 38.57 24.04
C GLN G 34 46.05 38.86 24.87
N ARG G 35 44.86 38.48 24.38
CA ARG G 35 43.58 38.69 25.04
C ARG G 35 43.43 37.82 26.29
N TYR G 36 43.77 36.55 26.23
CA TYR G 36 43.79 35.67 27.40
C TYR G 36 44.75 36.19 28.48
N SER G 37 46.01 36.44 28.12
CA SER G 37 47.02 36.93 29.08
C SER G 37 46.63 38.28 29.69
N ALA G 38 46.20 39.26 28.89
CA ALA G 38 45.76 40.55 29.40
C ALA G 38 44.53 40.44 30.33
N ARG G 39 43.55 39.61 29.97
CA ARG G 39 42.35 39.42 30.80
C ARG G 39 42.64 38.63 32.08
N LEU G 40 43.54 37.64 32.02
CA LEU G 40 44.04 36.92 33.20
C LEU G 40 44.79 37.85 34.16
N LEU G 41 45.59 38.79 33.65
CA LEU G 41 46.27 39.81 34.46
C LEU G 41 45.33 40.81 35.15
N GLN G 42 44.02 40.85 34.83
CA GLN G 42 43.05 41.59 35.64
C GLN G 42 42.76 40.88 36.98
N ALA G 43 42.83 39.55 37.03
CA ALA G 43 42.83 38.76 38.27
C ALA G 43 44.23 38.71 38.90
N GLY G 44 45.29 38.62 38.09
CA GLY G 44 46.69 38.66 38.52
C GLY G 44 47.26 37.32 39.02
N TYR G 45 48.57 37.29 39.26
CA TYR G 45 49.29 36.09 39.70
C TYR G 45 48.89 35.66 41.12
N MET G 50 56.76 40.00 34.64
CA MET G 50 57.85 39.05 34.46
C MET G 50 58.37 39.00 33.01
N ALA G 51 59.47 38.28 32.78
CA ALA G 51 60.17 38.22 31.50
C ALA G 51 59.49 37.19 30.60
N ASP G 52 58.16 37.29 30.51
CA ASP G 52 57.37 36.46 29.62
C ASP G 52 56.46 37.30 28.74
N TYR G 53 56.28 38.59 29.03
CA TYR G 53 55.86 39.58 28.04
C TYR G 53 57.08 40.14 27.29
N LEU G 54 58.27 40.08 27.90
CA LEU G 54 59.48 40.67 27.37
C LEU G 54 60.29 39.72 26.50
N ILE G 55 59.95 38.43 26.49
CA ILE G 55 60.65 37.45 25.66
C ILE G 55 59.78 36.92 24.54
N SER G 56 58.47 37.12 24.60
CA SER G 56 57.59 36.73 23.51
C SER G 56 56.60 37.80 23.10
N GLY G 57 56.27 38.75 23.97
CA GLY G 57 55.33 39.80 23.63
C GLY G 57 53.89 39.41 23.91
N GLY G 58 52.94 40.11 23.28
CA GLY G 58 51.51 39.78 23.39
C GLY G 58 51.17 38.36 22.93
N THR G 59 51.89 37.84 21.94
CA THR G 59 51.79 36.46 21.43
C THR G 59 52.46 35.44 22.37
N GLY G 60 51.95 35.33 23.60
CA GLY G 60 52.50 34.49 24.68
C GLY G 60 52.28 32.97 24.55
N TYR G 61 52.42 32.43 23.35
CA TYR G 61 52.20 31.03 22.94
C TYR G 61 50.77 30.50 23.10
N VAL G 62 50.19 30.10 21.98
CA VAL G 62 49.12 29.09 21.90
C VAL G 62 49.52 28.02 20.89
N PRO G 63 49.12 26.74 21.07
CA PRO G 63 49.49 25.70 20.11
C PRO G 63 48.84 25.94 18.78
N GLU G 64 49.17 25.10 17.81
CA GLU G 64 48.69 25.27 16.45
C GLU G 64 48.11 23.94 16.00
N ASP G 65 46.80 23.91 15.86
CA ASP G 65 46.04 22.74 15.46
C ASP G 65 45.01 23.11 14.40
N GLY G 66 44.85 22.28 13.37
CA GLY G 66 44.02 22.58 12.19
C GLY G 66 44.72 23.44 11.13
N LEU G 67 44.13 23.51 9.95
CA LEU G 67 44.63 24.24 8.78
C LEU G 67 44.19 25.70 8.81
N THR G 68 45.01 26.65 8.39
CA THR G 68 44.53 28.00 8.15
C THR G 68 43.84 28.08 6.79
N ALA G 69 43.11 29.17 6.58
CA ALA G 69 42.28 29.26 5.39
C ALA G 69 43.11 29.15 4.13
N GLN G 70 44.23 29.86 4.09
CA GLN G 70 45.08 29.79 2.91
C GLN G 70 45.42 28.36 2.56
N GLN G 71 45.74 27.54 3.56
CA GLN G 71 46.13 26.17 3.28
C GLN G 71 44.93 25.33 2.90
N LEU G 72 43.81 25.45 3.61
CA LEU G 72 42.60 24.65 3.38
C LEU G 72 42.23 24.59 1.89
N PHE G 73 42.38 25.70 1.18
CA PHE G 73 42.18 25.80 -0.26
C PHE G 73 43.44 25.60 -1.13
N ALA G 74 44.51 24.93 -0.65
CA ALA G 74 45.63 24.56 -1.51
C ALA G 74 45.50 23.16 -2.07
N SER G 75 44.74 22.24 -1.48
CA SER G 75 44.65 20.89 -2.05
C SER G 75 44.00 20.85 -3.45
N ALA G 76 43.34 21.95 -3.86
CA ALA G 76 42.69 22.14 -5.14
C ALA G 76 41.53 21.18 -5.43
N ASP G 77 41.04 20.48 -4.40
CA ASP G 77 39.67 20.02 -4.36
C ASP G 77 38.76 21.23 -4.16
N GLY G 78 37.75 21.42 -4.99
CA GLY G 78 36.80 22.51 -4.80
C GLY G 78 35.86 22.18 -3.64
N LEU G 79 36.07 22.80 -2.49
CA LEU G 79 35.21 22.64 -1.31
C LEU G 79 33.89 23.39 -1.46
N THR G 80 32.85 22.92 -0.78
CA THR G 80 31.62 23.66 -0.50
C THR G 80 31.30 23.60 1.00
N TYR G 81 30.34 24.36 1.50
CA TYR G 81 30.18 24.63 2.93
C TYR G 81 30.04 23.39 3.81
N ASN G 82 29.52 22.29 3.29
CA ASN G 82 29.43 21.04 4.05
C ASN G 82 30.80 20.41 4.32
N ASP G 83 31.79 20.62 3.46
CA ASP G 83 33.06 19.88 3.45
C ASP G 83 34.09 20.35 4.48
N PHE G 84 33.85 21.43 5.23
CA PHE G 84 34.79 21.95 6.23
C PHE G 84 34.10 22.47 7.48
N LEU G 85 34.85 22.62 8.57
CA LEU G 85 34.40 23.22 9.84
C LEU G 85 35.38 24.29 10.31
N ILE G 86 34.92 25.19 11.17
CA ILE G 86 35.75 26.20 11.81
C ILE G 86 36.09 25.71 13.21
N LEU G 87 37.36 25.67 13.60
CA LEU G 87 37.73 25.20 14.93
C LEU G 87 37.42 26.27 15.98
N PRO G 88 36.81 25.92 17.13
CA PRO G 88 36.39 26.89 18.13
C PRO G 88 37.56 27.58 18.83
N GLY G 89 37.36 28.81 19.29
CA GLY G 89 38.38 29.66 19.88
C GLY G 89 38.25 29.86 21.38
N PHE G 90 38.62 31.05 21.86
CA PHE G 90 38.47 31.51 23.23
C PHE G 90 37.32 32.52 23.33
N ILE G 91 36.37 32.30 24.24
CA ILE G 91 35.19 33.16 24.41
C ILE G 91 35.40 34.11 25.58
N ASP G 92 35.25 35.42 25.36
CA ASP G 92 35.34 36.40 26.45
C ASP G 92 34.32 37.56 26.32
N PHE G 93 33.16 37.29 25.73
CA PHE G 93 32.05 38.21 25.56
C PHE G 93 30.73 37.45 25.45
N ILE G 94 29.60 38.10 25.75
CA ILE G 94 28.26 37.55 25.55
C ILE G 94 27.81 37.74 24.10
N ALA G 95 26.99 36.83 23.57
CA ALA G 95 26.64 36.84 22.14
C ALA G 95 25.89 38.09 21.68
N ASP G 96 25.14 38.74 22.56
CA ASP G 96 24.45 39.99 22.25
C ASP G 96 25.41 41.14 21.89
N GLU G 97 26.68 41.04 22.26
CA GLU G 97 27.71 42.05 21.97
C GLU G 97 28.44 41.82 20.63
N VAL G 98 28.11 40.77 19.87
CA VAL G 98 28.70 40.52 18.55
C VAL G 98 28.18 41.52 17.52
N ASP G 99 28.99 42.52 17.19
CA ASP G 99 28.63 43.53 16.20
C ASP G 99 28.58 42.90 14.82
N LEU G 100 27.45 43.07 14.14
CA LEU G 100 27.24 42.48 12.84
C LEU G 100 27.46 43.44 11.69
N THR G 101 27.84 44.68 11.96
CA THR G 101 27.98 45.66 10.89
C THR G 101 28.76 45.09 9.72
N SER G 102 28.16 45.11 8.54
CA SER G 102 28.82 44.68 7.33
C SER G 102 28.74 45.76 6.27
N ALA G 103 29.52 45.60 5.23
CA ALA G 103 29.61 46.57 4.14
C ALA G 103 29.04 45.96 2.88
N LEU G 104 28.04 46.62 2.29
CA LEU G 104 27.40 46.14 1.08
C LEU G 104 28.22 46.51 -0.14
N THR G 105 28.63 47.77 -0.24
CA THR G 105 29.41 48.25 -1.37
C THR G 105 30.42 49.23 -0.82
N ARG G 106 31.16 49.89 -1.70
CA ARG G 106 32.22 50.74 -1.20
C ARG G 106 31.70 51.86 -0.31
N LYS G 107 30.42 52.22 -0.41
CA LYS G 107 29.91 53.38 0.31
C LYS G 107 28.64 53.09 1.10
N ILE G 108 27.83 52.11 0.72
CA ILE G 108 26.66 51.66 1.50
C ILE G 108 27.09 50.65 2.57
N THR G 109 26.70 50.88 3.83
CA THR G 109 26.98 50.02 4.99
C THR G 109 25.66 49.55 5.63
N LEU G 110 25.61 48.33 6.15
CA LEU G 110 24.40 47.70 6.69
C LEU G 110 24.59 47.21 8.12
N LYS G 111 23.56 47.26 8.95
CA LYS G 111 23.62 46.76 10.33
C LYS G 111 23.49 45.23 10.43
N THR G 112 23.10 44.55 9.35
CA THR G 112 22.88 43.10 9.30
C THR G 112 23.55 42.52 8.05
N PRO G 113 24.28 41.39 8.08
CA PRO G 113 24.98 40.87 6.92
C PRO G 113 24.07 40.09 6.00
N LEU G 114 22.77 40.32 6.02
CA LEU G 114 21.79 39.59 5.23
C LEU G 114 21.24 40.48 4.12
N ILE G 115 20.75 39.84 3.07
CA ILE G 115 20.13 40.49 1.90
C ILE G 115 19.01 39.56 1.41
N SER G 116 17.92 40.06 0.84
CA SER G 116 16.99 39.22 0.07
C SER G 116 17.31 39.26 -1.42
N SER G 117 17.37 38.09 -2.04
CA SER G 117 17.74 37.91 -3.45
C SER G 117 16.76 38.57 -4.43
N PRO G 118 17.22 39.14 -5.55
CA PRO G 118 16.35 39.71 -6.58
C PRO G 118 15.67 38.62 -7.41
N MET G 119 14.67 37.97 -6.82
CA MET G 119 13.86 36.94 -7.47
C MET G 119 12.37 37.25 -7.30
N ASP G 120 11.56 36.95 -8.31
CA ASP G 120 10.10 37.11 -8.26
C ASP G 120 9.43 36.23 -7.21
N THR G 121 10.02 35.08 -6.91
CA THR G 121 9.63 34.22 -5.78
C THR G 121 9.92 34.84 -4.41
N VAL G 122 10.77 35.88 -4.32
CA VAL G 122 11.25 36.43 -3.04
C VAL G 122 10.93 37.90 -2.85
N THR G 123 11.57 38.81 -3.60
CA THR G 123 11.66 40.21 -3.20
C THR G 123 10.83 41.15 -4.05
N GLU G 124 9.77 41.70 -3.48
CA GLU G 124 8.96 42.79 -4.03
C GLU G 124 8.95 43.94 -3.02
N ALA G 125 8.21 45.04 -3.22
CA ALA G 125 8.32 46.18 -2.29
C ALA G 125 8.03 45.84 -0.82
N ASP G 126 7.14 44.88 -0.56
CA ASP G 126 6.85 44.41 0.79
C ASP G 126 8.12 43.89 1.49
N MET G 127 8.77 42.88 0.90
CA MET G 127 9.97 42.30 1.49
C MET G 127 11.16 43.27 1.42
N ALA G 128 11.25 44.15 0.43
CA ALA G 128 12.31 45.15 0.40
C ALA G 128 12.22 46.13 1.59
N ILE G 129 11.01 46.52 1.99
CA ILE G 129 10.81 47.32 3.22
C ILE G 129 11.17 46.48 4.44
N ALA G 130 10.67 45.24 4.52
CA ALA G 130 10.92 44.39 5.68
C ALA G 130 12.41 44.17 5.94
N MET G 131 13.19 43.88 4.90
CA MET G 131 14.64 43.71 5.04
C MET G 131 15.33 44.98 5.52
N ALA G 132 14.97 46.14 5.00
CA ALA G 132 15.57 47.38 5.44
C ALA G 132 15.24 47.67 6.92
N LEU G 133 14.02 47.41 7.36
CA LEU G 133 13.65 47.53 8.77
C LEU G 133 14.42 46.53 9.68
N MET G 134 14.90 45.42 9.14
CA MET G 134 15.78 44.49 9.85
C MET G 134 17.28 44.75 9.65
N GLY G 135 17.68 45.93 9.19
CA GLY G 135 19.08 46.32 9.07
C GLY G 135 19.82 45.75 7.87
N GLY G 136 19.14 44.99 7.01
CA GLY G 136 19.67 44.50 5.75
C GLY G 136 19.30 45.42 4.58
N ILE G 137 19.20 44.86 3.39
CA ILE G 137 18.63 45.51 2.20
C ILE G 137 17.93 44.46 1.35
N GLY G 138 17.00 44.85 0.48
CA GLY G 138 16.40 43.97 -0.52
C GLY G 138 16.57 44.52 -1.92
N PHE G 139 16.70 43.66 -2.91
CA PHE G 139 16.79 44.06 -4.31
C PHE G 139 15.52 43.65 -5.06
N ILE G 140 14.80 44.62 -5.62
CA ILE G 140 13.57 44.39 -6.36
C ILE G 140 13.90 43.64 -7.65
N HIS G 141 13.25 42.51 -7.90
CA HIS G 141 13.45 41.71 -9.13
C HIS G 141 13.09 42.50 -10.39
N HIS G 142 13.54 42.06 -11.56
CA HIS G 142 13.30 42.73 -12.83
C HIS G 142 12.46 41.91 -13.81
N ASN G 143 11.69 40.91 -13.35
CA ASN G 143 10.78 40.12 -14.18
C ASN G 143 9.45 40.86 -14.41
N CYS G 144 9.52 42.08 -14.95
CA CYS G 144 8.40 43.01 -15.06
C CYS G 144 8.66 44.11 -16.09
N THR G 145 7.61 44.84 -16.46
CA THR G 145 7.70 46.11 -17.21
C THR G 145 8.54 47.13 -16.42
N PRO G 146 9.38 47.97 -17.06
CA PRO G 146 10.24 48.92 -16.34
C PRO G 146 9.49 49.87 -15.41
N GLU G 147 8.30 50.34 -15.82
CA GLU G 147 7.45 51.21 -15.00
C GLU G 147 7.06 50.54 -13.68
N PHE G 148 6.74 49.24 -13.69
CA PHE G 148 6.37 48.51 -12.48
C PHE G 148 7.51 48.49 -11.47
N GLN G 149 8.75 48.31 -11.92
CA GLN G 149 9.91 48.28 -11.04
C GLN G 149 10.18 49.66 -10.43
N ALA G 150 10.08 50.73 -11.21
CA ALA G 150 10.23 52.09 -10.71
C ALA G 150 9.14 52.46 -9.70
N ASN G 151 7.89 52.03 -9.94
CA ASN G 151 6.81 52.19 -8.98
C ASN G 151 7.07 51.42 -7.69
N GLU G 152 7.53 50.16 -7.77
CA GLU G 152 7.88 49.38 -6.58
C GLU G 152 9.05 49.97 -5.80
N VAL G 153 10.05 50.58 -6.44
CA VAL G 153 11.09 51.33 -5.73
C VAL G 153 10.52 52.56 -5.04
N ARG G 154 9.71 53.36 -5.73
CA ARG G 154 9.07 54.56 -5.16
C ARG G 154 8.29 54.20 -3.91
N LYS G 155 7.55 53.10 -3.96
CA LYS G 155 6.81 52.53 -2.82
C LYS G 155 7.71 52.22 -1.63
N VAL G 156 8.96 51.79 -1.85
CA VAL G 156 9.93 51.52 -0.77
C VAL G 156 10.57 52.79 -0.22
N LYS G 157 11.01 53.73 -1.07
CA LYS G 157 11.69 54.95 -0.58
C LYS G 157 10.79 55.79 0.32
N LYS G 158 9.48 55.81 0.12
CA LYS G 158 8.53 56.72 0.80
C LYS G 158 7.81 56.10 2.02
N PHE G 159 8.48 55.21 2.78
CA PHE G 159 7.80 54.33 3.76
C PHE G 159 7.22 55.01 5.01
N GLU G 160 8.00 55.82 5.71
CA GLU G 160 7.60 56.62 6.89
C GLU G 160 7.17 55.87 8.18
N GLN G 161 7.16 54.54 8.24
CA GLN G 161 6.90 53.69 9.43
C GLN G 161 5.47 53.78 10.03
N GLY G 162 4.96 54.96 10.37
CA GLY G 162 3.62 55.14 10.96
C GLY G 162 2.53 55.43 9.95
N PHE G 163 2.83 56.26 8.94
CA PHE G 163 1.87 56.72 7.95
C PHE G 163 1.54 55.63 6.94
N ILE G 164 0.37 55.69 6.29
CA ILE G 164 0.06 54.77 5.20
C ILE G 164 0.78 55.18 3.91
N THR G 165 1.62 54.31 3.36
CA THR G 165 2.19 54.46 2.01
C THR G 165 1.08 54.40 0.96
N ASP G 166 1.07 55.38 0.06
CA ASP G 166 0.14 55.45 -1.08
C ASP G 166 -1.34 55.31 -0.64
N PRO G 167 -1.92 56.30 0.08
CA PRO G 167 -3.31 56.16 0.50
C PRO G 167 -4.28 56.20 -0.67
N VAL G 168 -5.49 55.75 -0.40
CA VAL G 168 -6.58 55.77 -1.37
C VAL G 168 -7.52 56.91 -1.01
N VAL G 169 -7.64 57.88 -1.89
CA VAL G 169 -8.50 59.04 -1.69
C VAL G 169 -9.59 59.03 -2.74
N LEU G 170 -10.84 59.27 -2.34
CA LEU G 170 -11.98 59.27 -3.26
C LEU G 170 -12.59 60.65 -3.42
N SER G 171 -13.27 60.80 -4.54
CA SER G 171 -13.83 62.06 -4.99
C SER G 171 -15.24 62.26 -4.43
N PRO G 172 -15.51 63.40 -3.76
CA PRO G 172 -16.84 63.72 -3.23
C PRO G 172 -17.97 63.45 -4.23
N SER G 173 -17.66 63.46 -5.52
CA SER G 173 -18.63 63.12 -6.57
C SER G 173 -18.55 61.62 -6.84
N HIS G 174 -19.00 60.85 -5.85
CA HIS G 174 -18.86 59.40 -5.95
C HIS G 174 -19.94 58.76 -5.07
N THR G 175 -21.00 58.25 -5.71
CA THR G 175 -21.99 57.48 -4.98
C THR G 175 -21.29 56.35 -4.23
N VAL G 176 -21.81 56.00 -3.05
CA VAL G 176 -21.15 55.11 -2.09
C VAL G 176 -20.85 53.70 -2.59
N GLY G 177 -21.55 53.15 -3.58
CA GLY G 177 -21.38 51.75 -4.00
C GLY G 177 -19.97 51.38 -4.53
N ASP G 178 -19.31 52.34 -5.17
CA ASP G 178 -17.98 52.27 -5.76
C ASP G 178 -16.89 52.61 -4.76
N VAL G 179 -17.25 53.08 -3.55
CA VAL G 179 -16.41 53.12 -2.32
C VAL G 179 -16.60 51.85 -1.51
N LEU G 180 -17.87 51.45 -1.32
CA LEU G 180 -18.28 50.31 -0.52
C LEU G 180 -17.71 49.02 -1.09
N GLU G 181 -17.51 48.95 -2.41
CA GLU G 181 -16.95 47.72 -2.96
C GLU G 181 -15.43 47.67 -2.79
N ALA G 182 -14.77 48.83 -2.71
CA ALA G 182 -13.33 48.84 -2.50
C ALA G 182 -12.95 47.98 -1.31
N LYS G 183 -13.78 47.97 -0.26
CA LYS G 183 -13.66 47.01 0.85
C LYS G 183 -13.60 45.59 0.32
N MET G 184 -14.25 45.32 -0.81
CA MET G 184 -14.15 44.04 -1.50
C MET G 184 -12.95 43.96 -2.44
N ARG G 185 -12.34 45.11 -2.77
CA ARG G 185 -11.18 45.15 -3.66
C ARG G 185 -9.86 45.22 -2.91
N HIS G 186 -9.69 46.21 -2.03
CA HIS G 186 -8.48 46.34 -1.23
C HIS G 186 -8.63 45.85 0.20
N GLY G 187 -9.85 45.72 0.71
CA GLY G 187 -10.06 45.21 2.05
C GLY G 187 -10.26 46.27 3.10
N PHE G 188 -9.46 47.34 3.04
CA PHE G 188 -9.70 48.50 3.87
C PHE G 188 -10.94 49.23 3.40
N SER G 189 -11.56 50.05 4.26
CA SER G 189 -12.81 50.77 3.95
C SER G 189 -13.01 52.17 4.56
N GLY G 190 -12.07 52.71 5.34
CA GLY G 190 -12.10 54.11 5.74
C GLY G 190 -11.34 55.01 4.75
N ILE G 191 -12.04 55.64 3.82
CA ILE G 191 -11.45 56.40 2.71
C ILE G 191 -11.63 57.90 2.96
N PRO G 192 -10.57 58.72 2.98
CA PRO G 192 -10.65 60.18 3.00
C PRO G 192 -11.07 60.75 1.64
N ILE G 193 -11.57 61.99 1.65
CA ILE G 193 -12.19 62.58 0.46
C ILE G 193 -11.68 63.98 0.11
N THR G 194 -11.34 64.19 -1.17
CA THR G 194 -11.14 65.50 -1.80
C THR G 194 -11.06 65.32 -3.32
N GLU G 195 -10.92 66.41 -4.10
CA GLU G 195 -11.34 66.44 -5.50
C GLU G 195 -10.77 65.34 -6.40
N THR G 196 -9.49 64.90 -6.29
CA THR G 196 -9.10 63.73 -7.07
C THR G 196 -7.98 62.97 -6.36
N GLY G 197 -6.93 63.67 -5.98
CA GLY G 197 -5.76 63.09 -5.35
C GLY G 197 -5.29 63.94 -4.20
N THR G 198 -4.07 63.72 -3.75
CA THR G 198 -3.60 64.33 -2.51
C THR G 198 -2.90 65.66 -2.71
N LYS G 202 -7.87 72.04 -1.74
CA LYS G 202 -9.15 71.87 -1.07
C LYS G 202 -9.23 70.53 -0.31
N LEU G 203 -10.10 70.45 0.71
CA LEU G 203 -10.35 69.23 1.46
C LEU G 203 -11.78 69.16 2.05
N VAL G 204 -12.31 67.94 2.16
CA VAL G 204 -13.50 67.56 2.94
C VAL G 204 -13.19 66.29 3.75
N GLY G 205 -14.11 65.79 4.58
CA GLY G 205 -13.79 64.83 5.65
C GLY G 205 -13.46 63.40 5.22
N ILE G 206 -14.34 62.45 5.57
CA ILE G 206 -14.07 61.01 5.45
C ILE G 206 -15.36 60.27 5.14
N VAL G 207 -15.25 59.11 4.51
CA VAL G 207 -16.29 58.08 4.47
C VAL G 207 -15.71 56.77 4.99
N THR G 208 -16.45 56.02 5.79
CA THR G 208 -15.99 54.80 6.45
C THR G 208 -17.07 53.74 6.48
N SER G 209 -16.72 52.49 6.82
CA SER G 209 -17.67 51.38 6.77
C SER G 209 -18.96 51.70 7.52
N ARG G 210 -18.87 52.19 8.77
CA ARG G 210 -20.07 52.45 9.58
C ARG G 210 -20.90 53.64 9.11
N ASP G 211 -20.35 54.51 8.27
CA ASP G 211 -21.16 55.52 7.57
C ASP G 211 -22.08 54.90 6.51
N ILE G 212 -21.69 53.74 5.98
CA ILE G 212 -22.34 53.08 4.83
C ILE G 212 -23.12 51.82 5.23
N ASP G 213 -22.77 51.19 6.35
CA ASP G 213 -23.35 49.91 6.80
C ASP G 213 -24.86 49.94 7.10
N PHE G 214 -25.50 51.12 7.20
CA PHE G 214 -26.95 51.27 6.99
C PHE G 214 -27.23 52.12 5.74
N LEU G 215 -27.95 51.56 4.76
CA LEU G 215 -28.28 52.21 3.48
C LEU G 215 -29.61 51.69 2.91
N LEU G 223 -26.77 54.14 -1.09
CA LEU G 223 -27.11 54.56 -2.44
C LEU G 223 -26.87 56.08 -2.66
N LEU G 224 -26.66 56.83 -1.59
CA LEU G 224 -26.39 58.27 -1.57
C LEU G 224 -24.98 58.58 -2.11
N SER G 225 -24.59 59.87 -2.24
CA SER G 225 -23.29 60.22 -2.78
C SER G 225 -22.34 60.81 -1.74
N GLU G 226 -22.69 61.94 -1.11
CA GLU G 226 -21.78 62.54 -0.13
C GLU G 226 -22.54 63.08 1.06
N VAL G 227 -23.39 62.23 1.63
CA VAL G 227 -24.13 62.58 2.83
C VAL G 227 -23.38 62.12 4.08
N MET G 228 -22.04 62.01 3.99
CA MET G 228 -21.14 61.57 5.06
C MET G 228 -20.21 62.72 5.50
N THR G 229 -19.23 62.44 6.35
CA THR G 229 -18.56 63.45 7.20
C THR G 229 -17.96 64.61 6.40
N PRO G 230 -18.43 65.87 6.57
CA PRO G 230 -17.89 67.05 5.90
C PRO G 230 -16.56 67.50 6.51
N ARG G 231 -16.05 68.70 6.19
CA ARG G 231 -14.90 69.29 6.91
C ARG G 231 -15.29 69.66 8.35
N ILE G 232 -15.20 68.68 9.23
CA ILE G 232 -15.55 68.73 10.66
C ILE G 232 -14.79 67.66 11.47
N GLU G 233 -13.73 67.03 10.93
CA GLU G 233 -12.90 66.06 11.66
C GLU G 233 -12.28 66.60 12.95
N LEU G 234 -11.93 65.70 13.87
CA LEU G 234 -11.28 66.03 15.14
C LEU G 234 -9.83 66.52 14.96
N VAL G 235 -9.15 66.78 16.07
CA VAL G 235 -7.76 67.24 16.12
C VAL G 235 -6.81 66.36 15.28
N VAL G 236 -5.96 67.02 14.47
CA VAL G 236 -4.98 66.41 13.56
C VAL G 236 -3.72 67.29 13.44
N ALA G 237 -2.62 66.69 12.98
CA ALA G 237 -1.37 67.39 12.69
C ALA G 237 -1.54 68.49 11.61
N PRO G 238 -1.28 69.78 11.93
CA PRO G 238 -1.52 70.89 11.00
C PRO G 238 -0.52 71.06 9.84
N ALA G 239 0.62 70.36 9.88
CA ALA G 239 1.69 70.45 8.87
C ALA G 239 2.50 69.15 8.76
N GLY G 240 2.86 68.57 9.91
CA GLY G 240 3.62 67.32 10.03
C GLY G 240 4.14 67.17 11.45
N VAL G 241 4.12 65.95 11.98
CA VAL G 241 4.51 65.62 13.37
C VAL G 241 5.27 64.30 13.43
N THR G 242 6.04 64.11 14.49
CA THR G 242 6.65 62.82 14.85
C THR G 242 5.55 61.78 15.15
N LEU G 243 5.76 60.51 14.81
CA LEU G 243 4.83 59.41 15.09
C LEU G 243 4.45 59.33 16.58
N LYS G 244 5.42 59.47 17.49
CA LYS G 244 5.20 59.54 18.94
C LYS G 244 4.27 60.69 19.37
N GLU G 245 4.17 61.78 18.61
CA GLU G 245 3.22 62.84 18.91
C GLU G 245 1.81 62.48 18.44
N ALA G 246 1.65 62.00 17.21
CA ALA G 246 0.35 61.54 16.70
C ALA G 246 -0.25 60.41 17.54
N ASN G 247 0.56 59.54 18.16
CA ASN G 247 0.13 58.52 19.11
C ASN G 247 -0.71 59.11 20.27
N GLU G 248 -0.37 60.29 20.78
CA GLU G 248 -1.14 60.95 21.83
C GLU G 248 -2.43 61.58 21.29
N ILE G 249 -2.40 62.10 20.06
CA ILE G 249 -3.58 62.64 19.40
C ILE G 249 -4.62 61.54 19.14
N LEU G 250 -4.23 60.37 18.65
CA LEU G 250 -5.15 59.24 18.51
C LEU G 250 -5.78 58.88 19.85
N GLN G 251 -5.04 58.94 20.96
CA GLN G 251 -5.56 58.58 22.29
C GLN G 251 -6.69 59.51 22.72
N ARG G 252 -6.54 60.83 22.57
CA ARG G 252 -7.62 61.80 22.85
C ARG G 252 -8.78 61.70 21.86
N SER G 253 -8.48 61.64 20.57
CA SER G 253 -9.47 61.69 19.50
C SER G 253 -10.40 60.48 19.48
N LYS G 254 -9.92 59.30 19.91
CA LYS G 254 -10.60 57.98 19.85
C LYS G 254 -10.99 57.49 18.45
N LYS G 255 -10.97 58.34 17.41
CA LYS G 255 -11.24 57.98 16.01
C LYS G 255 -10.12 57.14 15.39
N GLY G 256 -10.45 56.46 14.28
CA GLY G 256 -9.61 55.44 13.66
C GLY G 256 -8.66 55.96 12.60
N LYS G 257 -8.95 57.10 11.99
CA LYS G 257 -8.07 57.76 11.01
C LYS G 257 -7.71 59.14 11.49
N LEU G 258 -6.50 59.59 11.19
CA LEU G 258 -5.99 60.90 11.58
C LEU G 258 -5.38 61.61 10.37
N PRO G 259 -6.18 62.30 9.55
CA PRO G 259 -5.66 62.94 8.34
C PRO G 259 -4.68 64.08 8.63
N ILE G 260 -3.40 63.88 8.32
CA ILE G 260 -2.35 64.91 8.32
C ILE G 260 -2.64 65.90 7.19
N VAL G 261 -2.53 67.20 7.46
CA VAL G 261 -2.70 68.26 6.45
C VAL G 261 -1.46 69.15 6.39
N ASN G 262 -1.24 69.83 5.27
CA ASN G 262 -0.22 70.88 5.15
C ASN G 262 -0.77 72.27 5.58
N ASP G 263 0.07 73.30 5.59
CA ASP G 263 -0.35 74.69 5.89
C ASP G 263 -1.34 75.28 4.86
N CYS G 264 -1.28 74.79 3.62
CA CYS G 264 -2.26 75.05 2.58
C CYS G 264 -3.60 74.40 2.87
N ASP G 265 -3.68 73.58 3.91
CA ASP G 265 -4.93 72.94 4.34
C ASP G 265 -5.42 71.94 3.30
N GLU G 266 -4.56 70.99 2.95
CA GLU G 266 -5.00 69.81 2.23
C GLU G 266 -4.33 68.57 2.80
N LEU G 267 -5.02 67.45 2.67
CA LEU G 267 -4.48 66.15 3.00
C LEU G 267 -3.08 65.99 2.44
N VAL G 268 -2.17 65.43 3.25
CA VAL G 268 -0.82 65.04 2.82
C VAL G 268 -0.53 63.56 3.14
N ALA G 269 -0.75 63.14 4.39
CA ALA G 269 -0.65 61.75 4.81
C ALA G 269 -1.83 61.42 5.72
N ILE G 270 -2.08 60.13 5.93
CA ILE G 270 -3.14 59.65 6.82
C ILE G 270 -2.57 58.52 7.69
N ILE G 271 -2.91 58.52 8.96
CA ILE G 271 -2.50 57.48 9.91
C ILE G 271 -3.72 56.64 10.23
N ALA G 272 -3.56 55.32 10.26
CA ALA G 272 -4.59 54.38 10.71
C ALA G 272 -4.26 53.88 12.12
N ARG G 273 -5.25 53.90 13.01
CA ARG G 273 -5.08 53.53 14.42
C ARG G 273 -4.55 52.11 14.57
N THR G 274 -4.97 51.20 13.71
CA THR G 274 -4.54 49.79 13.71
C THR G 274 -3.03 49.62 13.54
N ASP G 275 -2.35 50.49 12.78
CA ASP G 275 -0.88 50.49 12.68
C ASP G 275 -0.21 51.02 13.95
N LEU G 276 -0.73 52.12 14.51
CA LEU G 276 -0.24 52.71 15.75
C LEU G 276 -0.33 51.74 16.95
N LYS G 277 -1.30 50.83 16.96
CA LYS G 277 -1.38 49.77 17.98
C LYS G 277 -0.21 48.77 17.93
N LYS G 278 0.52 48.67 16.81
CA LYS G 278 1.47 47.56 16.57
C LYS G 278 2.85 47.94 16.05
N ASN G 279 3.10 49.17 15.60
CA ASN G 279 4.42 49.54 15.05
C ASN G 279 5.52 49.35 16.11
N ARG G 280 6.60 48.68 15.74
CA ARG G 280 7.70 48.29 16.64
C ARG G 280 8.88 49.27 16.59
N ASP G 281 9.77 49.19 17.57
CA ASP G 281 11.09 49.81 17.47
C ASP G 281 11.95 49.09 16.43
N TYR G 282 12.65 49.85 15.60
CA TYR G 282 13.57 49.37 14.58
C TYR G 282 14.90 50.14 14.66
N PRO G 283 15.80 49.78 15.59
CA PRO G 283 17.08 50.49 15.78
C PRO G 283 18.10 50.16 14.69
N LEU G 284 17.99 48.99 14.05
CA LEU G 284 18.79 48.59 12.91
C LEU G 284 18.20 49.21 11.63
N ALA G 285 18.35 50.52 11.47
CA ALA G 285 17.43 51.30 10.63
C ALA G 285 17.58 51.08 9.12
N SER G 286 18.80 50.89 8.60
CA SER G 286 19.09 50.83 7.16
C SER G 286 18.55 52.03 6.36
N LYS G 287 18.60 53.22 6.95
CA LYS G 287 18.20 54.48 6.31
C LYS G 287 19.37 55.12 5.57
N ASP G 288 19.08 55.81 4.48
CA ASP G 288 20.02 56.66 3.74
C ASP G 288 20.30 58.01 4.45
N SER G 289 21.09 58.89 3.82
CA SER G 289 21.41 60.21 4.37
C SER G 289 20.20 61.17 4.43
N GLN G 290 19.15 60.91 3.66
CA GLN G 290 17.85 61.59 3.71
C GLN G 290 16.90 60.95 4.73
N LYS G 291 17.40 60.04 5.57
CA LYS G 291 16.69 59.37 6.67
C LYS G 291 15.47 58.56 6.21
N GLN G 292 15.55 57.92 5.05
CA GLN G 292 14.51 57.02 4.52
C GLN G 292 15.12 55.73 3.95
N LEU G 293 14.35 54.65 3.82
CA LEU G 293 14.92 53.31 3.67
C LEU G 293 15.81 53.17 2.43
N LEU G 294 16.96 52.50 2.58
CA LEU G 294 17.74 52.02 1.46
C LEU G 294 17.00 50.91 0.72
N CYS G 295 17.08 50.87 -0.60
CA CYS G 295 16.70 49.69 -1.39
C CYS G 295 17.46 49.59 -2.70
N GLY G 296 17.54 48.38 -3.24
CA GLY G 296 18.23 48.11 -4.49
C GLY G 296 17.29 47.65 -5.60
N ALA G 297 17.76 47.67 -6.84
CA ALA G 297 17.04 47.09 -7.97
C ALA G 297 17.97 46.27 -8.84
N ALA G 298 17.51 45.10 -9.29
CA ALA G 298 18.21 44.38 -10.35
C ALA G 298 17.93 45.03 -11.69
N VAL G 299 18.90 45.03 -12.60
CA VAL G 299 18.67 45.40 -14.00
C VAL G 299 19.30 44.36 -14.90
N GLY G 300 18.68 44.07 -16.04
CA GLY G 300 19.36 43.31 -17.08
C GLY G 300 20.52 44.09 -17.68
N THR G 301 21.38 43.42 -18.45
CA THR G 301 22.53 44.05 -19.12
C THR G 301 22.30 44.30 -20.62
N ARG G 302 21.06 44.16 -21.11
CA ARG G 302 20.70 44.31 -22.53
C ARG G 302 20.85 45.76 -23.00
N GLU G 303 20.85 45.97 -24.30
CA GLU G 303 20.85 47.32 -24.88
C GLU G 303 19.58 48.11 -24.51
N ASP G 304 18.47 47.41 -24.27
CA ASP G 304 17.18 48.00 -23.96
C ASP G 304 17.06 48.39 -22.54
N ASP G 305 18.13 48.36 -21.74
CA ASP G 305 18.07 48.55 -20.28
C ASP G 305 18.61 49.91 -19.81
N LYS G 306 19.19 50.76 -20.67
CA LYS G 306 19.46 52.13 -20.27
C LYS G 306 18.17 52.83 -19.88
N TYR G 307 17.05 52.49 -20.52
CA TYR G 307 15.74 53.03 -20.16
C TYR G 307 15.23 52.53 -18.81
N ARG G 308 15.32 51.23 -18.53
CA ARG G 308 14.98 50.70 -17.19
C ARG G 308 15.81 51.38 -16.11
N LEU G 309 17.10 51.56 -16.38
CA LEU G 309 18.01 52.19 -15.43
C LEU G 309 17.68 53.66 -15.22
N ASP G 310 17.25 54.39 -16.26
CA ASP G 310 16.72 55.73 -16.02
C ASP G 310 15.56 55.70 -15.06
N LEU G 311 14.47 54.97 -15.36
CA LEU G 311 13.26 55.06 -14.52
C LEU G 311 13.54 54.73 -13.05
N LEU G 312 14.37 53.72 -12.81
CA LEU G 312 14.84 53.38 -11.48
C LEU G 312 15.69 54.48 -10.87
N THR G 313 16.54 55.18 -11.64
CA THR G 313 17.32 56.24 -11.03
C THR G 313 16.51 57.51 -10.80
N GLN G 314 15.29 57.62 -11.34
CA GLN G 314 14.36 58.74 -11.07
C GLN G 314 13.48 58.44 -9.85
N ALA G 315 13.14 57.17 -9.62
CA ALA G 315 12.58 56.71 -8.35
C ALA G 315 13.57 56.85 -7.18
N GLY G 316 14.87 57.06 -7.47
CA GLY G 316 15.90 57.35 -6.48
C GLY G 316 16.51 56.10 -5.82
N VAL G 317 16.60 54.98 -6.55
CA VAL G 317 17.14 53.73 -6.01
C VAL G 317 18.59 53.89 -5.57
N ASP G 318 19.01 53.21 -4.49
CA ASP G 318 20.32 53.45 -3.89
C ASP G 318 21.43 52.62 -4.53
N VAL G 319 21.13 51.43 -5.03
CA VAL G 319 22.12 50.49 -5.54
C VAL G 319 21.53 49.59 -6.61
N ILE G 320 22.33 49.27 -7.61
CA ILE G 320 21.96 48.44 -8.75
C ILE G 320 22.74 47.15 -8.70
N VAL G 321 22.11 46.01 -8.93
CA VAL G 321 22.81 44.75 -9.20
C VAL G 321 22.60 44.34 -10.63
N LEU G 322 23.69 44.15 -11.37
CA LEU G 322 23.64 43.76 -12.77
C LEU G 322 23.38 42.27 -12.84
N ASP G 323 22.14 41.84 -13.04
CA ASP G 323 21.84 40.42 -13.10
C ASP G 323 22.40 39.82 -14.40
N SER G 324 23.19 38.76 -14.30
CA SER G 324 23.81 38.05 -15.43
C SER G 324 24.40 36.73 -14.94
N SER G 325 24.21 35.65 -15.69
CA SER G 325 24.64 34.30 -15.27
C SER G 325 26.17 34.16 -15.25
N GLN G 326 26.86 34.82 -16.18
CA GLN G 326 28.31 34.82 -16.31
C GLN G 326 28.75 36.27 -16.45
N GLY G 327 29.23 36.86 -15.37
CA GLY G 327 29.34 38.30 -15.23
C GLY G 327 30.42 38.97 -16.06
N ASN G 328 31.37 38.25 -16.64
CA ASN G 328 32.54 38.83 -17.29
C ASN G 328 32.36 39.01 -18.80
N SER G 329 31.21 39.49 -19.23
CA SER G 329 30.94 39.74 -20.65
C SER G 329 31.31 41.16 -21.05
N VAL G 330 31.72 41.35 -22.31
CA VAL G 330 32.07 42.67 -22.83
C VAL G 330 30.93 43.66 -22.68
N TYR G 331 29.68 43.22 -22.90
CA TYR G 331 28.53 44.11 -22.80
C TYR G 331 28.05 44.37 -21.37
N GLN G 332 28.40 43.54 -20.38
CA GLN G 332 28.28 43.97 -18.98
C GLN G 332 29.36 44.98 -18.58
N ILE G 333 30.59 44.87 -19.06
CA ILE G 333 31.62 45.91 -18.81
C ILE G 333 31.23 47.22 -19.50
N ALA G 334 30.65 47.17 -20.71
CA ALA G 334 30.07 48.34 -21.35
C ALA G 334 28.93 48.94 -20.52
N MET G 335 27.97 48.13 -20.03
CA MET G 335 26.93 48.59 -19.12
C MET G 335 27.52 49.24 -17.86
N VAL G 336 28.55 48.68 -17.23
CA VAL G 336 29.21 49.32 -16.08
C VAL G 336 29.77 50.67 -16.47
N HIS G 337 30.60 50.76 -17.52
CA HIS G 337 31.18 52.04 -17.96
C HIS G 337 30.11 53.08 -18.24
N TYR G 338 29.00 52.66 -18.84
CA TYR G 338 27.85 53.50 -19.08
C TYR G 338 27.23 54.05 -17.81
N ILE G 339 26.92 53.23 -16.79
CA ILE G 339 26.36 53.74 -15.53
C ILE G 339 27.31 54.76 -14.90
N LYS G 340 28.58 54.41 -14.71
CA LYS G 340 29.56 55.27 -14.06
C LYS G 340 29.80 56.55 -14.83
N GLN G 341 29.44 56.59 -16.11
CA GLN G 341 29.60 57.79 -16.90
C GLN G 341 28.40 58.72 -16.83
N LYS G 342 27.23 58.18 -16.50
CA LYS G 342 25.99 58.91 -16.58
C LYS G 342 25.39 59.22 -15.23
N TYR G 343 25.50 58.32 -14.26
CA TYR G 343 24.97 58.51 -12.91
C TYR G 343 26.08 58.25 -11.91
N PRO G 344 26.96 59.22 -11.67
CA PRO G 344 28.14 58.96 -10.85
C PRO G 344 27.84 58.75 -9.38
N HIS G 345 26.59 58.80 -8.96
CA HIS G 345 26.23 58.60 -7.56
C HIS G 345 25.80 57.17 -7.27
N LEU G 346 25.29 56.45 -8.27
CA LEU G 346 24.66 55.15 -8.13
C LEU G 346 25.70 54.05 -7.84
N GLN G 347 25.52 53.28 -6.77
CA GLN G 347 26.38 52.13 -6.48
C GLN G 347 26.01 50.95 -7.38
N VAL G 348 27.00 50.27 -7.97
CA VAL G 348 26.80 49.16 -8.93
C VAL G 348 27.47 47.89 -8.44
N ILE G 349 26.74 46.79 -8.34
CA ILE G 349 27.24 45.48 -7.91
C ILE G 349 27.41 44.61 -9.16
N GLY G 350 28.62 44.12 -9.40
CA GLY G 350 28.92 43.35 -10.61
C GLY G 350 28.18 42.02 -10.64
N GLY G 351 27.71 41.62 -11.83
CA GLY G 351 27.00 40.36 -12.03
C GLY G 351 27.86 39.14 -11.76
N ASN G 352 27.24 37.98 -11.63
CA ASN G 352 27.81 36.82 -10.96
C ASN G 352 29.20 36.42 -11.47
N VAL G 353 30.15 36.24 -10.56
CA VAL G 353 31.49 35.72 -10.85
C VAL G 353 31.86 34.64 -9.88
N VAL G 354 32.87 33.82 -10.23
CA VAL G 354 33.47 32.80 -9.36
C VAL G 354 34.99 32.68 -9.47
N THR G 355 35.70 33.56 -10.17
CA THR G 355 37.16 33.52 -10.26
C THR G 355 37.81 34.87 -10.05
N ALA G 356 39.08 34.89 -9.67
CA ALA G 356 39.85 36.11 -9.57
C ALA G 356 40.03 36.81 -10.93
N ALA G 357 40.07 36.09 -12.05
CA ALA G 357 40.18 36.71 -13.37
C ALA G 357 38.93 37.48 -13.83
N GLN G 358 37.74 36.94 -13.55
CA GLN G 358 36.47 37.66 -13.71
C GLN G 358 36.42 38.88 -12.78
N ALA G 359 36.62 38.68 -11.47
CA ALA G 359 36.65 39.73 -10.48
C ALA G 359 37.58 40.84 -10.90
N LYS G 360 38.77 40.57 -11.47
CA LYS G 360 39.67 41.63 -11.97
C LYS G 360 39.01 42.50 -13.02
N ASN G 361 38.45 41.90 -14.06
CA ASN G 361 37.89 42.63 -15.20
C ASN G 361 36.72 43.50 -14.79
N LEU G 362 35.85 43.02 -13.90
CA LEU G 362 34.76 43.83 -13.39
C LEU G 362 35.25 44.90 -12.42
N ILE G 363 36.17 44.58 -11.50
CA ILE G 363 36.69 45.62 -10.63
C ILE G 363 37.31 46.74 -11.45
N ASP G 364 38.28 46.44 -12.30
CA ASP G 364 38.99 47.48 -13.03
C ASP G 364 38.11 48.18 -14.09
N ALA G 365 36.93 47.63 -14.40
CA ALA G 365 35.85 48.39 -15.03
C ALA G 365 35.20 49.40 -14.09
N GLY G 366 35.24 49.25 -12.75
CA GLY G 366 34.79 50.28 -11.84
C GLY G 366 33.68 49.87 -10.89
N VAL G 367 33.18 48.61 -10.95
CA VAL G 367 32.10 48.14 -10.07
C VAL G 367 32.45 48.26 -8.59
N ASP G 368 31.42 48.30 -7.74
CA ASP G 368 31.61 48.53 -6.31
C ASP G 368 31.20 47.34 -5.46
N GLY G 369 31.01 46.18 -6.06
CA GLY G 369 30.60 45.01 -5.32
C GLY G 369 30.70 43.82 -6.23
N LEU G 370 30.23 42.69 -5.76
CA LEU G 370 30.30 41.49 -6.59
C LEU G 370 29.41 40.42 -6.02
N ARG G 371 28.49 39.87 -6.81
CA ARG G 371 27.80 38.63 -6.43
C ARG G 371 28.75 37.48 -6.70
N VAL G 372 29.25 36.84 -5.65
CA VAL G 372 30.19 35.73 -5.83
C VAL G 372 29.40 34.45 -5.75
N GLY G 373 28.90 33.99 -6.89
CA GLY G 373 28.18 32.74 -6.87
C GLY G 373 27.70 32.31 -8.23
N MET G 374 27.89 31.05 -8.61
CA MET G 374 27.47 30.52 -9.91
C MET G 374 27.43 29.00 -9.83
N GLY G 375 26.39 28.39 -10.39
CA GLY G 375 26.29 26.94 -10.57
C GLY G 375 25.64 26.15 -9.42
N CYS G 376 25.20 26.81 -8.34
CA CYS G 376 24.47 26.17 -7.25
C CYS G 376 23.05 25.73 -7.66
N VAL G 385 25.31 19.72 -15.04
CA VAL G 385 24.13 19.99 -15.87
C VAL G 385 24.36 21.20 -16.82
N MET G 386 25.37 22.02 -16.53
CA MET G 386 25.66 23.28 -17.23
C MET G 386 27.13 23.44 -17.68
N ALA G 387 28.06 22.64 -17.12
CA ALA G 387 29.45 22.45 -17.56
C ALA G 387 30.37 23.59 -17.17
N CYS G 388 29.91 24.59 -16.44
CA CYS G 388 30.70 25.72 -15.93
C CYS G 388 30.29 25.95 -14.49
N GLY G 389 31.08 26.70 -13.75
CA GLY G 389 30.74 27.02 -12.38
C GLY G 389 31.92 26.78 -11.49
N ARG G 390 31.66 26.67 -10.19
CA ARG G 390 32.68 26.39 -9.18
C ARG G 390 32.03 25.95 -7.88
N PRO G 391 32.63 25.04 -7.10
CA PRO G 391 32.17 24.75 -5.75
C PRO G 391 32.14 26.00 -4.89
N GLN G 392 31.00 26.29 -4.29
CA GLN G 392 30.73 27.62 -3.75
C GLN G 392 31.74 28.07 -2.71
N GLY G 393 32.19 27.18 -1.81
CA GLY G 393 33.12 27.57 -0.76
C GLY G 393 34.43 28.10 -1.33
N THR G 394 34.96 27.44 -2.36
CA THR G 394 36.19 27.87 -3.01
C THR G 394 35.98 29.18 -3.75
N ALA G 395 34.80 29.40 -4.35
CA ALA G 395 34.52 30.63 -5.06
C ALA G 395 34.50 31.80 -4.11
N VAL G 396 33.78 31.67 -3.01
CA VAL G 396 33.70 32.77 -2.06
C VAL G 396 35.09 33.11 -1.54
N TYR G 397 35.84 32.10 -1.11
CA TYR G 397 37.15 32.43 -0.57
C TYR G 397 38.01 33.12 -1.61
N LYS G 398 38.12 32.55 -2.82
CA LYS G 398 39.04 33.06 -3.85
C LYS G 398 38.65 34.45 -4.34
N VAL G 399 37.36 34.73 -4.54
CA VAL G 399 36.96 36.05 -4.99
C VAL G 399 37.10 37.06 -3.87
N ALA G 400 36.75 36.67 -2.65
CA ALA G 400 36.87 37.62 -1.55
C ALA G 400 38.32 37.96 -1.33
N GLU G 401 39.19 36.97 -1.37
CA GLU G 401 40.60 37.23 -1.13
C GLU G 401 41.21 38.08 -2.21
N TYR G 402 40.68 38.02 -3.44
CA TYR G 402 41.17 38.85 -4.54
C TYR G 402 40.61 40.26 -4.45
N ALA G 403 39.30 40.42 -4.42
CA ALA G 403 38.66 41.71 -4.29
C ALA G 403 39.22 42.50 -3.12
N ARG G 404 39.36 41.86 -1.97
CA ARG G 404 39.86 42.55 -0.79
C ARG G 404 41.08 43.41 -1.07
N ARG G 405 41.94 43.10 -2.05
CA ARG G 405 43.14 43.90 -2.36
C ARG G 405 42.80 45.35 -2.71
N PHE G 406 41.62 45.59 -3.26
CA PHE G 406 41.10 46.90 -3.64
C PHE G 406 40.07 47.49 -2.67
N GLY G 407 39.42 46.66 -1.84
CA GLY G 407 38.40 47.10 -0.93
C GLY G 407 36.99 46.89 -1.42
N VAL G 408 36.77 45.97 -2.34
CA VAL G 408 35.47 45.85 -2.99
C VAL G 408 34.70 44.67 -2.41
N PRO G 409 33.98 44.85 -1.32
CA PRO G 409 33.34 43.70 -0.68
C PRO G 409 32.47 42.94 -1.64
N ILE G 410 32.26 41.66 -1.33
CA ILE G 410 31.52 40.76 -2.20
C ILE G 410 30.28 40.26 -1.48
N ILE G 411 29.49 39.44 -2.14
CA ILE G 411 28.15 39.09 -1.68
C ILE G 411 27.94 37.61 -2.01
N ALA G 412 27.92 36.77 -0.99
CA ALA G 412 28.01 35.33 -1.18
C ALA G 412 26.64 34.76 -1.48
N ASP G 413 26.25 34.82 -2.74
CA ASP G 413 24.96 34.32 -3.20
C ASP G 413 25.08 32.90 -3.75
N GLY G 414 24.26 32.00 -3.22
CA GLY G 414 24.11 30.69 -3.83
C GLY G 414 24.30 29.51 -2.91
N GLY G 415 23.28 28.66 -2.80
CA GLY G 415 23.38 27.40 -2.05
C GLY G 415 23.60 27.56 -0.55
N ILE G 416 23.03 28.60 0.08
CA ILE G 416 23.06 28.76 1.53
C ILE G 416 21.71 28.36 2.10
N GLN G 417 21.68 27.36 2.98
CA GLN G 417 20.43 26.73 3.43
C GLN G 417 20.38 26.38 4.93
N THR G 418 21.33 26.89 5.71
CA THR G 418 21.36 26.81 7.18
C THR G 418 22.04 28.06 7.74
N VAL G 419 21.92 28.29 9.04
CA VAL G 419 22.69 29.36 9.69
C VAL G 419 24.17 28.99 9.80
N GLY G 420 24.54 27.70 9.84
CA GLY G 420 25.93 27.32 9.79
C GLY G 420 26.59 27.76 8.50
N HIS G 421 25.94 27.51 7.37
CA HIS G 421 26.42 27.95 6.05
C HIS G 421 26.59 29.46 6.00
N VAL G 422 25.72 30.21 6.67
CA VAL G 422 25.83 31.67 6.76
C VAL G 422 27.05 32.06 7.59
N VAL G 423 27.31 31.43 8.73
CA VAL G 423 28.53 31.72 9.50
C VAL G 423 29.78 31.34 8.72
N LYS G 424 29.79 30.19 8.03
CA LYS G 424 30.92 29.76 7.20
C LYS G 424 31.16 30.71 6.05
N ALA G 425 30.15 31.09 5.29
CA ALA G 425 30.30 32.05 4.22
C ALA G 425 30.88 33.37 4.73
N LEU G 426 30.52 33.78 5.95
CA LEU G 426 31.05 35.02 6.49
C LEU G 426 32.46 34.86 7.03
N ALA G 427 32.83 33.69 7.50
CA ALA G 427 34.19 33.41 7.95
C ALA G 427 35.14 33.35 6.76
N LEU G 428 34.73 32.83 5.60
CA LEU G 428 35.55 32.73 4.40
C LEU G 428 35.89 34.05 3.73
N GLY G 429 35.08 35.10 3.87
CA GLY G 429 35.40 36.38 3.27
C GLY G 429 34.21 37.14 2.74
N ALA G 430 33.08 36.47 2.59
CA ALA G 430 31.90 37.18 2.14
C ALA G 430 31.55 38.30 3.11
N SER G 431 31.19 39.44 2.57
CA SER G 431 30.76 40.55 3.41
C SER G 431 29.28 40.47 3.74
N THR G 432 28.46 39.94 2.85
CA THR G 432 27.04 39.79 3.09
C THR G 432 26.55 38.54 2.39
N VAL G 433 25.52 37.93 2.92
CA VAL G 433 24.97 36.71 2.37
C VAL G 433 23.59 37.01 1.81
N MET G 434 23.31 36.60 0.58
CA MET G 434 22.04 36.83 -0.08
C MET G 434 21.12 35.62 0.05
N MET G 435 20.16 35.68 0.98
CA MET G 435 19.12 34.67 1.18
C MET G 435 18.30 34.43 -0.11
N GLY G 436 18.31 33.19 -0.58
CA GLY G 436 17.57 32.73 -1.77
C GLY G 436 16.14 32.36 -1.44
N SER G 437 15.66 31.27 -2.03
CA SER G 437 14.33 30.68 -1.79
C SER G 437 14.06 30.30 -0.33
N LEU G 438 15.08 30.35 0.54
CA LEU G 438 14.95 30.29 1.99
C LEU G 438 13.86 31.23 2.55
N LEU G 439 13.67 32.41 1.93
CA LEU G 439 12.60 33.35 2.29
C LEU G 439 11.33 33.28 1.44
N ALA G 440 11.29 32.49 0.36
CA ALA G 440 10.05 32.19 -0.33
C ALA G 440 9.15 31.32 0.57
N ALA G 441 7.84 31.27 0.29
CA ALA G 441 6.83 30.69 1.19
C ALA G 441 6.87 31.29 2.62
N THR G 442 6.77 32.62 2.67
CA THR G 442 6.65 33.45 3.90
C THR G 442 5.60 34.53 3.70
N THR G 443 5.17 35.17 4.78
CA THR G 443 4.11 36.20 4.79
C THR G 443 4.37 37.34 3.79
N GLU G 444 5.61 37.82 3.67
CA GLU G 444 5.98 38.94 2.82
C GLU G 444 6.33 38.53 1.37
N ALA G 445 6.59 37.25 1.09
CA ALA G 445 6.94 36.79 -0.25
C ALA G 445 5.74 36.77 -1.23
N PRO G 446 5.91 37.11 -2.53
CA PRO G 446 4.80 37.11 -3.49
C PRO G 446 4.19 35.72 -3.69
N GLY G 500 7.74 32.33 9.79
CA GLY G 500 6.71 32.54 8.79
C GLY G 500 6.58 33.99 8.31
N SER G 501 7.35 34.91 8.88
CA SER G 501 7.43 36.32 8.48
C SER G 501 8.86 36.84 8.68
N ILE G 502 9.34 37.68 7.77
CA ILE G 502 10.73 38.17 7.76
C ILE G 502 11.05 38.96 9.04
N GLN G 503 10.10 39.72 9.56
CA GLN G 503 10.24 40.48 10.79
C GLN G 503 10.45 39.58 12.02
N LYS G 504 9.98 38.32 11.97
CA LYS G 504 10.13 37.31 13.03
C LYS G 504 11.29 36.35 12.77
N PHE G 505 11.55 35.98 11.52
CA PHE G 505 12.62 35.07 11.13
C PHE G 505 14.02 35.72 11.12
N VAL G 506 14.19 36.95 10.64
CA VAL G 506 15.51 37.58 10.63
C VAL G 506 16.14 37.67 12.03
N PRO G 507 15.41 37.97 13.12
CA PRO G 507 15.94 37.87 14.48
C PRO G 507 16.48 36.49 14.86
N TYR G 508 15.93 35.40 14.34
CA TYR G 508 16.47 34.07 14.56
C TYR G 508 17.83 33.90 13.88
N LEU G 509 17.98 34.32 12.61
CA LEU G 509 19.28 34.30 11.94
C LEU G 509 20.28 35.20 12.65
N ILE G 510 19.92 36.41 13.05
CA ILE G 510 20.82 37.29 13.78
C ILE G 510 21.29 36.65 15.09
N ALA G 511 20.39 36.04 15.86
CA ALA G 511 20.78 35.33 17.07
C ALA G 511 21.71 34.15 16.75
N GLY G 512 21.39 33.34 15.74
CA GLY G 512 22.19 32.17 15.35
C GLY G 512 23.58 32.53 14.83
N ILE G 513 23.69 33.56 14.00
CA ILE G 513 24.99 34.10 13.56
C ILE G 513 25.79 34.57 14.78
N GLN G 514 25.18 35.34 15.67
CA GLN G 514 25.86 35.87 16.84
C GLN G 514 26.35 34.77 17.79
N HIS G 515 25.57 33.71 18.01
CA HIS G 515 26.06 32.57 18.77
C HIS G 515 27.25 31.93 18.09
N GLY G 516 27.22 31.83 16.77
CA GLY G 516 28.34 31.26 16.05
C GLY G 516 29.60 32.07 16.26
N CYS G 517 29.59 33.36 15.97
CA CYS G 517 30.75 34.21 16.16
C CYS G 517 31.23 34.24 17.62
N GLN G 518 30.36 34.03 18.59
CA GLN G 518 30.76 33.80 19.97
C GLN G 518 31.59 32.53 20.13
N ASP G 519 31.18 31.38 19.60
CA ASP G 519 31.99 30.15 19.64
C ASP G 519 33.33 30.31 18.91
N ILE G 520 33.33 30.99 17.77
CA ILE G 520 34.58 31.30 17.07
C ILE G 520 35.48 32.24 17.90
N GLY G 521 34.93 32.98 18.85
CA GLY G 521 35.66 33.92 19.68
C GLY G 521 35.97 35.26 19.00
N ALA G 522 35.29 35.54 17.89
CA ALA G 522 35.42 36.80 17.15
C ALA G 522 34.27 37.74 17.53
N ARG G 523 34.58 38.88 18.16
CA ARG G 523 33.55 39.79 18.68
C ARG G 523 32.88 40.68 17.64
N SER G 524 33.25 40.64 16.36
CA SER G 524 32.56 41.40 15.33
C SER G 524 33.00 40.95 13.95
N LEU G 525 32.05 40.72 13.06
CA LEU G 525 32.36 40.15 11.76
C LEU G 525 33.62 40.73 11.14
N SER G 526 33.86 42.02 11.27
CA SER G 526 35.12 42.54 10.78
C SER G 526 36.29 41.83 11.45
N VAL G 527 36.38 41.75 12.77
CA VAL G 527 37.37 40.93 13.46
C VAL G 527 37.31 39.47 12.99
N LEU G 528 36.15 38.87 12.73
CA LEU G 528 36.10 37.49 12.21
C LEU G 528 36.91 37.37 10.92
N ARG G 529 36.80 38.32 9.99
CA ARG G 529 37.56 38.26 8.76
C ARG G 529 39.01 38.62 8.99
N SER G 530 39.33 39.58 9.85
CA SER G 530 40.72 39.92 10.14
C SER G 530 41.47 38.73 10.75
N MET G 531 40.79 38.01 11.64
CA MET G 531 41.26 36.80 12.27
C MET G 531 41.41 35.65 11.28
N MET G 532 40.61 35.59 10.21
CA MET G 532 40.78 34.55 9.21
C MET G 532 41.91 34.87 8.24
N TYR G 533 42.12 36.14 7.92
CA TYR G 533 43.10 36.47 6.90
C TYR G 533 44.52 36.33 7.42
N SER G 534 44.72 36.73 8.67
CA SER G 534 45.99 36.66 9.37
C SER G 534 46.36 35.23 9.79
N GLY G 535 45.57 34.22 9.42
CA GLY G 535 45.89 32.87 9.80
C GLY G 535 45.73 32.56 11.25
N GLU G 536 44.97 33.36 12.00
CA GLU G 536 44.64 33.09 13.40
C GLU G 536 43.42 32.18 13.54
N LEU G 537 42.50 32.18 12.58
CA LEU G 537 41.37 31.26 12.55
C LEU G 537 41.83 29.94 11.92
N LYS G 538 41.42 28.81 12.49
CA LYS G 538 41.81 27.48 12.02
C LYS G 538 40.58 26.69 11.59
N PHE G 539 40.75 25.81 10.63
CA PHE G 539 39.72 25.07 9.92
C PHE G 539 40.10 23.60 9.83
N GLU G 540 39.13 22.73 9.57
CA GLU G 540 39.38 21.32 9.33
C GLU G 540 38.54 20.86 8.14
N LYS G 541 39.07 20.09 7.20
CA LYS G 541 38.21 19.39 6.22
C LYS G 541 37.41 18.31 6.93
N ARG G 542 36.30 17.88 6.37
CA ARG G 542 35.60 16.65 6.76
C ARG G 542 35.67 15.62 5.65
N THR G 543 35.94 14.35 5.95
CA THR G 543 35.63 13.30 5.01
C THR G 543 34.11 13.19 4.89
N MET G 544 33.61 12.28 4.06
CA MET G 544 32.18 12.00 3.93
C MET G 544 31.67 11.31 5.20
N SER G 545 32.40 10.34 5.72
CA SER G 545 32.11 9.68 7.00
C SER G 545 32.06 10.62 8.21
N ALA G 546 32.65 11.83 8.16
CA ALA G 546 32.64 12.76 9.28
C ALA G 546 31.48 13.72 9.23
N GLN G 547 30.79 13.82 8.09
CA GLN G 547 29.58 14.62 7.89
C GLN G 547 28.34 13.73 7.78
N ILE G 548 28.47 12.46 7.38
CA ILE G 548 27.40 11.46 7.52
C ILE G 548 27.15 11.11 9.00
N GLU G 549 27.93 11.71 9.90
CA GLU G 549 27.86 11.48 11.34
C GLU G 549 28.16 12.80 12.01
N GLY G 550 27.12 13.57 12.27
CA GLY G 550 27.29 14.86 12.89
C GLY G 550 26.40 15.87 12.22
N GLY G 551 25.36 15.39 11.55
CA GLY G 551 24.41 16.26 10.87
C GLY G 551 24.27 15.94 9.40
N VAL G 552 23.96 16.97 8.60
CA VAL G 552 23.78 17.01 7.13
C VAL G 552 22.84 15.97 6.47
N HIS G 553 22.86 14.68 6.80
CA HIS G 553 22.04 13.60 6.22
C HIS G 553 21.54 12.66 7.32
N HIS H 29 56.76 -3.76 29.81
CA HIS H 29 56.31 -3.33 28.48
C HIS H 29 57.27 -3.84 27.41
N GLU H 30 56.85 -4.79 26.59
CA GLU H 30 57.71 -5.44 25.58
C GLU H 30 57.07 -5.43 24.19
N THR H 31 57.87 -5.12 23.16
CA THR H 31 57.44 -5.04 21.76
C THR H 31 57.15 -6.43 21.17
N ALA H 32 56.39 -6.52 20.07
CA ALA H 32 56.09 -7.78 19.41
C ALA H 32 57.36 -8.58 19.03
N ALA H 33 58.44 -7.90 18.63
CA ALA H 33 59.73 -8.52 18.36
C ALA H 33 60.39 -9.08 19.64
N GLN H 34 60.38 -8.30 20.73
CA GLN H 34 60.87 -8.76 22.02
C GLN H 34 60.06 -9.95 22.54
N ARG H 35 58.71 -9.89 22.49
CA ARG H 35 57.85 -10.97 22.98
C ARG H 35 57.96 -12.22 22.12
N TYR H 36 57.95 -12.13 20.79
CA TYR H 36 58.11 -13.31 19.95
C TYR H 36 59.46 -13.98 20.19
N SER H 37 60.56 -13.24 20.16
CA SER H 37 61.89 -13.80 20.39
C SER H 37 62.06 -14.37 21.81
N ALA H 38 61.66 -13.64 22.86
CA ALA H 38 61.76 -14.13 24.24
C ALA H 38 60.88 -15.37 24.49
N ARG H 39 59.67 -15.41 23.93
CA ARG H 39 58.74 -16.53 24.10
C ARG H 39 59.14 -17.75 23.29
N LEU H 40 59.64 -17.57 22.07
CA LEU H 40 60.25 -18.64 21.27
C LEU H 40 61.47 -19.26 21.98
N LEU H 41 62.31 -18.45 22.62
CA LEU H 41 63.46 -18.93 23.41
C LEU H 41 63.07 -19.66 24.71
N GLN H 42 61.79 -19.77 25.07
CA GLN H 42 61.33 -20.74 26.09
C GLN H 42 61.29 -22.18 25.54
N ALA H 43 60.99 -22.35 24.25
CA ALA H 43 61.16 -23.62 23.54
C ALA H 43 62.62 -23.84 23.11
N GLY H 44 63.28 -22.78 22.63
CA GLY H 44 64.68 -22.79 22.20
C GLY H 44 64.90 -23.34 20.78
N TYR H 45 66.11 -23.19 20.27
CA TYR H 45 66.50 -23.64 18.92
C TYR H 45 66.53 -25.17 18.81
N MET H 50 73.19 -16.60 20.23
CA MET H 50 73.83 -16.24 18.97
C MET H 50 73.90 -14.71 18.76
N ALA H 51 74.62 -14.28 17.72
CA ALA H 51 74.93 -12.88 17.45
C ALA H 51 73.77 -12.25 16.68
N ASP H 52 72.54 -12.47 17.16
CA ASP H 52 71.29 -11.92 16.64
C ASP H 52 70.65 -11.04 17.70
N TYR H 53 70.76 -11.38 18.99
CA TYR H 53 70.48 -10.42 20.07
C TYR H 53 71.58 -9.34 20.18
N LEU H 54 72.82 -9.67 19.79
CA LEU H 54 73.98 -8.82 19.96
C LEU H 54 74.19 -7.85 18.81
N ILE H 55 73.48 -8.03 17.69
CA ILE H 55 73.59 -7.15 16.54
C ILE H 55 72.34 -6.33 16.30
N SER H 56 71.22 -6.66 16.94
CA SER H 56 69.92 -6.00 16.75
C SER H 56 69.07 -5.81 18.03
N GLY H 57 69.58 -6.20 19.20
CA GLY H 57 68.83 -6.21 20.47
C GLY H 57 67.63 -7.16 20.47
N GLY H 58 66.67 -6.94 21.37
CA GLY H 58 65.39 -7.65 21.34
C GLY H 58 64.49 -7.26 20.17
N THR H 59 64.78 -6.13 19.52
CA THR H 59 64.16 -5.62 18.28
C THR H 59 64.63 -6.39 17.03
N GLY H 60 64.42 -7.71 17.01
CA GLY H 60 64.86 -8.64 15.97
C GLY H 60 64.11 -8.58 14.62
N TYR H 61 63.85 -7.38 14.11
CA TYR H 61 63.13 -7.03 12.87
C TYR H 61 61.65 -7.41 12.82
N VAL H 62 60.82 -6.45 12.40
CA VAL H 62 59.46 -6.70 11.86
C VAL H 62 59.22 -5.77 10.67
N PRO H 63 58.54 -6.21 9.60
CA PRO H 63 58.21 -5.35 8.48
C PRO H 63 57.43 -4.10 8.89
N GLU H 64 57.77 -2.96 8.31
CA GLU H 64 56.96 -1.75 8.40
C GLU H 64 55.76 -1.90 7.47
N ASP H 65 54.55 -1.83 8.01
CA ASP H 65 53.32 -2.00 7.24
C ASP H 65 52.18 -1.20 7.88
N GLY H 66 51.49 -0.35 7.12
CA GLY H 66 50.54 0.62 7.66
C GLY H 66 51.19 1.87 8.24
N LEU H 67 50.38 2.83 8.66
CA LEU H 67 50.79 4.14 9.18
C LEU H 67 50.89 4.13 10.71
N THR H 68 51.82 4.87 11.31
CA THR H 68 51.71 5.21 12.74
C THR H 68 50.65 6.31 12.95
N ALA H 69 50.08 6.46 14.15
CA ALA H 69 49.04 7.46 14.43
C ALA H 69 49.47 8.88 14.07
N GLN H 70 50.71 9.24 14.38
CA GLN H 70 51.26 10.56 14.04
C GLN H 70 51.23 10.85 12.54
N GLN H 71 51.39 9.83 11.69
CA GLN H 71 51.25 9.95 10.24
C GLN H 71 49.79 9.96 9.81
N LEU H 72 48.93 9.14 10.42
CA LEU H 72 47.53 9.03 10.04
C LEU H 72 46.81 10.37 10.07
N PHE H 73 47.04 11.15 11.13
CA PHE H 73 46.46 12.50 11.30
C PHE H 73 47.29 13.62 10.65
N ALA H 74 48.37 13.32 9.92
CA ALA H 74 49.20 14.34 9.29
C ALA H 74 48.57 15.00 8.06
N SER H 75 47.67 14.32 7.34
CA SER H 75 47.05 14.88 6.12
C SER H 75 46.00 15.96 6.38
N ALA H 76 45.59 16.16 7.64
CA ALA H 76 44.63 17.16 8.06
C ALA H 76 43.23 17.03 7.42
N ASP H 77 42.79 15.79 7.22
CA ASP H 77 41.37 15.44 7.02
C ASP H 77 40.66 15.20 8.36
N GLY H 78 39.34 15.24 8.37
CA GLY H 78 38.55 14.98 9.56
C GLY H 78 38.25 13.52 9.76
N LEU H 79 39.28 12.72 10.04
CA LEU H 79 39.08 11.29 10.24
C LEU H 79 38.15 11.09 11.44
N THR H 80 36.98 10.51 11.21
CA THR H 80 36.10 10.10 12.30
C THR H 80 36.39 8.64 12.66
N TYR H 81 35.58 7.92 13.43
CA TYR H 81 35.88 6.55 13.85
C TYR H 81 35.68 5.52 12.75
N ASN H 82 34.75 5.74 11.83
CA ASN H 82 34.54 4.83 10.71
C ASN H 82 35.71 4.85 9.72
N ASP H 83 36.46 5.95 9.63
CA ASP H 83 37.42 6.22 8.55
C ASP H 83 38.72 5.45 8.64
N PHE H 84 39.03 4.75 9.73
CA PHE H 84 40.30 4.06 9.90
C PHE H 84 40.14 2.71 10.60
N LEU H 85 41.15 1.86 10.52
CA LEU H 85 41.26 0.59 11.25
C LEU H 85 42.60 0.48 11.95
N ILE H 86 42.68 -0.38 12.95
CA ILE H 86 43.91 -0.74 13.64
C ILE H 86 44.38 -2.08 13.07
N LEU H 87 45.62 -2.20 12.62
CA LEU H 87 46.10 -3.45 12.05
C LEU H 87 46.42 -4.47 13.15
N PRO H 88 46.03 -5.75 13.03
CA PRO H 88 46.18 -6.72 14.11
C PRO H 88 47.65 -7.05 14.40
N GLY H 89 47.95 -7.39 15.64
CA GLY H 89 49.31 -7.65 16.11
C GLY H 89 49.61 -9.11 16.39
N PHE H 90 50.45 -9.36 17.39
CA PHE H 90 50.82 -10.68 17.89
C PHE H 90 50.09 -10.96 19.20
N ILE H 91 49.38 -12.08 19.31
CA ILE H 91 48.64 -12.47 20.51
C ILE H 91 49.47 -13.44 21.34
N ASP H 92 49.70 -13.13 22.61
CA ASP H 92 50.37 -14.06 23.52
C ASP H 92 49.76 -14.09 24.94
N PHE H 93 48.46 -13.85 25.03
CA PHE H 93 47.65 -13.85 26.25
C PHE H 93 46.18 -14.10 25.92
N ILE H 94 45.40 -14.57 26.89
CA ILE H 94 43.97 -14.83 26.72
C ILE H 94 43.14 -13.55 26.84
N ALA H 95 41.92 -13.53 26.28
CA ALA H 95 41.06 -12.36 26.24
C ALA H 95 40.50 -11.98 27.60
N ASP H 96 40.94 -12.66 28.66
CA ASP H 96 40.50 -12.33 30.00
C ASP H 96 41.66 -11.90 30.89
N GLU H 97 42.78 -11.51 30.30
CA GLU H 97 43.88 -10.91 31.06
C GLU H 97 44.17 -9.51 30.55
N VAL H 98 43.22 -8.90 29.86
CA VAL H 98 43.36 -7.55 29.33
C VAL H 98 42.97 -6.56 30.40
N ASP H 99 43.90 -6.23 31.28
CA ASP H 99 43.63 -5.27 32.34
C ASP H 99 43.04 -4.00 31.76
N LEU H 100 41.88 -3.60 32.28
CA LEU H 100 41.16 -2.45 31.78
C LEU H 100 41.36 -1.20 32.62
N THR H 101 42.17 -1.26 33.67
CA THR H 101 42.31 -0.11 34.56
C THR H 101 42.56 1.15 33.77
N SER H 102 41.72 2.15 33.99
CA SER H 102 41.90 3.45 33.36
C SER H 102 41.87 4.54 34.41
N ALA H 103 42.28 5.74 34.02
CA ALA H 103 42.37 6.88 34.92
C ALA H 103 41.35 7.91 34.51
N LEU H 104 40.52 8.37 35.45
CA LEU H 104 39.46 9.36 35.20
C LEU H 104 39.97 10.80 35.30
N THR H 105 40.79 11.08 36.30
CA THR H 105 41.37 12.41 36.55
C THR H 105 42.83 12.24 36.96
N ARG H 106 43.53 13.32 37.31
CA ARG H 106 44.86 13.23 37.94
C ARG H 106 44.91 12.30 39.16
N LYS H 107 43.79 12.05 39.86
CA LYS H 107 43.73 11.30 41.13
C LYS H 107 42.73 10.13 41.20
N ILE H 108 41.54 10.25 40.61
CA ILE H 108 40.55 9.16 40.61
C ILE H 108 40.91 8.10 39.55
N THR H 109 40.94 6.82 39.93
CA THR H 109 41.24 5.69 39.03
C THR H 109 40.09 4.70 39.02
N LEU H 110 39.79 4.08 37.88
CA LEU H 110 38.61 3.23 37.67
C LEU H 110 39.01 1.86 37.11
N LYS H 111 38.32 0.80 37.50
CA LYS H 111 38.58 -0.56 37.00
C LYS H 111 38.03 -0.81 35.59
N THR H 112 37.23 0.11 35.05
CA THR H 112 36.54 -0.03 33.75
C THR H 112 36.63 1.30 32.99
N PRO H 113 36.91 1.35 31.66
CA PRO H 113 37.10 2.60 30.94
C PRO H 113 35.80 3.21 30.49
N LEU H 114 34.69 2.85 31.11
CA LEU H 114 33.39 3.37 30.73
C LEU H 114 32.94 4.46 31.68
N ILE H 115 31.93 5.24 31.30
CA ILE H 115 31.24 6.26 32.13
C ILE H 115 29.81 6.40 31.62
N SER H 116 28.82 6.72 32.47
CA SER H 116 27.51 7.18 31.99
C SER H 116 27.44 8.70 31.91
N SER H 117 27.00 9.21 30.78
CA SER H 117 26.91 10.64 30.48
C SER H 117 25.95 11.41 31.39
N PRO H 118 26.26 12.66 31.77
CA PRO H 118 25.38 13.49 32.58
C PRO H 118 24.20 14.03 31.78
N MET H 119 23.26 13.16 31.41
CA MET H 119 22.02 13.51 30.70
C MET H 119 20.80 13.08 31.49
N ASP H 120 19.72 13.85 31.44
CA ASP H 120 18.43 13.50 32.04
C ASP H 120 17.83 12.21 31.47
N THR H 121 18.11 11.90 30.21
CA THR H 121 17.75 10.63 29.57
C THR H 121 18.62 9.45 30.03
N VAL H 122 19.73 9.68 30.74
CA VAL H 122 20.71 8.62 31.06
C VAL H 122 20.95 8.47 32.55
N THR H 123 21.57 9.45 33.22
CA THR H 123 22.14 9.21 34.55
C THR H 123 21.37 9.89 35.67
N GLU H 124 20.82 9.09 36.57
CA GLU H 124 20.24 9.52 37.84
C GLU H 124 20.86 8.68 38.97
N ALA H 125 20.30 8.64 40.19
CA ALA H 125 20.95 7.93 41.28
C ALA H 125 21.09 6.45 40.95
N ASP H 126 20.07 5.80 40.42
CA ASP H 126 20.11 4.36 40.15
C ASP H 126 21.19 3.99 39.14
N MET H 127 21.29 4.66 37.99
CA MET H 127 22.37 4.37 37.05
C MET H 127 23.74 4.75 37.61
N ALA H 128 23.86 5.80 38.42
CA ALA H 128 25.15 6.15 39.01
C ALA H 128 25.66 5.06 39.95
N ILE H 129 24.78 4.41 40.71
CA ILE H 129 25.10 3.24 41.50
C ILE H 129 25.47 2.07 40.60
N ALA H 130 24.67 1.78 39.57
CA ALA H 130 24.92 0.65 38.68
C ALA H 130 26.29 0.74 37.99
N MET H 131 26.67 1.92 37.49
CA MET H 131 27.99 2.12 36.90
C MET H 131 29.12 1.89 37.87
N ALA H 132 29.02 2.43 39.09
CA ALA H 132 30.08 2.28 40.07
C ALA H 132 30.25 0.80 40.46
N LEU H 133 29.16 0.05 40.63
CA LEU H 133 29.23 -1.39 40.88
C LEU H 133 29.87 -2.18 39.72
N MET H 134 29.86 -1.65 38.50
CA MET H 134 30.58 -2.22 37.36
C MET H 134 31.98 -1.64 37.12
N GLY H 135 32.55 -0.93 38.09
CA GLY H 135 33.91 -0.41 38.04
C GLY H 135 34.09 0.88 37.26
N GLY H 136 33.02 1.48 36.75
CA GLY H 136 33.05 2.80 36.11
C GLY H 136 32.71 3.92 37.08
N ILE H 137 32.20 5.04 36.57
CA ILE H 137 31.56 6.10 37.37
C ILE H 137 30.34 6.59 36.61
N GLY H 138 29.42 7.27 37.28
CA GLY H 138 28.33 8.00 36.63
C GLY H 138 28.28 9.44 37.11
N PHE H 139 27.85 10.36 36.26
CA PHE H 139 27.68 11.77 36.60
C PHE H 139 26.20 12.14 36.62
N ILE H 140 25.66 12.64 37.72
CA ILE H 140 24.25 13.10 37.77
C ILE H 140 24.05 14.31 36.85
N HIS H 141 22.98 14.34 36.05
CA HIS H 141 22.66 15.49 35.21
C HIS H 141 22.37 16.74 36.05
N HIS H 142 22.40 17.93 35.44
CA HIS H 142 22.15 19.17 36.16
C HIS H 142 20.83 19.82 35.75
N ASN H 143 19.92 19.11 35.08
CA ASN H 143 18.61 19.65 34.80
C ASN H 143 17.75 19.29 36.00
N CYS H 144 17.80 20.15 37.02
CA CYS H 144 17.12 19.87 38.28
C CYS H 144 17.25 21.06 39.21
N THR H 145 16.68 20.94 40.40
CA THR H 145 16.99 21.98 41.35
C THR H 145 18.15 21.56 42.23
N PRO H 146 19.05 22.49 42.58
CA PRO H 146 20.26 22.12 43.31
C PRO H 146 20.01 21.08 44.38
N GLU H 147 18.89 21.21 45.08
CA GLU H 147 18.59 20.26 46.14
C GLU H 147 18.34 18.87 45.60
N PHE H 148 17.64 18.77 44.47
CA PHE H 148 17.40 17.46 43.87
C PHE H 148 18.70 16.72 43.63
N GLN H 149 19.70 17.43 43.11
CA GLN H 149 20.99 16.82 42.83
C GLN H 149 21.73 16.49 44.10
N ALA H 150 21.73 17.38 45.08
CA ALA H 150 22.36 17.05 46.35
C ALA H 150 21.75 15.79 46.94
N ASN H 151 20.43 15.64 46.80
CA ASN H 151 19.76 14.44 47.29
C ASN H 151 20.23 13.21 46.55
N GLU H 152 20.25 13.28 45.21
CA GLU H 152 20.70 12.12 44.44
C GLU H 152 22.11 11.71 44.85
N VAL H 153 23.03 12.67 44.96
CA VAL H 153 24.39 12.37 45.36
C VAL H 153 24.41 11.74 46.74
N ARG H 154 23.67 12.28 47.73
CA ARG H 154 23.60 11.66 49.03
C ARG H 154 23.16 10.21 48.90
N LYS H 155 22.11 9.98 48.13
CA LYS H 155 21.62 8.63 47.94
C LYS H 155 22.72 7.72 47.41
N VAL H 156 23.58 8.19 46.52
CA VAL H 156 24.65 7.36 45.94
C VAL H 156 25.82 7.17 46.92
N LYS H 157 26.19 8.20 47.67
CA LYS H 157 27.27 8.17 48.69
C LYS H 157 26.95 7.35 49.95
N LYS H 158 25.86 6.57 49.99
CA LYS H 158 25.39 5.81 51.17
C LYS H 158 24.84 4.41 50.80
N PHE H 159 25.40 3.75 49.79
CA PHE H 159 24.74 2.62 49.14
C PHE H 159 24.67 1.29 49.93
N GLU H 160 25.77 0.89 50.56
CA GLU H 160 25.86 -0.25 51.49
C GLU H 160 25.49 -1.66 50.95
N GLN H 161 25.29 -1.85 49.65
CA GLN H 161 25.14 -3.15 48.95
C GLN H 161 23.90 -3.98 49.34
N GLY H 162 23.85 -4.51 50.56
CA GLY H 162 22.75 -5.36 51.05
C GLY H 162 21.62 -4.61 51.73
N PHE H 163 21.95 -3.54 52.46
CA PHE H 163 20.98 -2.74 53.22
C PHE H 163 20.06 -1.94 52.29
N ILE H 164 18.86 -1.58 52.75
CA ILE H 164 17.96 -0.72 51.97
C ILE H 164 18.33 0.76 52.14
N THR H 165 18.74 1.43 51.06
CA THR H 165 19.07 2.85 51.10
C THR H 165 17.81 3.66 51.32
N ASP H 166 17.81 4.48 52.37
CA ASP H 166 16.71 5.39 52.59
C ASP H 166 15.42 4.63 52.86
N PRO H 167 15.30 3.99 54.02
CA PRO H 167 14.09 3.22 54.33
C PRO H 167 12.91 4.12 54.67
N VAL H 168 11.73 3.52 54.64
CA VAL H 168 10.49 4.18 55.00
C VAL H 168 10.08 3.71 56.38
N VAL H 169 10.04 4.61 57.34
CA VAL H 169 9.68 4.29 58.71
C VAL H 169 8.40 5.04 59.06
N LEU H 170 7.43 4.36 59.66
CA LEU H 170 6.13 4.96 60.03
C LEU H 170 5.98 5.06 61.54
N SER H 171 5.10 5.97 61.92
CA SER H 171 4.87 6.36 63.31
C SER H 171 3.78 5.50 63.92
N PRO H 172 4.02 4.87 65.10
CA PRO H 172 3.03 4.09 65.82
C PRO H 172 1.66 4.77 65.93
N SER H 173 1.63 6.09 65.79
CA SER H 173 0.38 6.85 65.76
C SER H 173 -0.06 7.01 64.31
N HIS H 174 -0.47 5.89 63.71
CA HIS H 174 -0.81 5.91 62.31
C HIS H 174 -1.77 4.75 62.02
N THR H 175 -3.06 5.07 61.89
CA THR H 175 -4.02 4.07 61.47
C THR H 175 -3.53 3.41 60.18
N VAL H 176 -3.82 2.12 59.99
CA VAL H 176 -3.22 1.27 58.94
C VAL H 176 -3.58 1.55 57.47
N GLY H 177 -4.35 2.59 57.09
CA GLY H 177 -4.79 2.69 55.71
C GLY H 177 -3.83 3.60 54.99
N ASP H 178 -3.20 4.47 55.78
CA ASP H 178 -2.15 5.38 55.33
C ASP H 178 -0.79 4.71 55.30
N VAL H 179 -0.69 3.48 55.84
CA VAL H 179 0.38 2.48 55.62
C VAL H 179 0.01 1.56 54.45
N LEU H 180 -1.19 0.99 54.47
CA LEU H 180 -1.64 0.05 53.44
C LEU H 180 -1.65 0.72 52.06
N GLU H 181 -1.84 2.03 51.98
CA GLU H 181 -1.83 2.63 50.64
C GLU H 181 -0.43 2.80 50.10
N ALA H 182 0.56 2.97 50.99
CA ALA H 182 1.95 3.10 50.56
C ALA H 182 2.33 1.97 49.63
N LYS H 183 1.83 0.75 49.88
CA LYS H 183 1.93 -0.37 48.93
C LYS H 183 1.42 0.05 47.56
N MET H 184 0.46 0.97 47.52
CA MET H 184 -0.02 1.55 46.26
C MET H 184 0.82 2.74 45.82
N ARG H 185 1.64 3.29 46.69
CA ARG H 185 2.50 4.43 46.38
C ARG H 185 3.93 4.04 46.04
N HIS H 186 4.59 3.30 46.94
CA HIS H 186 5.96 2.84 46.69
C HIS H 186 6.05 1.38 46.27
N GLY H 187 5.01 0.59 46.50
CA GLY H 187 5.00 -0.79 46.05
C GLY H 187 5.40 -1.79 47.11
N PHE H 188 6.43 -1.47 47.88
CA PHE H 188 6.79 -2.27 49.04
C PHE H 188 5.76 -2.02 50.14
N SER H 189 5.65 -2.95 51.10
CA SER H 189 4.68 -2.88 52.20
C SER H 189 5.14 -3.42 53.57
N GLY H 190 6.37 -3.92 53.72
CA GLY H 190 6.97 -4.24 55.01
C GLY H 190 7.68 -3.03 55.62
N ILE H 191 7.00 -2.29 56.51
CA ILE H 191 7.45 -1.02 57.08
C ILE H 191 7.84 -1.21 58.56
N PRO H 192 9.06 -0.87 59.00
CA PRO H 192 9.41 -0.78 60.42
C PRO H 192 8.85 0.49 61.05
N ILE H 193 8.71 0.50 62.39
CA ILE H 193 7.99 1.55 63.10
C ILE H 193 8.79 2.15 64.27
N THR H 194 8.79 3.48 64.41
CA THR H 194 9.20 4.24 65.61
C THR H 194 8.80 5.72 65.45
N GLU H 195 9.04 6.57 66.45
CA GLU H 195 8.29 7.82 66.63
C GLU H 195 8.24 8.76 65.41
N THR H 196 9.32 8.95 64.62
CA THR H 196 9.14 9.73 63.40
C THR H 196 10.12 9.27 62.32
N GLY H 197 11.41 9.20 62.69
CA GLY H 197 12.47 8.85 61.78
C GLY H 197 13.47 7.94 62.46
N THR H 198 14.66 7.80 61.87
CA THR H 198 15.59 6.78 62.31
C THR H 198 16.59 7.26 63.36
N MET H 199 16.83 8.56 63.45
CA MET H 199 17.80 9.07 64.41
C MET H 199 17.20 9.17 65.81
N LYS H 202 14.56 5.45 70.50
CA LYS H 202 13.52 4.47 70.80
C LYS H 202 13.13 3.66 69.57
N LEU H 203 12.63 2.44 69.78
CA LEU H 203 12.15 1.54 68.71
C LEU H 203 10.96 0.69 69.19
N VAL H 204 10.08 0.34 68.24
CA VAL H 204 9.05 -0.71 68.33
C VAL H 204 9.08 -1.54 67.03
N GLY H 205 8.23 -2.56 66.88
CA GLY H 205 8.41 -3.63 65.89
C GLY H 205 8.21 -3.26 64.42
N ILE H 206 7.22 -3.90 63.77
CA ILE H 206 7.04 -3.86 62.32
C ILE H 206 5.55 -3.90 61.97
N VAL H 207 5.20 -3.42 60.78
CA VAL H 207 3.94 -3.73 60.12
C VAL H 207 4.20 -4.22 58.71
N THR H 208 3.51 -5.27 58.29
CA THR H 208 3.70 -5.97 57.02
C THR H 208 2.35 -6.35 56.43
N SER H 209 2.32 -6.76 55.16
CA SER H 209 1.06 -7.13 54.51
C SER H 209 0.27 -8.18 55.31
N ARG H 210 0.94 -9.19 55.88
CA ARG H 210 0.29 -10.23 56.68
C ARG H 210 -0.35 -9.72 57.96
N ASP H 211 0.04 -8.56 58.45
CA ASP H 211 -0.59 -7.90 59.58
C ASP H 211 -1.89 -7.16 59.21
N ILE H 212 -2.06 -6.82 57.93
CA ILE H 212 -3.14 -5.94 57.45
C ILE H 212 -4.14 -6.65 56.52
N ASP H 213 -3.75 -7.73 55.86
CA ASP H 213 -4.56 -8.41 54.83
C ASP H 213 -5.90 -8.99 55.33
N PHE H 214 -6.06 -9.20 56.64
CA PHE H 214 -7.37 -9.37 57.28
C PHE H 214 -7.66 -8.21 58.24
N LEU H 215 -8.79 -7.52 58.04
CA LEU H 215 -9.20 -6.32 58.77
C LEU H 215 -10.74 -6.16 58.85
N LEU H 223 -8.25 -0.69 59.68
CA LEU H 223 -9.00 0.36 60.36
C LEU H 223 -8.41 0.69 61.74
N LEU H 224 -7.65 -0.24 62.33
CA LEU H 224 -6.96 -0.13 63.61
C LEU H 224 -5.67 0.73 63.47
N SER H 225 -4.95 1.02 64.56
CA SER H 225 -3.78 1.88 64.48
C SER H 225 -2.47 1.14 64.75
N GLU H 226 -2.29 0.55 65.93
CA GLU H 226 -1.03 -0.15 66.20
C GLU H 226 -1.29 -1.44 66.97
N VAL H 227 -2.18 -2.25 66.42
CA VAL H 227 -2.46 -3.57 66.97
C VAL H 227 -1.59 -4.63 66.31
N MET H 228 -0.40 -4.25 65.80
CA MET H 228 0.55 -5.11 65.09
C MET H 228 1.88 -5.25 65.86
N THR H 229 2.90 -5.85 65.25
CA THR H 229 4.01 -6.50 65.94
C THR H 229 4.76 -5.55 66.89
N PRO H 230 4.83 -5.87 68.20
CA PRO H 230 5.50 -5.05 69.22
C PRO H 230 7.03 -5.24 69.15
N ARG H 231 7.78 -4.69 70.12
CA ARG H 231 9.20 -5.04 70.31
C ARG H 231 9.35 -6.51 70.72
N ILE H 232 9.60 -7.38 69.76
CA ILE H 232 9.75 -8.83 69.91
C ILE H 232 10.58 -9.48 68.78
N GLU H 233 11.16 -8.67 67.89
CA GLU H 233 11.78 -9.13 66.64
C GLU H 233 12.91 -10.12 66.84
N LEU H 234 12.96 -11.13 65.99
CA LEU H 234 13.92 -12.22 66.12
C LEU H 234 15.31 -11.79 65.64
N VAL H 235 16.31 -11.87 66.53
CA VAL H 235 17.74 -12.00 66.16
C VAL H 235 18.29 -10.86 65.28
N VAL H 236 17.70 -9.66 65.42
CA VAL H 236 18.16 -8.42 64.77
C VAL H 236 19.59 -8.05 65.17
N ALA H 237 20.33 -7.40 64.27
CA ALA H 237 21.74 -7.10 64.48
C ALA H 237 21.96 -6.07 65.62
N PRO H 238 22.75 -6.38 66.67
CA PRO H 238 22.81 -5.53 67.88
C PRO H 238 23.50 -4.16 67.75
N ALA H 239 24.34 -3.97 66.73
CA ALA H 239 25.12 -2.74 66.52
C ALA H 239 25.50 -2.51 65.05
N GLY H 240 25.89 -3.57 64.35
CA GLY H 240 26.29 -3.59 62.95
C GLY H 240 26.92 -4.93 62.59
N VAL H 241 26.72 -5.42 61.37
CA VAL H 241 27.12 -6.77 60.93
C VAL H 241 27.61 -6.77 59.49
N THR H 242 28.45 -7.74 59.15
CA THR H 242 28.83 -8.03 57.76
C THR H 242 27.60 -8.59 57.01
N LEU H 243 27.49 -8.33 55.71
CA LEU H 243 26.40 -8.83 54.87
C LEU H 243 26.29 -10.38 54.92
N LYS H 244 27.43 -11.08 54.88
CA LYS H 244 27.52 -12.54 55.08
C LYS H 244 27.01 -13.02 56.44
N GLU H 245 27.12 -12.21 57.49
CA GLU H 245 26.58 -12.54 58.81
C GLU H 245 25.05 -12.41 58.82
N ALA H 246 24.49 -11.31 58.29
CA ALA H 246 23.05 -11.18 58.12
C ALA H 246 22.47 -12.29 57.22
N ASN H 247 23.17 -12.72 56.18
CA ASN H 247 22.74 -13.83 55.32
C ASN H 247 22.49 -15.13 56.13
N GLU H 248 23.31 -15.41 57.14
CA GLU H 248 23.12 -16.57 58.01
C GLU H 248 21.96 -16.35 59.02
N ILE H 249 21.83 -15.14 59.54
CA ILE H 249 20.76 -14.78 60.47
C ILE H 249 19.37 -14.85 59.81
N LEU H 250 19.20 -14.34 58.59
CA LEU H 250 17.95 -14.47 57.85
C LEU H 250 17.59 -15.95 57.64
N GLN H 251 18.58 -16.84 57.48
CA GLN H 251 18.33 -18.26 57.25
C GLN H 251 17.64 -18.92 58.45
N ARG H 252 18.09 -18.62 59.68
CA ARG H 252 17.45 -19.11 60.91
C ARG H 252 16.15 -18.39 61.25
N SER H 253 16.09 -17.08 61.02
CA SER H 253 14.96 -16.25 61.45
C SER H 253 13.67 -16.46 60.62
N LYS H 254 13.81 -16.78 59.33
CA LYS H 254 12.71 -16.95 58.35
C LYS H 254 11.82 -15.72 58.11
N LYS H 255 11.87 -14.65 58.92
CA LYS H 255 11.14 -13.38 58.68
C LYS H 255 11.72 -12.59 57.51
N GLY H 256 10.92 -11.76 56.86
CA GLY H 256 11.28 -11.07 55.63
C GLY H 256 12.12 -9.82 55.85
N LYS H 257 11.68 -8.92 56.71
CA LYS H 257 12.50 -7.80 57.21
C LYS H 257 13.47 -8.29 58.28
N LEU H 258 14.65 -7.72 58.32
CA LEU H 258 15.59 -7.82 59.44
C LEU H 258 16.13 -6.44 59.79
N PRO H 259 15.63 -5.79 60.85
CA PRO H 259 16.23 -4.60 61.38
C PRO H 259 17.68 -4.78 61.83
N ILE H 260 18.41 -3.67 61.79
CA ILE H 260 19.71 -3.42 62.41
C ILE H 260 19.47 -2.32 63.44
N VAL H 261 19.99 -2.46 64.66
CA VAL H 261 19.92 -1.43 65.69
C VAL H 261 21.30 -1.01 66.16
N ASN H 262 21.44 0.20 66.68
CA ASN H 262 22.65 0.66 67.38
C ASN H 262 22.67 0.20 68.86
N ASP H 263 23.77 0.46 69.58
CA ASP H 263 23.87 0.17 71.04
C ASP H 263 22.87 0.99 71.88
N CYS H 264 22.43 2.14 71.38
CA CYS H 264 21.34 2.94 71.94
C CYS H 264 19.99 2.28 71.75
N ASP H 265 19.93 1.18 71.00
CA ASP H 265 18.71 0.42 70.78
C ASP H 265 17.67 1.23 69.99
N GLU H 266 18.10 1.71 68.83
CA GLU H 266 17.15 2.21 67.84
C GLU H 266 17.54 1.73 66.46
N LEU H 267 16.53 1.57 65.62
CA LEU H 267 16.72 1.29 64.21
C LEU H 267 17.81 2.16 63.62
N VAL H 268 18.68 1.56 62.80
CA VAL H 268 19.67 2.27 61.98
C VAL H 268 19.58 1.91 60.50
N ALA H 269 19.58 0.61 60.17
CA ALA H 269 19.36 0.11 58.82
C ALA H 269 18.41 -1.07 58.87
N ILE H 270 17.83 -1.42 57.73
CA ILE H 270 16.94 -2.57 57.63
C ILE H 270 17.27 -3.35 56.36
N ILE H 271 17.25 -4.67 56.48
CA ILE H 271 17.57 -5.60 55.41
C ILE H 271 16.29 -6.25 54.92
N ALA H 272 16.18 -6.46 53.62
CA ALA H 272 15.08 -7.20 53.02
C ALA H 272 15.58 -8.57 52.53
N ARG H 273 14.89 -9.64 52.90
CA ARG H 273 15.26 -11.00 52.47
C ARG H 273 15.35 -11.11 50.96
N THR H 274 14.43 -10.49 50.24
CA THR H 274 14.35 -10.52 48.77
C THR H 274 15.59 -9.97 48.08
N ASP H 275 16.29 -8.99 48.66
CA ASP H 275 17.58 -8.51 48.16
C ASP H 275 18.73 -9.47 48.48
N LEU H 276 18.74 -10.04 49.69
CA LEU H 276 19.72 -11.06 50.10
C LEU H 276 19.65 -12.33 49.23
N LYS H 277 18.49 -12.67 48.67
CA LYS H 277 18.37 -13.78 47.70
C LYS H 277 19.18 -13.55 46.42
N LYS H 278 19.52 -12.29 46.07
CA LYS H 278 20.00 -11.93 44.73
C LYS H 278 21.26 -11.08 44.67
N ASN H 279 21.73 -10.46 45.75
CA ASN H 279 22.89 -9.57 45.69
C ASN H 279 24.13 -10.32 45.15
N ARG H 280 24.79 -9.73 44.14
CA ARG H 280 25.94 -10.33 43.44
C ARG H 280 27.27 -9.90 44.05
N ASP H 281 28.33 -10.63 43.74
CA ASP H 281 29.70 -10.16 43.97
C ASP H 281 30.06 -9.05 42.97
N TYR H 282 30.67 -7.97 43.45
CA TYR H 282 31.14 -6.84 42.65
C TYR H 282 32.61 -6.52 42.97
N PRO H 283 33.58 -7.25 42.37
CA PRO H 283 35.00 -7.04 42.62
C PRO H 283 35.56 -5.78 41.95
N LEU H 284 34.91 -5.30 40.89
CA LEU H 284 35.19 -4.04 40.21
C LEU H 284 34.57 -2.87 41.01
N ALA H 285 35.15 -2.56 42.16
CA ALA H 285 34.43 -1.88 43.24
C ALA H 285 34.02 -0.42 42.95
N SER H 286 34.94 0.41 42.44
CA SER H 286 34.76 1.86 42.27
C SER H 286 34.36 2.58 43.58
N LYS H 287 35.16 2.41 44.62
CA LYS H 287 34.92 2.93 45.97
C LYS H 287 36.04 3.86 46.44
N ASP H 288 35.71 4.83 47.27
CA ASP H 288 36.67 5.76 47.90
C ASP H 288 37.40 5.17 49.13
N SER H 289 38.17 5.98 49.85
CA SER H 289 38.90 5.56 51.07
C SER H 289 37.99 5.18 52.25
N GLN H 290 36.74 5.65 52.28
CA GLN H 290 35.71 5.23 53.24
C GLN H 290 34.99 3.94 52.78
N LYS H 291 35.35 3.40 51.62
CA LYS H 291 34.82 2.17 51.03
C LYS H 291 33.33 2.24 50.71
N GLN H 292 32.86 3.35 50.15
CA GLN H 292 31.59 3.39 49.41
C GLN H 292 31.69 4.19 48.11
N LEU H 293 30.67 4.09 47.26
CA LEU H 293 30.76 4.35 45.82
C LEU H 293 31.29 5.75 45.47
N LEU H 294 32.10 5.81 44.42
CA LEU H 294 32.39 7.05 43.70
C LEU H 294 31.17 7.47 42.87
N CYS H 295 30.90 8.77 42.81
CA CYS H 295 29.97 9.35 41.85
C CYS H 295 30.35 10.79 41.54
N GLY H 296 29.96 11.25 40.37
CA GLY H 296 30.22 12.61 39.92
C GLY H 296 28.94 13.42 39.77
N ALA H 297 29.09 14.71 39.60
CA ALA H 297 27.96 15.60 39.40
C ALA H 297 28.28 16.66 38.35
N ALA H 298 27.35 16.94 37.45
CA ALA H 298 27.51 18.01 36.50
C ALA H 298 27.06 19.32 37.12
N VAL H 299 27.69 20.42 36.74
CA VAL H 299 27.27 21.77 37.13
C VAL H 299 27.33 22.70 35.94
N GLY H 300 26.42 23.66 35.86
CA GLY H 300 26.57 24.76 34.92
C GLY H 300 27.75 25.66 35.31
N THR H 301 28.11 26.58 34.41
CA THR H 301 29.17 27.57 34.66
C THR H 301 28.63 28.97 35.04
N ARG H 302 27.33 29.11 35.24
CA ARG H 302 26.65 30.39 35.54
C ARG H 302 27.11 30.96 36.88
N GLU H 303 26.86 32.25 37.09
CA GLU H 303 27.12 32.88 38.40
C GLU H 303 26.29 32.25 39.53
N ASP H 304 25.11 31.71 39.19
CA ASP H 304 24.17 31.13 40.14
C ASP H 304 24.56 29.77 40.56
N ASP H 305 25.75 29.26 40.27
CA ASP H 305 26.06 27.86 40.52
C ASP H 305 27.13 27.63 41.57
N LYS H 306 27.71 28.70 42.12
CA LYS H 306 28.49 28.63 43.35
C LYS H 306 27.65 27.98 44.46
N TYR H 307 26.33 28.14 44.40
CA TYR H 307 25.42 27.54 45.36
C TYR H 307 25.25 26.05 45.11
N ARG H 308 24.90 25.69 43.88
CA ARG H 308 24.73 24.28 43.58
C ARG H 308 26.01 23.51 43.88
N LEU H 309 27.16 24.08 43.60
CA LEU H 309 28.44 23.44 43.92
C LEU H 309 28.64 23.27 45.43
N ASP H 310 28.21 24.23 46.25
CA ASP H 310 28.19 24.07 47.70
C ASP H 310 27.30 22.88 48.08
N LEU H 311 26.04 22.82 47.62
CA LEU H 311 25.15 21.73 47.99
C LEU H 311 25.75 20.38 47.62
N LEU H 312 26.35 20.30 46.44
CA LEU H 312 26.90 19.02 46.02
C LEU H 312 28.18 18.68 46.74
N THR H 313 28.95 19.65 47.23
CA THR H 313 30.12 19.35 48.05
C THR H 313 29.73 18.92 49.46
N GLN H 314 28.61 19.40 50.01
CA GLN H 314 28.12 18.95 51.31
C GLN H 314 27.74 17.47 51.34
N ALA H 315 27.33 16.86 50.21
CA ALA H 315 27.04 15.44 50.20
C ALA H 315 28.30 14.60 50.06
N GLY H 316 29.44 15.21 49.76
CA GLY H 316 30.73 14.53 49.57
C GLY H 316 30.94 13.98 48.16
N VAL H 317 30.44 14.67 47.13
CA VAL H 317 30.60 14.22 45.73
C VAL H 317 32.08 14.15 45.34
N ASP H 318 32.47 13.13 44.59
CA ASP H 318 33.89 12.82 44.38
C ASP H 318 34.52 13.65 43.25
N VAL H 319 33.74 13.99 42.22
CA VAL H 319 34.24 14.72 41.05
C VAL H 319 33.15 15.57 40.41
N ILE H 320 33.51 16.75 39.91
CA ILE H 320 32.61 17.70 39.27
C ILE H 320 32.94 17.76 37.80
N VAL H 321 31.93 17.70 36.93
CA VAL H 321 32.11 17.97 35.50
C VAL H 321 31.45 19.28 35.10
N LEU H 322 32.23 20.21 34.57
CA LEU H 322 31.71 21.51 34.17
C LEU H 322 31.01 21.34 32.83
N ASP H 323 29.68 21.37 32.81
CA ASP H 323 28.94 21.21 31.57
C ASP H 323 28.95 22.53 30.79
N SER H 324 29.43 22.51 29.55
CA SER H 324 29.48 23.66 28.63
C SER H 324 29.76 23.18 27.22
N SER H 325 29.07 23.74 26.23
CA SER H 325 29.21 23.31 24.82
C SER H 325 30.60 23.58 24.27
N GLN H 326 31.18 24.72 24.64
CA GLN H 326 32.57 25.09 24.36
C GLN H 326 33.28 25.48 25.65
N GLY H 327 34.28 24.71 26.04
CA GLY H 327 34.87 24.83 27.37
C GLY H 327 35.76 26.04 27.57
N ASN H 328 36.38 26.56 26.52
CA ASN H 328 37.39 27.59 26.64
C ASN H 328 36.77 29.00 26.72
N SER H 329 36.20 29.37 27.85
CA SER H 329 35.58 30.67 28.07
C SER H 329 36.08 31.31 29.34
N VAL H 330 36.07 32.65 29.38
CA VAL H 330 36.56 33.39 30.55
C VAL H 330 35.81 33.02 31.82
N TYR H 331 34.48 32.83 31.74
CA TYR H 331 33.70 32.50 32.92
C TYR H 331 33.71 31.00 33.30
N GLN H 332 34.08 30.08 32.40
CA GLN H 332 34.49 28.75 32.83
C GLN H 332 35.86 28.75 33.51
N ILE H 333 36.84 29.51 33.04
CA ILE H 333 38.13 29.61 33.73
C ILE H 333 37.97 30.26 35.11
N ALA H 334 37.07 31.26 35.23
CA ALA H 334 36.69 31.82 36.52
C ALA H 334 36.06 30.75 37.43
N MET H 335 35.13 29.95 36.93
CA MET H 335 34.55 28.82 37.68
C MET H 335 35.63 27.82 38.13
N VAL H 336 36.55 27.39 37.27
CA VAL H 336 37.66 26.50 37.65
C VAL H 336 38.50 27.11 38.76
N HIS H 337 38.85 28.40 38.66
CA HIS H 337 39.60 29.07 39.73
C HIS H 337 38.83 29.10 41.04
N TYR H 338 37.52 29.35 41.00
CA TYR H 338 36.68 29.33 42.19
C TYR H 338 36.65 27.96 42.87
N ILE H 339 36.43 26.87 42.12
CA ILE H 339 36.44 25.53 42.72
C ILE H 339 37.80 25.23 43.37
N LYS H 340 38.91 25.36 42.64
CA LYS H 340 40.23 24.99 43.18
C LYS H 340 40.68 25.91 44.32
N GLN H 341 40.15 27.12 44.41
CA GLN H 341 40.39 28.03 45.53
C GLN H 341 39.63 27.61 46.80
N LYS H 342 38.34 27.30 46.68
CA LYS H 342 37.45 27.06 47.83
C LYS H 342 37.43 25.61 48.31
N TYR H 343 37.54 24.65 47.39
CA TYR H 343 37.39 23.21 47.64
C TYR H 343 38.60 22.41 47.13
N PRO H 344 39.80 22.54 47.72
CA PRO H 344 41.04 22.02 47.13
C PRO H 344 41.09 20.49 47.02
N HIS H 345 40.29 19.77 47.80
CA HIS H 345 40.15 18.31 47.70
C HIS H 345 39.41 17.85 46.45
N LEU H 346 38.61 18.71 45.82
CA LEU H 346 37.64 18.33 44.79
C LEU H 346 38.32 18.20 43.43
N GLN H 347 37.85 17.26 42.61
CA GLN H 347 38.39 17.00 41.28
C GLN H 347 37.48 17.62 40.21
N VAL H 348 38.05 18.39 39.28
CA VAL H 348 37.30 19.16 38.28
C VAL H 348 37.61 18.68 36.86
N ILE H 349 36.60 18.32 36.09
CA ILE H 349 36.74 17.95 34.68
C ILE H 349 36.26 19.12 33.82
N GLY H 350 37.11 19.61 32.94
CA GLY H 350 36.80 20.75 32.06
C GLY H 350 35.76 20.41 31.00
N GLY H 351 34.85 21.35 30.74
CA GLY H 351 33.79 21.22 29.73
C GLY H 351 34.33 21.13 28.31
N ASN H 352 33.49 20.68 27.38
CA ASN H 352 33.92 20.08 26.12
C ASN H 352 34.91 20.93 25.31
N VAL H 353 36.00 20.31 24.87
CA VAL H 353 37.02 20.90 23.99
C VAL H 353 37.33 19.96 22.84
N VAL H 354 37.89 20.49 21.76
CA VAL H 354 38.31 19.73 20.58
C VAL H 354 39.58 20.24 19.92
N THR H 355 40.03 21.45 20.20
CA THR H 355 41.35 21.92 19.75
C THR H 355 42.37 21.75 20.87
N ALA H 356 43.64 21.94 20.57
CA ALA H 356 44.67 21.83 21.59
C ALA H 356 44.92 23.16 22.27
N ALA H 357 44.61 24.30 21.65
CA ALA H 357 44.69 25.60 22.30
C ALA H 357 43.60 25.78 23.36
N GLN H 358 42.43 25.17 23.20
CA GLN H 358 41.43 25.06 24.26
C GLN H 358 41.97 24.26 25.46
N ALA H 359 42.44 23.03 25.20
CA ALA H 359 43.03 22.17 26.20
C ALA H 359 44.10 22.89 26.96
N LYS H 360 44.97 23.70 26.33
CA LYS H 360 45.99 24.49 27.05
C LYS H 360 45.36 25.43 28.08
N ASN H 361 44.42 26.26 27.64
CA ASN H 361 43.83 27.29 28.49
C ASN H 361 43.08 26.69 29.67
N LEU H 362 42.43 25.53 29.51
CA LEU H 362 41.80 24.86 30.65
C LEU H 362 42.80 24.14 31.52
N ILE H 363 43.79 23.45 30.95
CA ILE H 363 44.80 22.81 31.78
C ILE H 363 45.51 23.84 32.65
N ASP H 364 46.03 24.91 32.06
CA ASP H 364 46.77 25.91 32.86
C ASP H 364 45.86 26.75 33.79
N ALA H 365 44.54 26.71 33.63
CA ALA H 365 43.58 27.18 34.63
C ALA H 365 43.47 26.26 35.85
N GLY H 366 43.88 24.99 35.73
CA GLY H 366 44.07 24.06 36.84
C GLY H 366 43.20 22.80 36.84
N VAL H 367 42.53 22.44 35.74
CA VAL H 367 41.63 21.27 35.72
C VAL H 367 42.35 19.93 35.90
N ASP H 368 41.60 18.89 36.26
CA ASP H 368 42.08 17.54 36.56
C ASP H 368 41.74 16.50 35.49
N GLY H 369 41.01 16.87 34.44
CA GLY H 369 40.61 16.04 33.31
C GLY H 369 39.85 16.88 32.28
N LEU H 370 39.58 16.36 31.07
CA LEU H 370 38.90 17.09 29.99
C LEU H 370 37.84 16.23 29.31
N ARG H 371 36.60 16.72 29.13
CA ARG H 371 35.69 16.10 28.14
C ARG H 371 36.12 16.51 26.75
N VAL H 372 36.28 15.55 25.85
CA VAL H 372 36.75 15.81 24.49
C VAL H 372 35.75 15.32 23.47
N GLY H 373 35.30 16.24 22.65
CA GLY H 373 34.29 16.00 21.63
C GLY H 373 33.26 17.11 21.67
N MET H 374 32.98 17.69 20.52
CA MET H 374 31.99 18.75 20.31
C MET H 374 31.50 18.58 18.89
N GLY H 375 30.20 18.72 18.66
CA GLY H 375 29.71 18.74 17.30
C GLY H 375 29.24 17.42 16.74
N CYS H 376 28.39 16.71 17.48
CA CYS H 376 27.84 15.44 17.02
C CYS H 376 26.36 15.31 17.35
N VAL H 385 24.79 22.42 11.09
CA VAL H 385 23.77 23.04 11.92
C VAL H 385 24.39 24.05 12.88
N MET H 386 25.71 24.07 13.08
CA MET H 386 26.35 24.89 14.13
C MET H 386 27.67 25.60 13.76
N ALA H 387 28.20 25.42 12.54
CA ALA H 387 29.46 25.97 12.00
C ALA H 387 30.77 25.56 12.70
N CYS H 388 30.82 25.57 14.02
CA CYS H 388 31.95 25.09 14.81
C CYS H 388 31.85 23.59 15.09
N GLY H 389 32.90 23.05 15.69
CA GLY H 389 33.00 21.66 16.12
C GLY H 389 34.26 21.03 15.56
N ARG H 390 34.39 19.72 15.67
CA ARG H 390 35.47 18.98 15.01
C ARG H 390 35.06 17.53 14.77
N PRO H 391 35.60 16.88 13.73
CA PRO H 391 35.45 15.45 13.53
C PRO H 391 36.04 14.68 14.71
N GLN H 392 35.30 13.73 15.27
CA GLN H 392 35.60 13.18 16.58
C GLN H 392 36.98 12.55 16.64
N GLY H 393 37.34 11.67 15.71
CA GLY H 393 38.56 10.88 15.83
C GLY H 393 39.80 11.75 15.91
N THR H 394 39.83 12.81 15.10
CA THR H 394 40.92 13.79 15.13
C THR H 394 40.93 14.60 16.40
N ALA H 395 39.77 14.95 16.97
CA ALA H 395 39.69 15.67 18.23
C ALA H 395 40.27 14.85 19.35
N VAL H 396 39.84 13.59 19.46
CA VAL H 396 40.36 12.75 20.52
C VAL H 396 41.86 12.61 20.41
N TYR H 397 42.39 12.27 19.23
CA TYR H 397 43.84 12.09 19.08
C TYR H 397 44.60 13.37 19.43
N LYS H 398 44.19 14.52 18.89
CA LYS H 398 44.90 15.78 19.12
C LYS H 398 44.83 16.24 20.56
N VAL H 399 43.68 16.19 21.23
CA VAL H 399 43.60 16.64 22.61
C VAL H 399 44.31 15.67 23.52
N ALA H 400 44.19 14.36 23.28
CA ALA H 400 44.86 13.37 24.11
C ALA H 400 46.37 13.52 24.00
N GLU H 401 46.89 13.66 22.79
CA GLU H 401 48.32 13.84 22.57
C GLU H 401 48.82 15.12 23.21
N TYR H 402 48.00 16.18 23.29
CA TYR H 402 48.46 17.38 23.99
C TYR H 402 48.41 17.20 25.49
N ALA H 403 47.21 17.01 26.03
CA ALA H 403 47.06 16.83 27.45
C ALA H 403 48.10 15.90 28.03
N ARG H 404 48.32 14.74 27.40
CA ARG H 404 49.35 13.75 27.77
C ARG H 404 50.63 14.40 28.25
N ARG H 405 50.96 15.61 27.78
CA ARG H 405 52.24 16.19 28.14
C ARG H 405 52.29 16.53 29.62
N PHE H 406 51.15 16.80 30.24
CA PHE H 406 51.11 17.12 31.65
C PHE H 406 50.55 16.01 32.51
N GLY H 407 49.87 15.04 31.92
CA GLY H 407 49.30 13.95 32.66
C GLY H 407 47.82 14.06 32.90
N VAL H 408 47.11 14.83 32.09
CA VAL H 408 45.71 15.13 32.38
C VAL H 408 44.80 14.29 31.51
N PRO H 409 44.46 13.08 31.91
CA PRO H 409 43.69 12.21 31.02
C PRO H 409 42.41 12.87 30.56
N ILE H 410 41.92 12.42 29.42
CA ILE H 410 40.74 13.00 28.79
C ILE H 410 39.64 11.97 28.72
N ILE H 411 38.43 12.38 28.35
CA ILE H 411 37.21 11.57 28.32
C ILE H 411 36.59 11.71 26.93
N ALA H 412 36.52 10.64 26.13
CA ALA H 412 36.10 10.74 24.73
C ALA H 412 34.59 10.65 24.62
N ASP H 413 33.92 11.76 24.85
CA ASP H 413 32.46 11.94 24.83
C ASP H 413 31.95 12.35 23.43
N GLY H 414 31.14 11.52 22.74
CA GLY H 414 30.46 11.96 21.54
C GLY H 414 30.50 11.02 20.37
N GLY H 415 29.34 10.59 19.89
CA GLY H 415 29.29 9.78 18.70
C GLY H 415 29.99 8.45 18.79
N ILE H 416 29.85 7.76 19.91
CA ILE H 416 30.30 6.37 20.06
C ILE H 416 29.06 5.47 20.11
N GLN H 417 28.97 4.50 19.21
CA GLN H 417 27.75 3.71 18.98
C GLN H 417 27.99 2.22 18.69
N THR H 418 29.22 1.74 18.82
CA THR H 418 29.61 0.33 18.73
C THR H 418 30.75 0.06 19.71
N VAL H 419 31.10 -1.20 19.93
CA VAL H 419 32.27 -1.52 20.73
C VAL H 419 33.55 -1.36 19.92
N GLY H 420 33.46 -1.39 18.60
CA GLY H 420 34.61 -1.03 17.79
C GLY H 420 35.02 0.41 18.01
N HIS H 421 34.05 1.32 17.96
CA HIS H 421 34.37 2.72 18.19
C HIS H 421 34.94 2.91 19.58
N VAL H 422 34.50 2.14 20.56
CA VAL H 422 35.08 2.23 21.89
C VAL H 422 36.53 1.81 21.87
N VAL H 423 36.82 0.66 21.26
CA VAL H 423 38.21 0.21 21.22
C VAL H 423 39.07 1.23 20.51
N LYS H 424 38.55 1.88 19.45
CA LYS H 424 39.27 2.91 18.67
C LYS H 424 39.51 4.17 19.48
N ALA H 425 38.50 4.74 20.10
CA ALA H 425 38.65 5.88 20.99
C ALA H 425 39.67 5.57 22.07
N LEU H 426 39.79 4.32 22.49
CA LEU H 426 40.79 4.02 23.50
C LEU H 426 42.17 3.84 22.91
N ALA H 427 42.30 3.38 21.67
CA ALA H 427 43.59 3.28 20.99
C ALA H 427 44.15 4.66 20.64
N LEU H 428 43.31 5.62 20.23
CA LEU H 428 43.73 6.97 19.88
C LEU H 428 44.24 7.81 21.06
N GLY H 429 43.93 7.45 22.30
CA GLY H 429 44.44 8.13 23.48
C GLY H 429 43.40 8.55 24.51
N ALA H 430 42.10 8.40 24.24
CA ALA H 430 41.11 8.61 25.28
C ALA H 430 41.38 7.67 26.44
N SER H 431 41.25 8.20 27.65
CA SER H 431 41.40 7.37 28.83
C SER H 431 40.11 6.69 29.23
N THR H 432 38.97 7.32 28.97
CA THR H 432 37.68 6.73 29.28
C THR H 432 36.68 7.19 28.25
N VAL H 433 35.68 6.36 27.98
CA VAL H 433 34.65 6.67 27.00
C VAL H 433 33.34 6.89 27.71
N MET H 434 32.65 7.98 27.41
CA MET H 434 31.39 8.36 28.03
C MET H 434 30.21 7.89 27.17
N MET H 435 29.61 6.76 27.55
CA MET H 435 28.41 6.20 26.94
C MET H 435 27.23 7.20 26.98
N GLY H 436 26.74 7.54 25.79
CA GLY H 436 25.62 8.45 25.58
C GLY H 436 24.27 7.74 25.65
N SER H 437 23.34 8.16 24.80
CA SER H 437 22.00 7.58 24.66
C SER H 437 21.98 6.09 24.33
N LEU H 438 23.13 5.48 24.02
CA LEU H 438 23.34 4.03 23.97
C LEU H 438 22.79 3.30 25.22
N LEU H 439 22.84 3.94 26.39
CA LEU H 439 22.27 3.40 27.62
C LEU H 439 20.80 3.78 27.88
N ALA H 440 20.25 4.77 27.19
CA ALA H 440 18.83 5.09 27.33
C ALA H 440 17.99 3.88 26.86
N ALA H 441 16.81 3.70 27.44
CA ALA H 441 15.98 2.50 27.33
C ALA H 441 16.61 1.18 27.88
N THR H 442 17.75 1.22 28.57
CA THR H 442 18.02 0.19 29.60
C THR H 442 17.09 0.43 30.80
N THR H 443 16.80 -0.57 31.63
CA THR H 443 15.82 -0.42 32.71
C THR H 443 16.23 0.61 33.79
N GLU H 444 17.52 0.85 33.99
CA GLU H 444 18.01 1.95 34.84
C GLU H 444 17.84 3.35 34.23
N ALA H 445 17.53 3.50 32.94
CA ALA H 445 17.32 4.82 32.35
C ALA H 445 16.06 5.51 32.92
N PRO H 446 16.09 6.81 33.28
CA PRO H 446 14.93 7.51 33.81
C PRO H 446 13.73 7.54 32.86
N GLY H 500 19.13 -6.18 29.30
CA GLY H 500 18.38 -4.94 29.32
C GLY H 500 18.64 -4.04 30.54
N SER H 501 19.54 -4.45 31.44
CA SER H 501 19.92 -3.71 32.65
C SER H 501 21.43 -3.51 32.72
N ILE H 502 21.88 -2.39 33.29
CA ILE H 502 23.29 -1.98 33.25
C ILE H 502 24.22 -3.02 33.86
N GLN H 503 23.80 -3.71 34.91
CA GLN H 503 24.60 -4.76 35.57
C GLN H 503 24.76 -5.98 34.66
N LYS H 504 23.78 -6.29 33.79
CA LYS H 504 23.91 -7.40 32.85
C LYS H 504 24.52 -6.98 31.51
N PHE H 505 24.37 -5.71 31.10
CA PHE H 505 24.85 -5.17 29.82
C PHE H 505 26.31 -4.72 29.82
N VAL H 506 26.81 -4.03 30.84
CA VAL H 506 28.22 -3.62 30.89
C VAL H 506 29.21 -4.77 30.68
N PRO H 507 29.00 -6.00 31.17
CA PRO H 507 29.92 -7.12 30.91
C PRO H 507 30.06 -7.44 29.45
N TYR H 508 29.02 -7.19 28.66
CA TYR H 508 29.16 -7.40 27.23
C TYR H 508 30.22 -6.46 26.65
N LEU H 509 30.11 -5.16 26.94
CA LEU H 509 31.09 -4.19 26.48
C LEU H 509 32.47 -4.57 26.98
N ILE H 510 32.59 -4.98 28.24
CA ILE H 510 33.88 -5.33 28.82
C ILE H 510 34.46 -6.47 27.99
N ALA H 511 33.74 -7.56 27.78
CA ALA H 511 34.27 -8.68 27.00
C ALA H 511 34.62 -8.24 25.59
N GLY H 512 33.85 -7.31 25.01
CA GLY H 512 34.16 -6.85 23.66
C GLY H 512 35.46 -6.06 23.59
N ILE H 513 35.63 -5.12 24.52
CA ILE H 513 36.89 -4.39 24.61
C ILE H 513 38.04 -5.36 24.83
N GLN H 514 37.85 -6.37 25.68
CA GLN H 514 38.95 -7.28 25.95
C GLN H 514 39.31 -8.09 24.71
N HIS H 515 38.30 -8.55 23.98
CA HIS H 515 38.60 -9.26 22.74
C HIS H 515 39.33 -8.36 21.76
N GLY H 516 38.93 -7.10 21.68
CA GLY H 516 39.61 -6.18 20.78
C GLY H 516 41.06 -6.01 21.15
N CYS H 517 41.30 -5.54 22.37
CA CYS H 517 42.66 -5.29 22.81
C CYS H 517 43.49 -6.55 22.90
N GLN H 518 42.90 -7.75 22.76
CA GLN H 518 43.62 -8.99 22.51
C GLN H 518 44.03 -9.12 21.05
N ASP H 519 43.15 -8.91 20.07
CA ASP H 519 43.52 -8.93 18.65
C ASP H 519 44.61 -7.90 18.32
N ILE H 520 44.53 -6.72 18.92
CA ILE H 520 45.57 -5.69 18.79
C ILE H 520 46.89 -6.14 19.44
N GLY H 521 46.87 -7.12 20.34
CA GLY H 521 48.07 -7.65 20.99
C GLY H 521 48.56 -6.82 22.19
N ALA H 522 47.71 -5.97 22.75
CA ALA H 522 48.04 -5.05 23.84
C ALA H 522 47.40 -5.50 25.14
N ARG H 523 48.17 -6.13 26.03
CA ARG H 523 47.63 -6.77 27.23
C ARG H 523 47.06 -5.86 28.31
N SER H 524 47.04 -4.53 28.15
CA SER H 524 46.37 -3.65 29.09
C SER H 524 46.28 -2.24 28.52
N LEU H 525 45.11 -1.64 28.60
CA LEU H 525 44.89 -0.34 27.95
C LEU H 525 46.07 0.60 28.10
N SER H 526 46.72 0.70 29.26
CA SER H 526 47.94 1.51 29.41
C SER H 526 49.06 1.15 28.42
N VAL H 527 49.38 -0.14 28.26
CA VAL H 527 50.18 -0.65 27.14
C VAL H 527 49.55 -0.32 25.80
N LEU H 528 48.23 -0.43 25.57
CA LEU H 528 47.66 -0.07 24.26
C LEU H 528 47.99 1.38 23.86
N ARG H 529 47.88 2.33 24.80
CA ARG H 529 48.27 3.72 24.54
C ARG H 529 49.77 3.90 24.43
N SER H 530 50.58 3.23 25.24
CA SER H 530 52.04 3.32 25.13
C SER H 530 52.53 2.78 23.79
N MET H 531 51.95 1.68 23.32
CA MET H 531 52.24 1.05 22.04
C MET H 531 51.80 1.93 20.87
N MET H 532 50.78 2.76 21.05
CA MET H 532 50.37 3.77 20.08
C MET H 532 51.30 4.97 20.02
N TYR H 533 51.59 5.64 21.14
CA TYR H 533 52.46 6.83 21.14
C TYR H 533 53.89 6.51 20.70
N SER H 534 54.41 5.33 21.01
CA SER H 534 55.74 4.88 20.57
C SER H 534 55.78 4.41 19.10
N GLY H 535 54.66 4.44 18.38
CA GLY H 535 54.60 4.12 16.96
C GLY H 535 54.67 2.64 16.63
N GLU H 536 54.56 1.75 17.61
CA GLU H 536 54.49 0.30 17.38
C GLU H 536 53.11 -0.13 16.86
N LEU H 537 52.03 0.47 17.33
CA LEU H 537 50.69 0.24 16.80
C LEU H 537 50.57 0.87 15.41
N LYS H 538 49.94 0.18 14.45
CA LYS H 538 49.79 0.63 13.07
C LYS H 538 48.32 0.73 12.66
N PHE H 539 48.02 1.65 11.76
CA PHE H 539 46.67 2.03 11.35
C PHE H 539 46.56 2.10 9.82
N GLU H 540 45.35 2.05 9.29
CA GLU H 540 45.09 2.21 7.86
C GLU H 540 43.84 3.06 7.64
N LYS H 541 43.82 4.03 6.71
CA LYS H 541 42.59 4.72 6.31
C LYS H 541 41.68 3.80 5.50
N ARG H 542 40.39 4.10 5.43
CA ARG H 542 39.45 3.46 4.51
C ARG H 542 38.84 4.46 3.54
N THR H 543 39.00 4.21 2.24
CA THR H 543 38.14 4.77 1.19
C THR H 543 36.66 4.42 1.47
N MET H 544 35.69 5.19 1.00
CA MET H 544 34.26 4.92 1.24
C MET H 544 33.84 3.52 0.78
N SER H 545 34.41 3.03 -0.32
CA SER H 545 34.20 1.67 -0.82
C SER H 545 34.63 0.60 0.18
N ALA H 546 35.66 0.84 0.98
CA ALA H 546 36.23 -0.13 1.91
C ALA H 546 35.50 -0.19 3.25
N GLN H 547 34.41 0.56 3.39
CA GLN H 547 33.49 0.50 4.53
C GLN H 547 32.06 0.25 4.07
N ILE H 548 31.64 0.69 2.88
CA ILE H 548 30.38 0.23 2.27
C ILE H 548 30.40 -1.30 2.02
N GLU H 549 31.60 -1.87 1.87
CA GLU H 549 31.90 -3.31 2.01
C GLU H 549 32.62 -3.54 3.35
N GLY H 550 32.15 -4.49 4.16
CA GLY H 550 32.77 -4.83 5.45
C GLY H 550 32.11 -4.24 6.71
N GLY H 551 30.84 -3.83 6.63
CA GLY H 551 30.03 -3.34 7.73
C GLY H 551 29.46 -1.96 7.47
N VAL H 552 29.26 -1.21 8.56
CA VAL H 552 28.76 0.18 8.74
C VAL H 552 27.41 0.57 8.12
N HIS H 553 27.08 0.09 6.93
CA HIS H 553 25.92 0.48 6.11
C HIS H 553 25.46 -0.70 5.24
#